data_6NK7
#
_entry.id   6NK7
#
_cell.length_a   1
_cell.length_b   1
_cell.length_c   1
_cell.angle_alpha   90
_cell.angle_beta   90
_cell.angle_gamma   90
#
_symmetry.space_group_name_H-M   'P 1'
#
loop_
_entity.id
_entity.type
_entity.pdbx_description
1 polymer 'E1 glycoprotein'
2 polymer 'E2 glycoprotein'
3 polymer 'Capsid protein'
4 polymer 'E3 glycoprotein'
5 polymer 'Matrix remodeling-associated protein 8'
6 non-polymer 2-acetamido-2-deoxy-beta-D-glucopyranose
#
loop_
_entity_poly.entity_id
_entity_poly.type
_entity_poly.pdbx_seq_one_letter_code
_entity_poly.pdbx_strand_id
1 'polypeptide(L)'
;YEHVTVIPNTVGVPYKTLVNRPGYSPMVLEMELLSVTLEPTLSLDYITCEYKTVIPSPYVKCCGTAECKDKSLPDYSCKV
FTGVYPFMWGGAYCFCDTENTQLSEAHVEKSESCKTEFASAYRAHTASASAKLRVLYQGNNVTVSAYANGDHAVTVKDAK
FIVGPMSSAWTPFDNKIVVYKGDVYNMDYPPFGAGRPGQFGDIQSRTPESEDVYANTQLVLQRPSAGTVHVPYSQAPSGF
KYWLKERGASLQHTAPFGCQIATNPVRAMNCAVGNMPISIDIPDAAFTRVVDAPSLTDMSCEVPACTHSSDFGGVAIIKY
AASKKGKCAVHSMTNAVTIREAEIEVEGNSQLQISFSTALASAEFRVQVCSTQVHCAAECHPPKDHIVNYPASHTTLGVQ
DISVTAMSWVQKITGGVGLVVAVAALILIVVLCVSFSRH
;
A,B,C,D
2 'polypeptide(L)'
;NFNVYKAIRPYLAHCPDCGEGHSCHSPVALERIRNEATDGTLKIQVSLQIGIKTDDSHDWTKLRYMDNHMPADAERARLF
VRTSAPCTITGTMGHFILARCPKGETLTVGFTDGRKISHSCTHPFHHDPPVIGREKFHSRPQHGRELPCSTYAQSTAATA
EEIEVHMPPDTPDRTLMSQQSGNVKITVNSQTVRYKCNCGDSNEGLTTTDKVINNCKVDQCHAAVTNHKKWQYNSPLVPR
NAELGDRKGKVHIPFPLANVTCRVPKARNPTVTYGKNQVIMLLYPDHPTLLSYRNMGEEPNYQEEWVTHKKEIRLTVPTE
GLEVTWGNNEPYKYWPQLSTNGTAHGHPHEIILYYYELYPTMTVVVVSVASFVLLSMVGVAVGMCMCARRRCITPYELTP
GATVPFLLSLICCIRTAKA
;
E,F,G,H
3 'polypeptide(L)'
;NDCIFEVKHEGKVTGYACLVGDKVMKPAHVKGTIDNADLAKLAFKRSSKYDLECAQIPVHMKSDASKFTHEKPEGYYNWH
HGAVQYSGGRFTIPTGAGKPGDSGRPIFDNKGRVVAIVLGGANEGARTALSVVTWNKDIVTKITPEGAEEW
;
I,J,K,L
4 'polypeptide(L)' PVMCLLANTTFPCSQPPCTPCCYEKEPEETLRMLEDNVMRPGYYQLLQASLTCSPHRQRR U,V,W,X
5 'polypeptide(L)'
;SSSLVSESVVSLAAGTQAVLRCQSPRMVWTQDRLHDRQRVVHWDLSGGPGSQRRRLVDMYSAGEQRVYEPRDRDRLLLSP
SAFHDGNFSLLIRAVDRGDEGVYTCNLHHHYCHLDESLAVRLEVTEDPLLSRAYWDGEKEVLVVAHGAPALMTCINRAHV
WTDRHLEEAQQVVHWDRQLPGVSHDRADRLLDLYASGERRAYGPPFLRDRVSVNTNAFARGDFSLRIDELERADEGIYSC
HLHHHYCGLHERRVFHLQVTE
;
N
#
loop_
_chem_comp.id
_chem_comp.type
_chem_comp.name
_chem_comp.formula
NAG D-saccharide, beta linking 2-acetamido-2-deoxy-beta-D-glucopyranose 'C8 H15 N O6'
#
# COMPACT_ATOMS: atom_id res chain seq x y z
N TYR A 1 72.97 -45.37 2.95
CA TYR A 1 72.77 -44.54 1.78
C TYR A 1 71.50 -43.70 1.94
N GLU A 2 71.64 -42.42 1.64
CA GLU A 2 70.53 -41.48 1.76
C GLU A 2 69.85 -41.27 0.42
N HIS A 3 68.69 -40.63 0.50
CA HIS A 3 68.02 -40.04 -0.64
C HIS A 3 67.12 -38.93 -0.12
N VAL A 4 67.20 -37.78 -0.76
CA VAL A 4 66.29 -36.68 -0.47
C VAL A 4 65.21 -36.65 -1.53
N THR A 5 63.96 -36.58 -1.09
CA THR A 5 62.85 -36.51 -2.02
C THR A 5 61.94 -35.37 -1.59
N VAL A 6 60.97 -35.06 -2.46
CA VAL A 6 59.89 -34.16 -2.12
C VAL A 6 58.61 -34.76 -2.68
N ILE A 7 57.59 -34.87 -1.84
CA ILE A 7 56.32 -35.46 -2.28
C ILE A 7 55.23 -34.43 -2.08
N PRO A 8 54.19 -34.42 -2.92
CA PRO A 8 53.09 -33.46 -2.72
C PRO A 8 52.35 -33.73 -1.41
N ASN A 9 52.28 -32.70 -0.58
CA ASN A 9 51.77 -32.81 0.78
C ASN A 9 50.25 -32.96 0.71
N THR A 10 49.82 -34.20 0.41
CA THR A 10 48.42 -34.53 0.22
C THR A 10 48.06 -35.67 1.16
N VAL A 11 46.90 -35.55 1.80
CA VAL A 11 46.56 -36.43 2.91
C VAL A 11 46.12 -37.79 2.36
N GLY A 12 46.61 -38.85 2.98
CA GLY A 12 46.12 -40.20 2.70
C GLY A 12 46.54 -40.76 1.35
N VAL A 13 47.77 -40.48 0.93
CA VAL A 13 48.20 -40.82 -0.42
C VAL A 13 49.52 -41.56 -0.38
N PRO A 14 49.63 -42.73 -1.00
CA PRO A 14 50.92 -43.42 -1.06
C PRO A 14 51.86 -42.77 -2.05
N TYR A 15 53.15 -43.02 -1.84
CA TYR A 15 54.19 -42.43 -2.67
C TYR A 15 55.36 -43.39 -2.76
N LYS A 16 55.98 -43.43 -3.92
CA LYS A 16 56.98 -44.45 -4.25
C LYS A 16 58.36 -43.84 -4.26
N THR A 17 59.30 -44.52 -3.60
CA THR A 17 60.66 -44.03 -3.39
C THR A 17 61.62 -44.98 -4.05
N LEU A 18 62.26 -44.53 -5.13
CA LEU A 18 63.17 -45.36 -5.90
C LEU A 18 64.61 -45.01 -5.55
N VAL A 19 65.44 -46.04 -5.38
CA VAL A 19 66.83 -45.92 -4.94
C VAL A 19 67.66 -46.91 -5.74
N ASN A 20 68.75 -46.43 -6.35
CA ASN A 20 69.59 -47.26 -7.19
C ASN A 20 70.96 -46.62 -7.37
N ARG A 21 71.83 -47.30 -8.14
CA ARG A 21 73.17 -46.92 -8.56
C ARG A 21 73.40 -47.56 -9.94
N PRO A 22 74.49 -47.22 -10.72
CA PRO A 22 74.70 -47.94 -11.99
C PRO A 22 75.16 -49.38 -11.82
N GLY A 23 74.27 -50.24 -11.30
CA GLY A 23 74.58 -51.62 -11.03
C GLY A 23 74.44 -52.13 -9.60
N TYR A 24 73.49 -51.61 -8.80
CA TYR A 24 73.22 -52.16 -7.48
C TYR A 24 71.83 -52.75 -7.41
N SER A 25 71.48 -53.21 -6.22
CA SER A 25 70.14 -53.70 -5.96
C SER A 25 69.15 -52.54 -5.89
N PRO A 26 67.96 -52.68 -6.48
CA PRO A 26 66.99 -51.58 -6.46
C PRO A 26 66.25 -51.54 -5.13
N MET A 27 65.64 -50.38 -4.86
CA MET A 27 64.94 -50.22 -3.58
C MET A 27 63.86 -49.15 -3.74
N VAL A 28 62.62 -49.60 -3.88
CA VAL A 28 61.47 -48.70 -3.97
C VAL A 28 60.57 -48.99 -2.78
N LEU A 29 60.29 -47.95 -2.00
CA LEU A 29 59.53 -48.05 -0.76
C LEU A 29 58.30 -47.16 -0.82
N GLU A 30 57.42 -47.32 0.15
CA GLU A 30 56.13 -46.63 0.15
C GLU A 30 56.00 -45.73 1.37
N MET A 31 55.74 -44.45 1.14
CA MET A 31 55.33 -43.53 2.18
C MET A 31 53.85 -43.20 2.03
N GLU A 32 53.23 -42.78 3.15
CA GLU A 32 51.86 -42.30 3.11
C GLU A 32 51.67 -41.40 4.33
N LEU A 33 51.62 -40.09 4.10
CA LEU A 33 51.37 -39.17 5.21
C LEU A 33 49.89 -39.27 5.59
N LEU A 34 49.63 -39.52 6.87
CA LEU A 34 48.27 -39.73 7.33
C LEU A 34 47.64 -38.47 7.87
N SER A 35 48.43 -37.57 8.42
CA SER A 35 47.92 -36.36 9.05
C SER A 35 49.04 -35.35 9.17
N VAL A 36 48.70 -34.08 9.09
CA VAL A 36 49.63 -32.99 9.35
C VAL A 36 49.00 -32.08 10.40
N THR A 37 49.76 -31.80 11.45
CA THR A 37 49.29 -31.02 12.59
C THR A 37 49.96 -29.66 12.55
N LEU A 38 49.24 -28.66 12.07
CA LEU A 38 49.76 -27.30 11.98
C LEU A 38 49.34 -26.59 13.25
N GLU A 39 50.27 -26.46 14.20
CA GLU A 39 49.94 -25.91 15.51
C GLU A 39 50.51 -24.50 15.64
N PRO A 40 49.67 -23.50 15.88
CA PRO A 40 50.17 -22.15 16.08
C PRO A 40 50.84 -21.92 17.42
N THR A 41 51.14 -20.67 17.71
CA THR A 41 51.70 -20.30 19.00
C THR A 41 50.59 -19.88 19.96
N LEU A 42 50.98 -19.36 21.10
CA LEU A 42 50.08 -19.11 22.21
C LEU A 42 50.34 -17.72 22.75
N SER A 43 49.29 -16.89 22.81
CA SER A 43 49.32 -15.64 23.56
C SER A 43 47.89 -15.28 23.90
N LEU A 44 47.61 -15.10 25.19
CA LEU A 44 46.33 -14.56 25.61
C LEU A 44 46.46 -13.05 25.69
N ASP A 45 45.70 -12.34 24.85
CA ASP A 45 45.69 -10.89 24.97
C ASP A 45 44.83 -10.45 26.14
N TYR A 46 43.61 -10.95 26.20
CA TYR A 46 42.77 -10.80 27.38
C TYR A 46 41.71 -11.89 27.35
N ILE A 47 41.39 -12.43 28.50
CA ILE A 47 40.21 -13.28 28.61
C ILE A 47 38.98 -12.39 28.50
N THR A 48 37.84 -13.00 28.18
CA THR A 48 36.61 -12.25 28.15
C THR A 48 35.49 -13.15 28.64
N CYS A 49 34.96 -12.84 29.81
CA CYS A 49 33.86 -13.58 30.40
C CYS A 49 32.59 -12.77 30.31
N GLU A 50 31.51 -13.32 30.84
CA GLU A 50 30.30 -12.57 31.07
C GLU A 50 30.47 -11.71 32.32
N TYR A 51 29.77 -10.58 32.33
CA TYR A 51 29.74 -9.75 33.52
C TYR A 51 28.56 -10.15 34.39
N LYS A 52 28.42 -9.44 35.51
CA LYS A 52 27.26 -9.56 36.38
C LYS A 52 27.15 -8.22 37.11
N THR A 53 26.23 -7.37 36.67
CA THR A 53 26.05 -6.08 37.32
C THR A 53 25.25 -6.27 38.60
N VAL A 54 25.86 -5.97 39.73
CA VAL A 54 25.23 -6.14 41.04
C VAL A 54 25.17 -4.78 41.73
N ILE A 55 24.01 -4.47 42.31
CA ILE A 55 23.94 -3.32 43.20
C ILE A 55 24.31 -3.85 44.57
N PRO A 56 25.04 -3.10 45.38
CA PRO A 56 24.98 -3.32 46.82
C PRO A 56 23.66 -2.80 47.35
N SER A 57 23.36 -3.19 48.57
CA SER A 57 22.12 -2.76 49.21
C SER A 57 22.17 -1.25 49.46
N PRO A 58 21.15 -0.49 49.01
CA PRO A 58 21.22 0.98 49.08
C PRO A 58 21.19 1.58 50.48
N TYR A 59 21.12 2.89 50.53
CA TYR A 59 21.11 3.64 51.77
C TYR A 59 19.84 4.48 51.81
N VAL A 60 19.15 4.47 52.96
CA VAL A 60 17.95 5.28 53.15
C VAL A 60 18.21 6.26 54.28
N LYS A 61 17.93 7.54 54.02
CA LYS A 61 18.06 8.58 55.03
C LYS A 61 16.69 9.19 55.24
N CYS A 62 15.99 8.72 56.27
CA CYS A 62 14.76 9.33 56.72
C CYS A 62 15.09 10.52 57.61
N CYS A 63 14.28 11.58 57.47
CA CYS A 63 14.51 12.89 58.10
C CYS A 63 15.90 13.43 57.76
N GLY A 64 16.34 13.22 56.52
CA GLY A 64 17.65 13.68 56.11
C GLY A 64 17.85 13.41 54.63
N THR A 65 19.04 13.78 54.15
CA THR A 65 19.42 13.59 52.77
C THR A 65 20.88 13.13 52.71
N ALA A 66 21.10 11.95 52.12
CA ALA A 66 22.45 11.46 51.94
C ALA A 66 23.14 12.23 50.81
N GLU A 67 24.43 11.95 50.64
CA GLU A 67 25.25 12.70 49.69
C GLU A 67 25.93 11.76 48.70
N CYS A 68 26.04 12.20 47.46
CA CYS A 68 26.72 11.41 46.43
C CYS A 68 28.22 11.42 46.69
N LYS A 69 28.82 10.24 46.73
CA LYS A 69 30.20 10.05 47.12
C LYS A 69 30.91 9.22 46.04
N ASP A 70 32.21 9.43 45.87
CA ASP A 70 32.94 8.75 44.82
C ASP A 70 33.59 7.46 45.31
N LYS A 71 33.56 6.44 44.44
CA LYS A 71 34.40 5.27 44.55
C LYS A 71 34.85 4.88 43.14
N SER A 72 35.94 4.11 43.05
CA SER A 72 36.41 3.59 41.78
C SER A 72 35.92 2.16 41.61
N LEU A 73 34.62 2.00 41.59
CA LEU A 73 34.02 0.70 41.35
C LEU A 73 33.94 0.44 39.85
N PRO A 74 33.88 -0.83 39.39
CA PRO A 74 33.84 -1.07 37.94
C PRO A 74 32.54 -0.60 37.32
N ASP A 75 32.66 0.46 36.51
CA ASP A 75 31.55 1.30 36.09
C ASP A 75 30.72 1.73 37.29
N TYR A 76 31.38 2.50 38.16
CA TYR A 76 30.82 2.95 39.43
C TYR A 76 29.56 3.78 39.21
N SER A 77 28.52 3.49 39.99
CA SER A 77 27.26 4.19 39.79
C SER A 77 26.64 4.55 41.14
N CYS A 78 26.60 5.84 41.45
CA CYS A 78 25.89 6.35 42.60
C CYS A 78 24.81 7.32 42.15
N LYS A 79 23.68 7.32 42.86
CA LYS A 79 22.69 8.38 42.71
C LYS A 79 21.84 8.44 43.98
N VAL A 80 21.69 9.64 44.53
CA VAL A 80 20.84 9.84 45.69
C VAL A 80 19.56 10.50 45.24
N PHE A 81 18.45 9.80 45.43
CA PHE A 81 17.13 10.29 45.02
C PHE A 81 16.45 10.94 46.22
N THR A 82 16.02 12.18 46.03
CA THR A 82 15.52 13.01 47.11
C THR A 82 13.99 13.05 47.08
N GLY A 83 13.39 13.03 48.27
CA GLY A 83 11.95 13.09 48.37
C GLY A 83 11.24 11.79 48.04
N VAL A 84 11.90 10.65 48.22
CA VAL A 84 11.25 9.37 48.04
C VAL A 84 10.34 9.15 49.24
N TYR A 85 9.37 8.27 49.13
CA TYR A 85 8.52 7.98 50.26
C TYR A 85 8.30 6.48 50.35
N PRO A 86 8.90 5.80 51.32
CA PRO A 86 8.81 4.34 51.38
C PRO A 86 7.42 3.86 51.74
N PHE A 87 7.11 2.63 51.34
CA PHE A 87 5.85 1.98 51.63
C PHE A 87 6.16 0.59 52.20
N MET A 88 5.73 0.34 53.42
CA MET A 88 6.05 -0.90 54.11
C MET A 88 4.81 -1.36 54.87
N TRP A 89 5.02 -2.26 55.84
CA TRP A 89 3.92 -2.81 56.65
C TRP A 89 3.18 -1.73 57.40
N GLY A 90 3.87 -0.99 58.26
CA GLY A 90 3.25 0.10 58.99
C GLY A 90 3.26 1.39 58.20
N GLY A 91 2.62 1.38 57.04
CA GLY A 91 2.65 2.51 56.14
C GLY A 91 4.01 2.75 55.54
N ALA A 92 4.66 3.82 55.96
CA ALA A 92 6.00 4.11 55.47
C ALA A 92 7.06 3.45 56.33
N TYR A 93 8.26 3.30 55.77
CA TYR A 93 9.40 2.95 56.61
C TYR A 93 9.83 4.14 57.45
N CYS A 94 9.91 5.31 56.85
CA CYS A 94 10.39 6.48 57.56
C CYS A 94 9.27 7.09 58.41
N PHE A 95 9.62 8.17 59.11
CA PHE A 95 8.66 8.88 59.93
C PHE A 95 8.07 10.09 59.21
N CYS A 96 8.91 10.86 58.52
CA CYS A 96 8.46 12.00 57.74
C CYS A 96 8.17 11.56 56.31
N ASP A 97 7.84 12.53 55.46
CA ASP A 97 7.46 12.27 54.08
C ASP A 97 8.45 12.83 53.07
N THR A 98 8.73 14.13 53.13
CA THR A 98 9.50 14.80 52.08
C THR A 98 11.00 14.73 52.30
N GLU A 99 11.45 14.53 53.54
CA GLU A 99 12.87 14.41 53.83
C GLU A 99 13.32 12.95 53.95
N ASN A 100 12.71 12.06 53.17
CA ASN A 100 13.17 10.69 53.06
C ASN A 100 13.87 10.55 51.72
N THR A 101 15.17 10.28 51.75
CA THR A 101 15.94 10.12 50.53
C THR A 101 16.54 8.73 50.49
N GLN A 102 16.97 8.33 49.30
CA GLN A 102 17.60 7.03 49.11
C GLN A 102 18.87 7.23 48.28
N LEU A 103 20.02 7.17 48.92
CA LEU A 103 21.24 6.91 48.20
C LEU A 103 21.16 5.51 47.61
N SER A 104 21.65 5.35 46.39
CA SER A 104 21.61 4.05 45.73
C SER A 104 22.90 3.87 44.96
N GLU A 105 23.37 2.63 44.92
CA GLU A 105 24.75 2.34 44.52
C GLU A 105 24.79 1.02 43.77
N ALA A 106 25.59 0.96 42.71
CA ALA A 106 25.70 -0.23 41.86
C ALA A 106 27.06 -0.26 41.18
N HIS A 107 27.48 -1.47 40.81
CA HIS A 107 28.71 -1.66 40.06
C HIS A 107 28.61 -2.96 39.28
N VAL A 108 29.65 -3.28 38.51
CA VAL A 108 29.65 -4.47 37.67
C VAL A 108 30.76 -5.39 38.15
N GLU A 109 30.49 -6.70 38.13
CA GLU A 109 31.43 -7.71 38.58
C GLU A 109 31.57 -8.74 37.46
N LYS A 110 32.34 -9.79 37.73
CA LYS A 110 32.34 -10.92 36.82
C LYS A 110 31.15 -11.83 37.14
N SER A 111 30.91 -12.78 36.24
CA SER A 111 29.74 -13.63 36.34
C SER A 111 30.08 -14.96 36.99
N GLU A 112 29.04 -15.79 37.13
CA GLU A 112 29.22 -17.17 37.56
C GLU A 112 29.98 -17.99 36.53
N SER A 113 29.84 -17.62 35.24
CA SER A 113 30.43 -18.40 34.16
C SER A 113 31.95 -18.39 34.16
N CYS A 114 32.56 -17.33 34.70
CA CYS A 114 34.00 -17.08 34.57
C CYS A 114 34.87 -18.13 35.25
N LYS A 115 34.30 -19.02 36.06
CA LYS A 115 35.06 -20.12 36.64
C LYS A 115 35.46 -21.13 35.57
N THR A 116 34.51 -21.55 34.74
CA THR A 116 34.79 -22.51 33.68
C THR A 116 34.31 -22.10 32.30
N GLU A 117 33.31 -21.25 32.18
CA GLU A 117 32.69 -20.95 30.89
C GLU A 117 33.08 -19.54 30.50
N PHE A 118 33.97 -19.41 29.51
CA PHE A 118 34.53 -18.10 29.21
C PHE A 118 35.09 -18.11 27.80
N ALA A 119 35.15 -16.93 27.21
CA ALA A 119 35.71 -16.73 25.88
C ALA A 119 37.13 -16.22 25.98
N SER A 120 37.88 -16.40 24.90
CA SER A 120 39.29 -16.05 24.91
C SER A 120 39.64 -15.34 23.61
N ALA A 121 39.84 -14.02 23.70
CA ALA A 121 40.51 -13.28 22.65
C ALA A 121 41.99 -13.65 22.68
N TYR A 122 42.43 -14.42 21.69
CA TYR A 122 43.70 -15.11 21.79
C TYR A 122 44.57 -14.76 20.61
N ARG A 123 45.86 -14.67 20.88
CA ARG A 123 46.85 -14.20 19.92
C ARG A 123 47.79 -15.34 19.58
N ALA A 124 48.12 -15.46 18.30
CA ALA A 124 49.06 -16.48 17.87
C ALA A 124 49.92 -15.90 16.75
N HIS A 125 51.06 -16.54 16.52
CA HIS A 125 51.97 -16.17 15.44
C HIS A 125 52.46 -17.47 14.83
N THR A 126 53.59 -17.40 14.10
CA THR A 126 54.13 -18.42 13.22
C THR A 126 54.09 -19.84 13.78
N ALA A 127 53.42 -20.73 13.05
CA ALA A 127 53.00 -22.03 13.54
C ALA A 127 54.14 -23.04 13.48
N SER A 128 53.78 -24.31 13.64
CA SER A 128 54.74 -25.41 13.69
C SER A 128 54.38 -26.46 12.65
N ALA A 129 55.40 -27.18 12.20
CA ALA A 129 55.28 -28.17 11.13
C ALA A 129 55.55 -29.56 11.71
N SER A 130 54.50 -30.22 12.16
CA SER A 130 54.57 -31.62 12.58
C SER A 130 53.58 -32.44 11.79
N ALA A 131 53.83 -33.75 11.73
CA ALA A 131 53.01 -34.63 10.92
C ALA A 131 53.18 -36.06 11.41
N LYS A 132 52.58 -36.98 10.63
CA LYS A 132 52.49 -38.39 10.94
C LYS A 132 52.48 -39.18 9.63
N LEU A 133 53.31 -40.22 9.54
CA LEU A 133 53.41 -40.94 8.29
C LEU A 133 53.52 -42.44 8.54
N ARG A 134 52.83 -43.20 7.69
CA ARG A 134 52.91 -44.65 7.62
C ARG A 134 53.71 -45.07 6.40
N VAL A 135 54.71 -45.91 6.63
CA VAL A 135 55.58 -46.42 5.59
C VAL A 135 55.34 -47.93 5.47
N LEU A 136 55.12 -48.38 4.23
CA LEU A 136 55.33 -49.78 3.91
C LEU A 136 56.80 -49.99 3.63
N TYR A 137 57.43 -50.86 4.40
CA TYR A 137 58.85 -51.14 4.24
C TYR A 137 59.10 -52.60 4.55
N GLN A 138 59.31 -53.38 3.49
CA GLN A 138 59.69 -54.79 3.55
C GLN A 138 58.64 -55.60 4.31
N GLY A 139 57.39 -55.40 3.91
CA GLY A 139 56.29 -56.11 4.54
C GLY A 139 55.90 -55.59 5.90
N ASN A 140 56.13 -54.32 6.18
CA ASN A 140 55.83 -53.74 7.49
C ASN A 140 55.06 -52.45 7.29
N ASN A 141 53.76 -52.50 7.57
CA ASN A 141 52.94 -51.29 7.67
C ASN A 141 53.24 -50.57 8.97
N VAL A 142 54.33 -49.80 9.02
CA VAL A 142 54.78 -49.21 10.28
C VAL A 142 54.62 -47.70 10.21
N THR A 143 54.30 -47.10 11.36
CA THR A 143 53.86 -45.72 11.38
C THR A 143 54.56 -44.95 12.49
N VAL A 144 54.91 -43.69 12.18
CA VAL A 144 55.55 -42.81 13.15
C VAL A 144 54.93 -41.43 13.06
N SER A 145 55.32 -40.57 14.00
CA SER A 145 54.80 -39.22 14.12
C SER A 145 55.94 -38.32 14.58
N ALA A 146 56.18 -37.20 13.90
CA ALA A 146 57.36 -36.41 14.21
C ALA A 146 57.13 -34.96 13.81
N TYR A 147 58.21 -34.18 13.90
CA TYR A 147 58.23 -32.75 13.67
C TYR A 147 59.18 -32.44 12.53
N ALA A 148 59.26 -31.17 12.16
CA ALA A 148 60.23 -30.73 11.16
C ALA A 148 61.46 -30.11 11.86
N ASN A 149 62.24 -30.97 12.50
CA ASN A 149 63.29 -30.49 13.39
C ASN A 149 64.71 -30.71 12.86
N GLY A 150 65.14 -31.96 12.66
CA GLY A 150 66.44 -32.20 12.05
C GLY A 150 67.54 -32.89 12.84
N ASP A 151 67.73 -32.56 14.12
CA ASP A 151 68.78 -33.16 14.93
C ASP A 151 68.26 -34.18 15.92
N HIS A 152 67.10 -33.91 16.52
CA HIS A 152 66.31 -34.90 17.24
C HIS A 152 65.21 -35.37 16.28
N ALA A 153 65.63 -35.98 15.18
CA ALA A 153 64.73 -36.48 14.15
C ALA A 153 64.36 -37.92 14.48
N VAL A 154 63.82 -38.67 13.50
CA VAL A 154 63.26 -39.98 13.81
C VAL A 154 63.90 -41.05 12.94
N THR A 155 64.33 -42.14 13.57
CA THR A 155 64.99 -43.24 12.89
C THR A 155 64.48 -44.55 13.46
N VAL A 156 63.91 -45.38 12.59
CA VAL A 156 63.41 -46.68 12.99
C VAL A 156 63.77 -47.71 11.93
N LYS A 157 64.05 -48.93 12.39
CA LYS A 157 64.42 -50.08 11.56
C LYS A 157 65.59 -49.77 10.64
N ASP A 158 66.64 -49.16 11.24
CA ASP A 158 67.88 -48.70 10.60
C ASP A 158 67.62 -47.57 9.60
N ALA A 159 66.41 -47.03 9.57
CA ALA A 159 65.99 -46.11 8.52
C ALA A 159 65.87 -44.72 9.10
N LYS A 160 66.58 -43.77 8.50
CA LYS A 160 66.61 -42.39 8.97
C LYS A 160 65.46 -41.60 8.35
N PHE A 161 64.97 -40.61 9.12
CA PHE A 161 63.80 -39.84 8.73
C PHE A 161 63.90 -38.47 9.34
N ILE A 162 63.79 -37.44 8.51
CA ILE A 162 63.32 -36.15 8.98
C ILE A 162 62.35 -35.61 7.93
N VAL A 163 61.18 -35.21 8.37
CA VAL A 163 60.18 -34.66 7.48
C VAL A 163 60.35 -33.15 7.44
N GLY A 164 60.04 -32.56 6.30
CA GLY A 164 59.98 -31.12 6.18
C GLY A 164 61.32 -30.42 6.23
N PRO A 165 61.32 -29.14 6.61
CA PRO A 165 60.19 -28.23 6.88
C PRO A 165 59.37 -27.85 5.65
N MET A 166 58.24 -27.20 5.84
CA MET A 166 57.24 -27.07 4.79
C MET A 166 57.72 -26.15 3.67
N SER A 167 57.05 -26.25 2.52
CA SER A 167 57.41 -25.45 1.36
C SER A 167 56.62 -24.16 1.28
N SER A 168 55.32 -24.21 1.51
CA SER A 168 54.48 -23.01 1.57
C SER A 168 54.33 -22.60 3.03
N ALA A 169 54.37 -21.31 3.28
CA ALA A 169 54.31 -20.78 4.63
C ALA A 169 52.91 -20.40 5.07
N TRP A 170 51.90 -20.67 4.23
CA TRP A 170 50.55 -20.22 4.53
C TRP A 170 49.96 -20.97 5.71
N THR A 171 49.32 -20.23 6.59
CA THR A 171 48.56 -20.82 7.67
C THR A 171 47.09 -20.46 7.50
N PRO A 172 46.18 -21.25 8.04
CA PRO A 172 44.76 -20.88 8.03
C PRO A 172 44.36 -19.90 9.12
N PHE A 173 45.29 -19.21 9.74
CA PHE A 173 44.95 -18.27 10.80
C PHE A 173 45.63 -16.93 10.55
N ASP A 174 44.96 -15.88 11.02
CA ASP A 174 45.61 -14.61 11.28
C ASP A 174 45.98 -14.60 12.77
N ASN A 175 46.59 -13.52 13.24
CA ASN A 175 47.08 -13.47 14.61
C ASN A 175 45.96 -13.39 15.63
N LYS A 176 44.87 -12.72 15.30
CA LYS A 176 43.79 -12.45 16.25
C LYS A 176 42.68 -13.47 16.06
N ILE A 177 42.56 -14.41 16.98
CA ILE A 177 41.53 -15.44 16.93
C ILE A 177 40.71 -15.37 18.20
N VAL A 178 39.40 -15.42 18.09
CA VAL A 178 38.57 -15.62 19.26
C VAL A 178 38.29 -17.11 19.37
N VAL A 179 38.34 -17.65 20.59
CA VAL A 179 38.20 -19.08 20.80
C VAL A 179 37.32 -19.32 22.02
N TYR A 180 36.60 -20.45 21.98
CA TYR A 180 35.86 -20.92 23.15
C TYR A 180 35.67 -22.43 23.00
N LYS A 181 36.51 -23.19 23.69
CA LYS A 181 36.22 -24.54 24.17
C LYS A 181 36.02 -25.62 23.11
N GLY A 182 35.57 -25.24 21.91
CA GLY A 182 35.63 -26.11 20.76
C GLY A 182 35.72 -25.30 19.49
N ASP A 183 35.67 -23.99 19.60
CA ASP A 183 35.50 -23.16 18.42
C ASP A 183 36.60 -22.13 18.32
N VAL A 184 37.00 -21.88 17.09
CA VAL A 184 37.90 -20.80 16.71
C VAL A 184 37.16 -19.94 15.70
N TYR A 185 37.46 -18.65 15.70
CA TYR A 185 36.95 -17.74 14.68
C TYR A 185 38.02 -16.69 14.44
N ASN A 186 38.40 -16.53 13.17
CA ASN A 186 39.42 -15.56 12.79
C ASN A 186 38.74 -14.19 12.66
N MET A 187 38.65 -13.52 13.79
CA MET A 187 38.05 -12.19 13.86
C MET A 187 38.94 -11.30 14.70
N ASP A 188 39.19 -10.09 14.22
CA ASP A 188 40.04 -9.15 14.93
C ASP A 188 39.25 -8.56 16.10
N TYR A 189 39.55 -9.05 17.29
CA TYR A 189 38.99 -8.48 18.50
C TYR A 189 39.63 -7.11 18.75
N PRO A 190 38.97 -6.23 19.50
CA PRO A 190 39.59 -4.96 19.89
C PRO A 190 40.71 -5.18 20.87
N PRO A 191 41.61 -4.21 21.05
CA PRO A 191 42.64 -4.34 22.09
C PRO A 191 42.09 -4.25 23.50
N PHE A 192 42.97 -4.41 24.48
CA PHE A 192 42.55 -4.36 25.87
C PHE A 192 42.31 -2.93 26.33
N GLY A 193 41.33 -2.77 27.22
CA GLY A 193 41.09 -1.52 27.89
C GLY A 193 40.53 -0.40 27.03
N ALA A 194 40.10 -0.69 25.80
CA ALA A 194 39.63 0.36 24.91
C ALA A 194 38.40 -0.09 24.13
N GLY A 195 37.72 -1.13 24.59
CA GLY A 195 36.55 -1.63 23.89
C GLY A 195 35.35 -0.70 24.04
N ARG A 196 34.52 -0.73 23.02
CA ARG A 196 33.26 0.00 23.02
C ARG A 196 32.28 -0.66 23.97
N PRO A 197 31.28 0.07 24.44
CA PRO A 197 30.20 -0.58 25.20
C PRO A 197 29.28 -1.35 24.28
N GLY A 198 28.75 -2.45 24.79
CA GLY A 198 27.87 -3.30 24.01
C GLY A 198 28.55 -3.94 22.82
N GLN A 199 29.83 -4.23 22.94
CA GLN A 199 30.67 -4.64 21.84
C GLN A 199 31.20 -6.06 22.14
N PHE A 200 31.76 -6.71 21.13
CA PHE A 200 32.50 -7.95 21.31
C PHE A 200 33.80 -7.61 22.03
N GLY A 201 33.69 -7.49 23.36
CA GLY A 201 34.80 -7.01 24.16
C GLY A 201 34.47 -5.81 25.01
N ASP A 202 33.19 -5.61 25.31
CA ASP A 202 32.80 -4.51 26.20
C ASP A 202 33.27 -4.79 27.63
N ILE A 203 33.40 -6.05 27.99
CA ILE A 203 34.03 -6.47 29.23
C ILE A 203 35.43 -6.95 28.89
N GLN A 204 36.42 -6.54 29.67
CA GLN A 204 37.80 -6.93 29.39
C GLN A 204 38.57 -7.14 30.68
N SER A 205 39.28 -8.27 30.74
CA SER A 205 40.18 -8.59 31.84
C SER A 205 41.31 -9.42 31.27
N ARG A 206 42.53 -9.17 31.76
CA ARG A 206 43.72 -9.84 31.22
C ARG A 206 43.65 -11.35 31.40
N THR A 207 43.63 -11.80 32.64
CA THR A 207 43.41 -13.18 33.00
C THR A 207 42.02 -13.31 33.63
N PRO A 208 41.48 -14.53 33.74
CA PRO A 208 40.25 -14.68 34.54
C PRO A 208 40.46 -14.41 36.02
N GLU A 209 41.69 -14.53 36.48
CA GLU A 209 42.07 -14.24 37.85
C GLU A 209 42.71 -12.86 37.98
N SER A 210 42.66 -12.05 36.92
CA SER A 210 43.06 -10.64 37.00
C SER A 210 41.89 -9.86 37.55
N GLU A 211 42.18 -8.79 38.30
CA GLU A 211 41.14 -8.12 39.06
C GLU A 211 40.57 -6.88 38.37
N ASP A 212 41.39 -6.08 37.70
CA ASP A 212 40.90 -4.83 37.14
C ASP A 212 40.09 -5.07 35.86
N VAL A 213 38.80 -5.34 36.03
CA VAL A 213 37.90 -5.60 34.91
C VAL A 213 37.65 -4.29 34.18
N TYR A 214 38.07 -4.23 32.92
CA TYR A 214 37.68 -3.11 32.09
C TYR A 214 36.23 -3.28 31.68
N ALA A 215 35.39 -2.35 32.08
CA ALA A 215 33.95 -2.47 31.92
C ALA A 215 33.42 -1.31 31.10
N ASN A 216 32.58 -1.61 30.12
CA ASN A 216 31.85 -0.59 29.37
C ASN A 216 30.43 -1.14 29.21
N THR A 217 29.58 -0.86 30.19
CA THR A 217 28.25 -1.41 30.25
C THR A 217 27.15 -0.41 30.56
N GLN A 218 27.48 0.88 30.71
CA GLN A 218 26.53 2.01 30.76
C GLN A 218 25.54 1.86 31.90
N LEU A 219 26.05 1.99 33.12
CA LEU A 219 25.23 1.86 34.32
C LEU A 219 25.01 3.23 34.93
N VAL A 220 23.85 3.84 34.64
CA VAL A 220 23.39 5.07 35.27
C VAL A 220 21.95 4.84 35.71
N LEU A 221 21.64 5.22 36.94
CA LEU A 221 20.36 4.86 37.53
C LEU A 221 19.26 5.85 37.13
N GLN A 222 18.03 5.48 37.45
CA GLN A 222 16.86 6.34 37.30
C GLN A 222 16.00 6.26 38.55
N ARG A 223 14.95 7.07 38.57
CA ARG A 223 14.21 7.33 39.78
C ARG A 223 12.99 6.42 39.88
N PRO A 224 12.84 5.63 40.96
CA PRO A 224 11.55 4.99 41.23
C PRO A 224 10.51 6.01 41.67
N SER A 225 9.27 5.55 41.85
CA SER A 225 8.20 6.52 42.08
C SER A 225 8.14 6.98 43.53
N ALA A 226 7.65 6.10 44.42
CA ALA A 226 7.64 6.28 45.89
C ALA A 226 7.22 4.96 46.53
N GLY A 227 8.05 4.40 47.41
CA GLY A 227 7.72 3.12 48.02
C GLY A 227 7.96 1.91 47.15
N THR A 228 7.96 2.11 45.84
CA THR A 228 8.30 1.08 44.88
C THR A 228 9.79 0.82 45.01
N VAL A 229 10.15 -0.15 45.82
CA VAL A 229 11.56 -0.48 46.02
C VAL A 229 11.98 -1.25 44.78
N HIS A 230 12.51 -0.53 43.81
CA HIS A 230 12.98 -1.08 42.55
C HIS A 230 13.97 -0.08 41.99
N VAL A 231 14.98 -0.59 41.30
CA VAL A 231 16.02 0.28 40.79
C VAL A 231 15.94 0.32 39.27
N PRO A 232 15.44 1.40 38.70
CA PRO A 232 15.59 1.59 37.26
C PRO A 232 16.95 2.16 36.95
N TYR A 233 17.61 1.58 35.96
CA TYR A 233 18.96 1.99 35.62
C TYR A 233 19.13 1.91 34.11
N SER A 234 20.20 2.53 33.63
CA SER A 234 20.54 2.39 32.22
C SER A 234 21.01 0.97 31.97
N GLN A 235 20.41 0.34 30.96
CA GLN A 235 20.53 -1.11 30.79
C GLN A 235 21.91 -1.50 30.29
N ALA A 236 22.45 -2.57 30.89
CA ALA A 236 23.67 -3.17 30.41
C ALA A 236 23.32 -4.36 29.53
N PRO A 237 23.53 -4.30 28.21
CA PRO A 237 23.39 -5.50 27.40
C PRO A 237 24.50 -6.49 27.71
N SER A 238 24.26 -7.75 27.37
CA SER A 238 25.13 -8.86 27.76
C SER A 238 26.48 -8.81 27.03
N GLY A 239 27.36 -9.73 27.41
CA GLY A 239 28.43 -10.08 26.49
C GLY A 239 28.12 -11.35 25.74
N PHE A 240 27.98 -12.45 26.49
CA PHE A 240 27.95 -13.79 25.89
C PHE A 240 26.66 -14.04 25.14
N LYS A 241 25.55 -13.46 25.59
CA LYS A 241 24.24 -13.85 25.09
C LYS A 241 23.96 -13.37 23.67
N TYR A 242 24.88 -12.63 23.06
CA TYR A 242 24.85 -12.43 21.62
C TYR A 242 26.12 -12.82 20.92
N TRP A 243 27.23 -13.01 21.64
CA TRP A 243 28.41 -13.56 20.98
C TRP A 243 28.21 -15.02 20.67
N LEU A 244 27.32 -15.68 21.41
CA LEU A 244 26.79 -16.97 21.01
C LEU A 244 26.00 -16.86 19.72
N LYS A 245 25.37 -15.73 19.47
CA LYS A 245 24.72 -15.51 18.19
C LYS A 245 25.65 -14.81 17.21
N GLU A 246 26.70 -14.16 17.71
CA GLU A 246 27.77 -13.67 16.86
C GLU A 246 28.97 -14.60 16.86
N ARG A 247 28.72 -15.90 17.03
CA ARG A 247 29.71 -16.90 16.64
C ARG A 247 30.02 -16.79 15.16
N GLY A 248 29.00 -16.77 14.33
CA GLY A 248 29.23 -16.89 12.90
C GLY A 248 29.53 -18.35 12.60
N ALA A 249 30.42 -18.57 11.64
CA ALA A 249 30.79 -19.92 11.22
C ALA A 249 32.26 -20.15 11.49
N SER A 250 32.57 -21.27 12.12
CA SER A 250 33.93 -21.56 12.57
C SER A 250 34.81 -21.96 11.40
N LEU A 251 36.12 -21.90 11.64
CA LEU A 251 37.10 -22.35 10.67
C LEU A 251 37.09 -23.85 10.50
N GLN A 252 36.47 -24.59 11.42
CA GLN A 252 36.11 -25.97 11.14
C GLN A 252 35.12 -26.06 9.98
N HIS A 253 34.32 -25.03 9.77
CA HIS A 253 33.39 -25.02 8.65
C HIS A 253 33.67 -23.89 7.67
N THR A 254 34.74 -23.12 7.86
CA THR A 254 35.11 -22.10 6.90
C THR A 254 36.60 -22.14 6.56
N ALA A 255 37.13 -23.32 6.30
CA ALA A 255 38.53 -23.31 5.90
C ALA A 255 38.68 -23.60 4.42
N PRO A 256 39.74 -23.13 3.79
CA PRO A 256 40.13 -23.71 2.52
C PRO A 256 41.06 -24.89 2.74
N PHE A 257 41.20 -25.69 1.68
CA PHE A 257 42.11 -26.83 1.59
C PHE A 257 41.85 -27.91 2.65
N GLY A 258 40.67 -27.94 3.25
CA GLY A 258 40.31 -29.03 4.14
C GLY A 258 41.03 -29.05 5.46
N CYS A 259 40.87 -28.00 6.24
CA CYS A 259 41.53 -27.92 7.54
C CYS A 259 40.55 -28.28 8.64
N GLN A 260 41.00 -29.10 9.58
CA GLN A 260 40.22 -29.48 10.74
C GLN A 260 40.81 -28.83 11.97
N ILE A 261 39.98 -28.56 12.96
CA ILE A 261 40.40 -27.79 14.12
C ILE A 261 40.37 -28.70 15.34
N ALA A 262 41.49 -28.77 16.05
CA ALA A 262 41.62 -29.64 17.20
C ALA A 262 41.94 -28.83 18.45
N THR A 263 41.45 -29.32 19.58
CA THR A 263 41.42 -28.59 20.83
C THR A 263 42.38 -29.24 21.81
N ASN A 264 42.85 -28.45 22.79
CA ASN A 264 43.78 -28.80 23.86
C ASN A 264 45.11 -29.29 23.31
N PRO A 265 45.94 -28.44 22.70
CA PRO A 265 45.77 -27.04 22.32
C PRO A 265 45.05 -27.00 20.97
N VAL A 266 44.75 -25.84 20.48
CA VAL A 266 44.01 -25.76 19.24
C VAL A 266 44.98 -25.65 18.08
N ARG A 267 44.60 -26.25 16.95
CA ARG A 267 45.49 -26.35 15.80
C ARG A 267 44.68 -26.79 14.59
N ALA A 268 45.34 -26.76 13.43
CA ALA A 268 44.74 -27.14 12.16
C ALA A 268 45.26 -28.49 11.71
N MET A 269 44.49 -29.13 10.84
CA MET A 269 44.72 -30.48 10.39
C MET A 269 44.45 -30.59 8.90
N ASN A 270 45.31 -31.36 8.23
CA ASN A 270 45.03 -31.95 6.91
C ASN A 270 44.83 -30.90 5.82
N CYS A 271 45.43 -29.72 6.01
CA CYS A 271 45.41 -28.72 4.96
C CYS A 271 46.37 -29.15 3.86
N ALA A 272 45.86 -29.91 2.89
CA ALA A 272 46.70 -30.53 1.87
C ALA A 272 47.16 -29.46 0.90
N VAL A 273 48.20 -28.72 1.31
CA VAL A 273 48.75 -27.65 0.49
C VAL A 273 50.20 -27.97 0.20
N GLY A 274 50.54 -27.92 -1.09
CA GLY A 274 51.94 -27.94 -1.48
C GLY A 274 52.61 -29.29 -1.33
N ASN A 275 53.88 -29.24 -0.95
CA ASN A 275 54.72 -30.41 -0.97
C ASN A 275 55.71 -30.34 0.19
N MET A 276 56.25 -31.51 0.54
CA MET A 276 57.09 -31.68 1.71
C MET A 276 58.36 -32.40 1.31
N PRO A 277 59.52 -31.89 1.68
CA PRO A 277 60.76 -32.62 1.43
C PRO A 277 61.11 -33.52 2.60
N ILE A 278 61.55 -34.74 2.31
CA ILE A 278 61.88 -35.72 3.33
C ILE A 278 63.19 -36.38 2.91
N SER A 279 64.13 -36.46 3.85
CA SER A 279 65.36 -37.22 3.64
C SER A 279 65.21 -38.59 4.30
N ILE A 280 65.62 -39.62 3.59
CA ILE A 280 65.72 -40.94 4.14
C ILE A 280 67.19 -41.33 4.10
N ASP A 281 67.61 -42.12 5.07
CA ASP A 281 68.88 -42.80 4.94
C ASP A 281 68.75 -44.15 5.63
N ILE A 282 69.55 -45.09 5.16
CA ILE A 282 69.77 -46.40 5.76
C ILE A 282 71.03 -46.90 5.07
N PRO A 283 71.96 -47.54 5.78
CA PRO A 283 73.17 -48.03 5.10
C PRO A 283 72.92 -49.17 4.13
N ASP A 284 73.98 -49.61 3.48
CA ASP A 284 73.87 -50.60 2.41
C ASP A 284 73.67 -52.02 2.92
N ALA A 285 73.30 -52.22 4.19
CA ALA A 285 72.94 -53.55 4.65
C ALA A 285 71.68 -54.06 3.98
N ALA A 286 70.77 -53.15 3.59
CA ALA A 286 69.65 -53.53 2.76
C ALA A 286 70.05 -53.67 1.30
N PHE A 287 71.11 -53.01 0.87
CA PHE A 287 71.62 -53.15 -0.49
C PHE A 287 72.22 -54.52 -0.70
N THR A 288 72.19 -54.98 -1.95
CA THR A 288 73.03 -56.04 -2.43
C THR A 288 73.58 -55.63 -3.79
N ARG A 289 74.26 -56.56 -4.44
CA ARG A 289 74.64 -56.38 -5.83
C ARG A 289 73.44 -56.77 -6.69
N VAL A 290 73.60 -56.68 -8.01
CA VAL A 290 72.55 -57.16 -8.91
C VAL A 290 72.55 -58.68 -8.93
N VAL A 291 73.70 -59.30 -8.63
CA VAL A 291 73.92 -60.68 -9.00
C VAL A 291 73.22 -61.66 -8.06
N ASP A 292 73.04 -61.29 -6.81
CA ASP A 292 72.32 -62.14 -5.87
C ASP A 292 70.83 -61.87 -5.84
N ALA A 293 70.36 -60.91 -6.63
CA ALA A 293 68.94 -60.70 -6.84
C ALA A 293 68.47 -61.53 -8.03
N PRO A 294 67.17 -61.87 -8.11
CA PRO A 294 66.69 -62.55 -9.32
C PRO A 294 66.74 -61.65 -10.53
N SER A 295 67.63 -61.94 -11.47
CA SER A 295 67.70 -61.13 -12.68
C SER A 295 66.52 -61.44 -13.57
N LEU A 296 65.96 -60.40 -14.17
CA LEU A 296 64.73 -60.53 -14.95
C LEU A 296 65.05 -60.44 -16.43
N THR A 297 64.72 -61.50 -17.15
CA THR A 297 64.76 -61.51 -18.59
C THR A 297 63.34 -61.50 -19.11
N ASP A 298 63.21 -61.58 -20.45
CA ASP A 298 61.95 -61.70 -21.16
C ASP A 298 61.04 -60.50 -20.85
N MET A 299 61.48 -59.34 -21.32
CA MET A 299 60.69 -58.12 -21.21
C MET A 299 59.55 -58.19 -22.21
N SER A 300 58.36 -58.52 -21.73
CA SER A 300 57.17 -58.53 -22.58
C SER A 300 55.95 -58.22 -21.69
N CYS A 301 55.58 -56.94 -21.67
CA CYS A 301 54.36 -56.50 -21.02
C CYS A 301 53.27 -56.22 -22.04
N GLU A 302 52.05 -56.07 -21.53
CA GLU A 302 50.88 -55.87 -22.37
C GLU A 302 49.78 -55.30 -21.48
N VAL A 303 48.91 -54.50 -22.06
CA VAL A 303 47.75 -53.99 -21.33
C VAL A 303 46.47 -54.65 -21.84
N PRO A 304 45.88 -55.55 -21.07
CA PRO A 304 44.59 -56.11 -21.49
C PRO A 304 43.46 -55.10 -21.44
N ALA A 305 43.41 -54.26 -20.42
CA ALA A 305 42.34 -53.28 -20.28
C ALA A 305 42.82 -52.22 -19.31
N CYS A 306 42.93 -50.97 -19.77
CA CYS A 306 42.88 -49.87 -18.84
C CYS A 306 41.48 -49.31 -18.87
N THR A 307 41.01 -48.88 -17.72
CA THR A 307 40.02 -47.81 -17.70
C THR A 307 40.67 -46.69 -16.91
N HIS A 308 40.90 -45.54 -17.55
CA HIS A 308 41.49 -44.42 -16.82
C HIS A 308 40.44 -43.93 -15.83
N SER A 309 40.63 -44.33 -14.60
CA SER A 309 39.63 -44.20 -13.57
C SER A 309 40.34 -43.86 -12.29
N SER A 310 39.65 -43.10 -11.44
CA SER A 310 40.23 -42.66 -10.19
C SER A 310 40.46 -43.84 -9.24
N ASP A 311 39.73 -44.93 -9.41
CA ASP A 311 39.95 -46.14 -8.65
C ASP A 311 41.09 -46.92 -9.31
N PHE A 312 41.30 -48.17 -8.91
CA PHE A 312 42.36 -48.99 -9.49
C PHE A 312 41.86 -49.52 -10.83
N GLY A 313 41.97 -48.67 -11.85
CA GLY A 313 41.23 -48.86 -13.09
C GLY A 313 41.94 -49.50 -14.27
N GLY A 314 43.26 -49.65 -14.20
CA GLY A 314 44.03 -50.26 -15.26
C GLY A 314 44.72 -51.52 -14.76
N VAL A 315 44.92 -52.47 -15.67
CA VAL A 315 45.63 -53.70 -15.35
C VAL A 315 46.55 -54.03 -16.53
N ALA A 316 47.73 -54.55 -16.22
CA ALA A 316 48.68 -55.00 -17.22
C ALA A 316 49.17 -56.39 -16.88
N ILE A 317 49.60 -57.13 -17.90
CA ILE A 317 50.11 -58.48 -17.76
C ILE A 317 51.53 -58.49 -18.31
N ILE A 318 52.47 -59.06 -17.56
CA ILE A 318 53.84 -59.17 -17.99
C ILE A 318 54.26 -60.62 -17.94
N LYS A 319 54.67 -61.14 -19.08
CA LYS A 319 55.37 -62.43 -19.10
C LYS A 319 56.83 -62.17 -18.80
N TYR A 320 57.43 -63.06 -18.03
CA TYR A 320 58.81 -62.89 -17.62
C TYR A 320 59.49 -64.25 -17.49
N ALA A 321 60.80 -64.25 -17.71
CA ALA A 321 61.62 -65.43 -17.45
C ALA A 321 62.70 -64.98 -16.46
N ALA A 322 62.35 -65.03 -15.18
CA ALA A 322 63.27 -64.62 -14.13
C ALA A 322 64.39 -65.65 -13.97
N SER A 323 65.47 -65.22 -13.33
CA SER A 323 66.60 -66.10 -13.16
C SER A 323 66.40 -67.07 -12.00
N LYS A 324 65.95 -66.59 -10.86
CA LYS A 324 65.85 -67.44 -9.69
C LYS A 324 64.57 -67.14 -8.93
N LYS A 325 64.19 -68.07 -8.08
CA LYS A 325 63.03 -67.90 -7.22
C LYS A 325 63.34 -66.90 -6.13
N GLY A 326 62.41 -65.98 -5.89
CA GLY A 326 62.60 -65.01 -4.84
C GLY A 326 61.61 -63.87 -4.93
N LYS A 327 62.09 -62.66 -4.66
CA LYS A 327 61.28 -61.45 -4.68
C LYS A 327 61.93 -60.45 -5.61
N CYS A 328 61.11 -59.63 -6.28
CA CYS A 328 61.67 -58.58 -7.13
C CYS A 328 60.83 -57.32 -7.15
N ALA A 329 61.52 -56.23 -7.47
CA ALA A 329 60.96 -54.90 -7.39
C ALA A 329 60.34 -54.48 -8.72
N VAL A 330 59.21 -53.78 -8.65
CA VAL A 330 58.67 -53.10 -9.81
C VAL A 330 58.43 -51.65 -9.42
N HIS A 331 58.39 -50.80 -10.43
CA HIS A 331 58.21 -49.37 -10.23
C HIS A 331 57.81 -48.72 -11.53
N SER A 332 56.73 -47.95 -11.51
CA SER A 332 56.34 -47.21 -12.69
C SER A 332 57.30 -46.06 -12.87
N MET A 333 58.18 -46.18 -13.87
CA MET A 333 59.27 -45.23 -14.07
C MET A 333 58.80 -43.87 -14.57
N THR A 334 57.50 -43.66 -14.74
CA THR A 334 56.96 -42.41 -15.23
C THR A 334 56.05 -41.84 -14.15
N ASN A 335 55.54 -40.63 -14.41
CA ASN A 335 54.79 -39.90 -13.40
C ASN A 335 53.42 -40.49 -13.12
N ALA A 336 52.65 -40.78 -14.16
CA ALA A 336 51.21 -40.95 -14.00
C ALA A 336 50.87 -42.34 -13.45
N VAL A 337 51.68 -43.34 -13.78
CA VAL A 337 51.28 -44.71 -13.55
C VAL A 337 51.56 -45.08 -12.10
N THR A 338 50.79 -46.02 -11.57
CA THR A 338 50.84 -46.36 -10.16
C THR A 338 51.17 -47.83 -9.95
N ILE A 339 51.62 -48.14 -8.74
CA ILE A 339 52.01 -49.49 -8.36
C ILE A 339 51.16 -49.87 -7.16
N ARG A 340 50.82 -51.14 -7.06
CA ARG A 340 50.17 -51.61 -5.83
C ARG A 340 51.16 -52.22 -4.86
N GLU A 341 52.24 -52.81 -5.36
CA GLU A 341 53.35 -53.27 -4.53
C GLU A 341 54.57 -53.42 -5.42
N ALA A 342 55.70 -52.86 -4.97
CA ALA A 342 56.94 -53.01 -5.72
C ALA A 342 57.41 -54.44 -5.79
N GLU A 343 57.35 -55.18 -4.68
CA GLU A 343 58.11 -56.42 -4.55
C GLU A 343 57.16 -57.60 -4.60
N ILE A 344 57.30 -58.41 -5.64
CA ILE A 344 56.42 -59.53 -5.93
C ILE A 344 57.26 -60.79 -5.97
N GLU A 345 56.72 -61.88 -5.43
CA GLU A 345 57.36 -63.19 -5.53
C GLU A 345 57.38 -63.67 -6.97
N VAL A 346 58.54 -64.17 -7.38
CA VAL A 346 58.75 -64.74 -8.71
C VAL A 346 59.46 -66.07 -8.53
N GLU A 347 59.51 -66.84 -9.61
CA GLU A 347 60.17 -68.13 -9.57
C GLU A 347 61.12 -68.37 -10.73
N GLY A 348 60.93 -67.70 -11.87
CA GLY A 348 61.57 -68.12 -13.10
C GLY A 348 60.77 -67.68 -14.31
N ASN A 349 60.39 -68.63 -15.15
CA ASN A 349 59.57 -68.31 -16.32
C ASN A 349 58.11 -68.42 -15.92
N SER A 350 57.48 -67.29 -15.66
CA SER A 350 56.06 -67.26 -15.33
C SER A 350 55.47 -65.97 -15.88
N GLN A 351 54.27 -65.65 -15.41
CA GLN A 351 53.59 -64.45 -15.86
C GLN A 351 52.84 -63.86 -14.69
N LEU A 352 52.78 -62.54 -14.65
CA LEU A 352 52.13 -61.87 -13.54
C LEU A 352 51.29 -60.71 -14.05
N GLN A 353 50.48 -60.17 -13.15
CA GLN A 353 49.63 -59.03 -13.42
C GLN A 353 50.02 -57.86 -12.53
N ILE A 354 49.45 -56.70 -12.83
CA ILE A 354 49.63 -55.50 -12.03
C ILE A 354 48.45 -54.57 -12.25
N SER A 355 47.92 -54.04 -11.14
CA SER A 355 46.99 -52.93 -11.23
C SER A 355 47.75 -51.61 -11.23
N PHE A 356 47.25 -50.68 -12.02
CA PHE A 356 47.78 -49.34 -12.11
C PHE A 356 46.61 -48.40 -12.32
N SER A 357 46.89 -47.11 -12.34
CA SER A 357 45.88 -46.14 -12.70
C SER A 357 46.56 -44.89 -13.23
N THR A 358 45.78 -44.14 -14.01
CA THR A 358 46.08 -42.78 -14.42
C THR A 358 44.75 -42.12 -14.79
N ALA A 359 44.83 -40.93 -15.35
CA ALA A 359 43.68 -40.34 -16.02
C ALA A 359 43.86 -40.27 -17.52
N LEU A 360 45.07 -40.40 -18.03
CA LEU A 360 45.33 -40.25 -19.45
C LEU A 360 44.87 -41.49 -20.21
N ALA A 361 44.45 -41.28 -21.45
CA ALA A 361 43.98 -42.39 -22.28
C ALA A 361 45.12 -43.06 -23.03
N SER A 362 45.80 -42.31 -23.90
CA SER A 362 46.95 -42.84 -24.63
C SER A 362 48.13 -42.92 -23.68
N ALA A 363 48.28 -44.08 -23.03
CA ALA A 363 49.27 -44.25 -21.97
C ALA A 363 50.47 -45.02 -22.52
N GLU A 364 51.49 -44.30 -22.94
CA GLU A 364 52.76 -44.89 -23.30
C GLU A 364 53.72 -44.73 -22.13
N PHE A 365 54.31 -45.84 -21.70
CA PHE A 365 55.14 -45.79 -20.49
C PHE A 365 56.13 -46.95 -20.48
N ARG A 366 56.95 -46.97 -19.45
CA ARG A 366 57.87 -48.05 -19.20
C ARG A 366 58.07 -48.19 -17.71
N VAL A 367 58.34 -49.42 -17.28
CA VAL A 367 58.28 -49.79 -15.87
C VAL A 367 59.55 -50.55 -15.53
N GLN A 368 60.23 -50.12 -14.47
CA GLN A 368 61.32 -50.89 -13.91
C GLN A 368 60.79 -52.18 -13.33
N VAL A 369 61.39 -53.30 -13.70
CA VAL A 369 61.03 -54.60 -13.16
C VAL A 369 62.31 -55.31 -12.73
N CYS A 370 62.65 -55.16 -11.44
CA CYS A 370 63.81 -55.79 -10.80
C CYS A 370 65.10 -55.47 -11.55
N SER A 371 65.44 -54.17 -11.55
CA SER A 371 66.60 -53.57 -12.20
C SER A 371 66.57 -53.71 -13.72
N THR A 372 65.41 -54.00 -14.30
CA THR A 372 65.28 -54.09 -15.74
C THR A 372 64.06 -53.28 -16.13
N GLN A 373 64.04 -52.76 -17.35
CA GLN A 373 62.95 -51.89 -17.81
C GLN A 373 62.16 -52.61 -18.88
N VAL A 374 60.83 -52.52 -18.80
CA VAL A 374 59.95 -53.07 -19.84
C VAL A 374 59.09 -51.93 -20.39
N HIS A 375 58.92 -51.94 -21.71
CA HIS A 375 58.20 -50.91 -22.45
C HIS A 375 56.76 -51.35 -22.69
N CYS A 376 55.83 -50.41 -22.73
CA CYS A 376 54.45 -50.72 -23.10
C CYS A 376 53.73 -49.45 -23.55
N ALA A 377 52.58 -49.66 -24.19
CA ALA A 377 51.73 -48.55 -24.58
C ALA A 377 50.29 -49.04 -24.49
N ALA A 378 49.36 -48.09 -24.44
CA ALA A 378 48.01 -48.38 -23.99
C ALA A 378 47.06 -47.32 -24.53
N GLU A 379 45.81 -47.71 -24.68
CA GLU A 379 44.69 -46.79 -24.83
C GLU A 379 43.68 -47.12 -23.75
N CYS A 380 43.36 -46.13 -22.93
CA CYS A 380 42.55 -46.35 -21.74
C CYS A 380 41.27 -45.53 -21.82
N HIS A 381 40.32 -45.82 -20.94
CA HIS A 381 38.93 -45.46 -21.15
C HIS A 381 38.30 -44.91 -19.88
N PRO A 382 37.13 -44.30 -19.97
CA PRO A 382 36.27 -44.21 -18.80
C PRO A 382 35.61 -45.56 -18.53
N PRO A 383 35.42 -45.91 -17.26
CA PRO A 383 35.17 -47.32 -16.90
C PRO A 383 33.76 -47.81 -17.19
N LYS A 384 33.55 -49.06 -16.75
CA LYS A 384 32.29 -49.81 -16.80
C LYS A 384 31.25 -49.30 -15.82
N ASP A 385 31.59 -48.35 -14.96
CA ASP A 385 30.65 -47.73 -14.03
C ASP A 385 30.97 -46.23 -13.97
N HIS A 386 30.32 -45.50 -13.06
CA HIS A 386 30.36 -44.03 -13.10
C HIS A 386 30.88 -43.37 -11.83
N ILE A 387 30.48 -43.84 -10.66
CA ILE A 387 30.38 -43.01 -9.46
C ILE A 387 31.58 -43.25 -8.55
N VAL A 388 32.31 -42.17 -8.22
CA VAL A 388 33.42 -42.23 -7.28
C VAL A 388 33.25 -41.10 -6.26
N ASN A 389 33.86 -41.28 -5.08
CA ASN A 389 33.66 -40.36 -3.96
C ASN A 389 34.96 -40.01 -3.24
N TYR A 390 36.11 -40.55 -3.67
CA TYR A 390 37.37 -40.23 -3.00
C TYR A 390 38.51 -40.45 -3.97
N PRO A 391 39.55 -39.59 -3.97
CA PRO A 391 40.46 -39.54 -5.12
C PRO A 391 41.65 -40.46 -5.02
N ALA A 392 42.57 -40.33 -5.98
CA ALA A 392 43.87 -41.01 -5.96
C ALA A 392 44.83 -40.24 -6.86
N SER A 393 46.10 -40.23 -6.47
CA SER A 393 47.08 -39.24 -6.92
C SER A 393 47.57 -39.43 -8.34
N HIS A 394 47.20 -40.52 -9.01
CA HIS A 394 47.51 -40.66 -10.43
C HIS A 394 46.75 -39.65 -11.27
N THR A 395 45.64 -39.14 -10.73
CA THR A 395 44.86 -38.10 -11.37
C THR A 395 45.63 -36.81 -11.59
N THR A 396 46.72 -36.59 -10.86
CA THR A 396 47.51 -35.38 -11.02
C THR A 396 48.22 -35.36 -12.35
N LEU A 397 47.61 -34.73 -13.34
CA LEU A 397 48.15 -34.66 -14.68
C LEU A 397 48.41 -33.22 -15.06
N GLY A 398 49.40 -33.01 -15.93
CA GLY A 398 49.75 -31.70 -16.43
C GLY A 398 48.92 -31.33 -17.64
N VAL A 399 49.47 -30.42 -18.44
CA VAL A 399 48.76 -29.94 -19.63
C VAL A 399 49.41 -30.42 -20.92
N GLN A 400 50.68 -30.82 -20.91
CA GLN A 400 51.32 -31.37 -22.10
C GLN A 400 51.10 -32.88 -22.13
N ASP A 401 49.85 -33.24 -22.38
CA ASP A 401 49.45 -34.63 -22.43
C ASP A 401 49.24 -35.05 -23.89
N ILE A 402 48.95 -36.32 -24.09
CA ILE A 402 49.11 -36.98 -25.37
C ILE A 402 47.78 -37.61 -25.79
N SER A 403 47.38 -37.35 -27.03
CA SER A 403 46.18 -37.92 -27.62
C SER A 403 46.45 -39.33 -28.14
N VAL A 404 45.39 -40.03 -28.51
CA VAL A 404 45.54 -41.33 -29.12
C VAL A 404 45.88 -41.14 -30.60
N THR A 405 45.37 -40.10 -31.21
CA THR A 405 45.57 -39.91 -32.65
C THR A 405 45.76 -38.47 -33.09
N ALA A 406 45.46 -37.47 -32.26
CA ALA A 406 45.52 -36.11 -32.75
C ALA A 406 46.93 -35.60 -32.93
N MET A 407 47.92 -36.32 -32.40
CA MET A 407 49.29 -36.11 -32.82
C MET A 407 49.45 -36.31 -34.33
N SER A 408 48.78 -37.31 -34.88
CA SER A 408 48.77 -37.46 -36.33
C SER A 408 47.98 -36.34 -36.99
N TRP A 409 46.94 -35.84 -36.33
CA TRP A 409 46.14 -34.79 -36.93
C TRP A 409 46.90 -33.48 -36.98
N VAL A 410 47.65 -33.17 -35.93
CA VAL A 410 48.47 -31.98 -35.97
C VAL A 410 49.70 -32.20 -36.83
N GLN A 411 50.10 -33.46 -37.06
CA GLN A 411 51.06 -33.73 -38.12
C GLN A 411 50.49 -33.37 -39.48
N LYS A 412 49.20 -33.65 -39.69
CA LYS A 412 48.56 -33.30 -40.95
C LYS A 412 48.39 -31.80 -41.11
N ILE A 413 48.14 -31.08 -40.03
CA ILE A 413 47.89 -29.64 -40.11
C ILE A 413 49.19 -28.84 -40.16
N THR A 414 50.18 -29.22 -39.33
CA THR A 414 51.51 -28.62 -39.45
C THR A 414 52.13 -28.92 -40.79
N GLY A 415 51.90 -30.11 -41.32
CA GLY A 415 52.22 -30.42 -42.70
C GLY A 415 51.05 -30.12 -43.59
N GLY A 416 50.37 -29.01 -43.34
CA GLY A 416 49.23 -28.62 -44.12
C GLY A 416 49.65 -27.63 -45.18
N VAL A 417 49.35 -26.36 -44.95
CA VAL A 417 49.60 -25.34 -45.95
C VAL A 417 50.91 -24.59 -45.69
N GLY A 418 51.78 -25.14 -44.85
CA GLY A 418 53.12 -24.58 -44.72
C GLY A 418 53.99 -24.87 -45.91
N LEU A 419 53.77 -26.01 -46.55
CA LEU A 419 54.58 -26.38 -47.71
C LEU A 419 54.28 -25.46 -48.89
N VAL A 420 53.01 -25.11 -49.08
CA VAL A 420 52.67 -24.29 -50.24
C VAL A 420 53.15 -22.85 -50.04
N VAL A 421 53.23 -22.37 -48.79
CA VAL A 421 53.78 -21.03 -48.62
C VAL A 421 55.30 -21.06 -48.63
N ALA A 422 55.91 -22.23 -48.36
CA ALA A 422 57.34 -22.36 -48.63
C ALA A 422 57.62 -22.27 -50.12
N VAL A 423 56.75 -22.86 -50.95
CA VAL A 423 56.81 -22.69 -52.39
C VAL A 423 56.61 -21.23 -52.78
N ALA A 424 55.71 -20.54 -52.08
CA ALA A 424 55.48 -19.11 -52.31
C ALA A 424 56.73 -18.29 -52.03
N ALA A 425 57.40 -18.57 -50.91
CA ALA A 425 58.65 -17.88 -50.59
C ALA A 425 59.73 -18.19 -51.62
N LEU A 426 59.76 -19.44 -52.09
CA LEU A 426 60.70 -19.84 -53.13
C LEU A 426 60.51 -19.04 -54.40
N ILE A 427 59.26 -18.84 -54.83
CA ILE A 427 59.09 -18.06 -56.06
C ILE A 427 59.27 -16.57 -55.81
N LEU A 428 59.17 -16.09 -54.56
CA LEU A 428 59.69 -14.75 -54.27
C LEU A 428 61.19 -14.67 -54.54
N ILE A 429 61.94 -15.68 -54.10
CA ILE A 429 63.37 -15.74 -54.38
C ILE A 429 63.63 -15.82 -55.89
N VAL A 430 62.76 -16.51 -56.62
CA VAL A 430 62.85 -16.57 -58.08
C VAL A 430 62.68 -15.19 -58.70
N VAL A 431 61.58 -14.52 -58.38
CA VAL A 431 61.29 -13.24 -59.02
C VAL A 431 62.19 -12.11 -58.53
N LEU A 432 62.98 -12.32 -57.49
CA LEU A 432 64.00 -11.34 -57.15
C LEU A 432 65.17 -11.32 -58.15
N CYS A 433 65.24 -12.31 -59.03
CA CYS A 433 66.33 -12.46 -59.98
C CYS A 433 65.94 -12.05 -61.40
N VAL A 434 65.24 -10.91 -61.54
CA VAL A 434 64.80 -10.47 -62.87
C VAL A 434 65.99 -10.17 -63.78
N SER A 435 67.02 -9.51 -63.27
CA SER A 435 68.34 -9.53 -63.88
C SER A 435 69.35 -9.50 -62.74
N PHE A 436 69.68 -10.69 -62.20
CA PHE A 436 70.68 -10.76 -61.14
C PHE A 436 71.51 -12.05 -61.15
N SER A 437 71.56 -12.79 -62.26
CA SER A 437 72.01 -14.16 -62.14
C SER A 437 73.42 -14.47 -62.68
N ARG A 438 73.67 -14.21 -63.97
CA ARG A 438 74.73 -14.97 -64.62
C ARG A 438 75.91 -14.17 -65.13
N HIS A 439 75.84 -12.84 -65.16
CA HIS A 439 76.92 -11.95 -65.60
C HIS A 439 77.50 -12.26 -66.99
N TYR B 1 -41.61 -37.00 -39.25
CA TYR B 1 -40.37 -37.44 -39.88
C TYR B 1 -39.38 -37.97 -38.88
N GLU B 2 -38.32 -38.58 -39.40
CA GLU B 2 -37.06 -38.61 -38.70
C GLU B 2 -36.35 -37.30 -38.96
N HIS B 3 -35.71 -36.75 -37.93
CA HIS B 3 -34.86 -35.57 -38.07
C HIS B 3 -33.57 -35.83 -37.31
N VAL B 4 -32.47 -35.61 -37.98
CA VAL B 4 -31.16 -35.73 -37.35
C VAL B 4 -30.48 -34.37 -37.42
N THR B 5 -29.88 -33.98 -36.30
CA THR B 5 -29.12 -32.74 -36.23
C THR B 5 -27.96 -32.95 -35.28
N VAL B 6 -27.02 -32.02 -35.28
CA VAL B 6 -25.86 -32.06 -34.40
C VAL B 6 -25.79 -30.72 -33.67
N ILE B 7 -25.89 -30.75 -32.34
CA ILE B 7 -25.81 -29.52 -31.56
C ILE B 7 -24.39 -29.38 -31.03
N PRO B 8 -23.87 -28.17 -30.86
CA PRO B 8 -22.57 -28.01 -30.21
C PRO B 8 -22.64 -28.43 -28.75
N ASN B 9 -21.67 -29.26 -28.34
CA ASN B 9 -21.66 -29.88 -27.02
C ASN B 9 -21.33 -28.79 -26.01
N THR B 10 -22.40 -28.12 -25.56
CA THR B 10 -22.33 -26.88 -24.80
C THR B 10 -23.30 -27.00 -23.65
N VAL B 11 -22.79 -26.97 -22.43
CA VAL B 11 -23.59 -27.30 -21.26
C VAL B 11 -24.44 -26.10 -20.87
N GLY B 12 -25.75 -26.32 -20.77
CA GLY B 12 -26.63 -25.30 -20.24
C GLY B 12 -26.93 -24.18 -21.19
N VAL B 13 -27.51 -24.52 -22.34
CA VAL B 13 -27.99 -23.53 -23.29
C VAL B 13 -29.17 -24.14 -24.06
N PRO B 14 -30.29 -23.45 -24.16
CA PRO B 14 -31.44 -24.03 -24.87
C PRO B 14 -31.25 -24.03 -26.38
N TYR B 15 -31.27 -25.23 -26.97
CA TYR B 15 -31.14 -25.33 -28.42
C TYR B 15 -32.50 -25.46 -29.07
N LYS B 16 -32.87 -24.48 -29.86
CA LYS B 16 -34.11 -24.50 -30.61
C LYS B 16 -33.79 -24.95 -32.03
N THR B 17 -34.68 -25.74 -32.63
CA THR B 17 -34.44 -26.22 -33.98
C THR B 17 -35.77 -26.38 -34.71
N LEU B 18 -35.69 -26.28 -36.02
CA LEU B 18 -36.82 -26.52 -36.89
C LEU B 18 -36.74 -27.95 -37.39
N VAL B 19 -37.89 -28.62 -37.45
CA VAL B 19 -38.03 -29.90 -38.11
C VAL B 19 -38.99 -29.67 -39.26
N ASN B 20 -38.45 -29.55 -40.46
CA ASN B 20 -39.29 -29.32 -41.63
C ASN B 20 -40.05 -30.58 -41.99
N ARG B 21 -41.37 -30.50 -41.89
CA ARG B 21 -42.23 -31.44 -42.59
C ARG B 21 -43.04 -30.64 -43.61
N PRO B 22 -42.67 -30.67 -44.89
CA PRO B 22 -43.43 -29.94 -45.91
C PRO B 22 -44.83 -30.53 -46.07
N GLY B 23 -45.77 -29.65 -46.39
CA GLY B 23 -47.17 -30.00 -46.32
C GLY B 23 -47.72 -30.04 -44.91
N TYR B 24 -46.94 -29.62 -43.92
CA TYR B 24 -47.32 -29.64 -42.53
C TYR B 24 -46.73 -28.42 -41.86
N SER B 25 -47.26 -28.07 -40.69
CA SER B 25 -46.60 -27.09 -39.86
C SER B 25 -45.27 -27.67 -39.40
N PRO B 26 -44.16 -27.00 -39.66
CA PRO B 26 -42.85 -27.56 -39.30
C PRO B 26 -42.66 -27.57 -37.79
N MET B 27 -42.34 -28.75 -37.28
CA MET B 27 -42.24 -28.98 -35.84
C MET B 27 -40.98 -28.28 -35.35
N VAL B 28 -41.15 -27.05 -34.91
CA VAL B 28 -40.07 -26.39 -34.20
C VAL B 28 -40.07 -26.94 -32.78
N LEU B 29 -38.89 -27.36 -32.32
CA LEU B 29 -38.78 -27.98 -31.01
C LEU B 29 -37.53 -27.51 -30.30
N GLU B 30 -37.63 -27.47 -28.98
CA GLU B 30 -36.57 -26.98 -28.12
C GLU B 30 -36.05 -28.12 -27.27
N MET B 31 -34.73 -28.30 -27.28
CA MET B 31 -34.11 -29.29 -26.42
C MET B 31 -32.76 -28.75 -25.98
N GLU B 32 -32.34 -29.19 -24.80
CA GLU B 32 -31.16 -28.63 -24.17
C GLU B 32 -30.50 -29.71 -23.34
N LEU B 33 -29.21 -29.89 -23.53
CA LEU B 33 -28.48 -30.87 -22.75
C LEU B 33 -28.22 -30.34 -21.35
N LEU B 34 -28.10 -31.26 -20.40
CA LEU B 34 -27.96 -30.93 -18.99
C LEU B 34 -26.65 -31.45 -18.42
N SER B 35 -26.31 -32.70 -18.71
CA SER B 35 -25.09 -33.30 -18.18
C SER B 35 -24.19 -33.75 -19.32
N VAL B 36 -22.89 -33.62 -19.11
CA VAL B 36 -21.88 -34.25 -19.95
C VAL B 36 -21.00 -35.05 -18.99
N THR B 37 -21.22 -36.35 -18.91
CA THR B 37 -20.63 -37.20 -17.89
C THR B 37 -19.82 -38.32 -18.54
N LEU B 38 -18.51 -38.23 -18.42
CA LEU B 38 -17.62 -39.22 -18.98
C LEU B 38 -17.13 -40.13 -17.86
N GLU B 39 -16.83 -41.37 -18.19
CA GLU B 39 -16.30 -42.33 -17.23
C GLU B 39 -15.21 -43.15 -17.89
N PRO B 40 -13.95 -42.94 -17.53
CA PRO B 40 -12.85 -43.65 -18.20
C PRO B 40 -12.83 -45.13 -17.86
N THR B 41 -11.99 -45.85 -18.58
CA THR B 41 -12.00 -47.30 -18.56
C THR B 41 -11.43 -47.81 -17.24
N LEU B 42 -12.08 -48.84 -16.68
CA LEU B 42 -11.81 -49.28 -15.32
C LEU B 42 -10.64 -50.24 -15.31
N SER B 43 -9.48 -49.77 -14.81
CA SER B 43 -8.29 -50.61 -14.76
C SER B 43 -7.38 -50.14 -13.61
N LEU B 44 -7.55 -50.78 -12.45
CA LEU B 44 -6.70 -50.54 -11.30
C LEU B 44 -5.30 -51.10 -11.53
N ASP B 45 -4.28 -50.32 -11.20
CA ASP B 45 -2.91 -50.81 -11.31
C ASP B 45 -2.37 -51.33 -9.99
N TYR B 46 -2.22 -50.46 -8.99
CA TYR B 46 -1.67 -50.93 -7.71
C TYR B 46 -2.14 -50.01 -6.61
N ILE B 47 -1.73 -50.32 -5.39
CA ILE B 47 -2.16 -49.59 -4.22
C ILE B 47 -0.93 -49.04 -3.50
N THR B 48 -1.16 -47.96 -2.74
CA THR B 48 -0.16 -47.42 -1.83
C THR B 48 -0.86 -47.13 -0.51
N CYS B 49 -0.54 -47.91 0.51
CA CYS B 49 -1.12 -47.71 1.84
C CYS B 49 0.00 -47.48 2.84
N GLU B 50 -0.36 -46.92 3.99
CA GLU B 50 0.62 -46.51 4.98
C GLU B 50 1.23 -47.75 5.64
N TYR B 51 2.54 -47.91 5.46
CA TYR B 51 3.29 -49.01 6.05
C TYR B 51 3.51 -48.75 7.53
N LYS B 52 4.11 -49.73 8.19
CA LYS B 52 4.72 -49.51 9.49
C LYS B 52 5.98 -50.34 9.58
N THR B 53 6.99 -49.80 10.26
CA THR B 53 8.17 -50.58 10.59
C THR B 53 7.82 -51.62 11.65
N VAL B 54 8.13 -52.87 11.36
CA VAL B 54 8.00 -53.95 12.34
C VAL B 54 9.42 -54.26 12.80
N ILE B 55 9.70 -53.84 14.03
CA ILE B 55 10.89 -54.29 14.75
C ILE B 55 10.45 -55.42 15.67
N PRO B 56 10.77 -56.67 15.36
CA PRO B 56 10.53 -57.76 16.30
C PRO B 56 11.41 -57.61 17.51
N SER B 57 11.04 -58.31 18.58
CA SER B 57 11.78 -58.23 19.83
C SER B 57 13.17 -58.84 19.64
N PRO B 58 14.25 -58.07 19.79
CA PRO B 58 15.57 -58.55 19.37
C PRO B 58 16.17 -59.62 20.27
N TYR B 59 17.41 -59.99 19.98
CA TYR B 59 18.03 -61.15 20.62
C TYR B 59 19.33 -60.72 21.29
N VAL B 60 19.27 -60.53 22.60
CA VAL B 60 20.48 -60.23 23.37
C VAL B 60 21.28 -61.52 23.55
N LYS B 61 22.35 -61.65 22.77
CA LYS B 61 23.16 -62.86 22.82
C LYS B 61 24.15 -62.72 23.96
N CYS B 62 23.67 -63.03 25.17
CA CYS B 62 24.51 -62.98 26.36
C CYS B 62 25.60 -64.03 26.28
N CYS B 63 26.82 -63.64 26.70
CA CYS B 63 28.03 -64.47 26.80
C CYS B 63 28.26 -65.34 25.55
N GLY B 64 28.11 -64.74 24.38
CA GLY B 64 28.34 -65.46 23.15
C GLY B 64 28.13 -64.56 21.95
N THR B 65 28.34 -65.14 20.77
CA THR B 65 28.15 -64.44 19.51
C THR B 65 27.53 -65.39 18.51
N ALA B 66 26.50 -64.93 17.79
CA ALA B 66 25.78 -65.74 16.82
C ALA B 66 25.90 -65.09 15.43
N GLU B 67 25.18 -65.66 14.47
CA GLU B 67 25.21 -65.26 13.08
C GLU B 67 24.00 -64.41 12.72
N CYS B 68 23.89 -64.09 11.43
CA CYS B 68 22.84 -63.20 10.92
C CYS B 68 22.02 -63.94 9.87
N LYS B 69 20.90 -64.51 10.31
CA LYS B 69 20.01 -65.25 9.42
C LYS B 69 19.08 -64.26 8.71
N ASP B 70 18.95 -64.40 7.40
CA ASP B 70 18.18 -63.45 6.60
C ASP B 70 16.84 -64.08 6.22
N LYS B 71 15.75 -63.40 6.60
CA LYS B 71 14.41 -63.77 6.16
C LYS B 71 13.99 -62.92 4.98
N SER B 72 13.03 -63.43 4.22
CA SER B 72 12.55 -62.75 3.00
C SER B 72 11.54 -61.69 3.39
N LEU B 73 12.05 -60.61 3.97
CA LEU B 73 11.22 -59.50 4.38
C LEU B 73 11.59 -58.24 3.60
N PRO B 74 10.62 -57.38 3.28
CA PRO B 74 10.93 -56.13 2.58
C PRO B 74 11.73 -55.20 3.48
N ASP B 75 12.84 -54.68 2.92
CA ASP B 75 13.83 -53.85 3.62
C ASP B 75 14.35 -54.54 4.87
N TYR B 76 14.82 -55.77 4.68
CA TYR B 76 15.34 -56.57 5.79
C TYR B 76 16.60 -55.95 6.35
N SER B 77 16.74 -56.00 7.67
CA SER B 77 17.95 -55.50 8.29
C SER B 77 18.25 -56.34 9.52
N CYS B 78 19.49 -56.80 9.63
CA CYS B 78 19.93 -57.56 10.79
C CYS B 78 21.42 -57.34 11.00
N LYS B 79 21.83 -57.41 12.27
CA LYS B 79 23.20 -57.12 12.67
C LYS B 79 23.44 -57.66 14.07
N VAL B 80 24.54 -58.40 14.25
CA VAL B 80 24.98 -58.80 15.57
C VAL B 80 25.91 -57.69 16.06
N PHE B 81 25.44 -56.90 17.00
CA PHE B 81 26.25 -55.88 17.64
C PHE B 81 26.99 -56.51 18.81
N THR B 82 28.31 -56.41 18.81
CA THR B 82 29.09 -56.86 19.93
C THR B 82 29.18 -55.76 20.98
N GLY B 83 29.90 -56.04 22.07
CA GLY B 83 30.19 -55.04 23.09
C GLY B 83 29.01 -54.50 23.84
N VAL B 84 27.87 -55.19 23.80
CA VAL B 84 26.67 -54.66 24.44
C VAL B 84 26.70 -54.97 25.93
N TYR B 85 25.85 -54.26 26.66
CA TYR B 85 25.79 -54.40 28.12
C TYR B 85 24.39 -54.03 28.57
N PRO B 86 23.61 -54.99 29.06
CA PRO B 86 22.21 -54.71 29.36
C PRO B 86 22.00 -54.05 30.72
N PHE B 87 20.92 -53.27 30.79
CA PHE B 87 20.54 -52.54 31.99
C PHE B 87 19.10 -52.88 32.40
N MET B 88 18.90 -53.00 33.70
CA MET B 88 17.58 -53.04 34.32
C MET B 88 17.75 -52.41 35.70
N TRP B 89 16.81 -52.68 36.61
CA TRP B 89 16.99 -52.34 38.01
C TRP B 89 18.25 -52.99 38.58
N GLY B 90 18.47 -54.26 38.25
CA GLY B 90 19.65 -54.97 38.68
C GLY B 90 20.88 -54.73 37.81
N GLY B 91 20.81 -53.79 36.87
CA GLY B 91 21.93 -53.53 36.00
C GLY B 91 22.11 -54.65 35.00
N ALA B 92 23.19 -55.42 35.15
CA ALA B 92 23.62 -56.39 34.15
C ALA B 92 22.61 -57.54 34.08
N TYR B 93 21.82 -57.57 33.00
CA TYR B 93 20.92 -58.69 32.79
C TYR B 93 21.71 -59.94 32.43
N CYS B 94 22.70 -59.81 31.56
CA CYS B 94 23.66 -60.89 31.35
C CYS B 94 24.59 -60.94 32.57
N PHE B 95 25.33 -62.03 32.73
CA PHE B 95 26.22 -62.15 33.88
C PHE B 95 27.46 -61.27 33.74
N CYS B 96 28.15 -61.34 32.61
CA CYS B 96 29.36 -60.57 32.39
C CYS B 96 29.04 -59.29 31.62
N ASP B 97 30.08 -58.61 31.17
CA ASP B 97 29.95 -57.39 30.36
C ASP B 97 30.55 -57.52 28.97
N THR B 98 31.70 -58.18 28.84
CA THR B 98 32.45 -58.15 27.58
C THR B 98 31.84 -59.05 26.52
N GLU B 99 31.61 -60.32 26.86
CA GLU B 99 31.20 -61.33 25.90
C GLU B 99 29.74 -61.16 25.45
N ASN B 100 28.99 -60.26 26.08
CA ASN B 100 27.60 -60.04 25.71
C ASN B 100 27.51 -59.37 24.35
N THR B 101 26.91 -60.06 23.40
CA THR B 101 26.55 -59.48 22.12
C THR B 101 25.03 -59.41 22.04
N GLN B 102 24.53 -58.94 20.91
CA GLN B 102 23.08 -58.72 20.78
C GLN B 102 22.72 -58.74 19.30
N LEU B 103 21.78 -59.59 18.92
CA LEU B 103 21.25 -59.58 17.58
C LEU B 103 20.16 -58.53 17.48
N SER B 104 20.15 -57.78 16.37
CA SER B 104 19.15 -56.77 16.10
C SER B 104 18.59 -57.02 14.71
N GLU B 105 17.28 -57.21 14.60
CA GLU B 105 16.61 -57.41 13.33
C GLU B 105 15.35 -56.57 13.27
N ALA B 106 15.10 -56.00 12.09
CA ALA B 106 13.87 -55.26 11.86
C ALA B 106 13.61 -55.22 10.36
N HIS B 107 12.36 -54.87 10.01
CA HIS B 107 11.92 -54.75 8.63
C HIS B 107 10.68 -53.86 8.61
N VAL B 108 9.98 -53.86 7.48
CA VAL B 108 8.75 -53.07 7.35
C VAL B 108 7.65 -53.95 6.78
N GLU B 109 6.42 -53.72 7.23
CA GLU B 109 5.24 -54.41 6.71
C GLU B 109 4.12 -53.39 6.54
N LYS B 110 2.92 -53.89 6.25
CA LYS B 110 1.73 -53.07 6.15
C LYS B 110 1.21 -52.72 7.53
N SER B 111 0.22 -51.83 7.55
CA SER B 111 -0.49 -51.48 8.79
C SER B 111 -1.96 -51.84 8.66
N GLU B 112 -2.69 -51.62 9.74
CA GLU B 112 -4.14 -51.69 9.75
C GLU B 112 -4.76 -50.46 9.11
N SER B 113 -3.95 -49.44 8.83
CA SER B 113 -4.41 -48.28 8.07
C SER B 113 -4.84 -48.65 6.66
N CYS B 114 -4.30 -49.74 6.11
CA CYS B 114 -4.51 -50.07 4.71
C CYS B 114 -5.92 -50.57 4.43
N LYS B 115 -6.76 -50.76 5.44
CA LYS B 115 -8.14 -51.14 5.17
C LYS B 115 -8.94 -49.96 4.67
N THR B 116 -8.58 -48.75 5.09
CA THR B 116 -9.22 -47.54 4.58
C THR B 116 -8.25 -46.54 3.99
N GLU B 117 -7.06 -46.40 4.55
CA GLU B 117 -6.11 -45.38 4.10
C GLU B 117 -5.15 -46.01 3.10
N PHE B 118 -5.32 -45.65 1.83
CA PHE B 118 -4.53 -46.13 0.72
C PHE B 118 -4.76 -45.18 -0.46
N ALA B 119 -4.18 -45.50 -1.61
CA ALA B 119 -4.38 -44.70 -2.82
C ALA B 119 -4.10 -45.57 -4.01
N SER B 120 -5.00 -45.56 -4.98
CA SER B 120 -4.91 -46.42 -6.15
C SER B 120 -4.13 -45.71 -7.24
N ALA B 121 -2.95 -46.22 -7.54
CA ALA B 121 -2.35 -45.97 -8.83
C ALA B 121 -3.18 -46.71 -9.87
N TYR B 122 -3.52 -46.03 -10.96
CA TYR B 122 -4.62 -46.48 -11.78
C TYR B 122 -4.37 -46.07 -13.22
N ARG B 123 -4.80 -46.94 -14.13
CA ARG B 123 -4.68 -46.74 -15.56
C ARG B 123 -6.03 -46.32 -16.12
N ALA B 124 -6.05 -45.20 -16.81
CA ALA B 124 -7.29 -44.65 -17.34
C ALA B 124 -7.15 -44.45 -18.85
N HIS B 125 -8.08 -45.01 -19.59
CA HIS B 125 -8.20 -44.74 -21.02
C HIS B 125 -9.67 -44.67 -21.34
N THR B 126 -10.01 -44.77 -22.64
CA THR B 126 -11.18 -44.15 -23.29
C THR B 126 -12.49 -44.31 -22.53
N ALA B 127 -13.26 -43.23 -22.52
CA ALA B 127 -14.36 -43.06 -21.58
C ALA B 127 -15.71 -43.40 -22.20
N SER B 128 -16.74 -43.33 -21.37
CA SER B 128 -18.11 -43.60 -21.75
C SER B 128 -18.84 -42.28 -21.86
N ALA B 129 -19.22 -41.90 -23.08
CA ALA B 129 -19.89 -40.63 -23.33
C ALA B 129 -21.33 -40.73 -22.84
N SER B 130 -21.54 -40.55 -21.54
CA SER B 130 -22.88 -40.54 -20.98
C SER B 130 -23.32 -39.11 -20.75
N ALA B 131 -24.64 -38.90 -20.80
CA ALA B 131 -25.18 -37.54 -20.84
C ALA B 131 -26.65 -37.56 -20.47
N LYS B 132 -27.22 -36.37 -20.44
CA LYS B 132 -28.60 -36.13 -20.09
C LYS B 132 -29.11 -34.97 -20.92
N LEU B 133 -30.33 -35.08 -21.43
CA LEU B 133 -30.90 -33.97 -22.18
C LEU B 133 -32.38 -33.86 -21.88
N ARG B 134 -32.85 -32.62 -21.79
CA ARG B 134 -34.25 -32.29 -21.55
C ARG B 134 -34.81 -31.63 -22.78
N VAL B 135 -35.83 -32.23 -23.36
CA VAL B 135 -36.55 -31.63 -24.48
C VAL B 135 -37.90 -31.12 -24.00
N LEU B 136 -38.18 -29.85 -24.27
CA LEU B 136 -39.50 -29.30 -24.02
C LEU B 136 -40.31 -29.51 -25.30
N TYR B 137 -40.74 -30.75 -25.48
CA TYR B 137 -41.54 -31.11 -26.64
C TYR B 137 -42.98 -30.75 -26.33
N GLN B 138 -43.46 -29.66 -26.95
CA GLN B 138 -44.87 -29.27 -26.99
C GLN B 138 -45.45 -29.04 -25.58
N GLY B 139 -44.75 -28.23 -24.80
CA GLY B 139 -45.14 -28.02 -23.42
C GLY B 139 -44.89 -29.20 -22.52
N ASN B 140 -44.08 -30.15 -22.95
CA ASN B 140 -43.80 -31.36 -22.20
C ASN B 140 -42.29 -31.45 -21.98
N ASN B 141 -41.87 -31.16 -20.76
CA ASN B 141 -40.47 -31.28 -20.37
C ASN B 141 -40.17 -32.75 -20.12
N VAL B 142 -39.55 -33.42 -21.08
CA VAL B 142 -39.13 -34.80 -20.91
C VAL B 142 -37.61 -34.84 -20.85
N THR B 143 -37.07 -35.37 -19.76
CA THR B 143 -35.64 -35.38 -19.53
C THR B 143 -35.18 -36.83 -19.52
N VAL B 144 -34.16 -37.13 -20.31
CA VAL B 144 -33.65 -38.48 -20.44
C VAL B 144 -32.15 -38.48 -20.14
N SER B 145 -31.63 -39.66 -19.82
CA SER B 145 -30.23 -39.83 -19.46
C SER B 145 -29.74 -41.15 -20.03
N ALA B 146 -28.73 -41.10 -20.88
CA ALA B 146 -28.20 -42.30 -21.51
C ALA B 146 -26.79 -42.04 -22.01
N TYR B 147 -26.15 -43.08 -22.51
CA TYR B 147 -24.80 -42.95 -23.03
C TYR B 147 -24.84 -42.72 -24.54
N ALA B 148 -24.00 -41.80 -25.01
CA ALA B 148 -23.96 -41.42 -26.41
C ALA B 148 -23.01 -42.34 -27.15
N ASN B 149 -23.57 -43.32 -27.86
CA ASN B 149 -22.76 -44.31 -28.53
C ASN B 149 -23.07 -44.46 -30.02
N GLY B 150 -24.33 -44.38 -30.43
CA GLY B 150 -24.70 -44.58 -31.82
C GLY B 150 -25.74 -45.66 -32.05
N ASP B 151 -25.75 -46.72 -31.25
CA ASP B 151 -26.73 -47.79 -31.42
C ASP B 151 -27.83 -47.77 -30.38
N HIS B 152 -27.54 -47.39 -29.14
CA HIS B 152 -28.53 -47.50 -28.07
C HIS B 152 -29.48 -46.30 -28.11
N ALA B 153 -30.36 -46.30 -29.09
CA ALA B 153 -31.47 -45.37 -29.12
C ALA B 153 -32.48 -45.83 -28.09
N VAL B 154 -32.98 -44.90 -27.28
CA VAL B 154 -34.03 -45.17 -26.31
C VAL B 154 -35.28 -44.43 -26.78
N THR B 155 -36.45 -45.01 -26.51
CA THR B 155 -37.71 -44.48 -27.00
C THR B 155 -38.68 -44.31 -25.85
N VAL B 156 -39.25 -43.12 -25.75
CA VAL B 156 -40.35 -42.83 -24.84
C VAL B 156 -41.32 -41.88 -25.54
N LYS B 157 -42.62 -42.15 -25.38
CA LYS B 157 -43.79 -41.34 -25.78
C LYS B 157 -43.67 -40.74 -27.18
N ASP B 158 -43.66 -41.63 -28.19
CA ASP B 158 -43.58 -41.36 -29.63
C ASP B 158 -42.22 -40.84 -30.05
N ALA B 159 -41.24 -40.83 -29.16
CA ALA B 159 -39.94 -40.21 -29.43
C ALA B 159 -38.84 -41.23 -29.20
N LYS B 160 -38.25 -41.72 -30.29
CA LYS B 160 -36.99 -42.44 -30.23
C LYS B 160 -35.85 -41.45 -30.35
N PHE B 161 -34.69 -41.82 -29.81
CA PHE B 161 -33.56 -40.89 -29.78
C PHE B 161 -32.27 -41.66 -29.54
N ILE B 162 -31.25 -41.30 -30.29
CA ILE B 162 -29.88 -41.68 -29.96
C ILE B 162 -29.01 -40.44 -29.97
N VAL B 163 -28.49 -40.10 -28.79
CA VAL B 163 -27.60 -38.96 -28.65
C VAL B 163 -26.20 -39.36 -29.11
N GLY B 164 -25.48 -38.42 -29.70
CA GLY B 164 -24.08 -38.59 -29.93
C GLY B 164 -23.79 -39.44 -31.15
N PRO B 165 -22.66 -40.17 -31.13
CA PRO B 165 -21.66 -40.15 -30.06
C PRO B 165 -20.73 -38.94 -30.16
N MET B 166 -19.84 -38.80 -29.19
CA MET B 166 -19.05 -37.58 -29.07
C MET B 166 -17.99 -37.52 -30.15
N SER B 167 -17.97 -36.40 -30.88
CA SER B 167 -16.94 -36.17 -31.88
C SER B 167 -15.60 -35.88 -31.22
N SER B 168 -15.53 -34.79 -30.46
CA SER B 168 -14.27 -34.34 -29.85
C SER B 168 -13.98 -35.24 -28.66
N ALA B 169 -13.15 -36.26 -28.87
CA ALA B 169 -12.93 -37.29 -27.87
C ALA B 169 -11.88 -36.91 -26.84
N TRP B 170 -11.68 -35.60 -26.60
CA TRP B 170 -10.78 -35.15 -25.56
C TRP B 170 -11.24 -35.61 -24.19
N THR B 171 -10.29 -36.01 -23.36
CA THR B 171 -10.50 -36.34 -21.98
C THR B 171 -9.56 -35.53 -21.11
N PRO B 172 -9.98 -35.21 -19.88
CA PRO B 172 -9.02 -34.65 -18.92
C PRO B 172 -8.02 -35.67 -18.44
N PHE B 173 -8.34 -36.95 -18.54
CA PHE B 173 -7.52 -37.97 -17.94
C PHE B 173 -6.42 -38.41 -18.89
N ASP B 174 -5.36 -38.93 -18.32
CA ASP B 174 -4.30 -39.61 -19.04
C ASP B 174 -4.25 -41.04 -18.51
N ASN B 175 -3.21 -41.77 -18.90
CA ASN B 175 -3.03 -43.12 -18.41
C ASN B 175 -2.73 -43.13 -16.90
N LYS B 176 -1.66 -42.46 -16.48
CA LYS B 176 -1.23 -42.50 -15.09
C LYS B 176 -2.13 -41.59 -14.26
N ILE B 177 -2.86 -42.17 -13.31
CA ILE B 177 -3.61 -41.35 -12.39
C ILE B 177 -3.75 -42.01 -11.03
N VAL B 178 -3.40 -41.28 -9.98
CA VAL B 178 -3.48 -41.76 -8.62
C VAL B 178 -4.74 -41.18 -7.98
N VAL B 179 -5.44 -42.01 -7.19
CA VAL B 179 -6.69 -41.57 -6.60
C VAL B 179 -6.69 -41.93 -5.12
N TYR B 180 -7.07 -40.94 -4.31
CA TYR B 180 -7.44 -41.14 -2.91
C TYR B 180 -8.92 -40.77 -2.79
N LYS B 181 -9.54 -41.15 -1.67
CA LYS B 181 -10.99 -41.26 -1.54
C LYS B 181 -11.75 -39.94 -1.74
N GLY B 182 -11.07 -38.80 -1.73
CA GLY B 182 -11.77 -37.57 -2.01
C GLY B 182 -11.14 -36.78 -3.13
N ASP B 183 -10.10 -37.30 -3.74
CA ASP B 183 -9.29 -36.49 -4.65
C ASP B 183 -8.55 -37.34 -5.65
N VAL B 184 -8.60 -36.92 -6.91
CA VAL B 184 -7.94 -37.62 -8.00
C VAL B 184 -6.82 -36.74 -8.50
N TYR B 185 -5.78 -37.36 -9.05
CA TYR B 185 -4.58 -36.64 -9.46
C TYR B 185 -3.98 -37.34 -10.68
N ASN B 186 -4.06 -36.67 -11.83
CA ASN B 186 -3.61 -37.20 -13.12
C ASN B 186 -2.08 -37.03 -13.22
N MET B 187 -1.39 -37.74 -12.35
CA MET B 187 0.04 -37.59 -12.19
C MET B 187 0.73 -38.92 -12.49
N ASP B 188 2.00 -38.83 -12.88
CA ASP B 188 2.80 -40.03 -13.06
C ASP B 188 3.24 -40.56 -11.70
N TYR B 189 2.98 -41.83 -11.47
CA TYR B 189 3.56 -42.53 -10.36
C TYR B 189 4.70 -43.38 -10.88
N PRO B 190 5.62 -43.80 -10.02
CA PRO B 190 6.51 -44.89 -10.39
C PRO B 190 5.70 -46.16 -10.52
N PRO B 191 6.08 -47.06 -11.43
CA PRO B 191 5.35 -48.32 -11.58
C PRO B 191 5.56 -49.23 -10.37
N PHE B 192 4.77 -50.30 -10.36
CA PHE B 192 4.80 -51.25 -9.26
C PHE B 192 6.13 -51.97 -9.24
N GLY B 193 6.75 -51.98 -8.06
CA GLY B 193 8.09 -52.51 -7.95
C GLY B 193 9.18 -51.55 -8.32
N ALA B 194 8.90 -50.26 -8.42
CA ALA B 194 9.90 -49.31 -8.91
C ALA B 194 10.00 -48.08 -8.02
N GLY B 195 9.50 -48.19 -6.79
CA GLY B 195 9.54 -47.06 -5.89
C GLY B 195 10.90 -46.80 -5.30
N ARG B 196 11.43 -45.60 -5.56
CA ARG B 196 12.70 -45.20 -4.96
C ARG B 196 12.50 -44.98 -3.46
N PRO B 197 13.51 -45.29 -2.66
CA PRO B 197 13.33 -45.23 -1.20
C PRO B 197 13.19 -43.81 -0.69
N GLY B 198 12.03 -43.54 -0.10
CA GLY B 198 11.69 -42.22 0.36
C GLY B 198 10.86 -41.41 -0.61
N GLN B 199 10.17 -42.06 -1.54
CA GLN B 199 9.50 -41.30 -2.58
C GLN B 199 7.99 -41.40 -2.47
N PHE B 200 7.32 -40.73 -3.39
CA PHE B 200 5.88 -40.81 -3.55
C PHE B 200 5.47 -42.22 -3.93
N GLY B 201 4.82 -42.90 -2.99
CA GLY B 201 4.45 -44.28 -3.23
C GLY B 201 5.59 -45.25 -3.15
N ASP B 202 6.55 -45.01 -2.24
CA ASP B 202 7.73 -45.86 -2.14
C ASP B 202 7.38 -47.24 -1.58
N ILE B 203 6.32 -47.34 -0.80
CA ILE B 203 5.75 -48.64 -0.46
C ILE B 203 4.72 -48.99 -1.53
N GLN B 204 4.80 -50.20 -2.07
CA GLN B 204 3.94 -50.57 -3.18
C GLN B 204 3.33 -51.95 -2.95
N SER B 205 2.04 -52.04 -3.23
CA SER B 205 1.31 -53.30 -3.20
C SER B 205 0.22 -53.20 -4.24
N ARG B 206 -0.38 -54.34 -4.59
CA ARG B 206 -1.38 -54.30 -5.64
C ARG B 206 -2.73 -53.87 -5.10
N THR B 207 -3.27 -54.64 -4.19
CA THR B 207 -4.53 -54.36 -3.54
C THR B 207 -4.31 -54.08 -2.06
N PRO B 208 -5.31 -53.53 -1.37
CA PRO B 208 -5.24 -53.51 0.10
C PRO B 208 -5.26 -54.88 0.77
N GLU B 209 -5.51 -55.96 0.04
CA GLU B 209 -5.45 -57.30 0.59
C GLU B 209 -4.37 -58.15 -0.09
N SER B 210 -3.52 -57.56 -0.92
CA SER B 210 -2.36 -58.28 -1.42
C SER B 210 -1.34 -58.45 -0.30
N GLU B 211 -0.80 -59.66 -0.18
CA GLU B 211 0.25 -59.92 0.79
C GLU B 211 1.62 -59.49 0.30
N ASP B 212 1.77 -59.19 -0.99
CA ASP B 212 3.01 -58.67 -1.52
C ASP B 212 3.12 -57.21 -1.11
N VAL B 213 4.30 -56.83 -0.64
CA VAL B 213 4.57 -55.47 -0.21
C VAL B 213 5.94 -55.07 -0.74
N TYR B 214 5.96 -54.40 -1.89
CA TYR B 214 7.20 -53.82 -2.36
C TYR B 214 7.50 -52.57 -1.56
N ALA B 215 8.65 -52.57 -0.88
CA ALA B 215 8.96 -51.47 0.03
C ALA B 215 10.37 -51.01 -0.22
N ASN B 216 10.61 -49.74 0.13
CA ASN B 216 11.92 -49.12 -0.03
C ASN B 216 12.05 -48.01 1.01
N THR B 217 12.84 -48.26 2.05
CA THR B 217 12.97 -47.34 3.17
C THR B 217 14.42 -47.03 3.51
N GLN B 218 15.38 -47.59 2.77
CA GLN B 218 16.83 -47.31 2.85
C GLN B 218 17.41 -47.51 4.27
N LEU B 219 16.73 -48.33 5.06
CA LEU B 219 16.98 -48.41 6.50
C LEU B 219 18.31 -49.06 6.83
N VAL B 220 18.91 -48.63 7.94
CA VAL B 220 20.17 -49.17 8.41
C VAL B 220 20.20 -49.04 9.93
N LEU B 221 20.67 -50.08 10.61
CA LEU B 221 20.63 -50.14 12.06
C LEU B 221 21.98 -49.67 12.61
N GLN B 222 21.95 -48.58 13.37
CA GLN B 222 23.18 -48.04 13.95
C GLN B 222 23.46 -48.70 15.30
N ARG B 223 24.63 -48.43 15.82
CA ARG B 223 25.05 -49.11 17.03
C ARG B 223 24.51 -48.38 18.26
N PRO B 224 23.89 -49.10 19.19
CA PRO B 224 23.56 -48.49 20.48
C PRO B 224 24.82 -48.14 21.26
N SER B 225 24.71 -47.14 22.13
CA SER B 225 25.91 -46.60 22.77
C SER B 225 26.38 -47.51 23.91
N ALA B 226 25.60 -47.57 24.99
CA ALA B 226 25.91 -48.40 26.15
C ALA B 226 24.66 -48.44 27.01
N GLY B 227 24.19 -49.65 27.31
CA GLY B 227 23.05 -49.80 28.20
C GLY B 227 21.72 -49.37 27.65
N THR B 228 21.66 -48.90 26.41
CA THR B 228 20.42 -48.47 25.79
C THR B 228 19.83 -49.72 25.15
N VAL B 229 19.02 -50.45 25.91
CA VAL B 229 18.66 -51.81 25.56
C VAL B 229 17.43 -51.71 24.68
N HIS B 230 17.67 -51.44 23.40
CA HIS B 230 16.64 -51.17 22.41
C HIS B 230 17.31 -51.23 21.04
N VAL B 231 16.56 -50.86 20.00
CA VAL B 231 17.09 -50.85 18.64
C VAL B 231 17.12 -49.42 18.12
N PRO B 232 18.22 -48.69 18.30
CA PRO B 232 18.37 -47.41 17.59
C PRO B 232 18.65 -47.68 16.13
N TYR B 233 17.93 -46.98 15.26
CA TYR B 233 18.03 -47.26 13.84
C TYR B 233 17.73 -45.99 13.06
N SER B 234 17.82 -46.09 11.74
CA SER B 234 17.74 -44.93 10.87
C SER B 234 16.28 -44.51 10.69
N GLN B 235 16.03 -43.66 9.71
CA GLN B 235 14.68 -43.20 9.47
C GLN B 235 14.11 -43.85 8.21
N ALA B 236 12.88 -44.33 8.34
CA ALA B 236 12.10 -44.86 7.22
C ALA B 236 11.06 -43.83 6.85
N PRO B 237 11.28 -43.03 5.80
CA PRO B 237 10.33 -41.96 5.48
C PRO B 237 9.07 -42.50 4.82
N SER B 238 7.92 -42.11 5.34
CA SER B 238 6.64 -42.41 4.73
C SER B 238 6.32 -41.37 3.68
N GLY B 239 5.86 -41.83 2.52
CA GLY B 239 5.35 -40.89 1.54
C GLY B 239 4.05 -40.25 1.96
N PHE B 240 3.33 -40.88 2.88
CA PHE B 240 1.99 -40.43 3.22
C PHE B 240 2.00 -39.26 4.18
N LYS B 241 3.09 -39.07 4.91
CA LYS B 241 3.21 -37.84 5.69
C LYS B 241 3.42 -36.63 4.80
N TYR B 242 3.81 -36.83 3.54
CA TYR B 242 3.75 -35.78 2.55
C TYR B 242 2.86 -36.18 1.38
N TRP B 243 1.87 -37.03 1.63
CA TRP B 243 0.88 -37.30 0.60
C TRP B 243 -0.10 -36.17 0.43
N LEU B 244 -0.08 -35.19 1.32
CA LEU B 244 -0.98 -34.05 1.27
C LEU B 244 -0.35 -32.82 0.65
N LYS B 245 0.95 -32.59 0.85
CA LYS B 245 1.51 -31.27 0.61
C LYS B 245 1.75 -31.03 -0.88
N GLU B 246 2.09 -32.07 -1.61
CA GLU B 246 2.37 -31.98 -3.04
C GLU B 246 1.10 -31.82 -3.86
N ARG B 247 -0.07 -31.96 -3.25
CA ARG B 247 -1.31 -32.08 -4.01
C ARG B 247 -1.67 -30.77 -4.69
N GLY B 248 -1.50 -29.66 -4.00
CA GLY B 248 -1.87 -28.37 -4.56
C GLY B 248 -3.37 -28.31 -4.76
N ALA B 249 -3.77 -27.77 -5.92
CA ALA B 249 -5.15 -27.87 -6.34
C ALA B 249 -5.42 -29.26 -6.87
N SER B 250 -6.64 -29.74 -6.73
CA SER B 250 -6.99 -31.00 -7.36
C SER B 250 -7.60 -30.73 -8.73
N LEU B 251 -8.07 -31.79 -9.37
CA LEU B 251 -8.37 -31.66 -10.77
C LEU B 251 -9.73 -31.05 -11.04
N GLN B 252 -10.45 -30.64 -9.99
CA GLN B 252 -11.58 -29.75 -10.15
C GLN B 252 -11.14 -28.37 -10.59
N HIS B 253 -9.86 -28.08 -10.44
CA HIS B 253 -9.30 -26.79 -10.76
C HIS B 253 -8.25 -26.87 -11.84
N THR B 254 -7.76 -28.06 -12.17
CA THR B 254 -6.85 -28.23 -13.28
C THR B 254 -7.57 -28.54 -14.57
N ALA B 255 -8.84 -28.84 -14.52
CA ALA B 255 -9.49 -29.24 -15.75
C ALA B 255 -9.84 -28.02 -16.58
N PRO B 256 -9.74 -28.12 -17.89
CA PRO B 256 -10.28 -27.07 -18.75
C PRO B 256 -11.73 -27.34 -19.06
N PHE B 257 -12.34 -26.48 -19.88
CA PHE B 257 -13.69 -26.64 -20.44
C PHE B 257 -14.77 -26.71 -19.38
N GLY B 258 -14.52 -26.13 -18.20
CA GLY B 258 -15.47 -26.18 -17.11
C GLY B 258 -15.76 -27.58 -16.59
N CYS B 259 -14.79 -28.48 -16.70
CA CYS B 259 -15.03 -29.89 -16.41
C CYS B 259 -14.85 -30.16 -14.92
N GLN B 260 -15.75 -30.94 -14.35
CA GLN B 260 -15.76 -31.20 -12.92
C GLN B 260 -15.62 -32.68 -12.63
N ILE B 261 -15.69 -33.01 -11.34
CA ILE B 261 -15.23 -34.30 -10.84
C ILE B 261 -16.37 -34.97 -10.08
N ALA B 262 -16.61 -36.25 -10.38
CA ALA B 262 -17.44 -37.11 -9.57
C ALA B 262 -16.60 -38.30 -9.13
N THR B 263 -16.64 -38.61 -7.84
CA THR B 263 -15.85 -39.72 -7.35
C THR B 263 -16.69 -40.99 -7.35
N ASN B 264 -16.01 -42.13 -7.14
CA ASN B 264 -16.43 -43.53 -6.95
C ASN B 264 -17.71 -43.95 -7.67
N PRO B 265 -17.71 -44.02 -9.02
CA PRO B 265 -16.59 -43.85 -9.94
C PRO B 265 -16.39 -42.43 -10.41
N VAL B 266 -15.23 -42.17 -10.99
CA VAL B 266 -14.84 -40.81 -11.31
C VAL B 266 -15.38 -40.37 -12.68
N ARG B 267 -16.46 -39.60 -12.64
CA ARG B 267 -17.07 -39.08 -13.85
C ARG B 267 -16.62 -37.64 -14.09
N ALA B 268 -16.27 -37.37 -15.33
CA ALA B 268 -16.02 -36.02 -15.80
C ALA B 268 -17.36 -35.35 -16.04
N MET B 269 -17.51 -34.13 -15.52
CA MET B 269 -18.80 -33.48 -15.43
C MET B 269 -18.82 -32.21 -16.27
N ASN B 270 -19.69 -32.20 -17.29
CA ASN B 270 -20.13 -30.98 -17.98
C ASN B 270 -18.98 -30.27 -18.69
N CYS B 271 -18.19 -31.04 -19.43
CA CYS B 271 -16.95 -30.54 -19.99
C CYS B 271 -17.24 -30.15 -21.44
N ALA B 272 -17.76 -28.94 -21.61
CA ALA B 272 -18.40 -28.52 -22.85
C ALA B 272 -17.35 -28.20 -23.91
N VAL B 273 -17.21 -29.10 -24.89
CA VAL B 273 -16.46 -28.85 -26.11
C VAL B 273 -16.96 -29.81 -27.17
N GLY B 274 -16.96 -29.36 -28.42
CA GLY B 274 -17.35 -30.22 -29.53
C GLY B 274 -18.82 -30.22 -29.83
N ASN B 275 -19.35 -31.36 -30.29
CA ASN B 275 -20.72 -31.41 -30.75
C ASN B 275 -21.26 -32.84 -30.67
N MET B 276 -22.58 -32.93 -30.54
CA MET B 276 -23.29 -34.17 -30.27
C MET B 276 -24.41 -34.34 -31.29
N PRO B 277 -24.42 -35.42 -32.07
CA PRO B 277 -25.54 -35.70 -32.97
C PRO B 277 -26.71 -36.34 -32.22
N ILE B 278 -27.89 -35.75 -32.37
CA ILE B 278 -29.12 -36.36 -31.91
C ILE B 278 -30.00 -36.63 -33.14
N SER B 279 -30.71 -37.75 -33.09
CA SER B 279 -31.57 -38.15 -34.21
C SER B 279 -32.86 -38.70 -33.60
N ILE B 280 -33.97 -38.06 -33.93
CA ILE B 280 -35.27 -38.37 -33.35
C ILE B 280 -36.28 -38.53 -34.46
N ASP B 281 -37.01 -39.64 -34.45
CA ASP B 281 -38.18 -39.80 -35.31
C ASP B 281 -39.43 -39.66 -34.46
N ILE B 282 -40.32 -38.76 -34.88
CA ILE B 282 -41.70 -38.72 -34.41
C ILE B 282 -42.59 -38.88 -35.64
N PRO B 283 -43.58 -39.77 -35.61
CA PRO B 283 -44.51 -39.87 -36.74
C PRO B 283 -45.47 -38.69 -36.85
N ASP B 284 -46.34 -38.76 -37.86
CA ASP B 284 -47.15 -37.65 -38.33
C ASP B 284 -48.22 -37.20 -37.33
N ALA B 285 -48.47 -37.94 -36.25
CA ALA B 285 -49.47 -37.54 -35.26
C ALA B 285 -49.07 -36.27 -34.53
N ALA B 286 -47.78 -35.94 -34.50
CA ALA B 286 -47.30 -34.68 -33.98
C ALA B 286 -47.20 -33.59 -35.04
N PHE B 287 -47.66 -33.84 -36.26
CA PHE B 287 -47.51 -32.89 -37.35
C PHE B 287 -48.88 -32.45 -37.84
N THR B 288 -49.13 -31.15 -37.77
CA THR B 288 -50.38 -30.55 -38.21
C THR B 288 -50.17 -29.92 -39.58
N ARG B 289 -51.13 -30.15 -40.48
CA ARG B 289 -51.06 -29.67 -41.86
C ARG B 289 -51.05 -28.15 -41.91
N VAL B 290 -50.50 -27.64 -43.02
CA VAL B 290 -50.52 -26.20 -43.27
C VAL B 290 -51.95 -25.73 -43.47
N VAL B 291 -52.76 -26.54 -44.15
CA VAL B 291 -54.18 -26.21 -44.31
C VAL B 291 -54.91 -26.39 -42.99
N ASP B 292 -54.40 -27.27 -42.12
CA ASP B 292 -54.92 -27.35 -40.77
C ASP B 292 -54.27 -26.35 -39.85
N ALA B 293 -53.22 -25.68 -40.30
CA ALA B 293 -52.70 -24.54 -39.57
C ALA B 293 -53.47 -23.28 -39.95
N PRO B 294 -53.74 -22.41 -38.99
CA PRO B 294 -54.30 -21.10 -39.33
C PRO B 294 -53.31 -20.25 -40.10
N SER B 295 -53.59 -20.00 -41.38
CA SER B 295 -52.65 -19.27 -42.21
C SER B 295 -52.66 -17.80 -41.82
N LEU B 296 -51.47 -17.27 -41.55
CA LEU B 296 -51.32 -15.88 -41.18
C LEU B 296 -51.16 -15.01 -42.41
N THR B 297 -51.94 -13.95 -42.48
CA THR B 297 -51.64 -12.82 -43.34
C THR B 297 -51.36 -11.61 -42.46
N ASP B 298 -51.09 -10.47 -43.11
CA ASP B 298 -50.79 -9.20 -42.46
C ASP B 298 -49.58 -9.31 -41.53
N MET B 299 -48.50 -9.87 -42.06
CA MET B 299 -47.29 -10.08 -41.27
C MET B 299 -46.57 -8.75 -41.06
N SER B 300 -47.08 -7.97 -40.12
CA SER B 300 -46.58 -6.64 -39.81
C SER B 300 -45.90 -6.70 -38.44
N CYS B 301 -44.60 -6.96 -38.44
CA CYS B 301 -43.82 -7.04 -37.23
C CYS B 301 -42.96 -5.81 -37.05
N GLU B 302 -42.61 -5.54 -35.80
CA GLU B 302 -41.74 -4.44 -35.40
C GLU B 302 -41.32 -4.70 -33.97
N VAL B 303 -40.44 -3.86 -33.45
CA VAL B 303 -40.01 -3.98 -32.07
C VAL B 303 -40.21 -2.62 -31.38
N PRO B 304 -40.75 -2.60 -30.18
CA PRO B 304 -40.75 -1.36 -29.39
C PRO B 304 -39.33 -0.92 -29.05
N ALA B 305 -38.58 -1.80 -28.41
CA ALA B 305 -37.21 -1.49 -28.03
C ALA B 305 -36.44 -2.79 -27.89
N CYS B 306 -35.30 -2.87 -28.57
CA CYS B 306 -34.41 -4.01 -28.45
C CYS B 306 -33.12 -3.57 -27.77
N THR B 307 -32.41 -4.55 -27.24
CA THR B 307 -31.13 -4.30 -26.59
C THR B 307 -30.32 -5.58 -26.69
N HIS B 308 -29.15 -5.50 -27.33
CA HIS B 308 -28.36 -6.72 -27.52
C HIS B 308 -27.63 -7.03 -26.22
N SER B 309 -28.39 -7.57 -25.29
CA SER B 309 -27.89 -7.93 -23.97
C SER B 309 -27.34 -9.36 -24.01
N SER B 310 -27.12 -9.93 -22.84
CA SER B 310 -26.90 -11.36 -22.76
C SER B 310 -28.23 -12.11 -22.86
N ASP B 311 -29.20 -11.69 -22.06
CA ASP B 311 -30.52 -12.30 -22.07
C ASP B 311 -31.39 -11.69 -23.16
N PHE B 312 -32.71 -11.90 -23.05
CA PHE B 312 -33.66 -11.53 -24.08
C PHE B 312 -33.97 -10.03 -24.10
N GLY B 313 -32.94 -9.20 -24.23
CA GLY B 313 -33.08 -7.75 -24.21
C GLY B 313 -33.80 -7.15 -25.41
N GLY B 314 -34.20 -7.97 -26.38
CA GLY B 314 -35.13 -7.57 -27.41
C GLY B 314 -36.47 -8.24 -27.19
N VAL B 315 -37.54 -7.48 -27.40
CA VAL B 315 -38.87 -8.08 -27.41
C VAL B 315 -39.70 -7.34 -28.45
N ALA B 316 -40.06 -8.05 -29.52
CA ALA B 316 -40.62 -7.44 -30.70
C ALA B 316 -42.12 -7.68 -30.74
N ILE B 317 -42.82 -6.84 -31.48
CA ILE B 317 -44.28 -6.85 -31.52
C ILE B 317 -44.74 -7.31 -32.90
N ILE B 318 -45.57 -8.34 -32.91
CA ILE B 318 -46.13 -8.88 -34.13
C ILE B 318 -47.60 -8.53 -34.16
N LYS B 319 -47.98 -7.67 -35.09
CA LYS B 319 -49.38 -7.54 -35.47
C LYS B 319 -49.62 -8.41 -36.68
N TYR B 320 -50.73 -9.12 -36.68
CA TYR B 320 -50.91 -10.19 -37.65
C TYR B 320 -52.39 -10.43 -37.87
N ALA B 321 -52.69 -11.22 -38.91
CA ALA B 321 -54.03 -11.69 -39.17
C ALA B 321 -53.95 -13.16 -39.57
N ALA B 322 -54.20 -14.05 -38.62
CA ALA B 322 -54.37 -15.44 -38.98
C ALA B 322 -55.75 -15.65 -39.59
N SER B 323 -55.92 -16.84 -40.18
CA SER B 323 -57.24 -17.19 -40.69
C SER B 323 -58.18 -17.60 -39.57
N LYS B 324 -57.69 -18.40 -38.63
CA LYS B 324 -58.57 -18.99 -37.63
C LYS B 324 -57.77 -19.21 -36.33
N LYS B 325 -58.35 -20.00 -35.43
CA LYS B 325 -57.77 -20.32 -34.15
C LYS B 325 -56.87 -21.55 -34.27
N GLY B 326 -55.76 -21.53 -33.55
CA GLY B 326 -54.90 -22.70 -33.52
C GLY B 326 -53.46 -22.31 -33.24
N LYS B 327 -52.63 -23.34 -33.07
CA LYS B 327 -51.22 -23.11 -32.77
C LYS B 327 -50.47 -22.63 -34.00
N CYS B 328 -49.32 -22.01 -33.77
CA CYS B 328 -48.46 -21.58 -34.85
C CYS B 328 -47.01 -21.81 -34.45
N ALA B 329 -46.27 -22.38 -35.40
CA ALA B 329 -44.85 -22.63 -35.24
C ALA B 329 -44.08 -21.34 -35.50
N VAL B 330 -43.59 -20.72 -34.45
CA VAL B 330 -42.78 -19.52 -34.57
C VAL B 330 -41.31 -19.94 -34.49
N HIS B 331 -40.48 -19.35 -35.33
CA HIS B 331 -39.10 -19.84 -35.43
C HIS B 331 -38.16 -18.76 -35.92
N SER B 332 -37.00 -18.69 -35.27
CA SER B 332 -35.88 -17.90 -35.74
C SER B 332 -35.06 -18.72 -36.71
N MET B 333 -35.07 -18.32 -37.99
CA MET B 333 -34.26 -19.04 -38.98
C MET B 333 -32.76 -18.79 -38.84
N THR B 334 -32.35 -17.63 -38.32
CA THR B 334 -30.94 -17.29 -38.27
C THR B 334 -30.42 -17.49 -36.86
N ASN B 335 -29.21 -18.06 -36.77
CA ASN B 335 -28.56 -18.32 -35.49
C ASN B 335 -28.21 -17.05 -34.71
N ALA B 336 -28.24 -15.89 -35.35
CA ALA B 336 -27.99 -14.64 -34.64
C ALA B 336 -29.11 -14.33 -33.65
N VAL B 337 -30.34 -14.75 -33.95
CA VAL B 337 -31.50 -14.42 -33.14
C VAL B 337 -32.01 -15.70 -32.49
N THR B 338 -32.30 -15.63 -31.19
CA THR B 338 -32.79 -16.77 -30.43
C THR B 338 -34.11 -16.38 -29.75
N ILE B 339 -35.21 -16.73 -30.40
CA ILE B 339 -36.52 -16.66 -29.76
C ILE B 339 -36.57 -17.69 -28.64
N ARG B 340 -37.08 -17.27 -27.48
CA ARG B 340 -37.14 -18.12 -26.30
C ARG B 340 -38.47 -18.88 -26.21
N GLU B 341 -39.26 -18.89 -27.28
CA GLU B 341 -40.62 -19.41 -27.23
C GLU B 341 -40.90 -20.27 -28.45
N ALA B 342 -41.47 -21.45 -28.23
CA ALA B 342 -41.52 -22.48 -29.27
C ALA B 342 -42.67 -22.28 -30.24
N GLU B 343 -43.90 -22.38 -29.74
CA GLU B 343 -45.09 -22.23 -30.56
C GLU B 343 -46.13 -21.45 -29.79
N ILE B 344 -46.86 -20.59 -30.50
CA ILE B 344 -47.80 -19.67 -29.85
C ILE B 344 -49.20 -19.89 -30.40
N GLU B 345 -50.19 -19.81 -29.52
CA GLU B 345 -51.58 -19.91 -29.95
C GLU B 345 -52.00 -18.60 -30.61
N VAL B 346 -52.42 -18.70 -31.87
CA VAL B 346 -52.78 -17.56 -32.70
C VAL B 346 -54.25 -17.68 -33.08
N GLU B 347 -54.94 -16.54 -33.11
CA GLU B 347 -56.39 -16.49 -33.21
C GLU B 347 -56.90 -15.88 -34.50
N GLY B 348 -56.21 -14.87 -35.03
CA GLY B 348 -56.68 -14.15 -36.19
C GLY B 348 -56.04 -12.79 -36.27
N ASN B 349 -56.86 -11.75 -36.47
CA ASN B 349 -56.33 -10.39 -36.45
C ASN B 349 -56.00 -10.01 -35.02
N SER B 350 -54.76 -10.23 -34.61
CA SER B 350 -54.35 -9.98 -33.23
C SER B 350 -52.88 -9.58 -33.21
N GLN B 351 -52.38 -9.28 -32.03
CA GLN B 351 -51.02 -8.80 -31.82
C GLN B 351 -50.44 -9.45 -30.57
N LEU B 352 -49.16 -9.82 -30.63
CA LEU B 352 -48.43 -10.32 -29.47
C LEU B 352 -46.98 -9.88 -29.55
N GLN B 353 -46.14 -10.48 -28.71
CA GLN B 353 -44.72 -10.13 -28.63
C GLN B 353 -43.86 -11.38 -28.57
N ILE B 354 -42.55 -11.16 -28.75
CA ILE B 354 -41.57 -12.24 -28.82
C ILE B 354 -40.27 -11.81 -28.16
N SER B 355 -39.72 -12.70 -27.34
CA SER B 355 -38.54 -12.43 -26.52
C SER B 355 -37.32 -13.06 -27.18
N PHE B 356 -36.26 -12.28 -27.36
CA PHE B 356 -35.13 -12.66 -28.19
C PHE B 356 -33.99 -11.70 -27.92
N SER B 357 -32.84 -11.97 -28.51
CA SER B 357 -31.81 -10.96 -28.74
C SER B 357 -30.83 -11.47 -29.77
N THR B 358 -29.92 -10.58 -30.14
CA THR B 358 -28.67 -10.90 -30.81
C THR B 358 -27.56 -10.25 -30.01
N ALA B 359 -26.35 -10.18 -30.58
CA ALA B 359 -25.29 -9.42 -29.96
C ALA B 359 -24.99 -8.13 -30.69
N LEU B 360 -25.73 -7.80 -31.74
CA LEU B 360 -25.44 -6.63 -32.57
C LEU B 360 -26.57 -5.62 -32.48
N ALA B 361 -26.35 -4.45 -33.09
CA ALA B 361 -27.23 -3.31 -32.86
C ALA B 361 -28.42 -3.28 -33.81
N SER B 362 -28.22 -3.62 -35.09
CA SER B 362 -29.33 -3.50 -36.03
C SER B 362 -29.57 -4.88 -36.64
N ALA B 363 -30.46 -5.64 -36.01
CA ALA B 363 -30.81 -6.96 -36.50
C ALA B 363 -32.04 -6.86 -37.38
N GLU B 364 -31.88 -7.25 -38.64
CA GLU B 364 -32.97 -7.25 -39.60
C GLU B 364 -33.17 -8.68 -40.04
N PHE B 365 -34.38 -9.18 -39.91
CA PHE B 365 -34.52 -10.62 -39.79
C PHE B 365 -35.90 -11.07 -40.22
N ARG B 366 -35.97 -12.29 -40.74
CA ARG B 366 -37.21 -12.91 -41.20
C ARG B 366 -37.58 -14.07 -40.27
N VAL B 367 -38.63 -13.88 -39.48
CA VAL B 367 -39.18 -14.93 -38.64
C VAL B 367 -40.03 -15.86 -39.50
N GLN B 368 -40.26 -17.08 -39.02
CA GLN B 368 -41.07 -18.06 -39.72
C GLN B 368 -42.25 -18.43 -38.84
N VAL B 369 -43.46 -18.21 -39.35
CA VAL B 369 -44.69 -18.33 -38.59
C VAL B 369 -45.74 -19.00 -39.48
N CYS B 370 -46.26 -20.15 -39.01
CA CYS B 370 -47.18 -21.03 -39.76
C CYS B 370 -46.65 -21.36 -41.16
N SER B 371 -45.33 -21.61 -41.23
CA SER B 371 -44.55 -21.66 -42.46
C SER B 371 -44.78 -20.40 -43.29
N THR B 372 -44.38 -19.27 -42.73
CA THR B 372 -44.62 -17.98 -43.34
C THR B 372 -43.46 -17.06 -43.00
N GLN B 373 -42.82 -16.53 -44.03
CA GLN B 373 -41.71 -15.61 -43.86
C GLN B 373 -42.22 -14.21 -43.54
N VAL B 374 -41.61 -13.60 -42.52
CA VAL B 374 -41.94 -12.21 -42.18
C VAL B 374 -40.65 -11.45 -41.88
N HIS B 375 -40.46 -10.32 -42.56
CA HIS B 375 -39.31 -9.49 -42.27
C HIS B 375 -39.64 -8.47 -41.20
N CYS B 376 -38.62 -8.11 -40.41
CA CYS B 376 -38.76 -7.18 -39.31
C CYS B 376 -37.40 -6.59 -38.97
N ALA B 377 -37.38 -5.31 -38.62
CA ALA B 377 -36.17 -4.60 -38.27
C ALA B 377 -36.08 -4.40 -36.77
N ALA B 378 -34.86 -4.26 -36.26
CA ALA B 378 -34.67 -4.10 -34.83
C ALA B 378 -33.40 -3.30 -34.55
N GLU B 379 -33.57 -2.13 -33.96
CA GLU B 379 -32.45 -1.34 -33.43
C GLU B 379 -32.25 -1.77 -31.99
N CYS B 380 -31.21 -2.54 -31.75
CA CYS B 380 -30.85 -2.92 -30.40
C CYS B 380 -29.82 -1.95 -29.85
N HIS B 381 -29.59 -2.05 -28.54
CA HIS B 381 -28.74 -1.09 -27.86
C HIS B 381 -27.72 -1.82 -27.01
N PRO B 382 -26.57 -1.20 -26.79
CA PRO B 382 -25.62 -1.71 -25.83
C PRO B 382 -26.21 -1.67 -24.42
N PRO B 383 -26.27 -2.81 -23.76
CA PRO B 383 -26.95 -2.87 -22.46
C PRO B 383 -26.16 -2.18 -21.36
N LYS B 384 -26.89 -1.70 -20.36
CA LYS B 384 -26.27 -0.89 -19.30
C LYS B 384 -25.39 -1.74 -18.40
N ASP B 385 -25.83 -2.94 -18.07
CA ASP B 385 -25.10 -3.78 -17.13
C ASP B 385 -23.83 -4.33 -17.77
N HIS B 386 -22.91 -4.77 -16.92
CA HIS B 386 -21.57 -5.08 -17.37
C HIS B 386 -21.06 -6.46 -16.97
N ILE B 387 -21.34 -6.92 -15.75
CA ILE B 387 -20.99 -8.29 -15.38
C ILE B 387 -22.20 -9.19 -15.62
N VAL B 388 -21.93 -10.39 -16.13
CA VAL B 388 -22.99 -11.37 -16.34
C VAL B 388 -22.58 -12.65 -15.63
N ASN B 389 -23.52 -13.24 -14.91
CA ASN B 389 -23.25 -14.41 -14.08
C ASN B 389 -23.67 -15.71 -14.74
N TYR B 390 -23.78 -15.73 -16.07
CA TYR B 390 -24.31 -16.85 -16.82
C TYR B 390 -23.90 -16.64 -18.26
N PRO B 391 -23.62 -17.70 -19.00
CA PRO B 391 -23.34 -17.52 -20.43
C PRO B 391 -24.62 -17.21 -21.19
N ALA B 392 -24.45 -16.55 -22.33
CA ALA B 392 -25.56 -16.16 -23.18
C ALA B 392 -25.70 -17.16 -24.33
N SER B 393 -26.73 -16.95 -25.15
CA SER B 393 -27.10 -17.94 -26.16
C SER B 393 -26.89 -17.44 -27.58
N HIS B 394 -27.50 -16.32 -27.93
CA HIS B 394 -27.47 -15.81 -29.29
C HIS B 394 -26.12 -15.25 -29.67
N THR B 395 -25.25 -15.00 -28.70
CA THR B 395 -23.96 -14.36 -28.89
C THR B 395 -22.94 -15.21 -29.65
N THR B 396 -23.28 -16.43 -30.04
CA THR B 396 -22.37 -17.24 -30.85
C THR B 396 -22.35 -16.73 -32.29
N LEU B 397 -21.47 -15.77 -32.57
CA LEU B 397 -21.42 -15.12 -33.88
C LEU B 397 -19.98 -15.09 -34.38
N GLY B 398 -19.81 -14.45 -35.53
CA GLY B 398 -18.51 -14.19 -36.13
C GLY B 398 -18.17 -12.71 -36.12
N VAL B 399 -17.45 -12.29 -37.15
CA VAL B 399 -17.00 -10.92 -37.27
C VAL B 399 -17.90 -10.10 -38.19
N GLN B 400 -18.50 -10.71 -39.21
CA GLN B 400 -19.37 -10.01 -40.16
C GLN B 400 -20.68 -9.68 -39.43
N ASP B 401 -20.63 -8.58 -38.69
CA ASP B 401 -21.71 -8.18 -37.82
C ASP B 401 -22.27 -6.86 -38.33
N ILE B 402 -23.54 -6.87 -38.70
CA ILE B 402 -24.18 -5.73 -39.33
C ILE B 402 -24.45 -4.63 -38.30
N SER B 403 -24.60 -3.40 -38.80
CA SER B 403 -24.65 -2.24 -37.93
C SER B 403 -25.82 -1.32 -38.25
N VAL B 404 -25.90 -0.19 -37.54
CA VAL B 404 -26.96 0.78 -37.80
C VAL B 404 -26.62 1.68 -38.98
N THR B 405 -25.54 2.46 -38.89
CA THR B 405 -25.21 3.44 -39.90
C THR B 405 -23.80 3.29 -40.43
N ALA B 406 -23.00 2.38 -39.87
CA ALA B 406 -21.73 2.09 -40.51
C ALA B 406 -21.91 1.35 -41.81
N MET B 407 -23.08 0.73 -42.02
CA MET B 407 -23.53 0.41 -43.37
C MET B 407 -23.54 1.65 -44.24
N SER B 408 -24.18 2.72 -43.77
CA SER B 408 -24.22 3.95 -44.54
C SER B 408 -22.85 4.59 -44.65
N TRP B 409 -22.01 4.43 -43.62
CA TRP B 409 -20.68 5.00 -43.66
C TRP B 409 -19.79 4.24 -44.64
N VAL B 410 -19.92 2.91 -44.69
CA VAL B 410 -19.10 2.16 -45.63
C VAL B 410 -19.62 2.37 -47.05
N GLN B 411 -20.92 2.63 -47.20
CA GLN B 411 -21.43 3.07 -48.49
C GLN B 411 -20.89 4.44 -48.85
N LYS B 412 -20.69 5.30 -47.85
CA LYS B 412 -20.15 6.62 -48.10
C LYS B 412 -18.69 6.56 -48.51
N ILE B 413 -17.94 5.63 -47.97
CA ILE B 413 -16.51 5.56 -48.29
C ILE B 413 -16.22 4.67 -49.49
N THR B 414 -17.14 3.79 -49.88
CA THR B 414 -16.95 3.15 -51.18
C THR B 414 -17.47 4.03 -52.30
N GLY B 415 -18.20 5.09 -51.97
CA GLY B 415 -18.52 6.13 -52.91
C GLY B 415 -17.47 7.22 -52.85
N GLY B 416 -16.21 6.80 -52.86
CA GLY B 416 -15.07 7.69 -52.74
C GLY B 416 -14.24 7.74 -54.00
N VAL B 417 -13.19 6.90 -54.03
CA VAL B 417 -12.11 7.08 -54.98
C VAL B 417 -12.28 6.26 -56.25
N GLY B 418 -13.09 5.19 -56.22
CA GLY B 418 -13.31 4.39 -57.41
C GLY B 418 -13.96 5.14 -58.56
N LEU B 419 -14.80 6.12 -58.22
CA LEU B 419 -15.27 7.07 -59.22
C LEU B 419 -14.11 7.89 -59.80
N VAL B 420 -13.11 8.23 -58.98
CA VAL B 420 -11.95 8.93 -59.51
C VAL B 420 -11.08 7.98 -60.32
N VAL B 421 -11.20 6.66 -60.09
CA VAL B 421 -10.55 5.70 -60.98
C VAL B 421 -11.26 5.64 -62.33
N ALA B 422 -12.57 5.81 -62.34
CA ALA B 422 -13.28 5.97 -63.62
C ALA B 422 -12.84 7.24 -64.33
N VAL B 423 -12.63 8.32 -63.56
CA VAL B 423 -12.01 9.53 -64.10
C VAL B 423 -10.62 9.24 -64.66
N ALA B 424 -9.84 8.43 -63.94
CA ALA B 424 -8.52 8.02 -64.40
C ALA B 424 -8.59 7.27 -65.71
N ALA B 425 -9.62 6.43 -65.87
CA ALA B 425 -9.81 5.70 -67.11
C ALA B 425 -10.13 6.63 -68.27
N LEU B 426 -10.96 7.64 -68.03
CA LEU B 426 -11.27 8.55 -69.13
C LEU B 426 -10.08 9.42 -69.49
N ILE B 427 -9.26 9.80 -68.51
CA ILE B 427 -8.02 10.52 -68.82
C ILE B 427 -7.07 9.61 -69.61
N LEU B 428 -7.06 8.32 -69.29
CA LEU B 428 -6.16 7.41 -69.98
C LEU B 428 -6.57 7.20 -71.43
N ILE B 429 -7.87 7.06 -71.69
CA ILE B 429 -8.27 6.88 -73.08
C ILE B 429 -8.12 8.18 -73.86
N VAL B 430 -8.32 9.34 -73.19
CA VAL B 430 -8.18 10.56 -73.95
C VAL B 430 -6.71 10.89 -74.19
N VAL B 431 -5.79 10.40 -73.37
CA VAL B 431 -4.39 10.61 -73.72
C VAL B 431 -3.91 9.53 -74.67
N LEU B 432 -4.60 8.39 -74.75
CA LEU B 432 -4.22 7.37 -75.72
C LEU B 432 -4.61 7.80 -77.13
N CYS B 433 -5.83 8.31 -77.29
CA CYS B 433 -6.32 8.59 -78.63
C CYS B 433 -5.61 9.78 -79.26
N VAL B 434 -5.22 10.76 -78.46
CA VAL B 434 -4.50 11.89 -79.01
C VAL B 434 -3.07 11.52 -79.38
N SER B 435 -2.49 10.53 -78.71
CA SER B 435 -1.24 9.97 -79.19
C SER B 435 -1.45 9.17 -80.46
N PHE B 436 -2.61 8.56 -80.61
CA PHE B 436 -2.97 7.90 -81.86
C PHE B 436 -3.56 8.87 -82.86
N SER B 437 -3.69 10.14 -82.52
CA SER B 437 -4.20 11.15 -83.43
C SER B 437 -3.10 11.74 -84.31
N ARG B 438 -1.86 11.31 -84.11
CA ARG B 438 -0.74 11.89 -84.82
C ARG B 438 -0.63 11.41 -86.25
N HIS B 439 -0.71 10.11 -86.46
CA HIS B 439 -0.44 9.51 -87.75
C HIS B 439 -1.60 9.73 -88.73
N TYR C 1 11.46 52.21 23.57
CA TYR C 1 11.09 51.83 22.22
C TYR C 1 9.67 51.33 22.09
N GLU C 2 9.08 51.63 20.94
CA GLU C 2 8.02 50.80 20.39
C GLU C 2 8.71 49.94 19.33
N HIS C 3 9.49 48.97 19.81
CA HIS C 3 10.36 48.16 18.96
C HIS C 3 9.57 46.97 18.45
N VAL C 4 9.16 47.02 17.19
CA VAL C 4 8.46 45.90 16.57
C VAL C 4 9.47 45.12 15.74
N THR C 5 9.71 43.88 16.14
CA THR C 5 10.63 43.02 15.43
C THR C 5 9.91 41.77 14.96
N VAL C 6 10.65 40.92 14.25
CA VAL C 6 10.15 39.64 13.80
C VAL C 6 11.21 38.61 14.21
N ILE C 7 10.93 37.85 15.25
CA ILE C 7 11.87 36.84 15.74
C ILE C 7 11.57 35.53 15.01
N PRO C 8 12.57 34.70 14.72
CA PRO C 8 12.31 33.42 14.04
C PRO C 8 11.52 32.46 14.91
N ASN C 9 10.60 31.73 14.28
CA ASN C 9 9.68 30.84 14.97
C ASN C 9 10.41 29.57 15.44
N THR C 10 11.18 29.75 16.51
CA THR C 10 11.99 28.69 17.08
C THR C 10 11.77 28.67 18.58
N VAL C 11 11.27 27.55 19.09
CA VAL C 11 11.06 27.42 20.52
C VAL C 11 12.41 27.28 21.20
N GLY C 12 12.67 28.14 22.18
CA GLY C 12 13.87 27.99 23.00
C GLY C 12 15.13 28.60 22.42
N VAL C 13 15.02 29.63 21.59
CA VAL C 13 16.17 30.38 21.11
C VAL C 13 16.13 31.76 21.74
N PRO C 14 17.12 32.13 22.57
CA PRO C 14 17.10 33.44 23.22
C PRO C 14 17.40 34.56 22.23
N TYR C 15 16.36 35.29 21.85
CA TYR C 15 16.51 36.44 20.96
C TYR C 15 16.92 37.63 21.79
N LYS C 16 18.05 38.24 21.43
CA LYS C 16 18.61 39.37 22.16
C LYS C 16 18.30 40.64 21.37
N THR C 17 17.28 41.37 21.78
CA THR C 17 16.84 42.56 21.10
C THR C 17 17.50 43.81 21.72
N LEU C 18 17.68 44.81 20.87
CA LEU C 18 18.39 46.04 21.23
C LEU C 18 17.42 47.18 21.40
N VAL C 19 17.51 47.86 22.54
CA VAL C 19 16.77 49.08 22.80
C VAL C 19 17.81 50.18 22.97
N ASN C 20 18.14 50.86 21.87
CA ASN C 20 18.90 52.10 21.93
C ASN C 20 17.90 53.25 21.84
N ARG C 21 17.23 53.48 22.97
CA ARG C 21 16.24 54.55 23.06
C ARG C 21 16.93 55.91 22.86
N PRO C 22 16.25 56.87 22.23
CA PRO C 22 16.96 58.01 21.63
C PRO C 22 17.60 58.93 22.67
N GLY C 23 18.93 58.91 22.68
CA GLY C 23 19.67 59.63 23.70
C GLY C 23 19.51 59.03 25.07
N TYR C 24 19.25 57.73 25.16
CA TYR C 24 19.01 57.09 26.43
C TYR C 24 20.01 55.97 26.64
N SER C 25 19.87 55.31 27.78
CA SER C 25 20.72 54.17 28.12
C SER C 25 20.39 52.99 27.23
N PRO C 26 21.41 52.36 26.64
CA PRO C 26 21.19 51.13 25.88
C PRO C 26 20.72 49.99 26.77
N MET C 27 19.92 49.11 26.17
CA MET C 27 19.28 48.04 26.93
C MET C 27 19.05 46.83 26.03
N VAL C 28 19.69 45.72 26.33
CA VAL C 28 19.49 44.48 25.58
C VAL C 28 18.56 43.58 26.38
N LEU C 29 17.53 43.05 25.70
CA LEU C 29 16.50 42.26 26.34
C LEU C 29 16.46 40.87 25.71
N GLU C 30 16.06 39.88 26.50
CA GLU C 30 15.97 38.52 26.00
C GLU C 30 14.52 38.14 25.83
N MET C 31 14.22 37.40 24.76
CA MET C 31 12.93 36.74 24.61
C MET C 31 13.17 35.27 24.31
N GLU C 32 12.18 34.45 24.65
CA GLU C 32 12.30 33.01 24.38
C GLU C 32 10.91 32.44 24.17
N LEU C 33 10.70 31.86 23.00
CA LEU C 33 9.45 31.20 22.67
C LEU C 33 9.35 29.88 23.42
N LEU C 34 8.17 29.58 23.95
CA LEU C 34 7.98 28.40 24.79
C LEU C 34 6.91 27.44 24.29
N SER C 35 5.90 27.91 23.58
CA SER C 35 4.95 27.00 22.95
C SER C 35 4.44 27.64 21.68
N VAL C 36 4.04 26.80 20.73
CA VAL C 36 3.33 27.24 19.54
C VAL C 36 2.08 26.37 19.47
N THR C 37 0.94 26.91 19.90
CA THR C 37 -0.31 26.15 19.94
C THR C 37 -1.20 26.61 18.80
N LEU C 38 -1.48 25.69 17.87
CA LEU C 38 -2.36 25.95 16.73
C LEU C 38 -3.55 25.00 16.82
N GLU C 39 -4.75 25.58 16.86
CA GLU C 39 -5.97 24.81 17.11
C GLU C 39 -6.96 25.02 15.98
N PRO C 40 -7.15 24.03 15.09
CA PRO C 40 -8.02 24.25 13.92
C PRO C 40 -9.50 24.25 14.24
N THR C 41 -10.32 24.28 13.19
CA THR C 41 -11.77 24.39 13.34
C THR C 41 -12.35 23.15 14.02
N LEU C 42 -13.09 23.36 15.11
CA LEU C 42 -13.72 22.25 15.84
C LEU C 42 -15.09 21.99 15.22
N SER C 43 -15.11 21.27 14.10
CA SER C 43 -16.34 20.95 13.38
C SER C 43 -16.48 19.43 13.28
N LEU C 44 -17.14 18.83 14.27
CA LEU C 44 -17.32 17.39 14.25
C LEU C 44 -18.43 17.03 13.27
N ASP C 45 -18.15 16.08 12.38
CA ASP C 45 -19.10 15.78 11.31
C ASP C 45 -20.03 14.64 11.67
N TYR C 46 -19.48 13.45 11.91
CA TYR C 46 -20.26 12.29 12.31
C TYR C 46 -19.34 11.32 13.03
N ILE C 47 -19.87 10.18 13.44
CA ILE C 47 -19.11 9.23 14.24
C ILE C 47 -19.05 7.88 13.54
N THR C 48 -18.17 7.04 14.07
CA THR C 48 -18.04 5.66 13.65
C THR C 48 -17.48 4.86 14.81
N CYS C 49 -18.22 3.85 15.25
CA CYS C 49 -17.75 2.98 16.31
C CYS C 49 -18.20 1.56 15.98
N GLU C 50 -18.12 0.67 16.96
CA GLU C 50 -18.55 -0.70 16.77
C GLU C 50 -20.07 -0.75 16.67
N TYR C 51 -20.57 -1.72 15.92
CA TYR C 51 -21.98 -1.98 15.82
C TYR C 51 -22.34 -3.10 16.79
N LYS C 52 -23.59 -3.56 16.71
CA LYS C 52 -24.04 -4.77 17.37
C LYS C 52 -24.90 -5.49 16.35
N THR C 53 -24.46 -6.67 15.92
CA THR C 53 -25.32 -7.51 15.12
C THR C 53 -26.38 -8.06 16.05
N VAL C 54 -27.58 -7.46 16.00
CA VAL C 54 -28.64 -7.82 16.91
C VAL C 54 -29.42 -8.97 16.31
N ILE C 55 -29.37 -10.13 16.96
CA ILE C 55 -30.17 -11.28 16.56
C ILE C 55 -31.25 -11.47 17.61
N PRO C 56 -32.49 -11.12 17.33
CA PRO C 56 -33.58 -11.43 18.26
C PRO C 56 -33.83 -12.93 18.35
N SER C 57 -34.73 -13.29 19.27
CA SER C 57 -35.06 -14.68 19.48
C SER C 57 -35.83 -15.22 18.28
N PRO C 58 -35.45 -16.38 17.76
CA PRO C 58 -36.14 -16.94 16.59
C PRO C 58 -37.54 -17.39 16.95
N TYR C 59 -38.38 -17.51 15.91
CA TYR C 59 -39.82 -17.61 16.07
C TYR C 59 -40.30 -18.87 15.36
N VAL C 60 -40.24 -19.98 16.08
CA VAL C 60 -40.60 -21.28 15.51
C VAL C 60 -42.12 -21.44 15.48
N LYS C 61 -42.70 -21.34 14.28
CA LYS C 61 -44.13 -21.58 14.15
C LYS C 61 -44.36 -23.08 14.02
N CYS C 62 -44.75 -23.71 15.11
CA CYS C 62 -44.91 -25.15 15.17
C CYS C 62 -46.19 -25.57 14.45
N CYS C 63 -46.04 -26.44 13.43
CA CYS C 63 -47.12 -26.81 12.50
C CYS C 63 -47.77 -25.58 11.87
N GLY C 64 -46.96 -24.69 11.33
CA GLY C 64 -47.51 -23.55 10.62
C GLY C 64 -46.39 -22.80 9.95
N THR C 65 -46.75 -22.02 8.94
CA THR C 65 -45.81 -21.24 8.17
C THR C 65 -45.95 -19.78 8.57
N ALA C 66 -44.99 -19.29 9.36
CA ALA C 66 -44.96 -17.88 9.71
C ALA C 66 -44.63 -17.04 8.48
N GLU C 67 -45.03 -15.78 8.51
CA GLU C 67 -44.81 -14.86 7.41
C GLU C 67 -44.02 -13.65 7.89
N CYS C 68 -43.45 -12.93 6.94
CA CYS C 68 -42.45 -11.92 7.23
C CYS C 68 -43.04 -10.70 7.93
N LYS C 69 -42.51 -10.38 9.10
CA LYS C 69 -42.86 -9.15 9.81
C LYS C 69 -41.84 -8.09 9.42
N ASP C 70 -42.24 -7.17 8.56
CA ASP C 70 -41.36 -6.09 8.13
C ASP C 70 -41.16 -5.12 9.27
N LYS C 71 -39.93 -5.07 9.79
CA LYS C 71 -39.57 -4.20 10.89
C LYS C 71 -38.50 -3.24 10.41
N SER C 72 -38.75 -1.93 10.54
CA SER C 72 -37.81 -0.92 10.04
C SER C 72 -36.61 -0.85 10.98
N LEU C 73 -35.70 -1.79 10.78
CA LEU C 73 -34.46 -1.88 11.53
C LEU C 73 -33.28 -1.70 10.59
N PRO C 74 -32.16 -1.16 11.08
CA PRO C 74 -30.96 -1.03 10.24
C PRO C 74 -30.40 -2.39 9.87
N ASP C 75 -30.26 -2.60 8.55
CA ASP C 75 -29.88 -3.88 7.95
C ASP C 75 -30.81 -5.01 8.41
N TYR C 76 -32.12 -4.73 8.40
CA TYR C 76 -33.09 -5.71 8.84
C TYR C 76 -33.16 -6.87 7.85
N SER C 77 -33.35 -8.07 8.38
CA SER C 77 -33.35 -9.27 7.56
C SER C 77 -34.19 -10.32 8.26
N CYS C 78 -35.06 -10.97 7.49
CA CYS C 78 -35.95 -11.97 8.03
C CYS C 78 -36.21 -13.04 6.98
N LYS C 79 -36.45 -14.25 7.47
CA LYS C 79 -36.68 -15.42 6.64
C LYS C 79 -37.34 -16.49 7.51
N VAL C 80 -38.34 -17.14 6.96
CA VAL C 80 -39.00 -18.25 7.63
C VAL C 80 -38.54 -19.52 6.96
N PHE C 81 -37.76 -20.32 7.68
CA PHE C 81 -37.23 -21.55 7.12
C PHE C 81 -38.22 -22.69 7.34
N THR C 82 -38.39 -23.52 6.32
CA THR C 82 -39.44 -24.51 6.26
C THR C 82 -38.86 -25.91 6.36
N GLY C 83 -39.57 -26.78 7.08
CA GLY C 83 -39.09 -28.14 7.24
C GLY C 83 -38.00 -28.28 8.27
N VAL C 84 -38.04 -27.48 9.33
CA VAL C 84 -37.03 -27.51 10.37
C VAL C 84 -37.36 -28.63 11.35
N TYR C 85 -36.41 -28.97 12.21
CA TYR C 85 -36.65 -29.89 13.32
C TYR C 85 -36.10 -29.25 14.59
N PRO C 86 -36.93 -29.01 15.59
CA PRO C 86 -36.41 -28.60 16.90
C PRO C 86 -36.27 -29.79 17.84
N PHE C 87 -35.37 -29.61 18.82
CA PHE C 87 -35.24 -30.60 19.88
C PHE C 87 -34.70 -29.92 21.14
N MET C 88 -34.87 -30.59 22.26
CA MET C 88 -34.61 -30.06 23.61
C MET C 88 -34.16 -31.22 24.49
N TRP C 89 -34.34 -31.07 25.81
CA TRP C 89 -33.99 -32.12 26.77
C TRP C 89 -34.66 -33.45 26.43
N GLY C 90 -35.98 -33.48 26.49
CA GLY C 90 -36.73 -34.69 26.21
C GLY C 90 -37.09 -34.81 24.75
N GLY C 91 -36.08 -34.94 23.90
CA GLY C 91 -36.31 -35.12 22.48
C GLY C 91 -36.79 -33.87 21.78
N ALA C 92 -37.76 -34.03 20.88
CA ALA C 92 -38.22 -32.95 20.02
C ALA C 92 -38.96 -31.88 20.80
N TYR C 93 -38.64 -30.62 20.48
CA TYR C 93 -39.32 -29.48 21.08
C TYR C 93 -40.74 -29.32 20.54
N CYS C 94 -41.02 -29.86 19.35
CA CYS C 94 -42.34 -29.86 18.77
C CYS C 94 -42.89 -31.28 18.63
N PHE C 95 -44.20 -31.41 18.91
CA PHE C 95 -44.96 -32.58 18.49
C PHE C 95 -45.12 -32.63 16.98
N CYS C 96 -45.01 -31.48 16.31
CA CYS C 96 -45.12 -31.39 14.86
C CYS C 96 -43.95 -32.09 14.18
N ASP C 97 -44.17 -32.52 12.94
CA ASP C 97 -43.25 -33.47 12.30
C ASP C 97 -42.48 -32.86 11.13
N THR C 98 -43.16 -32.33 10.12
CA THR C 98 -42.48 -31.82 8.94
C THR C 98 -42.98 -30.48 8.46
N GLU C 99 -44.15 -30.03 8.93
CA GLU C 99 -44.63 -28.68 8.67
C GLU C 99 -44.10 -27.68 9.68
N ASN C 100 -43.11 -28.07 10.46
CA ASN C 100 -42.43 -27.17 11.37
C ASN C 100 -41.65 -26.14 10.57
N THR C 101 -42.15 -24.92 10.53
CA THR C 101 -41.36 -23.80 10.04
C THR C 101 -40.89 -22.98 11.21
N GLN C 102 -40.03 -22.02 10.92
CA GLN C 102 -39.36 -21.28 11.98
C GLN C 102 -38.94 -19.92 11.42
N LEU C 103 -39.58 -18.87 11.92
CA LEU C 103 -39.21 -17.52 11.52
C LEU C 103 -37.90 -17.14 12.18
N SER C 104 -37.13 -16.30 11.51
CA SER C 104 -35.79 -15.94 11.96
C SER C 104 -35.44 -14.58 11.40
N GLU C 105 -34.95 -13.70 12.26
CA GLU C 105 -34.64 -12.34 11.87
C GLU C 105 -33.46 -11.82 12.65
N ALA C 106 -32.77 -10.85 12.04
CA ALA C 106 -31.65 -10.16 12.67
C ALA C 106 -31.43 -8.85 11.95
N HIS C 107 -30.62 -8.00 12.55
CA HIS C 107 -30.40 -6.65 12.03
C HIS C 107 -29.10 -6.13 12.63
N VAL C 108 -28.82 -4.86 12.40
CA VAL C 108 -27.65 -4.22 13.00
C VAL C 108 -28.13 -3.01 13.80
N GLU C 109 -27.40 -2.68 14.85
CA GLU C 109 -27.64 -1.47 15.64
C GLU C 109 -26.29 -0.88 16.00
N LYS C 110 -26.30 0.26 16.70
CA LYS C 110 -25.07 0.73 17.29
C LYS C 110 -24.72 -0.13 18.50
N SER C 111 -23.46 -0.07 18.92
CA SER C 111 -23.04 -0.76 20.13
C SER C 111 -23.05 0.21 21.29
N GLU C 112 -23.16 -0.34 22.48
CA GLU C 112 -23.05 0.47 23.68
C GLU C 112 -21.60 0.76 24.04
N SER C 113 -20.65 0.09 23.38
CA SER C 113 -19.22 0.34 23.57
C SER C 113 -18.78 1.69 23.00
N CYS C 114 -19.67 2.38 22.30
CA CYS C 114 -19.54 3.79 21.97
C CYS C 114 -19.91 4.71 23.13
N LYS C 115 -19.93 4.17 24.36
CA LYS C 115 -20.12 4.98 25.56
C LYS C 115 -19.06 6.06 25.68
N THR C 116 -17.79 5.70 25.51
CA THR C 116 -16.70 6.65 25.46
C THR C 116 -15.72 6.39 24.34
N GLU C 117 -15.66 5.16 23.81
CA GLU C 117 -14.73 4.82 22.76
C GLU C 117 -15.45 4.81 21.42
N PHE C 118 -15.06 5.73 20.55
CA PHE C 118 -15.61 5.85 19.21
C PHE C 118 -14.62 6.63 18.37
N ALA C 119 -14.99 6.88 17.12
CA ALA C 119 -14.15 7.60 16.18
C ALA C 119 -14.94 8.76 15.62
N SER C 120 -14.26 9.89 15.45
CA SER C 120 -14.91 11.14 15.07
C SER C 120 -14.52 11.52 13.64
N ALA C 121 -15.40 11.26 12.70
CA ALA C 121 -15.35 11.95 11.42
C ALA C 121 -15.59 13.43 11.67
N TYR C 122 -14.67 14.27 11.21
CA TYR C 122 -14.58 15.61 11.76
C TYR C 122 -13.96 16.54 10.72
N ARG C 123 -14.37 17.80 10.76
CA ARG C 123 -13.89 18.81 9.83
C ARG C 123 -13.04 19.83 10.57
N ALA C 124 -12.01 20.32 9.91
CA ALA C 124 -11.12 21.33 10.47
C ALA C 124 -10.44 22.13 9.40
N HIS C 125 -10.33 23.43 9.64
CA HIS C 125 -9.52 24.38 8.91
C HIS C 125 -9.14 25.46 9.90
N THR C 126 -8.79 26.65 9.39
CA THR C 126 -7.80 27.60 9.92
C THR C 126 -7.70 27.69 11.45
N ALA C 127 -6.47 27.60 11.94
CA ALA C 127 -6.20 27.44 13.34
C ALA C 127 -6.25 28.78 14.08
N SER C 128 -6.58 28.70 15.36
CA SER C 128 -6.52 29.84 16.27
C SER C 128 -5.15 29.82 16.92
N ALA C 129 -4.24 30.63 16.40
CA ALA C 129 -2.84 30.57 16.79
C ALA C 129 -2.64 31.24 18.15
N SER C 130 -1.95 30.54 19.04
CA SER C 130 -1.56 31.07 20.34
C SER C 130 -0.19 30.53 20.70
N ALA C 131 0.53 31.28 21.53
CA ALA C 131 1.93 30.97 21.80
C ALA C 131 2.30 31.41 23.21
N LYS C 132 3.25 30.67 23.79
CA LYS C 132 3.84 31.01 25.07
C LYS C 132 5.16 31.73 24.85
N LEU C 133 5.44 32.71 25.71
CA LEU C 133 6.63 33.52 25.53
C LEU C 133 7.13 34.00 26.88
N ARG C 134 8.43 33.82 27.13
CA ARG C 134 9.06 34.38 28.32
C ARG C 134 10.03 35.47 27.90
N VAL C 135 9.83 36.65 28.43
CA VAL C 135 10.72 37.79 28.20
C VAL C 135 11.55 38.02 29.45
N LEU C 136 12.87 38.00 29.28
CA LEU C 136 13.79 38.43 30.31
C LEU C 136 14.08 39.91 30.09
N TYR C 137 13.51 40.74 30.96
CA TYR C 137 13.68 42.19 30.96
C TYR C 137 14.23 42.55 32.33
N GLN C 138 15.54 42.84 32.38
CA GLN C 138 16.24 43.37 33.55
C GLN C 138 16.13 42.44 34.76
N GLY C 139 16.41 41.16 34.55
CA GLY C 139 16.26 40.17 35.59
C GLY C 139 14.83 39.77 35.87
N ASN C 140 13.87 40.23 35.07
CA ASN C 140 12.47 39.91 35.23
C ASN C 140 12.10 38.94 34.13
N ASN C 141 11.93 37.67 34.49
CA ASN C 141 11.53 36.64 33.54
C ASN C 141 10.02 36.57 33.52
N VAL C 142 9.40 37.56 32.90
CA VAL C 142 7.95 37.54 32.76
C VAL C 142 7.57 36.55 31.68
N THR C 143 6.32 36.08 31.74
CA THR C 143 5.87 35.15 30.73
C THR C 143 4.38 35.36 30.48
N VAL C 144 3.96 34.95 29.27
CA VAL C 144 2.62 35.22 28.80
C VAL C 144 2.23 34.24 27.71
N SER C 145 1.00 33.71 27.79
CA SER C 145 0.41 32.95 26.70
C SER C 145 -0.57 33.86 25.98
N ALA C 146 -0.24 34.24 24.77
CA ALA C 146 -1.04 35.21 24.02
C ALA C 146 -1.54 34.57 22.73
N TYR C 147 -2.50 35.24 22.09
CA TYR C 147 -3.10 34.75 20.85
C TYR C 147 -2.24 35.21 19.67
N ALA C 148 -1.65 34.26 18.97
CA ALA C 148 -0.60 34.54 17.99
C ALA C 148 -1.19 34.89 16.62
N ASN C 149 -2.09 35.87 16.61
CA ASN C 149 -2.75 36.29 15.38
C ASN C 149 -2.82 37.80 15.22
N GLY C 150 -2.27 38.59 16.14
CA GLY C 150 -2.26 40.02 15.96
C GLY C 150 -3.50 40.72 16.47
N ASP C 151 -4.25 40.11 17.38
CA ASP C 151 -5.49 40.69 17.89
C ASP C 151 -5.48 40.90 19.39
N HIS C 152 -4.71 40.12 20.14
CA HIS C 152 -4.79 40.07 21.60
C HIS C 152 -3.60 40.84 22.16
N ALA C 153 -3.80 42.11 22.46
CA ALA C 153 -2.77 42.87 23.14
C ALA C 153 -2.69 42.43 24.59
N VAL C 154 -1.49 42.52 25.16
CA VAL C 154 -1.27 42.13 26.54
C VAL C 154 -0.19 43.02 27.14
N THR C 155 -0.48 43.59 28.30
CA THR C 155 0.50 44.37 29.05
C THR C 155 0.80 43.67 30.35
N VAL C 156 2.09 43.55 30.67
CA VAL C 156 2.55 42.98 31.93
C VAL C 156 3.64 43.89 32.49
N LYS C 157 3.47 44.30 33.76
CA LYS C 157 4.21 45.37 34.46
C LYS C 157 4.53 46.55 33.55
N ASP C 158 3.47 47.02 32.85
CA ASP C 158 3.32 48.10 31.87
C ASP C 158 4.02 47.82 30.55
N ALA C 159 4.72 46.70 30.45
CA ALA C 159 5.36 46.28 29.22
C ALA C 159 4.30 45.77 28.27
N LYS C 160 4.13 46.45 27.13
CA LYS C 160 3.03 46.18 26.22
C LYS C 160 3.53 45.37 25.03
N PHE C 161 2.75 44.36 24.64
CA PHE C 161 3.06 43.51 23.52
C PHE C 161 1.77 43.13 22.81
N ILE C 162 1.72 43.40 21.51
CA ILE C 162 0.83 42.67 20.62
C ILE C 162 1.71 41.66 19.89
N VAL C 163 1.34 40.38 20.01
CA VAL C 163 2.13 39.31 19.43
C VAL C 163 1.53 38.99 18.07
N GLY C 164 2.33 38.32 17.26
CA GLY C 164 1.83 37.83 16.00
C GLY C 164 1.65 38.92 14.97
N PRO C 165 0.94 38.62 13.87
CA PRO C 165 0.35 37.32 13.54
C PRO C 165 1.36 36.32 12.99
N MET C 166 0.92 35.11 12.67
CA MET C 166 1.84 34.12 12.16
C MET C 166 2.20 34.42 10.72
N SER C 167 3.49 34.33 10.40
CA SER C 167 3.96 34.60 9.04
C SER C 167 3.52 33.49 8.09
N SER C 168 4.01 32.28 8.31
CA SER C 168 3.65 31.14 7.49
C SER C 168 2.41 30.48 8.08
N ALA C 169 1.30 30.55 7.34
CA ALA C 169 0.01 30.02 7.80
C ALA C 169 -0.21 28.58 7.37
N TRP C 170 0.86 27.80 7.28
CA TRP C 170 0.79 26.40 6.89
C TRP C 170 -0.01 25.58 7.89
N THR C 171 -0.78 24.62 7.37
CA THR C 171 -1.67 23.82 8.18
C THR C 171 -1.42 22.34 7.94
N PRO C 172 -1.23 21.55 8.99
CA PRO C 172 -0.96 20.12 8.79
C PRO C 172 -2.21 19.27 8.72
N PHE C 173 -3.38 19.88 8.55
CA PHE C 173 -4.62 19.14 8.65
C PHE C 173 -5.42 19.19 7.36
N ASP C 174 -6.04 18.07 7.06
CA ASP C 174 -7.02 17.98 5.99
C ASP C 174 -8.38 18.40 6.55
N ASN C 175 -9.36 18.58 5.66
CA ASN C 175 -10.71 18.84 6.09
C ASN C 175 -11.36 17.58 6.65
N LYS C 176 -11.52 16.56 5.82
CA LYS C 176 -12.06 15.29 6.26
C LYS C 176 -11.03 14.54 7.08
N ILE C 177 -11.06 14.69 8.41
CA ILE C 177 -10.09 14.01 9.25
C ILE C 177 -10.83 13.24 10.33
N VAL C 178 -10.30 12.08 10.66
CA VAL C 178 -10.96 11.22 11.64
C VAL C 178 -10.11 11.19 12.90
N VAL C 179 -10.80 11.11 14.04
CA VAL C 179 -10.19 11.29 15.34
C VAL C 179 -10.36 10.01 16.15
N TYR C 180 -9.25 9.49 16.67
CA TYR C 180 -9.19 8.50 17.72
C TYR C 180 -8.77 9.20 19.01
N LYS C 181 -8.83 8.43 20.11
CA LYS C 181 -8.73 8.97 21.48
C LYS C 181 -7.43 9.74 21.73
N GLY C 182 -6.37 9.42 20.99
CA GLY C 182 -5.18 10.22 21.08
C GLY C 182 -4.67 10.73 19.75
N ASP C 183 -5.40 10.51 18.65
CA ASP C 183 -4.80 10.72 17.34
C ASP C 183 -5.82 11.26 16.34
N VAL C 184 -5.31 11.73 15.21
CA VAL C 184 -6.09 12.26 14.09
C VAL C 184 -5.43 11.74 12.83
N TYR C 185 -6.23 11.48 11.79
CA TYR C 185 -5.70 11.00 10.52
C TYR C 185 -6.41 11.67 9.37
N ASN C 186 -5.63 12.03 8.35
CA ASN C 186 -6.13 12.57 7.10
C ASN C 186 -6.62 11.44 6.23
N MET C 187 -7.93 11.22 6.17
CA MET C 187 -8.47 10.11 5.39
C MET C 187 -9.92 10.44 5.06
N ASP C 188 -10.29 10.24 3.80
CA ASP C 188 -11.67 10.49 3.38
C ASP C 188 -12.55 9.40 3.97
N TYR C 189 -13.12 9.68 5.14
CA TYR C 189 -14.18 8.84 5.64
C TYR C 189 -15.39 8.95 4.71
N PRO C 190 -16.11 7.86 4.50
CA PRO C 190 -17.19 7.87 3.52
C PRO C 190 -18.36 8.72 4.01
N PRO C 191 -18.98 9.48 3.12
CA PRO C 191 -19.95 10.49 3.56
C PRO C 191 -21.25 9.86 4.03
N PHE C 192 -22.02 10.67 4.77
CA PHE C 192 -23.13 10.16 5.56
C PHE C 192 -24.29 9.74 4.67
N GLY C 193 -24.77 8.51 4.88
CA GLY C 193 -25.70 7.88 3.98
C GLY C 193 -25.07 7.24 2.75
N ALA C 194 -23.88 7.68 2.35
CA ALA C 194 -23.23 7.21 1.14
C ALA C 194 -21.93 6.52 1.51
N GLY C 195 -22.01 5.62 2.48
CA GLY C 195 -20.84 4.91 3.00
C GLY C 195 -20.70 3.53 2.39
N ARG C 196 -19.46 3.05 2.36
CA ARG C 196 -19.12 1.79 1.71
C ARG C 196 -19.24 0.63 2.70
N PRO C 197 -19.84 -0.49 2.28
CA PRO C 197 -20.05 -1.60 3.22
C PRO C 197 -18.77 -2.37 3.50
N GLY C 198 -18.55 -2.67 4.77
CA GLY C 198 -17.40 -3.43 5.20
C GLY C 198 -16.12 -2.64 5.39
N GLN C 199 -16.03 -1.45 4.81
CA GLN C 199 -14.90 -0.56 5.02
C GLN C 199 -14.98 0.01 6.44
N PHE C 200 -13.84 0.44 6.97
CA PHE C 200 -13.78 1.05 8.30
C PHE C 200 -14.46 2.42 8.21
N GLY C 201 -15.70 2.48 8.69
CA GLY C 201 -16.50 3.67 8.52
C GLY C 201 -17.88 3.38 7.94
N ASP C 202 -18.26 2.10 7.91
CA ASP C 202 -19.62 1.75 7.51
C ASP C 202 -20.62 2.18 8.57
N ILE C 203 -20.30 1.95 9.84
CA ILE C 203 -21.14 2.33 10.96
C ILE C 203 -21.09 3.85 11.08
N GLN C 204 -22.23 4.52 10.92
CA GLN C 204 -22.24 5.98 10.78
C GLN C 204 -23.42 6.58 11.53
N SER C 205 -23.14 7.23 12.65
CA SER C 205 -24.12 8.04 13.36
C SER C 205 -23.62 9.48 13.42
N ARG C 206 -24.54 10.42 13.68
CA ARG C 206 -24.22 11.83 13.53
C ARG C 206 -23.46 12.38 14.73
N THR C 207 -23.98 12.17 15.93
CA THR C 207 -23.30 12.54 17.17
C THR C 207 -23.05 11.25 17.95
N PRO C 208 -22.12 11.24 18.92
CA PRO C 208 -21.92 10.01 19.70
C PRO C 208 -23.12 9.63 20.55
N GLU C 209 -23.95 10.59 20.91
CA GLU C 209 -25.22 10.31 21.58
C GLU C 209 -26.34 10.03 20.58
N SER C 210 -26.14 10.31 19.30
CA SER C 210 -27.13 9.93 18.30
C SER C 210 -27.01 8.45 17.98
N GLU C 211 -28.16 7.77 17.97
CA GLU C 211 -28.22 6.35 17.69
C GLU C 211 -28.71 6.02 16.30
N ASP C 212 -29.08 7.01 15.49
CA ASP C 212 -29.53 6.79 14.13
C ASP C 212 -28.35 6.41 13.24
N VAL C 213 -28.12 5.11 13.07
CA VAL C 213 -26.93 4.63 12.39
C VAL C 213 -27.32 4.13 11.01
N TYR C 214 -26.74 4.76 10.00
CA TYR C 214 -26.69 4.17 8.68
C TYR C 214 -25.51 3.20 8.64
N ALA C 215 -25.78 1.96 8.25
CA ALA C 215 -24.74 0.96 8.17
C ALA C 215 -25.18 -0.12 7.18
N ASN C 216 -24.20 -0.76 6.55
CA ASN C 216 -24.44 -1.81 5.57
C ASN C 216 -23.55 -2.99 5.96
N THR C 217 -24.14 -4.01 6.56
CA THR C 217 -23.37 -5.06 7.22
C THR C 217 -23.51 -6.41 6.52
N GLN C 218 -24.52 -6.56 5.64
CA GLN C 218 -24.71 -7.71 4.75
C GLN C 218 -24.95 -8.99 5.54
N LEU C 219 -26.05 -9.00 6.27
CA LEU C 219 -26.48 -10.19 7.01
C LEU C 219 -27.39 -11.00 6.09
N VAL C 220 -26.81 -12.01 5.45
CA VAL C 220 -27.58 -12.97 4.67
C VAL C 220 -27.73 -14.21 5.54
N LEU C 221 -28.93 -14.39 6.07
CA LEU C 221 -29.19 -15.39 7.09
C LEU C 221 -29.17 -16.79 6.50
N GLN C 222 -28.21 -17.60 6.92
CA GLN C 222 -28.05 -18.95 6.41
C GLN C 222 -29.09 -19.87 7.01
N ARG C 223 -29.26 -21.02 6.37
CA ARG C 223 -30.15 -22.02 6.93
C ARG C 223 -29.40 -22.85 7.97
N PRO C 224 -29.91 -22.96 9.20
CA PRO C 224 -29.36 -23.93 10.15
C PRO C 224 -29.60 -25.35 9.64
N SER C 225 -28.55 -26.18 9.75
CA SER C 225 -28.36 -27.32 8.86
C SER C 225 -29.43 -28.39 8.93
N ALA C 226 -29.52 -29.10 10.05
CA ALA C 226 -30.46 -30.21 10.15
C ALA C 226 -30.69 -30.51 11.62
N GLY C 227 -31.87 -30.15 12.13
CA GLY C 227 -32.21 -30.46 13.50
C GLY C 227 -31.60 -29.57 14.56
N THR C 228 -30.48 -28.92 14.29
CA THR C 228 -29.89 -27.98 15.22
C THR C 228 -30.62 -26.65 15.13
N VAL C 229 -30.78 -26.00 16.28
CA VAL C 229 -31.63 -24.83 16.37
C VAL C 229 -30.74 -23.65 16.71
N HIS C 230 -30.37 -22.90 15.68
CA HIS C 230 -29.60 -21.67 15.84
C HIS C 230 -29.84 -20.84 14.58
N VAL C 231 -29.13 -19.73 14.49
CA VAL C 231 -29.37 -18.76 13.44
C VAL C 231 -28.05 -18.36 12.77
N PRO C 232 -27.54 -19.15 11.85
CA PRO C 232 -26.31 -18.78 11.14
C PRO C 232 -26.61 -17.77 10.04
N TYR C 233 -25.63 -16.91 9.78
CA TYR C 233 -25.83 -15.88 8.77
C TYR C 233 -24.57 -15.70 7.95
N SER C 234 -24.67 -14.83 6.96
CA SER C 234 -23.46 -14.33 6.32
C SER C 234 -22.73 -13.40 7.28
N GLN C 235 -21.43 -13.59 7.36
CA GLN C 235 -20.62 -13.03 8.42
C GLN C 235 -20.48 -11.52 8.26
N ALA C 236 -20.34 -10.84 9.40
CA ALA C 236 -20.44 -9.39 9.46
C ALA C 236 -19.05 -8.77 9.46
N PRO C 237 -18.68 -8.00 8.44
CA PRO C 237 -17.35 -7.35 8.46
C PRO C 237 -17.28 -6.22 9.47
N SER C 238 -16.55 -6.44 10.56
CA SER C 238 -16.43 -5.45 11.62
C SER C 238 -15.33 -4.47 11.27
N GLY C 239 -15.71 -3.26 10.87
CA GLY C 239 -14.72 -2.25 10.55
C GLY C 239 -13.96 -1.75 11.75
N PHE C 240 -14.61 -1.74 12.92
CA PHE C 240 -14.04 -1.07 14.08
C PHE C 240 -12.90 -1.84 14.72
N LYS C 241 -12.72 -3.12 14.40
CA LYS C 241 -11.55 -3.83 14.89
C LYS C 241 -10.31 -3.35 14.16
N TYR C 242 -10.36 -3.27 12.83
CA TYR C 242 -9.19 -2.91 12.07
C TYR C 242 -9.13 -1.43 11.75
N TRP C 243 -10.03 -0.63 12.34
CA TRP C 243 -9.75 0.79 12.53
C TRP C 243 -8.42 0.97 13.25
N LEU C 244 -8.18 0.16 14.29
CA LEU C 244 -6.95 0.25 15.05
C LEU C 244 -5.80 -0.51 14.42
N LYS C 245 -6.02 -1.30 13.36
CA LYS C 245 -4.87 -1.85 12.68
C LYS C 245 -4.24 -0.85 11.75
N GLU C 246 -5.00 0.15 11.31
CA GLU C 246 -4.50 1.21 10.47
C GLU C 246 -4.26 2.51 11.24
N ARG C 247 -3.90 2.42 12.52
CA ARG C 247 -3.36 3.58 13.20
C ARG C 247 -2.06 3.97 12.51
N GLY C 248 -1.06 3.10 12.63
CA GLY C 248 0.19 3.16 11.89
C GLY C 248 0.93 4.49 11.92
N ALA C 249 0.91 5.16 10.77
CA ALA C 249 1.63 6.41 10.59
C ALA C 249 0.96 7.55 11.33
N SER C 250 1.23 7.67 12.63
CA SER C 250 0.56 8.63 13.48
C SER C 250 0.98 10.06 13.14
N LEU C 251 -0.01 10.96 13.17
CA LEU C 251 0.22 12.39 12.90
C LEU C 251 1.19 13.02 13.89
N GLN C 252 1.36 12.42 15.07
CA GLN C 252 2.45 12.80 15.96
C GLN C 252 3.80 12.58 15.30
N HIS C 253 3.93 11.55 14.49
CA HIS C 253 5.21 11.19 13.92
C HIS C 253 5.30 11.46 12.42
N THR C 254 4.21 11.89 11.78
CA THR C 254 4.24 12.20 10.36
C THR C 254 4.15 13.69 10.09
N ALA C 255 4.27 14.50 11.09
CA ALA C 255 4.17 15.92 10.83
C ALA C 255 5.55 16.48 10.51
N PRO C 256 5.66 17.40 9.55
CA PRO C 256 6.93 18.08 9.32
C PRO C 256 7.22 19.09 10.41
N PHE C 257 8.38 19.75 10.29
CA PHE C 257 8.84 20.84 11.17
C PHE C 257 8.97 20.43 12.63
N GLY C 258 8.95 19.13 12.93
CA GLY C 258 8.85 18.69 14.31
C GLY C 258 7.58 19.12 15.00
N CYS C 259 6.45 19.04 14.30
CA CYS C 259 5.18 19.40 14.93
C CYS C 259 4.67 18.25 15.79
N GLN C 260 4.00 18.62 16.86
CA GLN C 260 3.47 17.67 17.82
C GLN C 260 1.95 17.78 17.87
N ILE C 261 1.30 16.65 18.06
CA ILE C 261 -0.16 16.64 18.15
C ILE C 261 -0.55 16.26 19.58
N ALA C 262 -1.71 16.77 19.99
CA ALA C 262 -2.30 16.45 21.30
C ALA C 262 -3.78 16.71 21.14
N THR C 263 -4.57 15.65 21.10
CA THR C 263 -5.97 15.74 20.72
C THR C 263 -6.81 16.27 21.88
N ASN C 264 -8.10 16.52 21.59
CA ASN C 264 -9.16 16.93 22.50
C ASN C 264 -8.82 18.13 23.38
N PRO C 265 -8.76 19.36 22.83
CA PRO C 265 -8.93 19.75 21.42
C PRO C 265 -7.60 19.56 20.69
N VAL C 266 -7.58 19.62 19.37
CA VAL C 266 -6.44 19.13 18.62
C VAL C 266 -5.38 20.23 18.48
N ARG C 267 -4.24 20.04 19.14
CA ARG C 267 -3.18 21.04 19.20
C ARG C 267 -2.11 20.70 18.18
N ALA C 268 -1.86 21.61 17.25
CA ALA C 268 -0.67 21.52 16.41
C ALA C 268 0.46 22.21 17.16
N MET C 269 1.32 21.44 17.80
CA MET C 269 2.27 21.97 18.76
C MET C 269 3.65 22.15 18.14
N ASN C 270 4.22 23.34 18.32
CA ASN C 270 5.63 23.66 18.06
C ASN C 270 6.01 23.45 16.60
N CYS C 271 5.45 24.29 15.73
CA CYS C 271 5.84 24.28 14.32
C CYS C 271 7.11 25.10 14.15
N ALA C 272 8.19 24.45 13.72
CA ALA C 272 9.44 25.14 13.45
C ALA C 272 9.43 25.59 11.99
N VAL C 273 8.72 26.67 11.75
CA VAL C 273 8.56 27.20 10.40
C VAL C 273 8.36 28.71 10.47
N GLY C 274 9.12 29.45 9.69
CA GLY C 274 8.87 30.87 9.54
C GLY C 274 9.34 31.69 10.73
N ASN C 275 8.57 32.75 10.99
CA ASN C 275 8.93 33.70 12.02
C ASN C 275 7.69 34.44 12.53
N MET C 276 7.89 35.43 13.39
CA MET C 276 6.78 35.98 14.16
C MET C 276 7.05 37.44 14.55
N PRO C 277 6.20 38.37 14.12
CA PRO C 277 6.35 39.76 14.55
C PRO C 277 5.78 39.97 15.95
N ILE C 278 6.34 40.97 16.63
CA ILE C 278 6.07 41.26 18.03
C ILE C 278 6.42 42.72 18.33
N SER C 279 5.52 43.41 19.01
CA SER C 279 5.74 44.77 19.50
C SER C 279 6.35 44.71 20.88
N ILE C 280 7.31 45.60 21.13
CA ILE C 280 8.05 45.65 22.38
C ILE C 280 7.95 47.06 22.94
N ASP C 281 7.43 47.16 24.16
CA ASP C 281 7.17 48.45 24.78
C ASP C 281 7.66 48.44 26.22
N ILE C 282 8.31 49.54 26.61
CA ILE C 282 8.67 49.84 27.99
C ILE C 282 8.84 51.35 28.06
N PRO C 283 8.55 52.00 29.18
CA PRO C 283 8.81 53.45 29.26
C PRO C 283 10.27 53.79 29.53
N ASP C 284 10.55 55.08 29.68
CA ASP C 284 11.89 55.59 29.91
C ASP C 284 12.37 55.46 31.34
N ALA C 285 11.65 54.72 32.20
CA ALA C 285 11.97 54.66 33.62
C ALA C 285 13.30 53.98 33.87
N ALA C 286 13.66 53.00 33.04
CA ALA C 286 14.98 52.38 33.11
C ALA C 286 15.97 53.00 32.15
N PHE C 287 15.75 54.25 31.73
CA PHE C 287 16.55 54.89 30.71
C PHE C 287 17.05 56.24 31.19
N THR C 288 18.36 56.34 31.39
CA THR C 288 19.03 57.60 31.64
C THR C 288 19.80 57.98 30.38
N ARG C 289 20.26 59.23 30.32
CA ARG C 289 20.94 59.74 29.13
C ARG C 289 22.26 58.99 28.91
N VAL C 290 22.79 59.12 27.69
CA VAL C 290 24.02 58.41 27.31
C VAL C 290 25.21 58.89 28.14
N VAL C 291 25.19 60.18 28.53
CA VAL C 291 26.21 60.65 29.45
C VAL C 291 25.87 60.26 30.88
N ASP C 292 24.57 60.14 31.20
CA ASP C 292 24.15 59.57 32.47
C ASP C 292 24.32 58.06 32.49
N ALA C 293 24.35 57.44 31.34
CA ALA C 293 24.92 56.11 31.24
C ALA C 293 26.44 56.21 31.37
N PRO C 294 27.10 55.18 31.91
CA PRO C 294 28.56 55.22 32.00
C PRO C 294 29.21 55.11 30.62
N SER C 295 29.96 56.14 30.25
CA SER C 295 30.54 56.22 28.92
C SER C 295 31.90 55.54 28.92
N LEU C 296 32.06 54.55 28.05
CA LEU C 296 33.28 53.75 28.02
C LEU C 296 34.34 54.41 27.16
N THR C 297 35.52 54.63 27.74
CA THR C 297 36.72 54.98 26.99
C THR C 297 37.70 53.82 27.05
N ASP C 298 38.82 53.98 26.33
CA ASP C 298 39.91 52.99 26.23
C ASP C 298 39.40 51.63 25.73
N MET C 299 38.45 51.68 24.79
CA MET C 299 37.71 50.49 24.40
C MET C 299 38.56 49.61 23.49
N SER C 300 38.54 48.30 23.75
CA SER C 300 39.28 47.34 22.94
C SER C 300 38.69 45.95 23.19
N CYS C 301 38.07 45.36 22.17
CA CYS C 301 37.72 43.96 22.23
C CYS C 301 38.75 43.11 21.49
N GLU C 302 39.10 41.99 22.10
CA GLU C 302 40.09 41.08 21.56
C GLU C 302 39.63 39.66 21.83
N VAL C 303 39.59 38.83 20.78
CA VAL C 303 39.24 37.42 20.93
C VAL C 303 40.50 36.63 21.23
N PRO C 304 40.64 36.07 22.42
CA PRO C 304 41.83 35.23 22.69
C PRO C 304 41.76 33.88 22.01
N ALA C 305 40.59 33.25 21.99
CA ALA C 305 40.44 31.92 21.44
C ALA C 305 38.99 31.73 21.03
N CYS C 306 38.76 31.13 19.88
CA CYS C 306 37.41 30.86 19.43
C CYS C 306 37.41 29.67 18.49
N THR C 307 36.51 28.73 18.74
CA THR C 307 36.19 27.65 17.82
C THR C 307 34.73 27.84 17.46
N HIS C 308 34.48 28.39 16.27
CA HIS C 308 33.14 28.83 15.89
C HIS C 308 32.26 27.60 15.67
N SER C 309 31.21 27.48 16.49
CA SER C 309 30.43 26.26 16.56
C SER C 309 29.14 26.51 17.34
N SER C 310 28.33 25.46 17.45
CA SER C 310 27.02 25.55 18.08
C SER C 310 27.09 25.68 19.59
N ASP C 311 28.26 25.48 20.18
CA ASP C 311 28.51 25.70 21.61
C ASP C 311 28.70 27.19 21.87
N PHE C 312 29.33 27.52 22.99
CA PHE C 312 29.88 28.87 23.11
C PHE C 312 31.01 28.98 22.10
N GLY C 313 30.70 29.48 20.91
CA GLY C 313 31.63 29.41 19.79
C GLY C 313 32.77 30.39 19.85
N GLY C 314 32.81 31.23 20.87
CA GLY C 314 33.93 32.14 21.03
C GLY C 314 33.80 32.94 22.31
N VAL C 315 34.91 33.57 22.70
CA VAL C 315 34.97 34.45 23.85
C VAL C 315 35.84 35.63 23.48
N ALA C 316 35.60 36.77 24.13
CA ALA C 316 36.43 37.95 23.88
C ALA C 316 36.53 38.78 25.15
N ILE C 317 37.72 39.33 25.37
CA ILE C 317 37.98 40.21 26.50
C ILE C 317 37.89 41.64 25.99
N ILE C 318 37.13 42.46 26.68
CA ILE C 318 37.07 43.89 26.37
C ILE C 318 37.72 44.65 27.52
N LYS C 319 38.78 45.38 27.18
CA LYS C 319 39.44 46.32 28.07
C LYS C 319 38.88 47.71 27.80
N TYR C 320 38.71 48.49 28.87
CA TYR C 320 38.01 49.76 28.78
C TYR C 320 38.36 50.61 29.99
N ALA C 321 38.16 51.92 29.85
CA ALA C 321 38.24 52.84 30.99
C ALA C 321 36.96 53.67 30.94
N ALA C 322 35.89 53.13 31.53
CA ALA C 322 34.60 53.77 31.47
C ALA C 322 34.57 55.05 32.31
N SER C 323 33.51 55.84 32.12
CA SER C 323 33.37 57.07 32.87
C SER C 323 33.00 56.82 34.32
N LYS C 324 32.05 55.93 34.58
CA LYS C 324 31.53 55.77 35.93
C LYS C 324 30.93 54.38 36.08
N LYS C 325 30.16 54.18 37.15
CA LYS C 325 29.61 52.90 37.51
C LYS C 325 28.19 52.75 36.97
N GLY C 326 27.87 51.56 36.45
CA GLY C 326 26.50 51.28 36.05
C GLY C 326 26.28 49.93 35.40
N LYS C 327 25.11 49.34 35.67
CA LYS C 327 24.67 48.14 34.95
C LYS C 327 24.25 48.57 33.56
N CYS C 328 25.15 48.45 32.60
CA CYS C 328 24.89 48.90 31.25
C CYS C 328 24.97 47.72 30.29
N ALA C 329 24.36 47.89 29.13
CA ALA C 329 24.12 46.77 28.24
C ALA C 329 25.37 46.42 27.43
N VAL C 330 25.31 45.25 26.79
CA VAL C 330 26.26 44.84 25.79
C VAL C 330 25.50 44.26 24.60
N HIS C 331 25.63 44.89 23.44
CA HIS C 331 24.98 44.39 22.23
C HIS C 331 26.01 44.18 21.14
N SER C 332 26.22 42.93 20.80
CA SER C 332 26.92 42.58 19.56
C SER C 332 26.15 43.15 18.38
N MET C 333 26.86 43.85 17.50
CA MET C 333 26.22 44.47 16.36
C MET C 333 26.30 43.62 15.10
N THR C 334 27.43 42.94 14.90
CA THR C 334 27.50 41.93 13.85
C THR C 334 26.63 40.74 14.23
N ASN C 335 25.76 40.33 13.30
CA ASN C 335 24.61 39.50 13.63
C ASN C 335 24.95 38.03 13.89
N ALA C 336 26.11 37.55 13.42
CA ALA C 336 26.47 36.15 13.65
C ALA C 336 26.84 35.92 15.12
N VAL C 337 27.76 36.72 15.63
CA VAL C 337 28.08 36.71 17.04
C VAL C 337 26.94 37.30 17.85
N THR C 338 26.46 36.57 18.84
CA THR C 338 25.45 37.14 19.74
C THR C 338 25.91 37.05 21.17
N ILE C 339 25.62 38.11 21.93
CA ILE C 339 26.08 38.17 23.31
C ILE C 339 25.28 37.20 24.17
N ARG C 340 25.99 36.46 25.02
CA ARG C 340 25.33 35.42 25.83
C ARG C 340 24.52 36.01 26.97
N GLU C 341 25.00 37.09 27.59
CA GLU C 341 24.34 37.71 28.74
C GLU C 341 24.14 39.19 28.40
N ALA C 342 22.89 39.62 28.40
CA ALA C 342 22.48 40.81 27.65
C ALA C 342 23.04 42.10 28.21
N GLU C 343 23.19 42.19 29.54
CA GLU C 343 23.70 43.40 30.17
C GLU C 343 24.76 43.04 31.21
N ILE C 344 25.74 43.93 31.37
CA ILE C 344 26.86 43.75 32.29
C ILE C 344 26.90 44.92 33.25
N GLU C 345 27.91 44.96 34.11
CA GLU C 345 28.24 46.14 34.88
C GLU C 345 29.55 46.73 34.38
N VAL C 346 29.70 48.04 34.51
CA VAL C 346 30.96 48.71 34.23
C VAL C 346 31.28 49.63 35.41
N GLU C 347 32.57 49.88 35.62
CA GLU C 347 32.97 50.72 36.73
C GLU C 347 33.94 51.81 36.30
N GLY C 348 34.73 51.54 35.27
CA GLY C 348 35.81 52.43 34.90
C GLY C 348 36.95 51.69 34.24
N ASN C 349 38.16 51.85 34.76
CA ASN C 349 39.31 51.17 34.16
C ASN C 349 39.28 49.69 34.50
N SER C 350 38.65 48.89 33.64
CA SER C 350 38.51 47.47 33.87
C SER C 350 38.61 46.71 32.57
N GLN C 351 38.38 45.41 32.66
CA GLN C 351 38.27 44.53 31.49
C GLN C 351 37.45 43.33 31.91
N LEU C 352 36.69 42.79 30.96
CA LEU C 352 35.84 41.65 31.28
C LEU C 352 35.61 40.78 30.06
N GLN C 353 35.12 39.57 30.33
CA GLN C 353 35.01 38.49 29.37
C GLN C 353 33.58 38.31 28.91
N ILE C 354 33.38 38.22 27.61
CA ILE C 354 32.09 37.88 27.03
C ILE C 354 32.24 36.55 26.29
N SER C 355 31.13 35.83 26.18
CA SER C 355 31.06 34.59 25.43
C SER C 355 29.95 34.69 24.40
N PHE C 356 30.12 33.95 23.31
CA PHE C 356 29.26 34.12 22.14
C PHE C 356 29.45 32.90 21.24
N SER C 357 28.88 32.97 20.05
CA SER C 357 28.98 31.90 19.08
C SER C 357 28.78 32.46 17.69
N THR C 358 29.45 31.83 16.72
CA THR C 358 29.33 32.18 15.32
C THR C 358 29.71 30.95 14.50
N ALA C 359 29.78 31.13 13.17
CA ALA C 359 30.35 30.14 12.30
C ALA C 359 31.32 30.70 11.28
N LEU C 360 31.57 32.00 11.28
CA LEU C 360 32.54 32.57 10.35
C LEU C 360 33.95 32.19 10.77
N ALA C 361 34.74 31.74 9.79
CA ALA C 361 36.10 31.30 10.07
C ALA C 361 36.99 32.46 10.48
N SER C 362 37.08 33.49 9.64
CA SER C 362 37.76 34.73 10.00
C SER C 362 36.71 35.70 10.50
N ALA C 363 36.38 35.58 11.79
CA ALA C 363 35.21 36.22 12.37
C ALA C 363 35.45 37.71 12.59
N GLU C 364 34.63 38.54 11.96
CA GLU C 364 34.59 39.96 12.30
C GLU C 364 33.44 40.23 13.26
N PHE C 365 33.66 41.17 14.17
CA PHE C 365 32.78 41.39 15.29
C PHE C 365 32.72 42.89 15.56
N ARG C 366 31.54 43.38 15.90
CA ARG C 366 31.38 44.76 16.31
C ARG C 366 30.32 44.82 17.39
N VAL C 367 30.56 45.65 18.40
CA VAL C 367 29.73 45.61 19.61
C VAL C 367 29.35 47.03 20.02
N GLN C 368 28.11 47.16 20.53
CA GLN C 368 27.67 48.36 21.24
C GLN C 368 27.75 48.06 22.73
N VAL C 369 28.88 48.39 23.35
CA VAL C 369 28.97 48.22 24.79
C VAL C 369 28.50 49.51 25.46
N CYS C 370 27.17 49.73 25.42
CA CYS C 370 26.38 50.72 26.14
C CYS C 370 26.78 52.18 25.99
N SER C 371 27.91 52.47 25.35
CA SER C 371 28.23 53.83 24.94
C SER C 371 28.84 53.85 23.55
N THR C 372 29.66 52.85 23.25
CA THR C 372 30.60 52.94 22.14
C THR C 372 30.49 51.71 21.25
N GLN C 373 30.93 51.88 20.02
CA GLN C 373 31.04 50.79 19.05
C GLN C 373 32.49 50.36 18.95
N VAL C 374 32.75 49.09 19.26
CA VAL C 374 34.11 48.54 19.28
C VAL C 374 34.18 47.38 18.30
N HIS C 375 35.19 47.41 17.44
CA HIS C 375 35.43 46.34 16.47
C HIS C 375 36.42 45.34 17.04
N CYS C 376 36.17 44.06 16.75
CA CYS C 376 37.12 42.99 16.98
C CYS C 376 37.25 42.17 15.69
N ALA C 377 38.46 41.68 15.47
CA ALA C 377 38.72 40.73 14.40
C ALA C 377 39.14 39.41 15.02
N ALA C 378 38.92 38.33 14.30
CA ALA C 378 39.21 37.01 14.83
C ALA C 378 39.48 36.04 13.69
N GLU C 379 40.07 34.90 14.03
CA GLU C 379 40.22 33.76 13.14
C GLU C 379 39.76 32.54 13.93
N CYS C 380 38.46 32.26 13.88
CA CYS C 380 37.88 31.21 14.71
C CYS C 380 38.06 29.86 14.03
N HIS C 381 37.51 28.83 14.67
CA HIS C 381 37.83 27.49 14.20
C HIS C 381 36.56 26.69 13.94
N PRO C 382 36.54 25.89 12.89
CA PRO C 382 35.46 24.93 12.71
C PRO C 382 35.58 23.80 13.72
N PRO C 383 34.45 23.31 14.22
CA PRO C 383 34.49 22.34 15.32
C PRO C 383 34.96 20.96 14.87
N LYS C 384 35.28 20.15 15.89
CA LYS C 384 35.67 18.76 15.68
C LYS C 384 34.78 17.79 16.44
N ASP C 385 33.99 18.28 17.39
CA ASP C 385 33.03 17.43 18.08
C ASP C 385 31.87 17.10 17.16
N HIS C 386 31.06 16.13 17.57
CA HIS C 386 30.13 15.51 16.64
C HIS C 386 28.67 15.59 17.07
N ILE C 387 28.36 15.34 18.34
CA ILE C 387 26.98 15.32 18.81
C ILE C 387 26.64 16.67 19.40
N VAL C 388 25.67 17.35 18.80
CA VAL C 388 25.03 18.50 19.42
C VAL C 388 23.52 18.30 19.36
N ASN C 389 22.89 18.38 20.54
CA ASN C 389 21.47 18.09 20.65
C ASN C 389 20.62 19.19 20.03
N TYR C 390 20.71 20.40 20.57
CA TYR C 390 20.14 21.74 20.50
C TYR C 390 20.63 22.47 19.23
N PRO C 391 19.82 23.35 18.67
CA PRO C 391 20.26 24.14 17.52
C PRO C 391 21.16 25.31 17.93
N ALA C 392 21.63 26.02 16.91
CA ALA C 392 22.28 27.33 17.08
C ALA C 392 22.02 28.14 15.82
N SER C 393 20.95 28.94 15.85
CA SER C 393 20.54 29.72 14.69
C SER C 393 21.39 30.97 14.49
N HIS C 394 22.01 31.46 15.57
CA HIS C 394 22.77 32.69 15.49
C HIS C 394 24.09 32.49 14.76
N THR C 395 24.66 31.30 14.87
CA THR C 395 25.91 30.99 14.18
C THR C 395 25.74 31.01 12.66
N THR C 396 24.52 30.71 12.18
CA THR C 396 24.25 30.52 10.76
C THR C 396 24.46 31.79 9.96
N LEU C 397 24.96 31.62 8.74
CA LEU C 397 25.26 32.70 7.83
C LEU C 397 24.56 32.43 6.50
N GLY C 398 24.78 33.31 5.53
CA GLY C 398 24.18 33.16 4.23
C GLY C 398 25.04 32.35 3.29
N VAL C 399 24.97 32.70 2.01
CA VAL C 399 25.76 32.03 0.98
C VAL C 399 27.07 32.75 0.69
N GLN C 400 27.33 33.90 1.31
CA GLN C 400 28.54 34.68 1.04
C GLN C 400 29.22 35.02 2.36
N ASP C 401 30.35 34.35 2.61
CA ASP C 401 31.20 34.62 3.76
C ASP C 401 32.62 34.91 3.29
N ILE C 402 33.35 35.67 4.11
CA ILE C 402 34.70 36.07 3.74
C ILE C 402 35.64 34.88 3.84
N SER C 403 36.66 34.89 2.99
CA SER C 403 37.77 33.96 3.09
C SER C 403 38.81 34.53 4.07
N VAL C 404 39.98 33.89 4.10
CA VAL C 404 41.06 34.38 4.95
C VAL C 404 42.09 35.10 4.08
N THR C 405 42.31 34.61 2.87
CA THR C 405 43.20 35.26 1.92
C THR C 405 42.61 35.26 0.52
N ALA C 406 41.63 34.41 0.23
CA ALA C 406 41.18 34.20 -1.13
C ALA C 406 40.31 35.33 -1.67
N MET C 407 39.95 36.32 -0.85
CA MET C 407 39.43 37.55 -1.43
C MET C 407 40.50 38.23 -2.27
N SER C 408 41.74 38.25 -1.75
CA SER C 408 42.87 38.74 -2.53
C SER C 408 43.20 37.82 -3.68
N TRP C 409 42.93 36.52 -3.55
CA TRP C 409 43.12 35.63 -4.70
C TRP C 409 42.07 35.87 -5.76
N VAL C 410 40.85 36.25 -5.36
CA VAL C 410 39.81 36.63 -6.32
C VAL C 410 40.23 37.88 -7.07
N GLN C 411 40.59 38.96 -6.36
CA GLN C 411 40.99 40.15 -7.10
C GLN C 411 42.44 40.12 -7.57
N LYS C 412 43.13 38.98 -7.41
CA LYS C 412 44.30 38.69 -8.23
C LYS C 412 43.90 38.05 -9.53
N ILE C 413 42.93 37.13 -9.48
CA ILE C 413 42.49 36.43 -10.69
C ILE C 413 41.39 37.17 -11.42
N THR C 414 40.42 37.75 -10.71
CA THR C 414 39.50 38.70 -11.31
C THR C 414 40.01 40.13 -11.15
N GLY C 415 41.32 40.29 -11.22
CA GLY C 415 41.99 41.57 -11.12
C GLY C 415 42.32 42.09 -12.49
N GLY C 416 43.55 41.88 -12.96
CA GLY C 416 43.77 42.19 -14.36
C GLY C 416 43.04 41.19 -15.21
N VAL C 417 41.84 41.60 -15.64
CA VAL C 417 41.06 40.91 -16.65
C VAL C 417 40.59 41.84 -17.75
N GLY C 418 40.50 43.14 -17.50
CA GLY C 418 40.18 44.13 -18.49
C GLY C 418 41.39 44.68 -19.21
N LEU C 419 42.57 44.09 -19.01
CA LEU C 419 43.73 44.48 -19.80
C LEU C 419 43.57 44.01 -21.25
N VAL C 420 42.89 42.87 -21.43
CA VAL C 420 42.66 42.37 -22.77
C VAL C 420 41.64 43.23 -23.52
N VAL C 421 40.65 43.78 -22.82
CA VAL C 421 39.73 44.67 -23.52
C VAL C 421 40.33 46.06 -23.65
N ALA C 422 41.34 46.40 -22.83
CA ALA C 422 42.07 47.64 -23.02
C ALA C 422 42.90 47.59 -24.30
N VAL C 423 43.63 46.50 -24.53
CA VAL C 423 44.33 46.40 -25.80
C VAL C 423 43.35 46.14 -26.95
N ALA C 424 42.16 45.60 -26.67
CA ALA C 424 41.14 45.52 -27.72
C ALA C 424 40.63 46.91 -28.11
N ALA C 425 40.50 47.81 -27.15
CA ALA C 425 40.15 49.20 -27.47
C ALA C 425 41.28 49.87 -28.22
N LEU C 426 42.52 49.48 -27.90
CA LEU C 426 43.67 49.91 -28.71
C LEU C 426 43.54 49.45 -30.15
N ILE C 427 43.14 48.19 -30.36
CA ILE C 427 42.84 47.67 -31.70
C ILE C 427 41.77 48.50 -32.39
N LEU C 428 40.73 48.84 -31.64
CA LEU C 428 39.62 49.58 -32.25
C LEU C 428 40.01 51.00 -32.60
N ILE C 429 40.82 51.65 -31.77
CA ILE C 429 41.17 53.02 -32.11
C ILE C 429 42.23 53.03 -33.21
N VAL C 430 43.08 52.01 -33.31
CA VAL C 430 44.04 52.05 -34.42
C VAL C 430 43.35 51.70 -35.73
N VAL C 431 42.35 50.81 -35.70
CA VAL C 431 41.66 50.51 -36.95
C VAL C 431 40.77 51.69 -37.35
N LEU C 432 40.24 52.44 -36.39
CA LEU C 432 39.45 53.62 -36.74
C LEU C 432 40.34 54.73 -37.31
N CYS C 433 41.51 54.96 -36.70
CA CYS C 433 42.31 56.08 -37.19
C CYS C 433 42.98 55.74 -38.52
N VAL C 434 43.36 54.49 -38.74
CA VAL C 434 43.92 54.17 -40.05
C VAL C 434 42.83 54.09 -41.12
N SER C 435 41.65 53.53 -40.80
CA SER C 435 40.58 53.48 -41.78
C SER C 435 40.01 54.84 -42.10
N PHE C 436 40.01 55.77 -41.15
CA PHE C 436 39.49 57.11 -41.39
C PHE C 436 40.55 58.05 -41.93
N SER C 437 41.81 57.85 -41.58
CA SER C 437 42.88 58.68 -42.12
C SER C 437 43.23 58.32 -43.55
N ARG C 438 42.77 57.17 -44.03
CA ARG C 438 43.09 56.72 -45.38
C ARG C 438 41.88 56.72 -46.29
N HIS C 439 40.79 56.11 -45.84
CA HIS C 439 39.47 56.14 -46.49
C HIS C 439 39.47 55.64 -47.94
N TYR D 1 -34.34 1.33 -15.84
CA TYR D 1 -33.58 0.87 -14.69
C TYR D 1 -32.97 2.06 -13.96
N GLU D 2 -31.68 2.27 -14.15
CA GLU D 2 -31.02 3.45 -13.61
C GLU D 2 -31.49 4.69 -14.38
N HIS D 3 -31.62 5.81 -13.68
CA HIS D 3 -32.14 7.04 -14.27
C HIS D 3 -31.47 8.20 -13.55
N VAL D 4 -30.50 8.82 -14.20
CA VAL D 4 -29.81 9.98 -13.65
C VAL D 4 -30.35 11.21 -14.36
N THR D 5 -30.79 12.20 -13.57
CA THR D 5 -31.32 13.44 -14.12
C THR D 5 -30.59 14.58 -13.44
N VAL D 6 -30.47 15.72 -14.12
CA VAL D 6 -30.00 16.94 -13.50
C VAL D 6 -31.11 17.96 -13.61
N ILE D 7 -31.87 18.14 -12.53
CA ILE D 7 -32.97 19.09 -12.55
C ILE D 7 -32.37 20.43 -12.16
N PRO D 8 -32.97 21.56 -12.55
CA PRO D 8 -32.46 22.84 -12.05
C PRO D 8 -32.76 23.01 -10.59
N ASN D 9 -31.89 23.76 -9.91
CA ASN D 9 -32.06 24.06 -8.49
C ASN D 9 -33.19 25.07 -8.39
N THR D 10 -34.42 24.56 -8.19
CA THR D 10 -35.61 25.38 -8.03
C THR D 10 -36.36 24.94 -6.78
N VAL D 11 -36.47 25.84 -5.81
CA VAL D 11 -37.34 25.61 -4.66
C VAL D 11 -38.79 25.69 -5.13
N GLY D 12 -39.54 24.63 -4.89
CA GLY D 12 -40.98 24.68 -5.01
C GLY D 12 -41.54 24.67 -6.42
N VAL D 13 -40.81 24.11 -7.38
CA VAL D 13 -41.30 23.87 -8.72
C VAL D 13 -41.12 22.39 -9.01
N PRO D 14 -42.15 21.68 -9.47
CA PRO D 14 -41.99 20.25 -9.75
C PRO D 14 -41.19 20.01 -11.02
N TYR D 15 -40.85 18.75 -11.21
CA TYR D 15 -40.12 18.30 -12.39
C TYR D 15 -40.71 16.98 -12.83
N LYS D 16 -41.03 16.89 -14.12
CA LYS D 16 -41.48 15.66 -14.75
C LYS D 16 -40.31 15.05 -15.49
N THR D 17 -40.06 13.77 -15.24
CA THR D 17 -38.99 13.03 -15.91
C THR D 17 -39.58 11.82 -16.62
N LEU D 18 -39.05 11.52 -17.80
CA LEU D 18 -39.47 10.33 -18.54
C LEU D 18 -38.58 9.16 -18.13
N VAL D 19 -39.00 8.42 -17.12
CA VAL D 19 -38.32 7.20 -16.70
C VAL D 19 -38.79 6.05 -17.57
N ASN D 20 -37.84 5.26 -18.08
CA ASN D 20 -38.16 4.15 -18.96
C ASN D 20 -36.98 3.18 -18.99
N ARG D 21 -37.26 1.90 -18.85
CA ARG D 21 -36.26 0.89 -19.07
C ARG D 21 -36.22 0.52 -20.56
N PRO D 22 -35.10 0.00 -21.05
CA PRO D 22 -35.07 -0.44 -22.45
C PRO D 22 -35.87 -1.71 -22.67
N GLY D 23 -37.04 -1.59 -23.29
CA GLY D 23 -37.87 -2.73 -23.66
C GLY D 23 -39.32 -2.61 -23.23
N TYR D 24 -39.60 -1.77 -22.24
CA TYR D 24 -40.95 -1.65 -21.72
C TYR D 24 -41.52 -0.28 -22.03
N SER D 25 -42.77 -0.07 -21.58
CA SER D 25 -43.48 1.18 -21.85
C SER D 25 -43.00 2.28 -20.90
N PRO D 26 -42.89 3.51 -21.36
CA PRO D 26 -42.32 4.58 -20.55
C PRO D 26 -43.29 5.03 -19.45
N MET D 27 -42.75 5.86 -18.57
CA MET D 27 -43.49 6.41 -17.43
C MET D 27 -42.97 7.82 -17.18
N VAL D 28 -43.85 8.69 -16.71
CA VAL D 28 -43.46 10.05 -16.36
C VAL D 28 -43.68 10.22 -14.87
N LEU D 29 -42.62 10.59 -14.15
CA LEU D 29 -42.69 10.76 -12.71
C LEU D 29 -42.44 12.21 -12.33
N GLU D 30 -42.95 12.58 -11.17
CA GLU D 30 -42.76 13.92 -10.63
C GLU D 30 -41.84 13.85 -9.41
N MET D 31 -40.81 14.68 -9.42
CA MET D 31 -40.05 14.96 -8.20
C MET D 31 -40.14 16.45 -7.93
N GLU D 32 -39.84 16.83 -6.69
CA GLU D 32 -39.84 18.25 -6.36
C GLU D 32 -38.90 18.54 -5.20
N LEU D 33 -38.06 19.55 -5.40
CA LEU D 33 -37.33 20.18 -4.32
C LEU D 33 -38.27 21.05 -3.51
N LEU D 34 -38.06 21.06 -2.20
CA LEU D 34 -38.89 21.85 -1.31
C LEU D 34 -38.05 22.91 -0.61
N SER D 35 -36.80 22.56 -0.29
CA SER D 35 -35.95 23.48 0.45
C SER D 35 -34.50 23.14 0.20
N VAL D 36 -33.66 24.16 0.07
CA VAL D 36 -32.21 24.01 0.05
C VAL D 36 -31.64 24.84 1.20
N THR D 37 -31.43 24.18 2.33
CA THR D 37 -31.00 24.85 3.54
C THR D 37 -29.49 24.67 3.71
N LEU D 38 -28.74 25.75 3.60
CA LEU D 38 -27.29 25.74 3.71
C LEU D 38 -26.92 26.10 5.13
N GLU D 39 -26.38 25.12 5.87
CA GLU D 39 -26.00 25.34 7.26
C GLU D 39 -24.52 25.69 7.32
N PRO D 40 -24.15 26.89 7.72
CA PRO D 40 -22.73 27.21 7.85
C PRO D 40 -22.13 26.62 9.12
N THR D 41 -20.91 26.14 8.99
CA THR D 41 -20.14 25.73 10.15
C THR D 41 -19.63 26.97 10.87
N LEU D 42 -19.65 26.92 12.21
CA LEU D 42 -19.52 28.12 13.01
C LEU D 42 -18.43 27.97 14.06
N SER D 43 -17.95 29.11 14.55
CA SER D 43 -17.17 29.16 15.78
C SER D 43 -17.32 30.54 16.38
N LEU D 44 -17.66 30.59 17.66
CA LEU D 44 -17.77 31.85 18.36
C LEU D 44 -16.39 32.44 18.59
N ASP D 45 -16.19 33.68 18.16
CA ASP D 45 -14.98 34.39 18.54
C ASP D 45 -15.10 34.92 19.96
N TYR D 46 -16.06 35.81 20.18
CA TYR D 46 -16.26 36.40 21.51
C TYR D 46 -17.67 36.96 21.56
N ILE D 47 -18.12 37.26 22.78
CA ILE D 47 -19.48 37.76 22.94
C ILE D 47 -19.44 39.21 23.41
N THR D 48 -20.61 39.84 23.45
CA THR D 48 -20.75 41.16 24.05
C THR D 48 -22.10 41.22 24.75
N CYS D 49 -22.08 41.51 26.04
CA CYS D 49 -23.28 41.77 26.82
C CYS D 49 -23.18 43.17 27.41
N GLU D 50 -24.22 43.58 28.13
CA GLU D 50 -24.21 44.88 28.74
C GLU D 50 -23.30 44.87 29.96
N TYR D 51 -22.54 45.95 30.14
CA TYR D 51 -21.73 46.09 31.33
C TYR D 51 -22.53 46.70 32.47
N LYS D 52 -21.85 46.90 33.59
CA LYS D 52 -22.40 47.58 34.75
C LYS D 52 -21.26 48.33 35.42
N THR D 53 -21.45 49.64 35.59
CA THR D 53 -20.46 50.45 36.29
C THR D 53 -20.76 50.39 37.78
N VAL D 54 -19.77 49.95 38.55
CA VAL D 54 -19.93 49.75 39.99
C VAL D 54 -18.93 50.64 40.71
N ILE D 55 -19.41 51.34 41.73
CA ILE D 55 -18.56 52.12 42.62
C ILE D 55 -18.63 51.51 44.00
N PRO D 56 -17.64 51.74 44.85
CA PRO D 56 -17.82 51.47 46.28
C PRO D 56 -18.56 52.61 46.95
N SER D 57 -18.86 52.42 48.21
CA SER D 57 -19.14 53.55 49.07
C SER D 57 -17.81 54.23 49.35
N PRO D 58 -17.60 55.45 48.87
CA PRO D 58 -16.25 56.01 48.88
C PRO D 58 -15.83 56.46 50.27
N TYR D 59 -14.54 56.76 50.39
CA TYR D 59 -13.91 56.95 51.68
C TYR D 59 -13.86 58.44 51.99
N VAL D 60 -14.51 58.86 53.06
CA VAL D 60 -14.49 60.26 53.47
C VAL D 60 -13.44 60.42 54.58
N LYS D 61 -12.19 60.64 54.16
CA LYS D 61 -11.09 60.76 55.10
C LYS D 61 -11.09 62.18 55.65
N CYS D 62 -11.87 62.40 56.70
CA CYS D 62 -11.88 63.70 57.37
C CYS D 62 -10.61 63.85 58.19
N CYS D 63 -10.06 65.07 58.19
CA CYS D 63 -8.80 65.43 58.86
C CYS D 63 -7.65 64.52 58.41
N GLY D 64 -7.33 64.60 57.12
CA GLY D 64 -6.18 63.92 56.58
C GLY D 64 -6.48 63.27 55.25
N THR D 65 -5.53 62.45 54.81
CA THR D 65 -5.61 61.77 53.52
C THR D 65 -5.11 60.34 53.69
N ALA D 66 -5.82 59.40 53.06
CA ALA D 66 -5.43 57.98 53.04
C ALA D 66 -5.42 57.53 51.58
N GLU D 67 -4.24 57.17 51.09
CA GLU D 67 -4.07 56.80 49.69
C GLU D 67 -4.66 55.41 49.43
N CYS D 68 -5.37 55.28 48.31
CA CYS D 68 -6.01 54.05 47.91
C CYS D 68 -4.99 52.96 47.55
N LYS D 69 -5.50 51.76 47.34
CA LYS D 69 -4.71 50.61 46.96
C LYS D 69 -4.87 50.40 45.46
N ASP D 70 -3.76 50.28 44.75
CA ASP D 70 -3.77 50.21 43.29
C ASP D 70 -4.14 48.80 42.85
N LYS D 71 -5.42 48.48 42.97
CA LYS D 71 -5.92 47.18 42.57
C LYS D 71 -6.09 47.10 41.06
N SER D 72 -6.25 45.89 40.56
CA SER D 72 -6.40 45.63 39.14
C SER D 72 -7.84 45.18 38.89
N LEU D 73 -8.68 46.11 38.46
CA LEU D 73 -10.05 45.86 38.06
C LEU D 73 -10.26 46.36 36.65
N PRO D 74 -11.21 45.79 35.91
CA PRO D 74 -11.51 46.30 34.56
C PRO D 74 -12.01 47.74 34.57
N ASP D 75 -11.20 48.62 33.98
CA ASP D 75 -11.28 50.07 34.13
C ASP D 75 -11.35 50.46 35.60
N TYR D 76 -10.34 50.04 36.35
CA TYR D 76 -10.14 50.57 37.69
C TYR D 76 -9.83 52.06 37.58
N SER D 77 -10.33 52.82 38.54
CA SER D 77 -10.14 54.27 38.53
C SER D 77 -10.22 54.77 39.95
N CYS D 78 -9.33 55.69 40.31
CA CYS D 78 -9.22 56.13 41.69
C CYS D 78 -8.74 57.57 41.72
N LYS D 79 -9.26 58.32 42.70
CA LYS D 79 -8.85 59.69 42.94
C LYS D 79 -9.25 60.10 44.35
N VAL D 80 -8.32 60.70 45.08
CA VAL D 80 -8.62 61.23 46.41
C VAL D 80 -8.72 62.75 46.24
N PHE D 81 -9.96 63.23 46.18
CA PHE D 81 -10.20 64.65 46.06
C PHE D 81 -9.91 65.37 47.37
N THR D 82 -9.45 66.62 47.24
CA THR D 82 -8.88 67.37 48.35
C THR D 82 -9.86 68.45 48.81
N GLY D 83 -9.82 68.71 50.12
CA GLY D 83 -10.60 69.78 50.71
C GLY D 83 -12.10 69.57 50.63
N VAL D 84 -12.56 68.33 50.72
CA VAL D 84 -13.95 68.01 50.44
C VAL D 84 -14.81 68.43 51.63
N TYR D 85 -16.13 68.43 51.42
CA TYR D 85 -17.08 68.91 52.41
C TYR D 85 -18.16 67.87 52.62
N PRO D 86 -18.01 66.96 53.57
CA PRO D 86 -19.06 65.98 53.85
C PRO D 86 -20.25 66.60 54.56
N PHE D 87 -21.43 66.27 54.05
CA PHE D 87 -22.68 66.85 54.52
C PHE D 87 -23.67 65.74 54.81
N MET D 88 -24.49 65.97 55.83
CA MET D 88 -25.48 65.01 56.29
C MET D 88 -26.68 65.78 56.84
N TRP D 89 -27.50 65.11 57.66
CA TRP D 89 -28.74 65.70 58.13
C TRP D 89 -28.49 66.83 59.11
N GLY D 90 -27.53 66.66 60.02
CA GLY D 90 -27.18 67.73 60.94
C GLY D 90 -26.09 68.63 60.41
N GLY D 91 -26.35 69.27 59.28
CA GLY D 91 -25.34 70.15 58.70
C GLY D 91 -24.23 69.36 58.06
N ALA D 92 -22.99 69.78 58.32
CA ALA D 92 -21.83 69.06 57.83
C ALA D 92 -21.69 67.73 58.55
N TYR D 93 -21.10 66.75 57.86
CA TYR D 93 -21.04 65.41 58.43
C TYR D 93 -19.91 65.28 59.44
N CYS D 94 -18.72 65.76 59.10
CA CYS D 94 -17.57 65.73 60.01
C CYS D 94 -17.40 67.07 60.71
N PHE D 95 -17.06 67.00 62.00
CA PHE D 95 -16.71 68.20 62.75
C PHE D 95 -15.42 68.81 62.23
N CYS D 96 -14.47 67.96 61.82
CA CYS D 96 -13.37 68.42 61.01
C CYS D 96 -13.89 68.86 59.65
N ASP D 97 -13.45 70.03 59.18
CA ASP D 97 -14.05 70.63 58.00
C ASP D 97 -13.06 70.79 56.84
N THR D 98 -11.93 71.44 57.07
CA THR D 98 -11.07 71.85 55.97
C THR D 98 -10.15 70.74 55.48
N GLU D 99 -9.59 69.94 56.38
CA GLU D 99 -8.69 68.85 56.00
C GLU D 99 -9.41 67.59 55.61
N ASN D 100 -10.72 67.67 55.36
CA ASN D 100 -11.46 66.52 54.85
C ASN D 100 -11.10 66.28 53.40
N THR D 101 -10.49 65.13 53.14
CA THR D 101 -10.30 64.63 51.79
C THR D 101 -11.23 63.46 51.59
N GLN D 102 -11.36 63.01 50.35
CA GLN D 102 -12.28 61.93 50.02
C GLN D 102 -11.67 61.06 48.92
N LEU D 103 -11.30 59.84 49.29
CA LEU D 103 -10.99 58.83 48.31
C LEU D 103 -12.24 58.43 47.57
N SER D 104 -12.08 58.17 46.28
CA SER D 104 -13.16 57.77 45.39
C SER D 104 -12.60 56.74 44.44
N GLU D 105 -13.41 55.72 44.16
CA GLU D 105 -13.00 54.63 43.29
C GLU D 105 -14.17 54.29 42.38
N ALA D 106 -13.85 53.72 41.23
CA ALA D 106 -14.88 53.31 40.27
C ALA D 106 -14.31 52.24 39.37
N HIS D 107 -15.19 51.34 38.94
CA HIS D 107 -14.79 50.19 38.13
C HIS D 107 -15.98 49.79 37.28
N VAL D 108 -15.73 48.96 36.28
CA VAL D 108 -16.82 48.47 35.46
C VAL D 108 -16.65 46.97 35.28
N GLU D 109 -17.77 46.25 35.37
CA GLU D 109 -17.78 44.80 35.28
C GLU D 109 -18.96 44.38 34.42
N LYS D 110 -19.30 43.10 34.41
CA LYS D 110 -20.48 42.68 33.67
C LYS D 110 -21.75 43.08 34.41
N SER D 111 -22.87 43.02 33.70
CA SER D 111 -24.17 43.25 34.29
C SER D 111 -24.90 41.91 34.44
N GLU D 112 -26.15 41.99 34.86
CA GLU D 112 -26.94 40.79 35.10
C GLU D 112 -27.80 40.40 33.91
N SER D 113 -27.79 41.20 32.84
CA SER D 113 -28.50 40.81 31.63
C SER D 113 -27.73 39.83 30.76
N CYS D 114 -26.48 39.55 31.12
CA CYS D 114 -25.61 38.70 30.31
C CYS D 114 -25.94 37.21 30.41
N LYS D 115 -26.97 36.83 31.16
CA LYS D 115 -27.30 35.42 31.26
C LYS D 115 -28.02 34.92 30.00
N THR D 116 -28.94 35.70 29.46
CA THR D 116 -29.68 35.29 28.28
C THR D 116 -29.75 36.36 27.19
N GLU D 117 -29.31 37.59 27.47
CA GLU D 117 -29.41 38.69 26.51
C GLU D 117 -28.02 39.19 26.22
N PHE D 118 -27.48 38.80 25.07
CA PHE D 118 -26.13 39.16 24.65
C PHE D 118 -25.97 38.87 23.18
N ALA D 119 -25.16 39.67 22.51
CA ALA D 119 -24.79 39.37 21.14
C ALA D 119 -23.49 38.59 21.12
N SER D 120 -23.15 38.07 19.96
CA SER D 120 -22.00 37.19 19.83
C SER D 120 -21.36 37.41 18.46
N ALA D 121 -20.10 37.84 18.48
CA ALA D 121 -19.27 37.85 17.30
C ALA D 121 -18.74 36.44 17.07
N TYR D 122 -19.22 35.81 16.01
CA TYR D 122 -18.81 34.49 15.55
C TYR D 122 -17.86 34.61 14.37
N ARG D 123 -17.02 33.58 14.25
CA ARG D 123 -16.26 33.31 13.04
C ARG D 123 -17.04 32.27 12.25
N ALA D 124 -17.61 32.68 11.12
CA ALA D 124 -18.29 31.75 10.24
C ALA D 124 -17.30 31.01 9.37
N HIS D 125 -17.74 29.89 8.81
CA HIS D 125 -16.87 29.01 8.04
C HIS D 125 -17.67 28.47 6.87
N THR D 126 -17.14 27.38 6.29
CA THR D 126 -17.77 26.70 5.17
C THR D 126 -19.16 26.18 5.52
N ALA D 127 -20.02 26.09 4.51
CA ALA D 127 -21.42 25.77 4.71
C ALA D 127 -21.68 24.30 4.41
N SER D 128 -22.66 23.73 5.10
CA SER D 128 -23.09 22.35 4.87
C SER D 128 -24.49 22.42 4.29
N ALA D 129 -24.73 21.65 3.23
CA ALA D 129 -25.99 21.72 2.52
C ALA D 129 -26.98 20.70 3.03
N SER D 130 -28.26 21.00 2.82
CA SER D 130 -29.34 20.09 3.13
C SER D 130 -30.52 20.42 2.22
N ALA D 131 -31.24 19.37 1.83
CA ALA D 131 -32.25 19.48 0.79
C ALA D 131 -33.46 18.64 1.15
N LYS D 132 -34.61 19.03 0.60
CA LYS D 132 -35.88 18.35 0.83
C LYS D 132 -36.49 17.97 -0.50
N LEU D 133 -37.02 16.74 -0.60
CA LEU D 133 -37.47 16.20 -1.87
C LEU D 133 -38.74 15.38 -1.68
N ARG D 134 -39.80 15.73 -2.39
CA ARG D 134 -40.99 14.90 -2.45
C ARG D 134 -41.20 14.39 -3.88
N VAL D 135 -41.28 13.07 -4.02
CA VAL D 135 -41.56 12.42 -5.29
C VAL D 135 -42.98 11.85 -5.25
N LEU D 136 -43.74 12.13 -6.29
CA LEU D 136 -45.07 11.53 -6.49
C LEU D 136 -44.85 10.19 -7.19
N TYR D 137 -44.58 9.17 -6.37
CA TYR D 137 -44.15 7.86 -6.85
C TYR D 137 -45.37 7.08 -7.33
N GLN D 138 -45.77 7.36 -8.57
CA GLN D 138 -46.92 6.74 -9.25
C GLN D 138 -48.21 6.95 -8.45
N GLY D 139 -48.55 8.22 -8.27
CA GLY D 139 -49.71 8.55 -7.46
C GLY D 139 -49.49 8.44 -5.97
N ASN D 140 -48.24 8.39 -5.52
CA ASN D 140 -47.91 8.27 -4.09
C ASN D 140 -46.83 9.27 -3.75
N ASN D 141 -47.15 10.24 -2.90
CA ASN D 141 -46.19 11.26 -2.48
C ASN D 141 -45.38 10.76 -1.29
N VAL D 142 -44.07 10.74 -1.44
CA VAL D 142 -43.15 10.41 -0.35
C VAL D 142 -42.01 11.43 -0.34
N THR D 143 -41.57 11.80 0.85
CA THR D 143 -40.71 12.95 1.05
C THR D 143 -39.54 12.57 1.95
N VAL D 144 -38.36 13.12 1.66
CA VAL D 144 -37.13 12.79 2.35
C VAL D 144 -36.17 13.97 2.26
N SER D 145 -35.40 14.20 3.32
CA SER D 145 -34.38 15.22 3.34
C SER D 145 -33.00 14.57 3.32
N ALA D 146 -32.02 15.33 2.84
CA ALA D 146 -30.69 14.78 2.57
C ALA D 146 -29.66 15.91 2.60
N TYR D 147 -28.42 15.59 2.25
CA TYR D 147 -27.41 16.57 1.91
C TYR D 147 -27.34 16.67 0.39
N ALA D 148 -27.32 17.91 -0.12
CA ALA D 148 -27.34 18.15 -1.57
C ALA D 148 -25.91 18.33 -2.11
N ASN D 149 -25.10 17.29 -1.93
CA ASN D 149 -23.69 17.37 -2.20
C ASN D 149 -23.16 16.26 -3.10
N GLY D 150 -24.04 15.44 -3.65
CA GLY D 150 -23.61 14.22 -4.30
C GLY D 150 -23.21 13.12 -3.34
N ASP D 151 -23.38 13.33 -2.04
CA ASP D 151 -22.72 12.51 -1.03
C ASP D 151 -23.69 11.96 0.02
N HIS D 152 -25.00 11.98 -0.24
CA HIS D 152 -25.96 11.57 0.77
C HIS D 152 -26.93 10.59 0.12
N ALA D 153 -26.67 9.30 0.25
CA ALA D 153 -27.57 8.30 -0.31
C ALA D 153 -28.57 7.84 0.75
N VAL D 154 -29.84 7.82 0.37
CA VAL D 154 -30.90 7.30 1.22
C VAL D 154 -31.68 6.32 0.36
N THR D 155 -32.26 5.28 0.98
CA THR D 155 -33.11 4.35 0.26
C THR D 155 -34.32 3.99 1.10
N VAL D 156 -35.50 4.19 0.52
CA VAL D 156 -36.78 3.79 1.11
C VAL D 156 -37.79 3.67 -0.02
N LYS D 157 -38.59 2.60 -0.01
CA LYS D 157 -39.59 2.26 -1.05
C LYS D 157 -38.94 2.17 -2.43
N ASP D 158 -37.93 1.28 -2.52
CA ASP D 158 -37.03 1.02 -3.66
C ASP D 158 -36.51 2.27 -4.36
N ALA D 159 -36.32 3.35 -3.61
CA ALA D 159 -35.89 4.63 -4.16
C ALA D 159 -34.50 4.94 -3.64
N LYS D 160 -33.48 4.54 -4.41
CA LYS D 160 -32.09 4.80 -4.07
C LYS D 160 -31.78 6.25 -4.43
N PHE D 161 -32.26 7.16 -3.59
CA PHE D 161 -32.06 8.58 -3.83
C PHE D 161 -30.64 8.95 -3.45
N ILE D 162 -29.82 9.16 -4.47
CA ILE D 162 -28.53 9.81 -4.33
C ILE D 162 -28.56 11.06 -5.21
N VAL D 163 -28.33 12.20 -4.57
CA VAL D 163 -28.34 13.51 -5.21
C VAL D 163 -27.01 13.68 -5.95
N GLY D 164 -26.91 14.69 -6.80
CA GLY D 164 -25.64 15.10 -7.34
C GLY D 164 -25.15 16.30 -6.58
N PRO D 165 -24.02 16.86 -6.98
CA PRO D 165 -23.38 17.91 -6.19
C PRO D 165 -24.12 19.24 -6.33
N MET D 166 -23.94 20.08 -5.31
CA MET D 166 -24.31 21.48 -5.42
C MET D 166 -23.46 22.09 -6.51
N SER D 167 -24.09 22.47 -7.63
CA SER D 167 -23.34 22.95 -8.78
C SER D 167 -22.74 24.33 -8.52
N SER D 168 -23.35 25.11 -7.64
CA SER D 168 -22.74 26.34 -7.21
C SER D 168 -21.76 26.05 -6.06
N ALA D 169 -21.12 27.10 -5.58
CA ALA D 169 -20.23 26.95 -4.43
C ALA D 169 -20.34 28.15 -3.49
N TRP D 170 -21.30 29.04 -3.73
CA TRP D 170 -21.31 30.32 -3.06
C TRP D 170 -22.08 30.27 -1.75
N THR D 171 -21.49 30.82 -0.72
CA THR D 171 -22.07 30.96 0.60
C THR D 171 -22.39 32.42 0.86
N PRO D 172 -23.55 32.72 1.43
CA PRO D 172 -23.90 34.12 1.68
C PRO D 172 -23.26 34.74 2.92
N PHE D 173 -22.24 34.12 3.49
CA PHE D 173 -21.69 34.59 4.75
C PHE D 173 -20.17 34.74 4.70
N ASP D 174 -19.70 35.80 5.34
CA ASP D 174 -18.30 36.01 5.66
C ASP D 174 -18.05 35.51 7.08
N ASN D 175 -16.79 35.17 7.35
CA ASN D 175 -16.35 34.75 8.68
C ASN D 175 -16.78 35.72 9.76
N LYS D 176 -16.51 37.01 9.56
CA LYS D 176 -16.85 38.02 10.56
C LYS D 176 -18.36 38.18 10.59
N ILE D 177 -19.02 37.47 11.49
CA ILE D 177 -20.48 37.50 11.56
C ILE D 177 -20.85 37.80 13.01
N VAL D 178 -21.92 38.53 13.23
CA VAL D 178 -22.45 38.69 14.58
C VAL D 178 -23.86 38.15 14.60
N VAL D 179 -24.31 37.80 15.80
CA VAL D 179 -25.62 37.19 15.99
C VAL D 179 -26.18 37.67 17.32
N TYR D 180 -27.44 38.10 17.30
CA TYR D 180 -28.15 38.38 18.55
C TYR D 180 -29.58 37.87 18.41
N LYS D 181 -29.84 36.70 18.99
CA LYS D 181 -31.12 36.32 19.58
C LYS D 181 -32.31 36.21 18.64
N GLY D 182 -32.24 36.84 17.46
CA GLY D 182 -33.13 36.56 16.38
C GLY D 182 -32.49 36.80 15.04
N ASP D 183 -31.25 37.31 15.00
CA ASP D 183 -30.72 37.66 13.70
C ASP D 183 -29.21 37.62 13.68
N VAL D 184 -28.66 37.76 12.47
CA VAL D 184 -27.24 37.82 12.21
C VAL D 184 -26.96 39.03 11.33
N TYR D 185 -25.69 39.43 11.31
CA TYR D 185 -25.25 40.61 10.56
C TYR D 185 -23.81 40.38 10.13
N ASN D 186 -23.55 40.44 8.83
CA ASN D 186 -22.19 40.29 8.30
C ASN D 186 -21.52 41.65 8.29
N MET D 187 -20.83 41.95 9.39
CA MET D 187 -19.98 43.13 9.48
C MET D 187 -18.68 42.73 10.15
N ASP D 188 -17.68 43.59 10.04
CA ASP D 188 -16.37 43.33 10.64
C ASP D 188 -16.35 43.96 12.02
N TYR D 189 -16.58 43.15 13.04
CA TYR D 189 -16.37 43.57 14.40
C TYR D 189 -14.87 43.70 14.67
N PRO D 190 -14.48 44.51 15.64
CA PRO D 190 -13.12 44.43 16.15
C PRO D 190 -12.93 43.11 16.88
N PRO D 191 -11.73 42.55 16.87
CA PRO D 191 -11.50 41.27 17.52
C PRO D 191 -11.40 41.45 19.03
N PHE D 192 -11.25 40.33 19.73
CA PHE D 192 -11.16 40.36 21.17
C PHE D 192 -9.86 41.00 21.62
N GLY D 193 -9.94 41.88 22.61
CA GLY D 193 -8.78 42.60 23.07
C GLY D 193 -8.58 43.93 22.35
N ALA D 194 -8.75 43.92 21.03
CA ALA D 194 -8.55 45.09 20.20
C ALA D 194 -9.85 45.84 19.94
N GLY D 195 -10.80 45.80 20.87
CA GLY D 195 -12.05 46.49 20.70
C GLY D 195 -11.91 48.00 20.88
N ARG D 196 -12.98 48.71 20.52
CA ARG D 196 -13.12 50.16 20.51
C ARG D 196 -14.27 50.60 21.42
N PRO D 197 -14.06 51.62 22.25
CA PRO D 197 -15.15 52.11 23.10
C PRO D 197 -16.25 52.77 22.29
N GLY D 198 -17.48 52.57 22.75
CA GLY D 198 -18.64 53.14 22.09
C GLY D 198 -18.94 52.53 20.74
N GLN D 199 -18.92 51.20 20.65
CA GLN D 199 -19.07 50.49 19.39
C GLN D 199 -19.36 49.03 19.74
N PHE D 200 -19.39 48.16 18.74
CA PHE D 200 -19.02 46.78 18.97
C PHE D 200 -17.63 46.75 19.57
N GLY D 201 -17.44 45.90 20.57
CA GLY D 201 -16.17 45.90 21.24
C GLY D 201 -16.00 46.99 22.27
N ASP D 202 -17.09 47.65 22.67
CA ASP D 202 -17.05 48.50 23.85
C ASP D 202 -16.79 47.67 25.09
N ILE D 203 -17.27 46.43 25.10
CA ILE D 203 -16.96 45.46 26.14
C ILE D 203 -16.85 44.10 25.49
N GLN D 204 -15.77 43.38 25.79
CA GLN D 204 -15.42 42.17 25.07
C GLN D 204 -15.22 41.03 26.05
N SER D 205 -15.94 39.93 25.81
CA SER D 205 -15.74 38.70 26.55
C SER D 205 -15.86 37.52 25.59
N ARG D 206 -15.06 36.49 25.82
CA ARG D 206 -15.03 35.33 24.93
C ARG D 206 -16.32 34.53 25.02
N THR D 207 -16.59 33.98 26.19
CA THR D 207 -17.86 33.36 26.53
C THR D 207 -18.51 34.21 27.62
N PRO D 208 -19.81 34.00 27.90
CA PRO D 208 -20.37 34.62 29.12
C PRO D 208 -19.73 34.14 30.40
N GLU D 209 -19.23 32.91 30.39
CA GLU D 209 -18.50 32.35 31.51
C GLU D 209 -17.04 32.76 31.51
N SER D 210 -16.53 33.26 30.39
CA SER D 210 -15.18 33.84 30.36
C SER D 210 -15.23 35.21 31.02
N GLU D 211 -14.45 35.38 32.06
CA GLU D 211 -14.48 36.60 32.86
C GLU D 211 -13.45 37.63 32.42
N ASP D 212 -12.81 37.44 31.27
CA ASP D 212 -11.92 38.46 30.74
C ASP D 212 -12.76 39.52 30.03
N VAL D 213 -13.06 40.60 30.73
CA VAL D 213 -13.93 41.65 30.22
C VAL D 213 -13.06 42.81 29.79
N TYR D 214 -12.71 42.84 28.49
CA TYR D 214 -11.95 43.95 27.95
C TYR D 214 -12.85 45.18 27.90
N ALA D 215 -12.58 46.13 28.78
CA ALA D 215 -13.43 47.28 28.99
C ALA D 215 -12.74 48.54 28.50
N ASN D 216 -13.55 49.51 28.06
CA ASN D 216 -13.01 50.78 27.56
C ASN D 216 -14.05 51.86 27.85
N THR D 217 -13.89 52.53 28.99
CA THR D 217 -14.85 53.53 29.44
C THR D 217 -14.27 54.90 29.71
N GLN D 218 -13.04 54.99 30.27
CA GLN D 218 -12.37 56.25 30.62
C GLN D 218 -13.21 57.12 31.56
N LEU D 219 -13.84 56.47 32.54
CA LEU D 219 -14.74 57.13 33.46
C LEU D 219 -13.92 57.94 34.47
N VAL D 220 -13.57 59.16 34.07
CA VAL D 220 -12.73 60.02 34.89
C VAL D 220 -13.63 60.74 35.88
N LEU D 221 -13.24 60.71 37.16
CA LEU D 221 -14.04 61.32 38.19
C LEU D 221 -13.85 62.83 38.23
N GLN D 222 -14.73 63.51 38.97
CA GLN D 222 -14.70 64.94 39.11
C GLN D 222 -14.92 65.33 40.56
N ARG D 223 -14.54 66.55 40.89
CA ARG D 223 -14.89 67.11 42.19
C ARG D 223 -16.39 67.35 42.23
N PRO D 224 -17.07 66.98 43.31
CA PRO D 224 -18.52 67.19 43.40
C PRO D 224 -18.88 68.67 43.45
N SER D 225 -20.19 68.93 43.31
CA SER D 225 -20.72 70.26 43.01
C SER D 225 -20.45 71.28 44.11
N ALA D 226 -21.06 71.11 45.28
CA ALA D 226 -20.79 71.98 46.43
C ALA D 226 -21.15 71.20 47.69
N GLY D 227 -20.14 70.57 48.29
CA GLY D 227 -20.35 69.77 49.48
C GLY D 227 -21.22 68.56 49.29
N THR D 228 -21.43 68.11 48.06
CA THR D 228 -22.38 67.05 47.78
C THR D 228 -21.71 65.69 47.94
N VAL D 229 -22.35 64.83 48.71
CA VAL D 229 -21.72 63.58 49.15
C VAL D 229 -22.02 62.54 48.06
N HIS D 230 -21.19 62.59 47.01
CA HIS D 230 -21.38 61.75 45.84
C HIS D 230 -20.10 61.80 45.02
N VAL D 231 -20.05 60.96 44.00
CA VAL D 231 -18.93 60.93 43.07
C VAL D 231 -19.45 61.11 41.64
N PRO D 232 -19.06 62.18 40.96
CA PRO D 232 -19.40 62.30 39.53
C PRO D 232 -18.33 61.71 38.63
N TYR D 233 -18.71 61.08 37.54
CA TYR D 233 -17.76 60.57 36.56
C TYR D 233 -18.01 61.19 35.19
N SER D 234 -17.16 60.81 34.23
CA SER D 234 -17.15 61.45 32.93
C SER D 234 -17.97 60.65 31.91
N GLN D 235 -17.83 61.03 30.65
CA GLN D 235 -18.59 60.44 29.55
C GLN D 235 -18.05 59.07 29.17
N ALA D 236 -18.97 58.16 28.86
CA ALA D 236 -18.61 56.85 28.32
C ALA D 236 -19.79 56.29 27.54
N PRO D 237 -19.89 56.60 26.26
CA PRO D 237 -20.90 55.95 25.42
C PRO D 237 -20.53 54.50 25.15
N SER D 238 -21.55 53.67 24.98
CA SER D 238 -21.39 52.25 24.79
C SER D 238 -21.84 51.84 23.40
N GLY D 239 -21.87 50.53 23.16
CA GLY D 239 -22.37 50.01 21.90
C GLY D 239 -23.81 49.57 21.96
N PHE D 240 -24.20 48.94 23.07
CA PHE D 240 -25.56 48.47 23.24
C PHE D 240 -26.56 49.61 23.25
N LYS D 241 -26.14 50.77 23.72
CA LYS D 241 -27.03 51.92 23.75
C LYS D 241 -27.29 52.48 22.35
N TYR D 242 -26.49 52.13 21.35
CA TYR D 242 -26.75 52.72 20.05
C TYR D 242 -26.96 51.70 18.94
N TRP D 243 -26.10 50.69 18.78
CA TRP D 243 -26.13 50.02 17.48
C TRP D 243 -27.24 48.99 17.37
N LEU D 244 -27.76 48.51 18.51
CA LEU D 244 -28.93 47.64 18.48
C LEU D 244 -30.13 48.34 17.88
N LYS D 245 -30.19 49.65 18.04
CA LYS D 245 -31.22 50.48 17.46
C LYS D 245 -30.93 50.84 16.01
N GLU D 246 -29.72 50.54 15.53
CA GLU D 246 -29.38 50.86 14.15
C GLU D 246 -28.55 49.77 13.48
N ARG D 247 -28.64 48.53 13.97
CA ARG D 247 -28.23 47.38 13.18
C ARG D 247 -28.96 47.35 11.85
N GLY D 248 -30.27 47.60 11.89
CA GLY D 248 -31.03 47.83 10.69
C GLY D 248 -31.42 46.57 9.95
N ALA D 249 -31.08 46.50 8.67
CA ALA D 249 -31.55 45.44 7.80
C ALA D 249 -30.78 44.16 8.10
N SER D 250 -31.45 43.22 8.76
CA SER D 250 -30.87 41.90 9.01
C SER D 250 -30.63 41.15 7.72
N LEU D 251 -29.77 40.13 7.80
CA LEU D 251 -29.34 39.39 6.63
C LEU D 251 -30.46 38.60 5.97
N GLN D 252 -31.58 38.43 6.67
CA GLN D 252 -32.83 38.03 6.05
C GLN D 252 -33.21 38.99 4.93
N HIS D 253 -32.99 40.28 5.14
CA HIS D 253 -33.34 41.28 4.14
C HIS D 253 -32.21 41.55 3.17
N THR D 254 -30.98 41.17 3.50
CA THR D 254 -29.83 41.45 2.64
C THR D 254 -29.49 40.27 1.76
N ALA D 255 -30.44 39.43 1.49
CA ALA D 255 -30.01 38.16 0.93
C ALA D 255 -30.12 38.16 -0.58
N PRO D 256 -29.06 37.80 -1.30
CA PRO D 256 -29.15 37.69 -2.75
C PRO D 256 -29.83 36.38 -3.14
N PHE D 257 -30.31 36.35 -4.40
CA PHE D 257 -30.96 35.18 -5.03
C PHE D 257 -32.19 34.69 -4.27
N GLY D 258 -32.75 35.52 -3.40
CA GLY D 258 -33.77 35.04 -2.48
C GLY D 258 -33.25 34.05 -1.46
N CYS D 259 -32.10 34.31 -0.84
CA CYS D 259 -31.80 33.50 0.32
C CYS D 259 -32.66 33.92 1.50
N GLN D 260 -32.72 33.05 2.48
CA GLN D 260 -33.41 33.32 3.72
C GLN D 260 -32.54 32.79 4.85
N ILE D 261 -32.65 33.40 6.01
CA ILE D 261 -31.85 32.96 7.14
C ILE D 261 -32.77 32.36 8.18
N ALA D 262 -32.21 31.46 8.97
CA ALA D 262 -33.01 30.81 10.01
C ALA D 262 -32.09 30.47 11.17
N THR D 263 -32.45 30.92 12.36
CA THR D 263 -31.62 30.67 13.53
C THR D 263 -31.92 29.30 14.13
N ASN D 264 -31.18 29.00 15.19
CA ASN D 264 -31.20 27.75 15.96
C ASN D 264 -31.08 26.48 15.12
N PRO D 265 -29.92 26.18 14.51
CA PRO D 265 -28.74 27.02 14.27
C PRO D 265 -29.00 27.88 13.06
N VAL D 266 -28.22 28.94 12.85
CA VAL D 266 -28.46 29.81 11.71
C VAL D 266 -28.06 29.08 10.43
N ARG D 267 -28.80 29.32 9.37
CA ARG D 267 -28.69 28.55 8.15
C ARG D 267 -29.29 29.33 7.01
N ALA D 268 -28.75 29.12 5.82
CA ALA D 268 -29.17 29.83 4.61
C ALA D 268 -30.09 28.92 3.81
N MET D 269 -31.38 29.14 3.94
CA MET D 269 -32.32 28.30 3.20
C MET D 269 -32.83 28.98 1.93
N ASN D 270 -33.14 28.15 0.93
CA ASN D 270 -34.08 28.46 -0.15
C ASN D 270 -33.56 29.53 -1.11
N CYS D 271 -32.25 29.62 -1.27
CA CYS D 271 -31.70 30.21 -2.48
C CYS D 271 -31.21 29.10 -3.41
N ALA D 272 -32.19 28.49 -4.06
CA ALA D 272 -31.96 27.44 -5.04
C ALA D 272 -31.31 28.06 -6.27
N VAL D 273 -29.98 28.06 -6.26
CA VAL D 273 -29.16 28.48 -7.39
C VAL D 273 -28.34 27.29 -7.88
N GLY D 274 -28.07 27.29 -9.19
CA GLY D 274 -27.34 26.20 -9.79
C GLY D 274 -28.25 25.13 -10.37
N ASN D 275 -27.75 23.90 -10.46
CA ASN D 275 -28.55 22.79 -10.97
C ASN D 275 -28.19 21.55 -10.17
N MET D 276 -29.20 20.88 -9.63
CA MET D 276 -28.95 19.74 -8.78
C MET D 276 -29.19 18.45 -9.54
N PRO D 277 -28.20 17.58 -9.66
CA PRO D 277 -28.46 16.25 -10.19
C PRO D 277 -28.99 15.33 -9.10
N ILE D 278 -29.75 14.33 -9.52
CA ILE D 278 -30.11 13.17 -8.71
C ILE D 278 -30.01 11.93 -9.58
N SER D 279 -29.23 10.95 -9.14
CA SER D 279 -29.31 9.60 -9.67
C SER D 279 -30.35 8.82 -8.88
N ILE D 280 -31.29 8.20 -9.59
CA ILE D 280 -32.28 7.36 -8.95
C ILE D 280 -32.41 6.05 -9.72
N ASP D 281 -32.25 4.93 -9.02
CA ASP D 281 -32.38 3.63 -9.65
C ASP D 281 -33.72 3.03 -9.24
N ILE D 282 -34.40 2.46 -10.22
CA ILE D 282 -35.73 1.89 -9.99
C ILE D 282 -35.75 0.52 -10.67
N PRO D 283 -36.27 -0.52 -10.03
CA PRO D 283 -36.27 -1.84 -10.67
C PRO D 283 -37.42 -2.00 -11.65
N ASP D 284 -37.58 -3.21 -12.20
CA ASP D 284 -38.65 -3.46 -13.15
C ASP D 284 -40.00 -3.68 -12.48
N ALA D 285 -40.14 -3.35 -11.19
CA ALA D 285 -41.45 -3.38 -10.55
C ALA D 285 -42.37 -2.28 -11.06
N ALA D 286 -41.81 -1.23 -11.65
CA ALA D 286 -42.63 -0.13 -12.15
C ALA D 286 -42.93 -0.26 -13.64
N PHE D 287 -41.93 -0.62 -14.44
CA PHE D 287 -42.10 -0.67 -15.89
C PHE D 287 -42.97 -1.86 -16.28
N THR D 288 -43.90 -1.62 -17.18
CA THR D 288 -44.73 -2.65 -17.77
C THR D 288 -44.54 -2.68 -19.28
N ARG D 289 -44.78 -3.85 -19.87
CA ARG D 289 -44.55 -4.08 -21.28
C ARG D 289 -45.47 -3.20 -22.14
N VAL D 290 -44.99 -2.85 -23.33
CA VAL D 290 -45.79 -2.02 -24.23
C VAL D 290 -46.97 -2.81 -24.79
N VAL D 291 -46.93 -4.14 -24.76
CA VAL D 291 -48.13 -4.88 -25.14
C VAL D 291 -49.19 -4.81 -24.05
N ASP D 292 -48.81 -4.45 -22.82
CA ASP D 292 -49.77 -4.14 -21.78
C ASP D 292 -50.34 -2.74 -21.95
N ALA D 293 -49.74 -1.94 -22.81
CA ALA D 293 -50.17 -0.63 -23.25
C ALA D 293 -50.84 -0.74 -24.61
N PRO D 294 -51.63 0.25 -25.00
CA PRO D 294 -52.16 0.23 -26.36
C PRO D 294 -51.26 0.97 -27.33
N SER D 295 -51.09 0.43 -28.53
CA SER D 295 -50.32 1.11 -29.57
C SER D 295 -51.16 2.25 -30.14
N LEU D 296 -50.87 3.47 -29.72
CA LEU D 296 -51.61 4.64 -30.19
C LEU D 296 -51.19 4.97 -31.60
N THR D 297 -52.16 5.01 -32.52
CA THR D 297 -51.86 5.37 -33.90
C THR D 297 -52.65 6.62 -34.30
N ASP D 298 -52.39 7.05 -35.54
CA ASP D 298 -52.95 8.22 -36.25
C ASP D 298 -53.13 9.46 -35.37
N MET D 299 -52.08 9.78 -34.62
CA MET D 299 -52.13 10.95 -33.75
C MET D 299 -52.07 12.23 -34.56
N SER D 300 -52.90 13.19 -34.18
CA SER D 300 -52.88 14.52 -34.76
C SER D 300 -53.19 15.52 -33.67
N CYS D 301 -52.30 16.49 -33.47
CA CYS D 301 -52.48 17.50 -32.45
C CYS D 301 -53.23 18.69 -33.04
N GLU D 302 -54.17 19.21 -32.27
CA GLU D 302 -54.95 20.37 -32.67
C GLU D 302 -55.00 21.32 -31.49
N VAL D 303 -54.44 22.50 -31.66
CA VAL D 303 -54.42 23.48 -30.57
C VAL D 303 -55.43 24.56 -30.89
N PRO D 304 -56.56 24.62 -30.18
CA PRO D 304 -57.51 25.71 -30.42
C PRO D 304 -57.01 27.05 -29.92
N ALA D 305 -56.25 27.06 -28.82
CA ALA D 305 -55.74 28.31 -28.27
C ALA D 305 -54.46 28.04 -27.51
N CYS D 306 -53.35 28.58 -28.00
CA CYS D 306 -52.13 28.66 -27.23
C CYS D 306 -51.79 30.12 -27.00
N THR D 307 -51.13 30.39 -25.88
CA THR D 307 -50.80 31.75 -25.50
C THR D 307 -49.51 31.67 -24.70
N HIS D 308 -48.42 32.17 -25.27
CA HIS D 308 -47.09 31.96 -24.71
C HIS D 308 -46.99 32.72 -23.40
N SER D 309 -47.05 31.98 -22.30
CA SER D 309 -47.27 32.55 -20.99
C SER D 309 -46.48 31.74 -19.96
N SER D 310 -46.62 32.12 -18.70
CA SER D 310 -45.97 31.43 -17.59
C SER D 310 -46.84 30.30 -17.05
N ASP D 311 -48.14 30.54 -16.96
CA ASP D 311 -49.16 29.58 -16.59
C ASP D 311 -49.51 28.69 -17.77
N PHE D 312 -50.73 28.14 -17.78
CA PHE D 312 -51.18 27.14 -18.75
C PHE D 312 -51.14 27.77 -20.14
N GLY D 313 -50.07 27.46 -20.86
CA GLY D 313 -49.77 28.15 -22.10
C GLY D 313 -50.75 27.84 -23.22
N GLY D 314 -51.33 26.65 -23.22
CA GLY D 314 -52.34 26.35 -24.21
C GLY D 314 -53.03 25.05 -23.90
N VAL D 315 -54.01 24.74 -24.74
CA VAL D 315 -54.75 23.48 -24.68
C VAL D 315 -54.65 22.81 -26.04
N ALA D 316 -54.56 21.48 -26.02
CA ALA D 316 -54.38 20.69 -27.23
C ALA D 316 -55.32 19.50 -27.21
N ILE D 317 -55.63 19.01 -28.40
CA ILE D 317 -56.40 17.79 -28.58
C ILE D 317 -55.53 16.83 -29.37
N ILE D 318 -55.37 15.62 -28.86
CA ILE D 318 -54.59 14.58 -29.52
C ILE D 318 -55.58 13.56 -30.07
N LYS D 319 -55.79 13.58 -31.38
CA LYS D 319 -56.49 12.48 -32.03
C LYS D 319 -55.58 11.25 -32.04
N TYR D 320 -56.00 10.21 -31.36
CA TYR D 320 -55.17 9.04 -31.12
C TYR D 320 -56.00 7.80 -31.41
N ALA D 321 -55.32 6.71 -31.72
CA ALA D 321 -55.98 5.43 -31.92
C ALA D 321 -55.27 4.40 -31.05
N ALA D 322 -55.65 4.37 -29.78
CA ALA D 322 -55.19 3.30 -28.89
C ALA D 322 -55.82 1.98 -29.31
N SER D 323 -55.03 0.92 -29.28
CA SER D 323 -55.55 -0.37 -29.69
C SER D 323 -56.46 -0.99 -28.65
N LYS D 324 -56.31 -0.63 -27.38
CA LYS D 324 -57.04 -1.26 -26.30
C LYS D 324 -57.12 -0.28 -25.13
N LYS D 325 -57.47 -0.80 -23.96
CA LYS D 325 -57.39 -0.05 -22.73
C LYS D 325 -55.99 -0.15 -22.15
N GLY D 326 -55.49 0.96 -21.61
CA GLY D 326 -54.17 0.91 -20.98
C GLY D 326 -53.61 2.23 -20.49
N LYS D 327 -52.75 2.18 -19.49
CA LYS D 327 -52.13 3.36 -18.91
C LYS D 327 -50.75 3.55 -19.52
N CYS D 328 -50.51 4.71 -20.12
CA CYS D 328 -49.22 4.94 -20.75
C CYS D 328 -48.81 6.39 -20.57
N ALA D 329 -47.57 6.69 -20.95
CA ALA D 329 -46.90 7.95 -20.64
C ALA D 329 -47.01 8.94 -21.80
N VAL D 330 -46.89 10.22 -21.46
CA VAL D 330 -46.84 11.31 -22.44
C VAL D 330 -45.69 12.23 -22.05
N HIS D 331 -44.78 12.50 -23.00
CA HIS D 331 -43.62 13.31 -22.68
C HIS D 331 -43.16 14.06 -23.92
N SER D 332 -43.15 15.38 -23.87
CA SER D 332 -42.74 16.15 -25.04
C SER D 332 -41.24 16.05 -25.24
N MET D 333 -40.82 16.01 -26.51
CA MET D 333 -39.42 15.83 -26.82
C MET D 333 -38.58 17.08 -26.63
N THR D 334 -39.20 18.21 -26.32
CA THR D 334 -38.47 19.38 -25.86
C THR D 334 -38.89 19.72 -24.44
N ASN D 335 -37.97 20.35 -23.71
CA ASN D 335 -38.21 20.75 -22.34
C ASN D 335 -39.04 22.02 -22.23
N ALA D 336 -39.25 22.73 -23.34
CA ALA D 336 -39.85 24.05 -23.29
C ALA D 336 -41.35 23.99 -23.04
N VAL D 337 -42.07 23.17 -23.78
CA VAL D 337 -43.50 23.01 -23.59
C VAL D 337 -43.72 21.93 -22.53
N THR D 338 -44.64 22.19 -21.60
CA THR D 338 -44.87 21.30 -20.48
C THR D 338 -46.34 20.90 -20.44
N ILE D 339 -46.62 19.69 -20.89
CA ILE D 339 -47.90 19.05 -20.61
C ILE D 339 -48.04 18.93 -19.10
N ARG D 340 -49.16 19.40 -18.58
CA ARG D 340 -49.43 19.20 -17.16
C ARG D 340 -49.82 17.76 -16.85
N GLU D 341 -50.14 16.97 -17.88
CA GLU D 341 -50.58 15.59 -17.75
C GLU D 341 -49.38 14.69 -17.96
N ALA D 342 -49.19 13.72 -17.07
CA ALA D 342 -47.98 12.91 -17.07
C ALA D 342 -48.24 11.46 -17.45
N GLU D 343 -49.14 10.78 -16.74
CA GLU D 343 -49.48 9.39 -17.02
C GLU D 343 -50.97 9.35 -17.31
N ILE D 344 -51.33 9.01 -18.53
CA ILE D 344 -52.73 9.06 -18.97
C ILE D 344 -53.22 7.65 -19.25
N GLU D 345 -54.40 7.34 -18.75
CA GLU D 345 -55.12 6.14 -19.12
C GLU D 345 -55.86 6.40 -20.42
N VAL D 346 -55.61 5.56 -21.43
CA VAL D 346 -56.19 5.74 -22.75
C VAL D 346 -57.04 4.51 -23.07
N GLU D 347 -58.00 4.70 -23.98
CA GLU D 347 -59.06 3.72 -24.17
C GLU D 347 -59.20 3.21 -25.60
N GLY D 348 -58.94 4.03 -26.60
CA GLY D 348 -59.23 3.57 -27.95
C GLY D 348 -58.97 4.55 -29.08
N ASN D 349 -59.93 4.68 -29.98
CA ASN D 349 -59.74 5.42 -31.22
C ASN D 349 -60.60 6.67 -31.12
N SER D 350 -60.04 7.73 -30.54
CA SER D 350 -60.83 8.89 -30.16
C SER D 350 -59.91 10.10 -30.05
N GLN D 351 -60.39 11.15 -29.39
CA GLN D 351 -59.65 12.39 -29.23
C GLN D 351 -59.47 12.66 -27.73
N LEU D 352 -58.25 12.53 -27.24
CA LEU D 352 -58.02 12.99 -25.87
C LEU D 352 -57.77 14.49 -25.89
N GLN D 353 -57.94 15.12 -24.73
CA GLN D 353 -57.76 16.56 -24.63
C GLN D 353 -56.84 16.84 -23.46
N ILE D 354 -55.76 17.58 -23.70
CA ILE D 354 -54.76 17.89 -22.69
C ILE D 354 -54.52 19.39 -22.68
N SER D 355 -53.71 19.81 -21.72
CA SER D 355 -53.15 21.14 -21.72
C SER D 355 -51.63 21.06 -21.84
N PHE D 356 -51.04 22.23 -22.04
CA PHE D 356 -49.59 22.36 -22.13
C PHE D 356 -49.24 23.77 -21.71
N SER D 357 -47.94 24.02 -21.58
CA SER D 357 -47.47 25.33 -21.16
C SER D 357 -46.08 25.60 -21.71
N THR D 358 -45.95 26.67 -22.50
CA THR D 358 -44.66 27.16 -22.91
C THR D 358 -44.72 28.68 -23.05
N ALA D 359 -43.55 29.26 -23.22
CA ALA D 359 -43.43 30.64 -23.66
C ALA D 359 -42.95 30.73 -25.09
N LEU D 360 -42.97 29.63 -25.83
CA LEU D 360 -42.66 29.67 -27.25
C LEU D 360 -43.74 30.41 -28.01
N ALA D 361 -43.32 31.31 -28.92
CA ALA D 361 -44.25 32.10 -29.71
C ALA D 361 -45.11 31.23 -30.61
N SER D 362 -44.54 30.13 -31.10
CA SER D 362 -45.32 29.03 -31.66
C SER D 362 -44.64 27.73 -31.25
N ALA D 363 -45.34 26.95 -30.46
CA ALA D 363 -44.83 25.68 -29.96
C ALA D 363 -44.98 24.61 -31.04
N GLU D 364 -43.92 24.39 -31.79
CA GLU D 364 -43.85 23.29 -32.74
C GLU D 364 -42.82 22.30 -32.23
N PHE D 365 -43.28 21.10 -31.93
CA PHE D 365 -42.49 20.18 -31.12
C PHE D 365 -42.97 18.77 -31.37
N ARG D 366 -42.54 17.85 -30.52
CA ARG D 366 -42.88 16.44 -30.63
C ARG D 366 -43.07 15.88 -29.23
N VAL D 367 -44.00 14.94 -29.11
CA VAL D 367 -44.29 14.24 -27.86
C VAL D 367 -44.20 12.74 -28.13
N GLN D 368 -43.37 12.06 -27.34
CA GLN D 368 -43.50 10.62 -27.20
C GLN D 368 -44.74 10.32 -26.38
N VAL D 369 -45.81 9.96 -27.06
CA VAL D 369 -47.02 9.42 -26.45
C VAL D 369 -46.82 7.90 -26.36
N CYS D 370 -46.23 7.48 -25.22
CA CYS D 370 -46.01 6.08 -24.80
C CYS D 370 -45.43 5.20 -25.91
N SER D 371 -44.19 5.50 -26.29
CA SER D 371 -43.40 4.88 -27.35
C SER D 371 -44.00 5.07 -28.74
N THR D 372 -45.02 5.93 -28.89
CA THR D 372 -45.46 6.36 -30.20
C THR D 372 -45.20 7.85 -30.31
N GLN D 373 -45.14 8.36 -31.53
CA GLN D 373 -44.74 9.74 -31.75
C GLN D 373 -45.90 10.57 -32.27
N VAL D 374 -46.11 11.73 -31.67
CA VAL D 374 -46.95 12.77 -32.27
C VAL D 374 -46.10 14.02 -32.43
N HIS D 375 -46.26 14.68 -33.58
CA HIS D 375 -45.71 16.02 -33.76
C HIS D 375 -46.83 17.03 -33.57
N CYS D 376 -46.52 18.10 -32.84
CA CYS D 376 -47.51 19.07 -32.43
C CYS D 376 -47.11 20.46 -32.88
N ALA D 377 -48.11 21.30 -33.14
CA ALA D 377 -47.91 22.66 -33.58
C ALA D 377 -48.95 23.54 -32.90
N ALA D 378 -48.53 24.74 -32.48
CA ALA D 378 -49.41 25.64 -31.74
C ALA D 378 -48.98 27.07 -32.02
N GLU D 379 -49.83 27.82 -32.72
CA GLU D 379 -49.64 29.26 -32.78
C GLU D 379 -49.99 29.83 -31.41
N CYS D 380 -48.98 30.30 -30.69
CA CYS D 380 -49.27 30.89 -29.40
C CYS D 380 -49.48 32.39 -29.53
N HIS D 381 -50.15 32.94 -28.54
CA HIS D 381 -50.66 34.29 -28.54
C HIS D 381 -49.98 35.11 -27.44
N PRO D 382 -50.02 36.43 -27.54
CA PRO D 382 -49.43 37.28 -26.48
C PRO D 382 -50.11 37.05 -25.13
N PRO D 383 -49.31 37.00 -24.06
CA PRO D 383 -49.87 36.73 -22.72
C PRO D 383 -50.66 37.93 -22.22
N LYS D 384 -51.91 37.68 -21.84
CA LYS D 384 -52.78 38.75 -21.35
C LYS D 384 -52.69 38.93 -19.86
N ASP D 385 -52.19 37.93 -19.15
CA ASP D 385 -51.89 38.06 -17.73
C ASP D 385 -50.73 39.03 -17.52
N HIS D 386 -50.65 39.58 -16.33
CA HIS D 386 -49.64 40.58 -16.08
C HIS D 386 -48.70 40.26 -14.93
N ILE D 387 -49.22 39.90 -13.77
CA ILE D 387 -48.42 39.62 -12.59
C ILE D 387 -48.64 38.16 -12.21
N VAL D 388 -47.60 37.49 -11.76
CA VAL D 388 -47.72 36.11 -11.30
C VAL D 388 -46.92 35.99 -10.00
N ASN D 389 -47.51 35.29 -9.03
CA ASN D 389 -46.88 35.14 -7.73
C ASN D 389 -45.89 33.99 -7.68
N TYR D 390 -45.91 33.11 -8.62
CA TYR D 390 -44.94 32.03 -8.59
C TYR D 390 -44.03 32.11 -9.81
N PRO D 391 -42.77 31.72 -9.71
CA PRO D 391 -41.92 31.68 -10.91
C PRO D 391 -42.26 30.48 -11.75
N ALA D 392 -41.85 30.53 -13.03
CA ALA D 392 -42.27 29.52 -13.99
C ALA D 392 -41.05 28.97 -14.74
N SER D 393 -40.40 27.97 -14.14
CA SER D 393 -39.30 27.28 -14.80
C SER D 393 -39.79 26.16 -15.71
N HIS D 394 -41.08 25.87 -15.70
CA HIS D 394 -41.60 24.92 -16.68
C HIS D 394 -41.73 25.57 -18.05
N THR D 395 -42.11 26.84 -18.11
CA THR D 395 -42.23 27.56 -19.36
C THR D 395 -40.96 28.30 -19.73
N THR D 396 -39.85 28.07 -19.03
CA THR D 396 -38.67 28.90 -19.26
C THR D 396 -37.99 28.51 -20.56
N LEU D 397 -37.13 29.41 -21.02
CA LEU D 397 -36.45 29.25 -22.30
C LEU D 397 -34.96 29.43 -22.09
N GLY D 398 -34.22 29.36 -23.17
CA GLY D 398 -32.87 29.85 -23.22
C GLY D 398 -32.83 31.11 -24.05
N VAL D 399 -31.84 31.24 -24.92
CA VAL D 399 -31.78 32.36 -25.85
C VAL D 399 -32.01 31.91 -27.29
N GLN D 400 -31.76 30.64 -27.62
CA GLN D 400 -32.06 30.12 -28.94
C GLN D 400 -33.58 29.90 -29.01
N ASP D 401 -34.29 30.99 -29.28
CA ASP D 401 -35.73 31.05 -29.15
C ASP D 401 -36.37 31.16 -30.53
N ILE D 402 -37.58 30.62 -30.65
CA ILE D 402 -38.24 30.43 -31.93
C ILE D 402 -39.52 31.25 -31.97
N SER D 403 -39.73 31.96 -33.08
CA SER D 403 -40.85 32.86 -33.24
C SER D 403 -42.09 32.11 -33.73
N VAL D 404 -43.11 32.86 -34.16
CA VAL D 404 -44.29 32.23 -34.75
C VAL D 404 -44.00 31.77 -36.17
N THR D 405 -43.74 32.73 -37.05
CA THR D 405 -43.38 32.47 -38.42
C THR D 405 -42.34 33.47 -38.88
N ALA D 406 -41.79 34.27 -37.96
CA ALA D 406 -40.80 35.27 -38.34
C ALA D 406 -39.49 34.65 -38.74
N MET D 407 -39.21 33.40 -38.33
CA MET D 407 -38.08 32.71 -38.92
C MET D 407 -38.34 32.37 -40.38
N SER D 408 -39.61 32.16 -40.75
CA SER D 408 -39.93 32.05 -42.16
C SER D 408 -39.96 33.42 -42.82
N TRP D 409 -40.17 34.48 -42.05
CA TRP D 409 -40.02 35.82 -42.61
C TRP D 409 -38.56 36.11 -42.92
N VAL D 410 -37.66 35.64 -42.06
CA VAL D 410 -36.24 35.64 -42.37
C VAL D 410 -35.98 34.82 -43.63
N GLN D 411 -36.58 33.62 -43.70
CA GLN D 411 -36.43 32.75 -44.87
C GLN D 411 -36.94 33.40 -46.15
N LYS D 412 -37.96 34.26 -46.04
CA LYS D 412 -38.31 35.15 -47.12
C LYS D 412 -37.15 36.08 -47.44
N ILE D 413 -36.68 36.80 -46.43
CA ILE D 413 -35.66 37.81 -46.68
C ILE D 413 -34.25 37.21 -46.72
N THR D 414 -34.08 35.94 -46.37
CA THR D 414 -32.82 35.25 -46.58
C THR D 414 -32.98 34.00 -47.45
N GLY D 415 -33.88 34.04 -48.41
CA GLY D 415 -33.72 33.23 -49.60
C GLY D 415 -32.78 34.03 -50.48
N GLY D 416 -31.49 33.95 -50.14
CA GLY D 416 -30.68 35.13 -49.86
C GLY D 416 -30.99 36.35 -50.72
N VAL D 417 -31.21 37.47 -50.05
CA VAL D 417 -31.17 38.75 -50.74
C VAL D 417 -29.74 39.10 -51.15
N GLY D 418 -28.74 38.43 -50.61
CA GLY D 418 -27.41 38.44 -51.19
C GLY D 418 -27.23 37.54 -52.39
N LEU D 419 -28.31 37.06 -53.01
CA LEU D 419 -28.18 36.39 -54.28
C LEU D 419 -27.89 37.38 -55.40
N VAL D 420 -28.14 38.67 -55.19
CA VAL D 420 -27.65 39.66 -56.16
C VAL D 420 -26.13 39.79 -56.02
N VAL D 421 -25.61 39.52 -54.83
CA VAL D 421 -24.17 39.38 -54.70
C VAL D 421 -23.71 38.08 -55.35
N ALA D 422 -24.60 37.10 -55.45
CA ALA D 422 -24.25 35.93 -56.25
C ALA D 422 -24.32 36.23 -57.74
N VAL D 423 -25.11 37.23 -58.13
CA VAL D 423 -25.05 37.73 -59.51
C VAL D 423 -23.72 38.40 -59.77
N ALA D 424 -23.30 39.23 -58.81
CA ALA D 424 -21.95 39.78 -58.80
C ALA D 424 -20.87 38.69 -58.80
N ALA D 425 -21.16 37.55 -58.19
CA ALA D 425 -20.22 36.44 -58.18
C ALA D 425 -20.20 35.74 -59.52
N LEU D 426 -21.36 35.61 -60.17
CA LEU D 426 -21.36 34.90 -61.43
C LEU D 426 -20.80 35.77 -62.55
N ILE D 427 -20.74 37.08 -62.35
CA ILE D 427 -20.09 37.85 -63.41
C ILE D 427 -18.59 37.98 -63.15
N LEU D 428 -18.09 37.41 -62.05
CA LEU D 428 -16.64 37.31 -61.86
C LEU D 428 -15.98 36.46 -62.94
N ILE D 429 -16.61 35.35 -63.31
CA ILE D 429 -16.00 34.49 -64.30
C ILE D 429 -16.08 35.13 -65.68
N VAL D 430 -17.11 35.94 -65.93
CA VAL D 430 -17.18 36.55 -67.25
C VAL D 430 -16.22 37.74 -67.32
N VAL D 431 -15.99 38.45 -66.22
CA VAL D 431 -15.03 39.54 -66.27
C VAL D 431 -13.61 38.98 -66.32
N LEU D 432 -13.41 37.80 -65.74
CA LEU D 432 -12.12 37.14 -65.88
C LEU D 432 -11.94 36.62 -67.30
N CYS D 433 -13.03 36.27 -67.97
CA CYS D 433 -12.93 35.89 -69.37
C CYS D 433 -12.74 37.11 -70.27
N VAL D 434 -13.20 38.29 -69.84
CA VAL D 434 -12.83 39.52 -70.53
C VAL D 434 -11.34 39.78 -70.37
N SER D 435 -10.78 39.44 -69.20
CA SER D 435 -9.32 39.45 -69.09
C SER D 435 -8.71 38.37 -69.97
N PHE D 436 -9.44 37.30 -70.22
CA PHE D 436 -8.96 36.25 -71.10
C PHE D 436 -9.49 36.39 -72.51
N SER D 437 -10.07 37.54 -72.85
CA SER D 437 -10.70 37.73 -74.15
C SER D 437 -9.71 37.89 -75.29
N ARG D 438 -8.42 37.87 -75.01
CA ARG D 438 -7.38 37.88 -76.03
C ARG D 438 -6.53 36.62 -75.94
N HIS D 439 -6.27 36.16 -74.73
CA HIS D 439 -5.32 35.09 -74.49
C HIS D 439 -5.97 34.02 -73.62
N ASN E 1 21.79 -31.86 59.90
CA ASN E 1 23.10 -31.38 59.51
C ASN E 1 22.98 -30.17 58.59
N PHE E 2 24.06 -29.38 58.55
CA PHE E 2 24.26 -28.26 57.63
C PHE E 2 23.16 -27.20 57.84
N ASN E 3 22.94 -26.86 59.10
CA ASN E 3 21.88 -25.93 59.48
C ASN E 3 22.43 -24.51 59.42
N VAL E 4 22.22 -23.86 58.28
CA VAL E 4 22.94 -22.64 57.96
C VAL E 4 22.07 -21.39 58.01
N TYR E 5 20.75 -21.53 57.93
CA TYR E 5 19.87 -20.39 57.71
C TYR E 5 19.36 -19.76 59.00
N LYS E 6 20.12 -19.90 60.08
CA LYS E 6 19.84 -19.07 61.25
C LYS E 6 20.47 -17.70 61.09
N ALA E 7 21.48 -17.59 60.23
CA ALA E 7 22.32 -16.40 60.12
C ALA E 7 21.93 -15.54 58.92
N ILE E 8 20.68 -15.64 58.48
CA ILE E 8 20.23 -14.90 57.29
C ILE E 8 19.78 -13.54 57.78
N ARG E 9 20.75 -12.63 57.91
CA ARG E 9 20.48 -11.27 58.34
C ARG E 9 19.64 -10.57 57.28
N PRO E 10 18.44 -10.12 57.62
CA PRO E 10 17.37 -9.96 56.64
C PRO E 10 17.61 -8.85 55.64
N TYR E 11 17.11 -9.08 54.43
CA TYR E 11 17.12 -8.11 53.36
C TYR E 11 15.69 -7.69 53.04
N LEU E 12 14.88 -7.50 54.09
CA LEU E 12 13.41 -7.49 54.01
C LEU E 12 12.84 -6.47 53.03
N ALA E 13 12.24 -6.98 51.95
CA ALA E 13 11.87 -6.16 50.80
C ALA E 13 10.39 -6.30 50.50
N HIS E 14 9.69 -5.17 50.50
CA HIS E 14 8.33 -5.09 49.98
C HIS E 14 8.42 -5.30 48.49
N CYS E 15 8.00 -6.47 48.03
CA CYS E 15 8.17 -6.90 46.65
C CYS E 15 7.34 -6.05 45.69
N PRO E 16 7.99 -5.34 44.77
CA PRO E 16 7.23 -4.57 43.80
C PRO E 16 6.59 -5.42 42.72
N ASP E 17 7.18 -6.56 42.38
CA ASP E 17 6.73 -7.39 41.27
C ASP E 17 5.86 -8.52 41.80
N CYS E 18 4.74 -8.14 42.41
CA CYS E 18 3.76 -9.10 42.90
C CYS E 18 2.77 -9.41 41.78
N GLY E 19 1.65 -10.03 42.15
CA GLY E 19 0.64 -10.42 41.17
C GLY E 19 0.00 -9.25 40.48
N GLU E 20 -0.47 -9.54 39.26
CA GLU E 20 -1.04 -8.60 38.26
C GLU E 20 -0.26 -7.29 38.16
N GLY E 21 1.07 -7.37 38.23
CA GLY E 21 1.92 -6.22 38.03
C GLY E 21 2.40 -5.51 39.28
N HIS E 22 1.48 -5.00 40.09
CA HIS E 22 1.81 -4.07 41.16
C HIS E 22 2.41 -4.82 42.36
N SER E 23 2.53 -4.12 43.49
CA SER E 23 3.34 -4.58 44.61
C SER E 23 2.52 -5.30 45.68
N CYS E 24 3.20 -6.15 46.43
CA CYS E 24 2.69 -6.75 47.67
C CYS E 24 3.89 -7.23 48.46
N HIS E 25 3.71 -7.40 49.78
CA HIS E 25 4.79 -7.87 50.64
C HIS E 25 5.00 -9.36 50.38
N SER E 26 5.71 -9.66 49.30
CA SER E 26 5.87 -11.03 48.88
C SER E 26 7.26 -11.52 49.24
N PRO E 27 7.37 -12.58 50.04
CA PRO E 27 8.67 -13.20 50.31
C PRO E 27 9.11 -14.24 49.29
N VAL E 28 8.27 -14.57 48.31
CA VAL E 28 8.63 -15.53 47.27
C VAL E 28 9.30 -14.85 46.09
N ALA E 29 9.61 -13.56 46.22
CA ALA E 29 10.05 -12.74 45.10
C ALA E 29 11.40 -13.17 44.55
N LEU E 30 11.57 -12.95 43.25
CA LEU E 30 12.83 -13.23 42.55
C LEU E 30 13.78 -12.05 42.72
N GLU E 31 15.03 -12.36 43.08
CA GLU E 31 16.05 -11.32 43.12
C GLU E 31 17.15 -11.49 42.08
N ARG E 32 17.50 -12.72 41.71
CA ARG E 32 18.58 -12.89 40.74
C ARG E 32 18.35 -14.17 39.95
N ILE E 33 18.60 -14.12 38.65
CA ILE E 33 18.26 -15.21 37.75
C ILE E 33 19.46 -15.53 36.88
N ARG E 34 19.83 -16.81 36.84
CA ARG E 34 20.93 -17.28 36.00
C ARG E 34 20.42 -18.33 35.06
N ASN E 35 20.63 -18.11 33.76
CA ASN E 35 20.22 -19.04 32.72
C ASN E 35 21.37 -19.39 31.78
N GLU E 36 22.57 -18.86 32.04
CA GLU E 36 23.68 -18.97 31.10
C GLU E 36 24.26 -20.38 31.01
N ALA E 37 23.80 -21.32 31.84
CA ALA E 37 24.02 -22.73 31.59
C ALA E 37 23.40 -23.13 30.26
N THR E 38 24.21 -23.65 29.36
CA THR E 38 23.80 -23.86 27.97
C THR E 38 22.81 -25.00 27.79
N ASP E 39 22.47 -25.74 28.83
CA ASP E 39 21.53 -26.85 28.71
C ASP E 39 20.10 -26.45 29.05
N GLY E 40 19.77 -25.16 28.96
CA GLY E 40 18.44 -24.73 29.34
C GLY E 40 18.18 -24.83 30.83
N THR E 41 19.20 -24.61 31.65
CA THR E 41 19.06 -24.72 33.09
C THR E 41 18.85 -23.33 33.69
N LEU E 42 17.91 -23.24 34.62
CA LEU E 42 17.42 -21.97 35.14
C LEU E 42 17.73 -21.90 36.63
N LYS E 43 18.72 -21.10 37.00
CA LYS E 43 19.00 -20.83 38.40
C LYS E 43 18.24 -19.58 38.84
N ILE E 44 17.28 -19.77 39.74
CA ILE E 44 16.38 -18.71 40.15
C ILE E 44 16.60 -18.48 41.64
N GLN E 45 16.70 -17.21 42.03
CA GLN E 45 16.88 -16.87 43.43
C GLN E 45 15.57 -16.35 44.00
N VAL E 46 14.93 -17.17 44.82
CA VAL E 46 13.73 -16.79 45.55
C VAL E 46 14.15 -16.03 46.81
N SER E 47 13.33 -15.07 47.23
CA SER E 47 13.67 -14.33 48.45
C SER E 47 13.33 -15.10 49.71
N LEU E 48 12.63 -16.24 49.61
CA LEU E 48 12.46 -17.06 50.80
C LEU E 48 13.45 -18.21 50.82
N GLN E 49 13.35 -19.04 51.85
CA GLN E 49 14.28 -20.13 52.09
C GLN E 49 13.51 -21.42 52.35
N ILE E 50 14.05 -22.53 51.87
CA ILE E 50 13.49 -23.86 52.15
C ILE E 50 14.56 -24.68 52.86
N GLY E 51 14.15 -25.86 53.32
CA GLY E 51 15.09 -26.87 53.76
C GLY E 51 15.58 -26.65 55.17
N ILE E 52 16.46 -25.68 55.36
CA ILE E 52 16.95 -25.32 56.69
C ILE E 52 16.14 -24.15 57.20
N LYS E 53 15.55 -24.31 58.36
CA LYS E 53 14.82 -23.26 59.04
C LYS E 53 15.70 -22.74 60.16
N THR E 54 15.14 -21.84 60.98
CA THR E 54 15.85 -21.45 62.18
C THR E 54 15.68 -22.46 63.32
N ASP E 55 14.93 -23.54 63.10
CA ASP E 55 14.82 -24.63 64.05
C ASP E 55 15.93 -25.68 63.89
N ASP E 56 16.94 -25.36 63.07
CA ASP E 56 18.12 -26.23 62.81
C ASP E 56 17.72 -27.59 62.26
N SER E 57 16.68 -27.61 61.43
CA SER E 57 16.33 -28.82 60.70
C SER E 57 16.88 -28.73 59.28
N HIS E 58 16.66 -29.79 58.52
CA HIS E 58 17.04 -29.88 57.12
C HIS E 58 15.89 -30.41 56.30
N ASP E 59 14.72 -29.80 56.48
CA ASP E 59 13.43 -30.37 56.13
C ASP E 59 13.24 -30.55 54.63
N TRP E 60 12.34 -31.44 54.27
CA TRP E 60 11.94 -31.66 52.88
C TRP E 60 10.47 -31.32 52.70
N THR E 61 9.91 -30.57 53.62
CA THR E 61 8.51 -30.18 53.56
C THR E 61 8.30 -28.68 53.70
N LYS E 62 9.06 -28.00 54.54
CA LYS E 62 8.74 -26.65 54.95
C LYS E 62 9.59 -25.59 54.25
N LEU E 63 9.11 -24.36 54.33
CA LEU E 63 9.77 -23.23 53.68
C LEU E 63 9.37 -21.94 54.39
N ARG E 64 10.35 -21.20 54.87
CA ARG E 64 10.06 -19.99 55.65
C ARG E 64 9.78 -18.83 54.70
N TYR E 65 8.51 -18.52 54.57
CA TYR E 65 8.05 -17.32 53.89
C TYR E 65 7.61 -16.30 54.94
N MET E 66 8.01 -15.05 54.76
CA MET E 66 7.68 -14.01 55.72
C MET E 66 6.18 -13.70 55.68
N ASP E 67 5.53 -13.77 56.84
CA ASP E 67 4.08 -13.60 56.91
C ASP E 67 3.74 -12.99 58.27
N ASN E 68 3.38 -11.71 58.25
CA ASN E 68 2.90 -10.95 59.42
C ASN E 68 3.93 -10.98 60.55
N HIS E 69 5.10 -10.40 60.26
CA HIS E 69 6.23 -10.29 61.20
C HIS E 69 6.69 -11.66 61.68
N MET E 70 6.63 -12.65 60.78
CA MET E 70 6.89 -14.04 61.14
C MET E 70 7.16 -14.89 59.91
N PRO E 71 8.25 -15.67 59.89
CA PRO E 71 8.44 -16.61 58.79
C PRO E 71 7.63 -17.87 59.03
N ALA E 72 6.51 -18.00 58.33
CA ALA E 72 5.69 -19.20 58.42
C ALA E 72 6.18 -20.26 57.45
N ASP E 73 5.60 -21.44 57.55
CA ASP E 73 6.04 -22.61 56.81
C ASP E 73 4.94 -23.09 55.87
N ALA E 74 5.34 -23.53 54.68
CA ALA E 74 4.40 -24.06 53.69
C ALA E 74 5.02 -25.28 53.02
N GLU E 75 4.21 -25.97 52.24
CA GLU E 75 4.58 -27.25 51.64
C GLU E 75 5.37 -27.03 50.35
N ARG E 76 6.28 -27.96 50.04
CA ARG E 76 7.01 -27.96 48.79
C ARG E 76 6.12 -28.23 47.58
N ALA E 77 4.92 -28.76 47.79
CA ALA E 77 3.99 -28.96 46.70
C ALA E 77 3.40 -27.66 46.16
N ARG E 78 3.49 -26.56 46.91
CA ARG E 78 2.86 -25.30 46.53
C ARG E 78 3.84 -24.42 45.75
N LEU E 79 4.40 -24.98 44.68
CA LEU E 79 5.37 -24.28 43.84
C LEU E 79 4.97 -24.48 42.39
N PHE E 80 4.51 -23.41 41.72
CA PHE E 80 3.97 -23.49 40.37
C PHE E 80 4.54 -22.37 39.51
N VAL E 81 5.70 -22.62 38.90
CA VAL E 81 6.40 -21.61 38.10
C VAL E 81 6.03 -21.84 36.64
N ARG E 82 5.83 -20.75 35.89
CA ARG E 82 5.62 -20.84 34.46
C ARG E 82 6.15 -19.60 33.78
N THR E 83 6.79 -19.79 32.63
CA THR E 83 7.08 -18.66 31.79
C THR E 83 6.11 -18.58 30.60
N SER E 84 5.79 -19.72 30.00
CA SER E 84 4.71 -19.84 29.05
C SER E 84 3.94 -21.12 29.35
N ALA E 85 4.63 -22.07 29.93
CA ALA E 85 4.17 -23.45 30.10
C ALA E 85 4.50 -23.94 31.50
N PRO E 86 3.80 -24.98 31.99
CA PRO E 86 4.20 -25.61 33.26
C PRO E 86 5.60 -26.20 33.21
N CYS E 87 6.50 -25.64 34.02
CA CYS E 87 7.90 -25.97 33.97
C CYS E 87 8.20 -27.30 34.63
N THR E 88 9.47 -27.68 34.62
CA THR E 88 9.98 -28.81 35.35
C THR E 88 11.07 -28.33 36.29
N ILE E 89 10.78 -28.34 37.58
CA ILE E 89 11.79 -27.97 38.56
C ILE E 89 12.71 -29.15 38.81
N THR E 90 13.97 -28.86 39.13
CA THR E 90 14.92 -29.92 39.44
C THR E 90 15.40 -29.88 40.88
N GLY E 91 15.95 -28.76 41.32
CA GLY E 91 16.56 -28.72 42.64
C GLY E 91 16.32 -27.45 43.41
N THR E 92 15.67 -27.54 44.57
CA THR E 92 15.38 -26.37 45.38
C THR E 92 16.30 -26.43 46.60
N MET E 93 17.09 -25.39 46.81
CA MET E 93 17.99 -25.32 47.96
C MET E 93 17.96 -23.88 48.47
N GLY E 94 17.12 -23.62 49.47
CA GLY E 94 17.11 -22.36 50.18
C GLY E 94 16.80 -21.15 49.33
N HIS E 95 17.86 -20.41 49.02
CA HIS E 95 17.76 -19.25 48.14
C HIS E 95 17.37 -19.63 46.72
N PHE E 96 17.68 -20.85 46.28
CA PHE E 96 17.69 -21.10 44.85
C PHE E 96 16.76 -22.23 44.44
N ILE E 97 16.42 -22.21 43.16
CA ILE E 97 15.77 -23.31 42.46
C ILE E 97 16.37 -23.42 41.07
N LEU E 98 16.94 -24.58 40.77
CA LEU E 98 17.32 -24.97 39.42
C LEU E 98 16.12 -25.65 38.79
N ALA E 99 15.61 -25.05 37.72
CA ALA E 99 14.44 -25.56 37.03
C ALA E 99 14.69 -25.55 35.53
N ARG E 100 13.84 -26.27 34.81
CA ARG E 100 13.89 -26.31 33.36
C ARG E 100 12.49 -26.00 32.83
N CYS E 101 12.41 -25.04 31.89
CA CYS E 101 11.12 -24.64 31.38
C CYS E 101 11.24 -24.34 29.90
N PRO E 102 10.25 -24.74 29.09
CA PRO E 102 10.29 -24.37 27.66
C PRO E 102 10.05 -22.89 27.43
N LYS E 103 10.27 -22.47 26.18
CA LYS E 103 10.44 -21.08 25.77
C LYS E 103 9.29 -20.18 26.19
N GLY E 104 9.64 -19.01 26.72
CA GLY E 104 8.64 -18.07 27.20
C GLY E 104 9.10 -16.63 27.06
N GLU E 105 8.12 -15.73 26.99
CA GLU E 105 8.42 -14.30 26.84
C GLU E 105 8.58 -13.63 28.20
N THR E 106 7.87 -14.11 29.21
CA THR E 106 7.84 -13.53 30.54
C THR E 106 8.39 -14.54 31.53
N LEU E 107 8.20 -14.27 32.82
CA LEU E 107 8.36 -15.31 33.83
C LEU E 107 7.39 -15.01 34.95
N THR E 108 6.86 -16.05 35.59
CA THR E 108 6.12 -15.86 36.83
C THR E 108 6.17 -17.15 37.64
N VAL E 109 5.86 -17.00 38.92
CA VAL E 109 5.68 -18.13 39.82
C VAL E 109 4.38 -17.89 40.57
N GLY E 110 3.73 -18.96 40.97
CA GLY E 110 2.62 -18.88 41.88
C GLY E 110 2.86 -19.88 43.00
N PHE E 111 2.82 -19.42 44.23
CA PHE E 111 2.97 -20.31 45.37
C PHE E 111 1.76 -20.11 46.27
N THR E 112 1.58 -21.04 47.19
CA THR E 112 0.48 -20.96 48.14
C THR E 112 1.06 -20.97 49.54
N ASP E 113 0.48 -20.16 50.43
CA ASP E 113 0.94 -20.09 51.81
C ASP E 113 0.61 -21.37 52.57
N GLY E 114 1.12 -21.44 53.80
CA GLY E 114 0.62 -22.43 54.74
C GLY E 114 -0.81 -22.18 55.14
N ARG E 115 -1.30 -20.95 55.01
CA ARG E 115 -2.69 -20.58 55.28
C ARG E 115 -3.55 -20.63 54.04
N LYS E 116 -3.22 -21.54 53.10
CA LYS E 116 -3.80 -21.74 51.77
C LYS E 116 -4.12 -20.44 51.02
N ILE E 117 -3.19 -19.50 51.05
CA ILE E 117 -3.31 -18.23 50.32
C ILE E 117 -2.22 -18.21 49.26
N SER E 118 -2.63 -18.05 48.00
CA SER E 118 -1.69 -18.05 46.90
C SER E 118 -1.27 -16.63 46.54
N HIS E 119 0.01 -16.46 46.24
CA HIS E 119 0.56 -15.18 45.78
C HIS E 119 1.41 -15.44 44.53
N SER E 120 0.85 -15.12 43.37
CA SER E 120 1.63 -15.09 42.14
C SER E 120 2.55 -13.88 42.14
N CYS E 121 3.73 -14.03 41.57
CA CYS E 121 4.66 -12.94 41.32
C CYS E 121 5.27 -13.13 39.94
N THR E 122 5.17 -12.11 39.10
CA THR E 122 5.72 -12.14 37.75
C THR E 122 6.92 -11.21 37.65
N HIS E 123 7.82 -11.55 36.72
CA HIS E 123 8.97 -10.74 36.39
C HIS E 123 9.13 -10.81 34.88
N PRO E 124 9.25 -9.66 34.22
CA PRO E 124 9.44 -9.68 32.76
C PRO E 124 10.81 -10.17 32.36
N PHE E 125 10.86 -11.35 31.75
CA PHE E 125 12.14 -11.91 31.34
C PHE E 125 11.92 -12.82 30.15
N HIS E 126 12.60 -12.53 29.05
CA HIS E 126 12.52 -13.35 27.86
C HIS E 126 13.30 -14.64 28.09
N HIS E 127 12.58 -15.70 28.44
CA HIS E 127 13.19 -17.01 28.57
C HIS E 127 13.49 -17.51 27.18
N ASP E 128 14.74 -17.31 26.75
CA ASP E 128 15.16 -17.66 25.39
C ASP E 128 16.24 -18.72 25.48
N PRO E 129 15.90 -20.01 25.50
CA PRO E 129 16.92 -21.05 25.41
C PRO E 129 17.61 -21.01 24.05
N PRO E 130 18.90 -20.73 24.02
CA PRO E 130 19.59 -20.58 22.73
C PRO E 130 19.87 -21.92 22.08
N VAL E 131 20.52 -21.85 20.94
CA VAL E 131 20.83 -23.04 20.16
C VAL E 131 21.99 -23.80 20.80
N ILE E 132 21.95 -25.12 20.70
CA ILE E 132 23.07 -25.97 21.05
C ILE E 132 23.33 -26.94 19.89
N GLY E 133 24.54 -26.92 19.37
CA GLY E 133 24.92 -27.82 18.32
C GLY E 133 24.22 -27.53 17.00
N ARG E 134 24.34 -28.51 16.11
CA ARG E 134 23.75 -28.35 14.79
C ARG E 134 22.33 -28.90 14.70
N GLU E 135 21.67 -29.12 15.83
CA GLU E 135 20.25 -29.47 15.86
C GLU E 135 19.48 -28.51 16.75
N LYS E 136 18.16 -28.56 16.63
CA LYS E 136 17.22 -27.82 17.47
C LYS E 136 16.24 -28.87 17.97
N PHE E 137 16.63 -29.57 19.01
CA PHE E 137 15.83 -30.65 19.53
C PHE E 137 15.24 -30.23 20.87
N HIS E 138 14.45 -31.11 21.46
CA HIS E 138 13.60 -30.73 22.59
C HIS E 138 13.80 -31.71 23.73
N SER E 139 14.23 -32.92 23.40
CA SER E 139 14.69 -33.88 24.40
C SER E 139 15.73 -34.79 23.74
N ARG E 140 16.75 -35.13 24.50
CA ARG E 140 17.79 -36.00 23.99
C ARG E 140 17.23 -37.40 23.79
N PRO E 141 17.51 -38.05 22.68
CA PRO E 141 16.99 -39.41 22.48
C PRO E 141 17.98 -40.43 23.02
N GLN E 142 17.65 -41.71 22.85
CA GLN E 142 18.65 -42.75 23.05
C GLN E 142 19.65 -42.81 21.91
N HIS E 143 19.35 -42.20 20.78
CA HIS E 143 20.30 -42.04 19.69
C HIS E 143 21.03 -40.71 19.82
N GLY E 144 21.61 -40.49 20.99
CA GLY E 144 22.37 -39.30 21.27
C GLY E 144 23.84 -39.46 20.93
N ARG E 145 24.56 -38.35 21.01
CA ARG E 145 26.01 -38.35 20.80
C ARG E 145 26.59 -37.13 21.49
N GLU E 146 27.92 -37.12 21.61
CA GLU E 146 28.64 -36.20 22.49
C GLU E 146 28.49 -34.75 22.04
N LEU E 147 28.20 -33.87 23.01
CA LEU E 147 28.54 -32.46 22.88
C LEU E 147 28.88 -31.91 24.26
N PRO E 148 29.92 -31.10 24.37
CA PRO E 148 30.11 -30.33 25.60
C PRO E 148 29.05 -29.25 25.72
N CYS E 149 28.79 -28.87 26.96
CA CYS E 149 27.70 -27.97 27.33
C CYS E 149 27.93 -27.52 28.76
N SER E 150 27.00 -26.72 29.29
CA SER E 150 27.16 -26.18 30.63
C SER E 150 25.86 -26.30 31.41
N THR E 151 25.98 -26.74 32.66
CA THR E 151 24.85 -26.88 33.57
C THR E 151 25.17 -26.18 34.88
N TYR E 152 24.19 -26.12 35.77
CA TYR E 152 24.41 -25.71 37.15
C TYR E 152 24.49 -26.95 38.02
N ALA E 153 25.58 -27.08 38.76
CA ALA E 153 25.84 -28.29 39.54
C ALA E 153 24.90 -28.38 40.72
N GLN E 154 24.57 -29.63 41.08
CA GLN E 154 23.57 -29.92 42.10
C GLN E 154 24.19 -30.06 43.48
N SER E 155 25.47 -29.76 43.62
CA SER E 155 26.13 -29.82 44.92
C SER E 155 25.74 -28.61 45.76
N THR E 156 25.73 -28.81 47.08
CA THR E 156 25.29 -27.76 47.99
C THR E 156 26.47 -27.06 48.66
N ALA E 157 27.48 -27.84 49.06
CA ALA E 157 28.64 -27.29 49.77
C ALA E 157 29.67 -26.78 48.78
N ALA E 158 29.62 -25.49 48.47
CA ALA E 158 30.57 -24.86 47.55
C ALA E 158 30.66 -23.38 47.86
N THR E 159 31.82 -22.80 47.54
CA THR E 159 32.19 -21.46 47.97
C THR E 159 32.70 -20.75 46.72
N ALA E 160 33.36 -19.59 46.91
CA ALA E 160 33.65 -18.57 45.88
C ALA E 160 32.37 -18.09 45.23
N GLU E 161 31.29 -18.06 46.01
CA GLU E 161 29.96 -17.68 45.55
C GLU E 161 29.15 -17.32 46.79
N GLU E 162 28.73 -16.05 46.87
CA GLU E 162 28.30 -15.51 48.14
C GLU E 162 27.50 -14.25 47.93
N ILE E 163 26.85 -13.81 49.00
CA ILE E 163 26.27 -12.48 49.09
C ILE E 163 26.75 -11.83 50.38
N GLU E 164 26.79 -10.50 50.36
CA GLU E 164 27.03 -9.72 51.57
C GLU E 164 25.73 -9.72 52.34
N VAL E 165 25.75 -10.21 53.58
CA VAL E 165 24.55 -10.23 54.39
C VAL E 165 24.56 -9.02 55.31
N HIS E 166 23.40 -8.40 55.49
CA HIS E 166 23.33 -7.10 56.12
C HIS E 166 22.02 -6.94 56.88
N MET E 167 22.02 -5.99 57.80
CA MET E 167 20.87 -5.72 58.63
C MET E 167 19.79 -5.01 57.82
N PRO E 168 18.51 -5.37 57.99
CA PRO E 168 17.44 -4.69 57.26
C PRO E 168 17.24 -3.28 57.80
N PRO E 169 16.52 -2.41 57.06
CA PRO E 169 16.28 -1.04 57.53
C PRO E 169 15.57 -0.94 58.86
N ASP E 170 14.34 -1.46 58.94
CA ASP E 170 13.62 -1.80 60.18
C ASP E 170 12.38 -2.58 59.78
N THR E 171 11.54 -2.89 60.76
CA THR E 171 10.19 -3.41 60.51
C THR E 171 9.20 -2.40 61.06
N PRO E 172 8.81 -1.40 60.26
CA PRO E 172 7.84 -0.40 60.74
C PRO E 172 6.46 -1.02 60.87
N ASP E 173 5.91 -0.95 62.09
CA ASP E 173 4.62 -1.56 62.41
C ASP E 173 3.75 -0.55 63.15
N ARG E 174 3.06 0.32 62.41
CA ARG E 174 2.28 1.38 63.01
C ARG E 174 0.88 0.93 63.45
N THR E 175 0.45 -0.26 63.03
CA THR E 175 -0.91 -0.69 63.32
C THR E 175 -1.11 -1.10 64.77
N LEU E 176 -0.07 -1.60 65.44
CA LEU E 176 -0.19 -2.02 66.83
C LEU E 176 -0.17 -0.85 67.80
N MET E 177 0.15 0.35 67.34
CA MET E 177 0.05 1.55 68.16
C MET E 177 -1.42 1.93 68.25
N SER E 178 -2.05 1.51 69.34
CA SER E 178 -3.47 1.76 69.53
C SER E 178 -3.72 3.20 69.93
N GLN E 179 -4.78 3.79 69.37
CA GLN E 179 -5.15 5.17 69.63
C GLN E 179 -5.79 5.27 71.02
N GLN E 180 -5.03 5.78 72.00
CA GLN E 180 -5.56 5.96 73.34
C GLN E 180 -6.10 7.38 73.54
N SER E 181 -7.10 7.72 72.71
CA SER E 181 -7.86 8.99 72.74
C SER E 181 -6.95 10.21 72.78
N GLY E 182 -6.12 10.32 71.74
CA GLY E 182 -5.11 11.34 71.69
C GLY E 182 -3.75 10.92 72.22
N ASN E 183 -3.64 9.72 72.77
CA ASN E 183 -2.37 9.15 73.16
C ASN E 183 -2.04 7.99 72.24
N VAL E 184 -0.90 7.33 72.50
CA VAL E 184 -0.50 6.16 71.73
C VAL E 184 -0.11 5.07 72.71
N LYS E 185 -0.72 3.89 72.59
CA LYS E 185 -0.23 2.71 73.29
C LYS E 185 0.52 1.85 72.28
N ILE E 186 1.85 1.85 72.38
CA ILE E 186 2.68 0.99 71.56
C ILE E 186 2.58 -0.43 72.09
N THR E 187 1.88 -1.29 71.35
CA THR E 187 1.93 -2.73 71.59
C THR E 187 3.10 -3.31 70.80
N VAL E 188 3.96 -4.05 71.48
CA VAL E 188 5.18 -4.57 70.88
C VAL E 188 5.07 -6.04 70.53
N ASN E 189 4.44 -6.83 71.41
CA ASN E 189 4.29 -8.29 71.29
C ASN E 189 5.65 -8.99 71.17
N SER E 190 6.44 -8.85 72.24
CA SER E 190 7.76 -9.48 72.42
C SER E 190 8.73 -9.14 71.30
N GLN E 191 9.00 -7.84 71.14
CA GLN E 191 10.07 -7.37 70.25
C GLN E 191 10.79 -6.21 70.95
N THR E 192 11.71 -5.60 70.21
CA THR E 192 12.27 -4.30 70.56
C THR E 192 11.89 -3.32 69.47
N VAL E 193 11.18 -2.25 69.83
CA VAL E 193 10.57 -1.44 68.81
C VAL E 193 10.95 0.03 68.99
N ARG E 194 11.24 0.71 67.88
CA ARG E 194 11.71 2.08 67.89
C ARG E 194 10.54 3.02 67.65
N TYR E 195 10.18 3.79 68.68
CA TYR E 195 9.16 4.80 68.54
C TYR E 195 9.81 6.17 68.31
N LYS E 196 9.53 6.77 67.17
CA LYS E 196 9.87 8.16 66.90
C LYS E 196 8.57 8.93 66.89
N CYS E 197 8.46 9.93 67.76
CA CYS E 197 7.17 10.56 68.03
C CYS E 197 7.22 12.05 67.74
N ASN E 198 6.23 12.52 66.97
CA ASN E 198 6.08 13.94 66.67
C ASN E 198 5.15 14.58 67.71
N CYS E 199 5.64 14.60 68.95
CA CYS E 199 4.82 15.09 70.05
C CYS E 199 5.75 15.67 71.11
N GLY E 200 5.21 15.91 72.31
CA GLY E 200 5.98 16.38 73.43
C GLY E 200 6.32 15.27 74.40
N ASP E 201 7.38 15.51 75.19
CA ASP E 201 7.91 14.69 76.28
C ASP E 201 8.61 13.41 75.81
N SER E 202 8.49 13.09 74.52
CA SER E 202 9.18 11.95 73.92
C SER E 202 9.21 12.20 72.41
N ASN E 203 10.40 12.42 71.88
CA ASN E 203 10.54 12.53 70.43
C ASN E 203 11.07 11.24 69.81
N GLU E 204 12.10 10.63 70.41
CA GLU E 204 12.66 9.38 69.93
C GLU E 204 12.81 8.43 71.12
N GLY E 205 12.88 7.15 70.81
CA GLY E 205 13.10 6.16 71.85
C GLY E 205 12.87 4.77 71.33
N LEU E 206 13.10 3.79 72.21
CA LEU E 206 12.98 2.39 71.87
C LEU E 206 12.52 1.64 73.11
N THR E 207 11.47 0.84 72.99
CA THR E 207 10.96 0.10 74.12
C THR E 207 10.96 -1.39 73.83
N THR E 208 10.73 -2.15 74.90
CA THR E 208 10.58 -3.60 74.90
C THR E 208 9.14 -4.04 75.11
N THR E 209 8.44 -3.43 76.06
CA THR E 209 7.05 -3.77 76.37
C THR E 209 6.12 -2.66 75.92
N ASP E 210 4.83 -2.91 76.11
CA ASP E 210 3.78 -2.01 75.65
C ASP E 210 3.80 -0.72 76.46
N LYS E 211 3.96 0.41 75.79
CA LYS E 211 4.10 1.70 76.46
C LYS E 211 2.98 2.64 76.04
N VAL E 212 2.93 3.80 76.67
CA VAL E 212 2.00 4.87 76.32
C VAL E 212 2.81 6.13 76.08
N ILE E 213 2.99 6.48 74.81
CA ILE E 213 3.54 7.79 74.46
C ILE E 213 2.41 8.81 74.58
N ASN E 214 2.63 9.82 75.41
CA ASN E 214 1.62 10.78 75.80
C ASN E 214 1.34 11.77 74.67
N ASN E 215 0.07 12.24 74.64
CA ASN E 215 -0.46 13.32 73.78
C ASN E 215 -0.09 13.17 72.31
N CYS E 216 -0.01 11.94 71.83
CA CYS E 216 0.53 11.66 70.51
C CYS E 216 -0.47 10.88 69.65
N LYS E 217 -0.26 10.95 68.34
CA LYS E 217 -1.17 10.37 67.37
C LYS E 217 -0.53 9.20 66.66
N VAL E 218 -1.38 8.43 65.97
CA VAL E 218 -0.92 7.28 65.20
C VAL E 218 -0.10 7.75 64.01
N ASP E 219 -0.50 8.86 63.39
CA ASP E 219 0.31 9.47 62.34
C ASP E 219 1.48 10.26 62.91
N GLN E 220 1.52 10.47 64.22
CA GLN E 220 2.59 11.21 64.86
C GLN E 220 3.55 10.33 65.65
N CYS E 221 3.46 9.01 65.52
CA CYS E 221 4.31 8.10 66.27
C CYS E 221 4.81 6.99 65.34
N HIS E 222 6.05 6.56 65.55
CA HIS E 222 6.62 5.46 64.80
C HIS E 222 6.64 4.19 65.66
N ALA E 223 6.84 3.05 65.00
CA ALA E 223 7.10 1.79 65.70
C ALA E 223 7.88 0.90 64.75
N ALA E 224 9.20 0.86 64.92
CA ALA E 224 10.10 0.19 63.99
C ALA E 224 10.93 -0.84 64.75
N VAL E 225 10.95 -2.08 64.24
CA VAL E 225 11.64 -3.17 64.91
C VAL E 225 13.05 -3.29 64.35
N THR E 226 14.05 -3.12 65.21
CA THR E 226 15.45 -3.40 64.89
C THR E 226 15.65 -4.88 65.17
N ASN E 227 15.44 -5.71 64.15
CA ASN E 227 15.42 -7.14 64.36
C ASN E 227 16.79 -7.75 64.14
N HIS E 228 17.32 -8.39 65.18
CA HIS E 228 18.62 -9.04 65.11
C HIS E 228 18.57 -10.54 65.37
N LYS E 229 17.38 -11.13 65.54
CA LYS E 229 17.31 -12.57 65.72
C LYS E 229 16.30 -13.28 64.82
N LYS E 230 15.12 -12.68 64.60
CA LYS E 230 14.00 -13.33 63.91
C LYS E 230 14.23 -13.09 62.41
N TRP E 231 14.82 -14.07 61.74
CA TRP E 231 15.57 -13.76 60.53
C TRP E 231 15.04 -14.46 59.29
N GLN E 232 14.58 -13.65 58.33
CA GLN E 232 14.33 -14.09 56.96
C GLN E 232 14.79 -13.01 56.00
N TYR E 233 15.77 -13.35 55.16
CA TYR E 233 16.25 -12.46 54.12
C TYR E 233 15.18 -12.22 53.06
N ASN E 234 15.46 -11.25 52.18
CA ASN E 234 14.63 -10.98 51.02
C ASN E 234 15.60 -10.47 49.96
N SER E 235 15.11 -9.68 49.01
CA SER E 235 15.98 -9.16 47.96
C SER E 235 16.96 -8.13 48.54
N PRO E 236 18.24 -8.19 48.16
CA PRO E 236 19.20 -7.16 48.59
C PRO E 236 19.08 -5.83 47.85
N LEU E 237 18.07 -5.67 47.00
CA LEU E 237 17.83 -4.41 46.33
C LEU E 237 17.23 -3.37 47.26
N VAL E 238 16.68 -3.78 48.39
CA VAL E 238 16.11 -2.86 49.39
C VAL E 238 17.28 -2.12 50.02
N PRO E 239 17.11 -0.87 50.46
CA PRO E 239 18.19 -0.19 51.18
C PRO E 239 18.59 -0.88 52.47
N ARG E 240 19.76 -0.50 52.97
CA ARG E 240 20.40 -1.17 54.09
C ARG E 240 19.67 -0.84 55.39
N ASN E 241 20.27 -1.31 56.50
CA ASN E 241 20.02 -0.69 57.79
C ASN E 241 20.33 0.80 57.76
N ALA E 242 21.35 1.19 56.98
CA ALA E 242 21.65 2.56 56.60
C ALA E 242 22.06 3.40 57.80
N GLU E 243 22.81 2.79 58.70
CA GLU E 243 23.70 3.54 59.56
C GLU E 243 25.05 3.77 58.88
N LEU E 244 25.43 2.86 57.96
CA LEU E 244 26.64 2.91 57.15
C LEU E 244 26.59 1.75 56.17
N GLY E 245 27.45 1.79 55.15
CA GLY E 245 27.70 0.61 54.35
C GLY E 245 28.61 -0.41 54.99
N ASP E 246 29.18 -0.06 56.15
CA ASP E 246 30.09 -0.94 56.88
C ASP E 246 29.37 -2.06 57.61
N ARG E 247 28.04 -2.04 57.66
CA ARG E 247 27.30 -3.26 57.93
C ARG E 247 27.65 -4.27 56.85
N LYS E 248 28.06 -5.46 57.26
CA LYS E 248 28.87 -6.29 56.40
C LYS E 248 28.77 -7.74 56.87
N GLY E 249 28.71 -8.66 55.91
CA GLY E 249 28.57 -10.06 56.24
C GLY E 249 28.83 -10.93 55.04
N LYS E 250 28.62 -12.24 55.23
CA LYS E 250 28.85 -13.23 54.21
C LYS E 250 27.81 -14.33 54.33
N VAL E 251 27.20 -14.69 53.21
CA VAL E 251 26.48 -15.95 53.05
C VAL E 251 27.02 -16.64 51.80
N HIS E 252 27.78 -17.71 52.00
CA HIS E 252 28.19 -18.53 50.88
C HIS E 252 26.96 -19.27 50.33
N ILE E 253 26.95 -19.47 49.02
CA ILE E 253 25.73 -19.94 48.39
C ILE E 253 25.94 -21.32 47.76
N PRO E 254 24.90 -22.15 47.67
CA PRO E 254 25.02 -23.44 46.98
C PRO E 254 24.85 -23.36 45.48
N PHE E 255 24.78 -24.54 44.85
CA PHE E 255 24.45 -24.77 43.43
C PHE E 255 25.44 -24.08 42.49
N PRO E 256 26.65 -24.59 42.36
CA PRO E 256 27.62 -23.99 41.42
C PRO E 256 27.30 -24.41 39.99
N LEU E 257 28.20 -24.06 39.08
CA LEU E 257 28.05 -24.44 37.68
C LEU E 257 29.11 -25.48 37.32
N ALA E 258 28.92 -26.12 36.18
CA ALA E 258 29.87 -27.12 35.69
C ALA E 258 29.75 -27.22 34.17
N ASN E 259 30.83 -27.71 33.56
CA ASN E 259 30.86 -28.01 32.13
C ASN E 259 30.71 -29.52 31.95
N VAL E 260 29.64 -29.92 31.28
CA VAL E 260 29.23 -31.31 31.19
C VAL E 260 29.02 -31.71 29.74
N THR E 261 28.47 -32.89 29.52
CA THR E 261 28.19 -33.42 28.20
C THR E 261 26.71 -33.72 28.05
N CYS E 262 26.11 -33.20 26.97
CA CYS E 262 24.77 -33.61 26.58
C CYS E 262 24.84 -34.56 25.38
N ARG E 263 23.85 -35.45 25.31
CA ARG E 263 23.78 -36.45 24.25
C ARG E 263 22.84 -35.93 23.17
N VAL E 264 23.38 -35.09 22.30
CA VAL E 264 22.61 -34.50 21.22
C VAL E 264 22.32 -35.56 20.17
N PRO E 265 21.18 -35.51 19.50
CA PRO E 265 20.85 -36.55 18.50
C PRO E 265 21.73 -36.45 17.27
N LYS E 266 21.45 -37.37 16.35
CA LYS E 266 22.04 -37.35 15.02
C LYS E 266 20.97 -36.97 14.02
N ALA E 267 21.40 -36.42 12.89
CA ALA E 267 20.45 -35.99 11.88
C ALA E 267 20.00 -37.20 11.05
N ARG E 268 19.35 -36.90 9.94
CA ARG E 268 18.70 -37.91 9.11
C ARG E 268 19.46 -38.02 7.80
N ASN E 269 19.99 -39.21 7.52
CA ASN E 269 20.89 -39.39 6.39
C ASN E 269 20.19 -39.23 5.04
N PRO E 270 20.59 -38.25 4.23
CA PRO E 270 19.81 -37.89 3.02
C PRO E 270 20.05 -38.82 1.84
N THR E 271 19.49 -38.49 0.68
CA THR E 271 19.67 -39.29 -0.52
C THR E 271 20.47 -38.50 -1.54
N VAL E 272 21.55 -39.09 -2.02
CA VAL E 272 22.55 -38.41 -2.83
C VAL E 272 22.89 -39.28 -4.03
N THR E 273 22.89 -38.68 -5.22
CA THR E 273 23.68 -39.20 -6.33
C THR E 273 24.16 -38.02 -7.16
N TYR E 274 24.83 -38.32 -8.28
CA TYR E 274 25.28 -37.23 -9.12
C TYR E 274 25.34 -37.63 -10.58
N GLY E 275 25.16 -36.63 -11.43
CA GLY E 275 25.57 -36.73 -12.82
C GLY E 275 26.88 -35.99 -12.94
N LYS E 276 27.29 -35.69 -14.18
CA LYS E 276 28.66 -35.30 -14.47
C LYS E 276 29.03 -33.97 -13.82
N ASN E 277 29.76 -34.08 -12.71
CA ASN E 277 30.16 -33.05 -11.75
C ASN E 277 29.00 -32.23 -11.19
N GLN E 278 27.77 -32.74 -11.24
CA GLN E 278 26.72 -32.05 -10.50
C GLN E 278 25.92 -33.06 -9.68
N VAL E 279 25.72 -32.71 -8.41
CA VAL E 279 25.22 -33.62 -7.39
C VAL E 279 23.81 -33.23 -7.00
N ILE E 280 22.93 -34.22 -6.95
CA ILE E 280 21.56 -34.08 -6.50
C ILE E 280 21.40 -34.76 -5.15
N MET E 281 20.70 -34.09 -4.23
CA MET E 281 20.42 -34.64 -2.92
C MET E 281 19.03 -34.22 -2.47
N LEU E 282 18.24 -35.18 -2.06
CA LEU E 282 16.99 -34.88 -1.39
C LEU E 282 17.21 -35.01 0.12
N LEU E 283 16.63 -34.07 0.87
CA LEU E 283 16.89 -33.87 2.29
C LEU E 283 15.60 -34.07 3.08
N TYR E 284 15.77 -34.55 4.31
CA TYR E 284 14.71 -35.19 5.08
C TYR E 284 14.82 -34.70 6.51
N PRO E 285 13.90 -33.85 6.98
CA PRO E 285 14.07 -33.25 8.31
C PRO E 285 13.31 -33.93 9.43
N ASP E 286 13.69 -33.63 10.66
CA ASP E 286 12.81 -33.76 11.81
C ASP E 286 12.33 -32.40 12.30
N HIS E 287 13.13 -31.38 12.06
CA HIS E 287 12.96 -30.02 12.51
C HIS E 287 13.64 -29.14 11.47
N PRO E 288 13.38 -27.82 11.44
CA PRO E 288 14.14 -26.96 10.53
C PRO E 288 15.58 -26.83 10.98
N THR E 289 16.47 -27.48 10.24
CA THR E 289 17.85 -27.68 10.66
C THR E 289 18.75 -26.85 9.77
N LEU E 290 19.85 -26.36 10.32
CA LEU E 290 20.83 -25.70 9.48
C LEU E 290 21.59 -26.75 8.66
N LEU E 291 22.27 -26.27 7.62
CA LEU E 291 22.90 -27.16 6.67
C LEU E 291 24.08 -26.46 6.02
N SER E 292 25.28 -26.97 6.24
CA SER E 292 26.49 -26.28 5.82
C SER E 292 27.09 -26.94 4.60
N TYR E 293 27.72 -26.14 3.75
CA TYR E 293 28.61 -26.72 2.75
C TYR E 293 29.68 -25.71 2.35
N ARG E 294 30.79 -26.25 1.86
CA ARG E 294 31.88 -25.44 1.35
C ARG E 294 32.72 -26.27 0.37
N ASN E 295 33.38 -25.57 -0.53
CA ASN E 295 34.46 -26.17 -1.28
C ASN E 295 35.77 -25.94 -0.53
N MET E 296 36.78 -26.73 -0.87
CA MET E 296 38.07 -26.68 -0.21
C MET E 296 39.17 -26.34 -1.21
N GLY E 297 38.87 -25.45 -2.15
CA GLY E 297 39.87 -25.02 -3.10
C GLY E 297 40.73 -23.93 -2.48
N GLU E 298 40.97 -22.86 -3.23
CA GLU E 298 41.74 -21.74 -2.71
C GLU E 298 40.99 -21.03 -1.58
N GLU E 299 39.67 -21.07 -1.61
CA GLU E 299 38.83 -20.38 -0.65
C GLU E 299 37.85 -21.41 -0.10
N PRO E 300 37.26 -21.15 1.07
CA PRO E 300 36.11 -21.99 1.46
C PRO E 300 34.86 -21.72 0.63
N ASN E 301 34.52 -20.44 0.42
CA ASN E 301 33.24 -19.99 -0.15
C ASN E 301 32.08 -20.63 0.60
N TYR E 302 31.97 -20.26 1.87
CA TYR E 302 31.10 -20.95 2.80
C TYR E 302 29.64 -20.59 2.56
N GLN E 303 28.80 -21.61 2.46
CA GLN E 303 27.37 -21.38 2.35
C GLN E 303 26.62 -22.14 3.43
N GLU E 304 25.53 -21.53 3.91
CA GLU E 304 24.75 -22.04 5.02
C GLU E 304 23.27 -21.92 4.67
N GLU E 305 22.51 -22.97 4.98
CA GLU E 305 21.13 -23.11 4.52
C GLU E 305 20.27 -23.62 5.65
N TRP E 306 18.97 -23.67 5.42
CA TRP E 306 18.03 -24.17 6.40
C TRP E 306 16.99 -25.04 5.74
N VAL E 307 16.63 -26.12 6.42
CA VAL E 307 15.70 -27.11 5.88
C VAL E 307 14.50 -27.19 6.79
N THR E 308 13.31 -27.18 6.18
CA THR E 308 12.06 -27.33 6.89
C THR E 308 11.25 -28.52 6.44
N HIS E 309 11.51 -29.05 5.24
CA HIS E 309 10.66 -30.05 4.62
C HIS E 309 11.54 -30.99 3.82
N LYS E 310 10.92 -31.82 3.00
CA LYS E 310 11.66 -32.67 2.07
C LYS E 310 12.25 -31.78 0.98
N LYS E 311 13.51 -31.39 1.16
CA LYS E 311 14.07 -30.27 0.40
C LYS E 311 15.06 -30.80 -0.63
N GLU E 312 14.90 -30.36 -1.88
CA GLU E 312 15.74 -30.85 -2.96
C GLU E 312 16.84 -29.83 -3.26
N ILE E 313 18.09 -30.29 -3.24
CA ILE E 313 19.24 -29.42 -3.43
C ILE E 313 20.12 -29.99 -4.53
N ARG E 314 20.35 -29.19 -5.56
CA ARG E 314 21.42 -29.43 -6.51
C ARG E 314 22.64 -28.63 -6.11
N LEU E 315 23.81 -29.18 -6.41
CA LEU E 315 25.05 -28.42 -6.33
C LEU E 315 25.91 -28.82 -7.52
N THR E 316 26.84 -27.96 -7.89
CA THR E 316 27.92 -28.42 -8.77
C THR E 316 29.19 -28.57 -7.96
N VAL E 317 30.08 -29.40 -8.46
CA VAL E 317 31.34 -29.71 -7.80
C VAL E 317 32.46 -29.04 -8.60
N PRO E 318 33.35 -28.30 -7.97
CA PRO E 318 34.49 -27.77 -8.71
C PRO E 318 35.55 -28.83 -8.93
N THR E 319 36.69 -28.42 -9.48
CA THR E 319 37.76 -29.35 -9.76
C THR E 319 38.45 -29.83 -8.50
N GLU E 320 38.20 -29.18 -7.36
CA GLU E 320 38.76 -29.64 -6.10
C GLU E 320 37.96 -30.80 -5.53
N GLY E 321 36.67 -30.60 -5.35
CA GLY E 321 35.83 -31.46 -4.54
C GLY E 321 34.84 -30.62 -3.77
N LEU E 322 34.13 -31.25 -2.84
CA LEU E 322 33.06 -30.57 -2.12
C LEU E 322 32.90 -31.18 -0.74
N GLU E 323 32.47 -30.37 0.21
CA GLU E 323 32.10 -30.84 1.53
C GLU E 323 30.69 -30.37 1.82
N VAL E 324 29.86 -31.30 2.27
CA VAL E 324 28.55 -30.99 2.81
C VAL E 324 28.48 -31.55 4.22
N THR E 325 28.05 -30.72 5.16
CA THR E 325 27.81 -31.13 6.53
C THR E 325 26.36 -30.92 6.88
N TRP E 326 25.76 -31.97 7.42
CA TRP E 326 24.32 -32.06 7.56
C TRP E 326 24.01 -32.50 8.98
N GLY E 327 23.36 -31.61 9.73
CA GLY E 327 23.06 -31.81 11.13
C GLY E 327 24.24 -32.17 12.00
N ASN E 328 24.03 -33.10 12.92
CA ASN E 328 25.10 -33.59 13.76
C ASN E 328 25.78 -34.81 13.18
N ASN E 329 25.75 -34.98 11.87
CA ASN E 329 26.21 -36.21 11.27
C ASN E 329 27.64 -36.06 10.73
N GLU E 330 28.09 -37.10 10.05
CA GLU E 330 29.42 -37.23 9.49
C GLU E 330 29.64 -36.19 8.39
N PRO E 331 30.81 -35.58 8.34
CA PRO E 331 31.12 -34.62 7.27
C PRO E 331 31.33 -35.31 5.94
N TYR E 332 30.40 -35.11 5.02
CA TYR E 332 30.45 -35.76 3.72
C TYR E 332 31.35 -34.98 2.77
N LYS E 333 32.15 -35.72 1.99
CA LYS E 333 33.24 -35.12 1.23
C LYS E 333 33.41 -35.87 -0.09
N TYR E 334 33.29 -35.14 -1.20
CA TYR E 334 33.22 -35.76 -2.53
C TYR E 334 34.13 -35.03 -3.49
N TRP E 335 34.22 -35.57 -4.70
CA TRP E 335 35.22 -35.14 -5.66
C TRP E 335 34.63 -35.02 -7.05
N PRO E 336 35.30 -34.31 -7.95
CA PRO E 336 34.93 -34.40 -9.36
C PRO E 336 35.37 -35.73 -9.93
N GLN E 337 34.68 -36.17 -10.98
CA GLN E 337 34.92 -37.48 -11.58
C GLN E 337 35.06 -37.32 -13.08
N LEU E 338 36.16 -37.84 -13.62
CA LEU E 338 36.31 -37.92 -15.07
C LEU E 338 35.81 -39.28 -15.52
N SER E 339 34.49 -39.40 -15.73
CA SER E 339 33.79 -40.60 -15.28
C SER E 339 33.30 -41.54 -16.38
N THR E 340 32.43 -41.10 -17.30
CA THR E 340 31.83 -42.18 -18.09
C THR E 340 31.81 -42.03 -19.62
N ASN E 341 31.42 -40.88 -20.16
CA ASN E 341 31.10 -40.86 -21.59
C ASN E 341 31.76 -39.67 -22.27
N GLY E 342 31.40 -39.49 -23.53
CA GLY E 342 31.49 -38.20 -24.16
C GLY E 342 32.00 -38.12 -25.58
N THR E 343 32.97 -38.92 -26.01
CA THR E 343 33.44 -38.61 -27.36
C THR E 343 33.44 -39.64 -28.49
N ALA E 344 34.49 -40.48 -28.55
CA ALA E 344 34.86 -41.24 -29.76
C ALA E 344 36.19 -41.93 -29.57
N HIS E 345 36.56 -42.78 -30.54
CA HIS E 345 37.95 -42.96 -31.02
C HIS E 345 37.82 -43.21 -32.52
N GLY E 346 37.84 -42.14 -33.32
CA GLY E 346 37.59 -42.29 -34.73
C GLY E 346 38.17 -41.25 -35.67
N HIS E 347 38.05 -41.50 -36.98
CA HIS E 347 38.29 -40.51 -38.01
C HIS E 347 37.36 -39.30 -37.84
N PRO E 348 36.10 -39.45 -37.42
CA PRO E 348 35.44 -38.31 -36.78
C PRO E 348 36.14 -37.97 -35.48
N HIS E 349 36.55 -36.71 -35.41
CA HIS E 349 37.44 -36.22 -34.36
C HIS E 349 36.83 -36.33 -32.97
N GLU E 350 35.76 -35.58 -32.72
CA GLU E 350 35.12 -35.41 -31.41
C GLU E 350 36.14 -35.05 -30.33
N ILE E 351 37.13 -34.25 -30.69
CA ILE E 351 38.23 -33.97 -29.79
C ILE E 351 37.84 -32.90 -28.81
N ILE E 352 36.89 -32.04 -29.19
CA ILE E 352 36.31 -31.15 -28.20
C ILE E 352 35.40 -31.94 -27.29
N LEU E 353 34.84 -33.05 -27.79
CA LEU E 353 34.10 -33.96 -26.93
C LEU E 353 35.01 -34.82 -26.10
N TYR E 354 36.24 -35.08 -26.55
CA TYR E 354 37.26 -35.52 -25.61
C TYR E 354 37.47 -34.47 -24.54
N TYR E 355 37.54 -33.21 -24.97
CA TYR E 355 37.98 -32.13 -24.11
C TYR E 355 36.96 -31.73 -23.06
N TYR E 356 35.68 -31.95 -23.32
CA TYR E 356 34.70 -31.43 -22.40
C TYR E 356 34.55 -32.31 -21.16
N GLU E 357 34.98 -33.57 -21.25
CA GLU E 357 35.14 -34.36 -20.04
C GLU E 357 36.37 -33.91 -19.25
N LEU E 358 37.49 -33.70 -19.93
CA LEU E 358 38.79 -33.49 -19.29
C LEU E 358 39.20 -32.02 -19.40
N TYR E 359 39.14 -31.31 -18.26
CA TYR E 359 39.41 -29.89 -17.99
C TYR E 359 39.01 -28.97 -19.14
N PRO E 360 37.74 -28.83 -19.45
CA PRO E 360 37.36 -28.06 -20.64
C PRO E 360 37.54 -26.55 -20.52
N THR E 361 37.22 -25.86 -21.62
CA THR E 361 36.87 -24.44 -21.72
C THR E 361 38.01 -23.43 -21.53
N MET E 362 39.17 -23.85 -21.05
CA MET E 362 40.37 -23.10 -21.38
C MET E 362 41.08 -23.90 -22.46
N THR E 363 41.90 -23.23 -23.26
CA THR E 363 42.64 -23.83 -24.38
C THR E 363 41.74 -24.48 -25.43
N VAL E 364 40.43 -24.23 -25.40
CA VAL E 364 39.63 -24.33 -26.63
C VAL E 364 40.05 -23.27 -27.63
N VAL E 365 40.67 -22.18 -27.14
CA VAL E 365 41.28 -21.15 -27.97
C VAL E 365 42.42 -21.67 -28.84
N VAL E 366 42.92 -22.89 -28.62
CA VAL E 366 43.87 -23.44 -29.55
C VAL E 366 43.22 -23.70 -30.90
N VAL E 367 41.90 -23.96 -30.94
CA VAL E 367 41.18 -23.96 -32.19
C VAL E 367 41.24 -22.59 -32.83
N SER E 368 41.11 -21.54 -32.01
CA SER E 368 41.35 -20.18 -32.50
C SER E 368 42.79 -20.03 -32.95
N VAL E 369 43.74 -20.62 -32.21
CA VAL E 369 45.13 -20.67 -32.67
C VAL E 369 45.23 -21.41 -33.99
N ALA E 370 44.44 -22.47 -34.17
CA ALA E 370 44.35 -23.15 -35.47
C ALA E 370 43.89 -22.19 -36.54
N SER E 371 42.83 -21.42 -36.25
CA SER E 371 42.37 -20.39 -37.18
C SER E 371 43.47 -19.37 -37.40
N PHE E 372 44.18 -19.02 -36.31
CA PHE E 372 45.31 -18.11 -36.37
C PHE E 372 46.33 -18.56 -37.38
N VAL E 373 46.71 -19.85 -37.35
CA VAL E 373 47.82 -20.24 -38.21
C VAL E 373 47.36 -20.27 -39.66
N LEU E 374 46.07 -20.57 -39.90
CA LEU E 374 45.64 -20.53 -41.29
C LEU E 374 45.48 -19.08 -41.74
N LEU E 375 45.01 -18.21 -40.85
CA LEU E 375 44.98 -16.81 -41.21
C LEU E 375 46.37 -16.21 -41.11
N SER E 376 47.31 -16.93 -40.48
CA SER E 376 48.70 -16.57 -40.70
C SER E 376 49.13 -16.97 -42.10
N MET E 377 48.90 -18.24 -42.46
CA MET E 377 49.73 -18.88 -43.47
C MET E 377 49.45 -18.33 -44.85
N VAL E 378 48.16 -18.27 -45.22
CA VAL E 378 47.73 -17.74 -46.50
C VAL E 378 48.08 -16.26 -46.64
N GLY E 379 48.26 -15.56 -45.50
CA GLY E 379 48.76 -14.20 -45.55
C GLY E 379 50.09 -14.10 -46.26
N VAL E 380 51.03 -14.99 -45.89
CA VAL E 380 52.29 -15.13 -46.62
C VAL E 380 52.01 -15.40 -48.09
N ALA E 381 51.08 -16.34 -48.34
CA ALA E 381 50.70 -16.68 -49.71
C ALA E 381 50.10 -15.48 -50.43
N VAL E 382 49.24 -14.72 -49.75
CA VAL E 382 48.61 -13.63 -50.48
C VAL E 382 49.61 -12.48 -50.61
N GLY E 383 50.58 -12.43 -49.69
CA GLY E 383 51.70 -11.51 -49.87
C GLY E 383 52.47 -11.86 -51.13
N MET E 384 52.71 -13.15 -51.33
CA MET E 384 53.26 -13.65 -52.59
C MET E 384 52.39 -13.26 -53.76
N CYS E 385 51.06 -13.43 -53.62
CA CYS E 385 50.14 -13.05 -54.68
C CYS E 385 50.25 -11.57 -54.99
N MET E 386 50.45 -10.74 -53.94
CA MET E 386 50.74 -9.33 -54.14
C MET E 386 51.98 -9.17 -55.00
N CYS E 387 53.09 -9.78 -54.56
CA CYS E 387 54.32 -9.78 -55.34
C CYS E 387 54.14 -10.47 -56.69
N ALA E 388 53.24 -11.46 -56.77
CA ALA E 388 52.97 -12.12 -58.05
C ALA E 388 52.46 -11.12 -59.06
N ARG E 389 51.46 -10.32 -58.65
CA ARG E 389 50.97 -9.26 -59.53
C ARG E 389 52.02 -8.18 -59.70
N ARG E 390 52.81 -7.93 -58.65
CA ARG E 390 53.90 -6.97 -58.75
C ARG E 390 55.02 -7.49 -59.63
N ARG E 391 55.05 -8.80 -59.91
CA ARG E 391 55.97 -9.35 -60.88
C ARG E 391 55.26 -9.84 -62.12
N CYS E 392 53.96 -9.60 -62.27
CA CYS E 392 53.41 -9.68 -63.62
C CYS E 392 53.81 -8.46 -64.42
N ILE E 393 53.77 -7.28 -63.80
CA ILE E 393 54.05 -6.05 -64.52
C ILE E 393 55.54 -5.81 -64.68
N THR E 394 56.35 -6.48 -63.90
CA THR E 394 57.79 -6.30 -63.94
C THR E 394 58.43 -6.76 -65.25
N PRO E 395 57.88 -7.72 -66.00
CA PRO E 395 58.24 -7.81 -67.43
C PRO E 395 57.33 -7.05 -68.37
N TYR E 396 56.47 -6.17 -67.88
CA TYR E 396 55.30 -5.79 -68.65
C TYR E 396 54.98 -4.31 -68.51
N GLU E 397 55.93 -3.52 -67.99
CA GLU E 397 55.54 -2.32 -67.26
C GLU E 397 55.14 -1.14 -68.16
N LEU E 398 56.09 -0.60 -68.91
CA LEU E 398 55.80 0.39 -69.94
C LEU E 398 56.27 -0.15 -71.27
N THR E 399 56.29 -1.48 -71.37
CA THR E 399 56.74 -2.29 -72.49
C THR E 399 56.04 -1.82 -73.76
N PRO E 400 56.78 -1.16 -74.68
CA PRO E 400 56.13 -0.36 -75.73
C PRO E 400 55.39 -1.15 -76.80
N GLY E 401 55.45 -2.47 -76.73
CA GLY E 401 54.58 -3.31 -77.53
C GLY E 401 53.83 -4.25 -76.62
N ALA E 402 54.37 -4.42 -75.40
CA ALA E 402 53.77 -5.22 -74.32
C ALA E 402 53.49 -6.64 -74.78
N THR E 403 54.46 -7.23 -75.47
CA THR E 403 54.22 -8.47 -76.20
C THR E 403 54.18 -9.66 -75.24
N VAL E 404 53.32 -10.62 -75.54
CA VAL E 404 53.13 -11.80 -74.70
C VAL E 404 52.94 -13.04 -75.58
N PRO E 405 54.00 -13.80 -75.84
CA PRO E 405 53.81 -15.18 -76.29
C PRO E 405 53.33 -16.05 -75.16
N PHE E 406 54.10 -16.07 -74.07
CA PHE E 406 53.82 -16.91 -72.92
C PHE E 406 53.92 -16.14 -71.60
N LEU E 407 54.02 -14.81 -71.64
CA LEU E 407 54.24 -14.03 -70.44
C LEU E 407 53.07 -14.10 -69.47
N LEU E 408 51.85 -14.23 -69.97
CA LEU E 408 50.68 -14.39 -69.12
C LEU E 408 49.93 -15.68 -69.38
N SER E 409 50.41 -16.53 -70.28
CA SER E 409 49.85 -17.87 -70.46
C SER E 409 50.24 -18.81 -69.33
N LEU E 410 51.14 -18.37 -68.44
CA LEU E 410 51.59 -19.19 -67.34
C LEU E 410 51.16 -18.63 -66.00
N ILE E 411 50.99 -17.31 -65.90
CA ILE E 411 50.32 -16.70 -64.76
C ILE E 411 48.82 -16.93 -64.83
N CYS E 412 48.28 -16.78 -66.05
CA CYS E 412 46.87 -17.00 -66.37
C CYS E 412 45.95 -16.08 -65.57
N CYS E 413 46.30 -14.81 -65.52
CA CYS E 413 45.40 -13.80 -64.97
C CYS E 413 44.57 -13.11 -66.03
N ILE E 414 45.21 -12.66 -67.10
CA ILE E 414 44.54 -12.00 -68.22
C ILE E 414 45.42 -12.24 -69.45
N ARG E 415 44.90 -11.87 -70.63
CA ARG E 415 45.57 -11.98 -71.94
C ARG E 415 45.93 -13.43 -72.27
N THR E 416 44.89 -14.23 -72.44
CA THR E 416 45.04 -15.61 -72.92
C THR E 416 44.67 -15.69 -74.41
N ALA E 417 45.58 -16.21 -75.22
CA ALA E 417 45.30 -16.41 -76.63
C ALA E 417 44.41 -17.63 -76.83
N LYS E 418 44.05 -17.89 -78.09
CA LYS E 418 43.26 -19.06 -78.41
C LYS E 418 44.09 -20.32 -78.15
N ALA E 419 43.43 -21.37 -77.68
CA ALA E 419 44.01 -22.42 -76.85
C ALA E 419 44.82 -21.78 -75.74
N ASN F 1 -11.54 -62.34 24.12
CA ASN F 1 -12.22 -61.11 23.70
C ASN F 1 -11.98 -60.01 24.74
N PHE F 2 -10.81 -59.38 24.64
CA PHE F 2 -10.33 -58.34 25.57
C PHE F 2 -10.29 -58.84 27.01
N ASN F 3 -9.84 -60.08 27.18
CA ASN F 3 -9.47 -60.62 28.49
C ASN F 3 -8.03 -61.06 28.31
N VAL F 4 -7.11 -60.11 28.47
CA VAL F 4 -5.82 -60.17 27.80
C VAL F 4 -4.65 -60.11 28.78
N TYR F 5 -4.84 -60.50 30.03
CA TYR F 5 -3.79 -60.49 31.03
C TYR F 5 -2.99 -61.78 31.10
N LYS F 6 -3.18 -62.69 30.16
CA LYS F 6 -2.76 -64.08 30.39
C LYS F 6 -1.81 -64.61 29.34
N ALA F 7 -1.96 -64.20 28.08
CA ALA F 7 -1.05 -64.59 27.02
C ALA F 7 0.04 -63.57 26.77
N ILE F 8 0.11 -62.52 27.57
CA ILE F 8 1.10 -61.46 27.41
C ILE F 8 2.29 -61.76 28.29
N ARG F 9 3.48 -61.43 27.81
CA ARG F 9 4.71 -61.71 28.54
C ARG F 9 5.68 -60.54 28.42
N PRO F 10 6.51 -60.31 29.44
CA PRO F 10 7.27 -59.05 29.51
C PRO F 10 8.40 -58.96 28.52
N TYR F 11 8.91 -57.73 28.47
CA TYR F 11 10.27 -57.39 28.11
C TYR F 11 10.71 -56.42 29.21
N LEU F 12 11.85 -55.77 29.08
CA LEU F 12 12.37 -54.92 30.17
C LEU F 12 11.77 -53.52 30.06
N ALA F 13 10.96 -53.15 31.06
CA ALA F 13 10.20 -51.91 31.03
C ALA F 13 11.08 -50.74 31.43
N HIS F 14 11.34 -49.82 30.49
CA HIS F 14 12.33 -48.78 30.70
C HIS F 14 12.00 -47.60 29.80
N CYS F 15 11.50 -46.50 30.38
CA CYS F 15 11.20 -45.31 29.59
C CYS F 15 12.50 -44.64 29.14
N PRO F 16 12.62 -44.29 27.86
CA PRO F 16 13.87 -43.70 27.39
C PRO F 16 14.08 -42.26 27.85
N ASP F 17 13.00 -41.52 28.09
CA ASP F 17 13.10 -40.12 28.50
C ASP F 17 11.96 -39.84 29.48
N CYS F 18 12.29 -39.83 30.76
CA CYS F 18 11.39 -39.45 31.84
C CYS F 18 11.44 -37.97 32.13
N GLY F 19 11.78 -37.15 31.14
CA GLY F 19 12.24 -35.80 31.37
C GLY F 19 13.66 -35.82 31.88
N GLU F 20 14.11 -34.62 32.32
CA GLU F 20 15.38 -34.35 33.04
C GLU F 20 16.61 -35.01 32.39
N GLY F 21 16.59 -35.13 31.07
CA GLY F 21 17.71 -35.70 30.35
C GLY F 21 17.67 -37.21 30.21
N HIS F 22 17.89 -37.92 31.30
CA HIS F 22 18.21 -39.33 31.24
C HIS F 22 16.94 -40.18 31.16
N SER F 23 17.13 -41.49 31.33
CA SER F 23 16.10 -42.50 31.18
C SER F 23 15.68 -43.02 32.55
N CYS F 24 14.40 -43.42 32.66
CA CYS F 24 13.89 -43.99 33.91
C CYS F 24 13.17 -45.29 33.60
N HIS F 25 13.26 -46.23 34.54
CA HIS F 25 12.73 -47.58 34.32
C HIS F 25 11.22 -47.59 34.57
N SER F 26 10.48 -46.99 33.60
CA SER F 26 9.07 -46.99 33.93
C SER F 26 8.39 -48.21 33.31
N PRO F 27 7.36 -48.74 33.98
CA PRO F 27 6.47 -49.70 33.33
C PRO F 27 5.44 -49.06 32.43
N VAL F 28 5.34 -47.74 32.45
CA VAL F 28 4.26 -47.00 31.83
C VAL F 28 4.70 -46.41 30.48
N ALA F 29 5.75 -46.99 29.89
CA ALA F 29 6.40 -46.39 28.74
C ALA F 29 5.53 -46.46 27.50
N LEU F 30 5.87 -45.61 26.53
CA LEU F 30 5.15 -45.56 25.27
C LEU F 30 5.70 -46.61 24.30
N GLU F 31 4.80 -47.40 23.72
CA GLU F 31 5.19 -48.32 22.66
C GLU F 31 5.29 -47.61 21.33
N ARG F 32 4.19 -47.03 20.87
CA ARG F 32 4.10 -46.56 19.50
C ARG F 32 2.95 -45.55 19.40
N ILE F 33 3.18 -44.48 18.67
CA ILE F 33 2.17 -43.49 18.40
C ILE F 33 1.67 -43.68 16.98
N ARG F 34 0.51 -43.09 16.70
CA ARG F 34 -0.07 -43.12 15.37
C ARG F 34 -1.14 -42.03 15.27
N ASN F 35 -1.19 -41.36 14.12
CA ASN F 35 -2.18 -40.33 13.88
C ASN F 35 -2.76 -40.48 12.48
N GLU F 36 -3.04 -41.73 12.09
CA GLU F 36 -3.64 -41.95 10.77
C GLU F 36 -5.11 -41.57 10.74
N ALA F 37 -5.74 -41.45 11.91
CA ALA F 37 -7.05 -40.85 11.97
C ALA F 37 -6.97 -39.41 11.52
N THR F 38 -7.86 -39.04 10.61
CA THR F 38 -7.81 -37.72 9.98
C THR F 38 -8.74 -36.75 10.67
N ASP F 39 -8.82 -36.85 11.99
CA ASP F 39 -9.48 -35.85 12.82
C ASP F 39 -8.54 -35.36 13.92
N GLY F 40 -7.24 -35.57 13.77
CA GLY F 40 -6.29 -35.13 14.77
C GLY F 40 -6.32 -35.94 16.05
N THR F 41 -6.90 -37.14 16.02
CA THR F 41 -6.97 -37.96 17.22
C THR F 41 -5.84 -38.99 17.22
N LEU F 42 -5.26 -39.21 18.39
CA LEU F 42 -4.07 -40.02 18.56
C LEU F 42 -4.45 -41.32 19.24
N LYS F 43 -4.02 -42.43 18.67
CA LYS F 43 -4.07 -43.73 19.34
C LYS F 43 -2.71 -43.96 19.97
N ILE F 44 -2.67 -44.01 21.29
CA ILE F 44 -1.41 -44.06 22.04
C ILE F 44 -1.34 -45.38 22.76
N GLN F 45 -0.21 -46.08 22.59
CA GLN F 45 0.01 -47.38 23.18
C GLN F 45 0.84 -47.22 24.44
N VAL F 46 0.23 -47.45 25.60
CA VAL F 46 0.95 -47.44 26.87
C VAL F 46 1.36 -48.87 27.17
N SER F 47 2.41 -49.03 27.97
CA SER F 47 2.84 -50.34 28.41
C SER F 47 2.15 -50.79 29.70
N LEU F 48 0.94 -50.29 29.95
CA LEU F 48 0.07 -50.74 31.01
C LEU F 48 -1.23 -51.28 30.42
N GLN F 49 -2.09 -51.74 31.31
CA GLN F 49 -3.46 -52.09 30.96
C GLN F 49 -4.36 -51.56 32.07
N ILE F 50 -5.17 -50.55 31.76
CA ILE F 50 -6.11 -50.02 32.72
C ILE F 50 -7.49 -50.53 32.35
N GLY F 51 -8.41 -50.48 33.31
CA GLY F 51 -9.80 -50.89 33.03
C GLY F 51 -10.10 -52.37 33.06
N ILE F 52 -9.08 -53.21 32.88
CA ILE F 52 -9.27 -54.65 32.97
C ILE F 52 -8.61 -55.15 34.24
N LYS F 53 -9.20 -56.18 34.86
CA LYS F 53 -8.67 -56.76 36.08
C LYS F 53 -8.17 -58.17 35.80
N THR F 54 -7.21 -58.62 36.62
CA THR F 54 -6.44 -59.84 36.38
C THR F 54 -7.19 -61.13 36.68
N ASP F 55 -8.42 -61.07 37.21
CA ASP F 55 -9.15 -62.27 37.60
C ASP F 55 -10.09 -62.78 36.52
N ASP F 56 -9.69 -62.64 35.24
CA ASP F 56 -10.56 -62.85 34.06
C ASP F 56 -11.79 -61.95 34.10
N SER F 57 -11.66 -60.76 34.67
CA SER F 57 -12.73 -59.78 34.73
C SER F 57 -12.26 -58.46 34.13
N HIS F 58 -13.13 -57.46 34.19
CA HIS F 58 -12.93 -56.20 33.50
C HIS F 58 -13.26 -55.03 34.42
N ASP F 59 -12.68 -55.02 35.63
CA ASP F 59 -12.94 -53.97 36.59
C ASP F 59 -12.34 -52.66 36.10
N TRP F 60 -13.21 -51.69 35.80
CA TRP F 60 -12.80 -50.44 35.16
C TRP F 60 -12.18 -49.45 36.12
N THR F 61 -11.99 -49.80 37.39
CA THR F 61 -11.46 -48.85 38.35
C THR F 61 -9.95 -48.92 38.50
N LYS F 62 -9.31 -49.96 38.00
CA LYS F 62 -7.89 -50.16 38.29
C LYS F 62 -7.07 -50.57 37.08
N LEU F 63 -5.84 -50.99 37.36
CA LEU F 63 -4.79 -51.19 36.37
C LEU F 63 -3.73 -52.09 37.00
N ARG F 64 -2.57 -52.15 36.38
CA ARG F 64 -1.36 -52.67 36.99
C ARG F 64 -0.17 -51.86 36.51
N TYR F 65 0.92 -51.88 37.27
CA TYR F 65 2.21 -51.38 36.81
C TYR F 65 3.31 -52.05 37.62
N MET F 66 4.34 -52.52 36.94
CA MET F 66 5.38 -53.34 37.53
C MET F 66 6.48 -52.45 38.09
N ASP F 67 6.90 -52.72 39.32
CA ASP F 67 8.05 -52.02 39.90
C ASP F 67 8.84 -52.99 40.76
N ASN F 68 9.97 -53.47 40.23
CA ASN F 68 10.97 -54.27 40.92
C ASN F 68 10.37 -55.57 41.47
N HIS F 69 9.97 -56.43 40.52
CA HIS F 69 9.35 -57.74 40.70
C HIS F 69 7.96 -57.64 41.34
N MET F 70 7.38 -56.45 41.41
CA MET F 70 6.08 -56.25 42.04
C MET F 70 5.12 -55.65 41.03
N PRO F 71 4.13 -56.40 40.58
CA PRO F 71 3.06 -55.80 39.78
C PRO F 71 2.08 -55.05 40.68
N ALA F 72 2.17 -53.72 40.68
CA ALA F 72 1.37 -52.89 41.56
C ALA F 72 0.25 -52.21 40.76
N ASP F 73 -0.87 -51.98 41.43
CA ASP F 73 -2.06 -51.43 40.80
C ASP F 73 -2.28 -49.98 41.23
N ALA F 74 -3.06 -49.25 40.44
CA ALA F 74 -3.41 -47.88 40.75
C ALA F 74 -4.82 -47.59 40.27
N GLU F 75 -5.23 -46.33 40.41
CA GLU F 75 -6.58 -45.92 40.08
C GLU F 75 -6.70 -45.59 38.59
N ARG F 76 -7.84 -45.97 38.01
CA ARG F 76 -8.18 -45.65 36.62
C ARG F 76 -8.05 -44.17 36.30
N ALA F 77 -8.60 -43.30 37.15
CA ALA F 77 -8.75 -41.89 36.80
C ALA F 77 -7.48 -41.06 36.98
N ARG F 78 -6.33 -41.68 37.24
CA ARG F 78 -5.08 -40.94 37.37
C ARG F 78 -4.37 -41.01 36.02
N LEU F 79 -4.71 -40.05 35.15
CA LEU F 79 -4.14 -40.01 33.81
C LEU F 79 -4.31 -38.59 33.28
N PHE F 80 -3.20 -37.94 32.95
CA PHE F 80 -3.17 -36.52 32.63
C PHE F 80 -2.10 -36.33 31.57
N VAL F 81 -2.50 -35.96 30.35
CA VAL F 81 -1.57 -35.97 29.22
C VAL F 81 -1.54 -34.58 28.58
N ARG F 82 -0.35 -34.18 28.13
CA ARG F 82 -0.09 -32.89 27.53
C ARG F 82 0.81 -33.12 26.33
N THR F 83 0.74 -32.24 25.33
CA THR F 83 1.88 -32.15 24.42
C THR F 83 2.80 -31.00 24.83
N SER F 84 2.27 -29.78 24.88
CA SER F 84 2.82 -28.64 25.58
C SER F 84 1.60 -27.98 26.20
N ALA F 85 0.47 -28.23 25.57
CA ALA F 85 -0.91 -28.00 25.92
C ALA F 85 -1.57 -29.33 26.24
N PRO F 86 -2.54 -29.36 27.15
CA PRO F 86 -3.20 -30.62 27.50
C PRO F 86 -4.08 -31.14 26.38
N CYS F 87 -4.53 -32.39 26.57
CA CYS F 87 -5.28 -33.11 25.57
C CYS F 87 -6.64 -33.49 26.15
N THR F 88 -7.38 -34.32 25.41
CA THR F 88 -8.68 -34.80 25.86
C THR F 88 -8.61 -36.30 26.08
N ILE F 89 -8.85 -36.72 27.32
CA ILE F 89 -8.94 -38.13 27.67
C ILE F 89 -10.27 -38.69 27.19
N THR F 90 -10.26 -39.47 26.10
CA THR F 90 -11.50 -39.98 25.53
C THR F 90 -11.60 -41.50 25.59
N GLY F 91 -10.68 -42.23 24.97
CA GLY F 91 -10.81 -43.67 24.93
C GLY F 91 -9.70 -44.41 25.64
N THR F 92 -10.01 -45.03 26.77
CA THR F 92 -8.99 -45.57 27.68
C THR F 92 -9.27 -47.04 27.95
N MET F 93 -8.57 -47.94 27.25
CA MET F 93 -8.62 -49.34 27.66
C MET F 93 -7.34 -50.04 27.26
N GLY F 94 -6.83 -50.86 28.19
CA GLY F 94 -5.66 -51.67 27.94
C GLY F 94 -4.44 -50.82 27.68
N HIS F 95 -3.88 -50.99 26.49
CA HIS F 95 -2.69 -50.24 26.13
C HIS F 95 -3.06 -48.87 25.60
N PHE F 96 -4.32 -48.68 25.25
CA PHE F 96 -4.68 -47.72 24.23
C PHE F 96 -5.46 -46.54 24.79
N ILE F 97 -4.97 -45.36 24.44
CA ILE F 97 -5.59 -44.08 24.77
C ILE F 97 -5.86 -43.38 23.45
N LEU F 98 -7.13 -43.31 23.07
CA LEU F 98 -7.55 -42.43 22.00
C LEU F 98 -7.76 -41.04 22.58
N ALA F 99 -7.12 -40.04 21.99
CA ALA F 99 -7.12 -38.72 22.59
C ALA F 99 -7.08 -37.64 21.51
N ARG F 100 -7.88 -36.61 21.69
CA ARG F 100 -7.81 -35.42 20.86
C ARG F 100 -6.90 -34.42 21.55
N CYS F 101 -6.01 -33.81 20.77
CA CYS F 101 -5.04 -32.93 21.38
C CYS F 101 -4.61 -31.84 20.42
N PRO F 102 -4.49 -30.60 20.89
CA PRO F 102 -3.99 -29.53 20.02
C PRO F 102 -2.50 -29.60 19.74
N LYS F 103 -1.99 -28.55 19.10
CA LYS F 103 -0.66 -28.56 18.51
C LYS F 103 0.45 -28.55 19.56
N GLY F 104 1.50 -29.31 19.29
CA GLY F 104 2.70 -29.29 20.10
C GLY F 104 3.92 -29.81 19.36
N GLU F 105 4.99 -30.12 20.11
CA GLU F 105 6.23 -30.58 19.53
C GLU F 105 6.84 -31.74 20.30
N THR F 106 6.27 -32.10 21.43
CA THR F 106 6.65 -33.32 22.14
C THR F 106 5.36 -33.96 22.65
N LEU F 107 5.49 -34.92 23.55
CA LEU F 107 4.32 -35.53 24.17
C LEU F 107 4.74 -36.02 25.54
N THR F 108 3.91 -35.74 26.54
CA THR F 108 4.16 -36.23 27.90
C THR F 108 2.85 -36.73 28.51
N VAL F 109 2.84 -38.00 28.83
CA VAL F 109 1.74 -38.60 29.57
C VAL F 109 2.16 -38.70 31.03
N GLY F 110 1.27 -38.34 31.94
CA GLY F 110 1.62 -38.32 33.34
C GLY F 110 0.52 -38.93 34.18
N PHE F 111 0.91 -39.46 35.33
CA PHE F 111 0.00 -40.11 36.24
C PHE F 111 0.66 -40.08 37.61
N THR F 112 -0.02 -40.61 38.61
CA THR F 112 0.56 -40.63 39.95
C THR F 112 0.48 -42.04 40.52
N ASP F 113 1.38 -42.33 41.45
CA ASP F 113 1.51 -43.67 42.01
C ASP F 113 0.58 -43.84 43.21
N GLY F 114 0.72 -44.97 43.91
CA GLY F 114 0.00 -45.17 45.15
C GLY F 114 0.57 -44.38 46.30
N ARG F 115 1.87 -44.08 46.25
CA ARG F 115 2.52 -43.16 47.18
C ARG F 115 2.43 -41.71 46.71
N LYS F 116 1.54 -41.44 45.74
CA LYS F 116 1.38 -40.15 45.09
C LYS F 116 2.68 -39.67 44.46
N ILE F 117 3.27 -40.53 43.64
CA ILE F 117 4.49 -40.23 42.91
C ILE F 117 4.10 -40.01 41.45
N SER F 118 4.13 -38.76 41.01
CA SER F 118 3.73 -38.45 39.65
C SER F 118 4.88 -38.75 38.67
N HIS F 119 4.63 -39.69 37.77
CA HIS F 119 5.58 -40.05 36.72
C HIS F 119 5.02 -39.68 35.36
N SER F 120 5.94 -39.39 34.44
CA SER F 120 5.58 -38.88 33.11
C SER F 120 6.53 -39.45 32.08
N CYS F 121 5.96 -40.05 31.03
CA CYS F 121 6.73 -40.38 29.84
C CYS F 121 6.74 -39.22 28.88
N THR F 122 7.89 -38.99 28.26
CA THR F 122 8.14 -37.83 27.42
C THR F 122 8.88 -38.26 26.16
N HIS F 123 8.30 -37.94 25.01
CA HIS F 123 8.95 -38.21 23.73
C HIS F 123 8.90 -36.96 22.86
N PRO F 124 10.04 -36.47 22.38
CA PRO F 124 10.01 -35.33 21.45
C PRO F 124 9.50 -35.77 20.09
N PHE F 125 8.26 -35.41 19.79
CA PHE F 125 7.63 -35.82 18.54
C PHE F 125 6.81 -34.66 18.00
N HIS F 126 7.11 -34.25 16.78
CA HIS F 126 6.33 -33.22 16.12
C HIS F 126 4.93 -33.73 15.84
N HIS F 127 3.97 -33.26 16.62
CA HIS F 127 2.57 -33.58 16.40
C HIS F 127 1.90 -32.40 15.69
N ASP F 128 1.16 -32.71 14.65
CA ASP F 128 0.39 -31.75 13.90
C ASP F 128 -0.81 -32.53 13.42
N PRO F 129 -1.94 -31.87 13.18
CA PRO F 129 -3.07 -32.59 12.61
C PRO F 129 -2.96 -32.63 11.10
N PRO F 130 -3.54 -33.63 10.46
CA PRO F 130 -3.78 -33.54 9.03
C PRO F 130 -4.83 -32.47 8.77
N VAL F 131 -4.49 -31.53 7.89
CA VAL F 131 -5.44 -30.49 7.55
C VAL F 131 -6.57 -31.10 6.73
N ILE F 132 -7.81 -30.79 7.11
CA ILE F 132 -8.99 -31.37 6.50
C ILE F 132 -9.78 -30.24 5.87
N GLY F 133 -10.18 -30.43 4.61
CA GLY F 133 -10.86 -29.38 3.89
C GLY F 133 -9.90 -28.27 3.49
N ARG F 134 -10.48 -27.22 2.91
CA ARG F 134 -9.68 -26.10 2.45
C ARG F 134 -9.28 -25.16 3.57
N GLU F 135 -9.93 -25.24 4.72
CA GLU F 135 -9.70 -24.27 5.77
C GLU F 135 -8.49 -24.65 6.63
N LYS F 136 -8.00 -23.66 7.36
CA LYS F 136 -6.93 -23.79 8.34
C LYS F 136 -7.50 -23.24 9.63
N PHE F 137 -8.66 -23.77 9.99
CA PHE F 137 -9.68 -23.06 10.74
C PHE F 137 -9.39 -23.03 12.23
N HIS F 138 -10.41 -22.63 12.97
CA HIS F 138 -10.42 -22.53 14.42
C HIS F 138 -10.68 -23.89 15.07
N SER F 139 -11.89 -24.40 14.88
CA SER F 139 -12.38 -25.66 15.42
C SER F 139 -13.69 -25.95 14.68
N ARG F 140 -14.45 -26.95 15.15
CA ARG F 140 -15.69 -27.12 14.41
C ARG F 140 -16.75 -26.15 14.91
N PRO F 141 -17.40 -25.42 14.02
CA PRO F 141 -18.41 -24.46 14.46
C PRO F 141 -19.80 -25.05 14.52
N GLN F 142 -20.79 -24.21 14.84
CA GLN F 142 -22.17 -24.61 14.73
C GLN F 142 -22.60 -24.81 13.29
N HIS F 143 -22.14 -23.95 12.38
CA HIS F 143 -22.52 -24.04 10.98
C HIS F 143 -21.28 -24.30 10.15
N GLY F 144 -21.17 -25.52 9.65
CA GLY F 144 -20.20 -25.85 8.63
C GLY F 144 -20.82 -26.77 7.61
N ARG F 145 -19.99 -27.47 6.85
CA ARG F 145 -20.46 -28.52 5.98
C ARG F 145 -19.81 -29.84 6.35
N GLU F 146 -20.03 -30.86 5.53
CA GLU F 146 -19.75 -32.24 5.91
C GLU F 146 -18.69 -32.82 4.98
N LEU F 147 -17.53 -33.13 5.53
CA LEU F 147 -16.48 -33.71 4.72
C LEU F 147 -15.99 -35.00 5.34
N PRO F 148 -15.76 -36.06 4.54
CA PRO F 148 -15.37 -37.34 5.13
C PRO F 148 -13.93 -37.34 5.60
N CYS F 149 -13.71 -38.02 6.72
CA CYS F 149 -12.40 -38.19 7.32
C CYS F 149 -12.41 -39.52 8.06
N SER F 150 -11.46 -39.72 8.97
CA SER F 150 -11.28 -41.01 9.61
C SER F 150 -10.95 -40.82 11.08
N THR F 151 -11.40 -41.79 11.89
CA THR F 151 -11.24 -41.72 13.34
C THR F 151 -11.09 -43.13 13.87
N TYR F 152 -10.22 -43.31 14.86
CA TYR F 152 -10.13 -44.60 15.55
C TYR F 152 -11.46 -44.92 16.23
N ALA F 153 -12.01 -46.08 15.91
CA ALA F 153 -13.36 -46.43 16.31
C ALA F 153 -13.42 -46.75 17.80
N GLN F 154 -14.57 -46.48 18.40
CA GLN F 154 -14.80 -46.77 19.81
C GLN F 154 -15.43 -48.15 20.01
N SER F 155 -14.80 -49.18 19.46
CA SER F 155 -15.24 -50.53 19.71
C SER F 155 -14.50 -51.09 20.92
N THR F 156 -15.07 -52.14 21.50
CA THR F 156 -14.49 -52.72 22.70
C THR F 156 -13.31 -53.62 22.37
N ALA F 157 -13.54 -54.69 21.62
CA ALA F 157 -12.51 -55.67 21.30
C ALA F 157 -12.53 -55.90 19.79
N ALA F 158 -11.39 -55.68 19.16
CA ALA F 158 -11.25 -55.88 17.72
C ALA F 158 -11.04 -57.36 17.40
N THR F 159 -10.65 -57.64 16.16
CA THR F 159 -10.32 -58.99 15.74
C THR F 159 -9.02 -58.99 14.97
N ALA F 160 -8.12 -59.89 15.37
CA ALA F 160 -6.97 -60.36 14.60
C ALA F 160 -5.98 -59.25 14.23
N GLU F 161 -5.59 -58.43 15.20
CA GLU F 161 -4.46 -57.51 15.05
C GLU F 161 -3.54 -57.68 16.25
N GLU F 162 -2.64 -58.65 16.17
CA GLU F 162 -1.79 -59.08 17.27
C GLU F 162 -0.46 -58.33 17.21
N ILE F 163 0.31 -58.45 18.28
CA ILE F 163 1.63 -57.83 18.36
C ILE F 163 2.64 -58.85 18.86
N GLU F 164 3.91 -58.43 18.89
CA GLU F 164 5.01 -59.28 19.35
C GLU F 164 5.19 -59.13 20.85
N VAL F 165 4.18 -59.59 21.58
CA VAL F 165 4.27 -59.68 23.03
C VAL F 165 4.52 -61.14 23.39
N HIS F 166 5.75 -61.43 23.80
CA HIS F 166 6.16 -62.79 24.15
C HIS F 166 7.25 -62.67 25.20
N MET F 167 8.03 -63.76 25.36
CA MET F 167 8.59 -64.19 26.64
C MET F 167 9.43 -63.12 27.33
N PRO F 168 9.44 -63.10 28.66
CA PRO F 168 10.40 -62.30 29.37
C PRO F 168 11.78 -62.88 29.21
N PRO F 169 12.80 -62.06 29.06
CA PRO F 169 14.16 -62.55 29.25
C PRO F 169 14.35 -63.02 30.68
N ASP F 170 14.13 -62.09 31.62
CA ASP F 170 14.25 -62.28 33.06
C ASP F 170 13.82 -61.00 33.77
N THR F 171 13.80 -61.03 35.11
CA THR F 171 13.84 -59.82 35.93
C THR F 171 15.02 -59.92 36.90
N PRO F 172 16.27 -59.77 36.39
CA PRO F 172 17.42 -59.99 37.27
C PRO F 172 17.63 -58.90 38.30
N ASP F 173 17.31 -59.22 39.55
CA ASP F 173 17.46 -58.30 40.67
C ASP F 173 18.43 -58.92 41.66
N ARG F 174 19.66 -58.41 41.70
CA ARG F 174 20.70 -58.95 42.56
C ARG F 174 20.59 -58.44 43.99
N THR F 175 19.50 -57.74 44.33
CA THR F 175 19.31 -57.28 45.70
C THR F 175 18.95 -58.42 46.64
N LEU F 176 18.45 -59.53 46.11
CA LEU F 176 18.05 -60.68 46.91
C LEU F 176 19.19 -61.65 47.19
N MET F 177 20.43 -61.16 47.17
CA MET F 177 21.59 -61.99 47.44
C MET F 177 22.27 -61.51 48.72
N SER F 178 21.85 -62.08 49.85
CA SER F 178 22.50 -61.79 51.11
C SER F 178 23.84 -62.51 51.18
N GLN F 179 24.73 -62.02 52.01
CA GLN F 179 26.10 -62.54 52.09
C GLN F 179 26.39 -63.06 53.50
N GLN F 180 26.58 -64.36 53.62
CA GLN F 180 27.07 -64.97 54.86
C GLN F 180 28.58 -65.25 54.74
N SER F 181 29.33 -64.14 54.66
CA SER F 181 30.79 -64.10 54.58
C SER F 181 31.31 -64.88 53.36
N GLY F 182 30.98 -64.33 52.19
CA GLY F 182 31.43 -64.90 50.94
C GLY F 182 30.40 -65.80 50.31
N ASN F 183 29.78 -66.65 51.11
CA ASN F 183 28.69 -67.46 50.63
C ASN F 183 27.45 -66.59 50.44
N VAL F 184 26.64 -66.93 49.45
CA VAL F 184 25.50 -66.10 49.06
C VAL F 184 24.22 -66.87 49.33
N LYS F 185 23.36 -66.26 50.13
CA LYS F 185 21.96 -66.67 50.26
C LYS F 185 21.16 -65.93 49.19
N ILE F 186 20.87 -66.62 48.10
CA ILE F 186 19.93 -66.11 47.10
C ILE F 186 18.54 -66.28 47.70
N THR F 187 18.01 -65.18 48.25
CA THR F 187 16.62 -65.13 48.66
C THR F 187 15.74 -65.23 47.42
N VAL F 188 14.72 -66.09 47.51
CA VAL F 188 13.93 -66.46 46.36
C VAL F 188 12.58 -65.74 46.32
N ASN F 189 12.03 -65.43 47.51
CA ASN F 189 10.68 -64.87 47.68
C ASN F 189 9.61 -65.69 46.96
N SER F 190 9.78 -67.03 47.00
CA SER F 190 8.88 -68.03 46.39
C SER F 190 8.74 -67.82 44.88
N GLN F 191 9.86 -68.01 44.18
CA GLN F 191 9.90 -67.91 42.73
C GLN F 191 10.87 -68.97 42.21
N THR F 192 11.31 -68.80 40.97
CA THR F 192 12.39 -69.59 40.38
C THR F 192 13.49 -68.62 39.95
N VAL F 193 14.65 -68.72 40.58
CA VAL F 193 15.75 -67.78 40.36
C VAL F 193 16.95 -68.55 39.81
N ARG F 194 17.48 -68.09 38.68
CA ARG F 194 18.74 -68.55 38.12
C ARG F 194 19.87 -67.83 38.84
N TYR F 195 20.51 -68.53 39.76
CA TYR F 195 21.80 -68.08 40.27
C TYR F 195 22.82 -68.24 39.15
N LYS F 196 23.69 -67.26 39.01
CA LYS F 196 24.72 -67.24 37.97
C LYS F 196 26.03 -66.84 38.64
N CYS F 197 26.77 -67.83 39.12
CA CYS F 197 27.99 -67.59 39.87
C CYS F 197 29.20 -68.00 39.03
N ASN F 198 30.38 -67.84 39.61
CA ASN F 198 31.60 -68.43 39.06
C ASN F 198 32.22 -69.32 40.14
N CYS F 199 31.71 -70.55 40.21
CA CYS F 199 32.26 -71.56 41.12
C CYS F 199 32.02 -72.93 40.49
N GLY F 200 32.13 -73.97 41.30
CA GLY F 200 32.02 -75.34 40.82
C GLY F 200 30.64 -75.92 41.04
N ASP F 201 30.05 -76.41 39.94
CA ASP F 201 28.97 -77.38 39.88
C ASP F 201 27.59 -76.87 40.32
N SER F 202 27.52 -75.69 40.91
CA SER F 202 26.25 -75.06 41.22
C SER F 202 26.35 -73.56 41.02
N ASN F 203 27.21 -73.14 40.11
CA ASN F 203 27.39 -71.72 39.84
C ASN F 203 26.19 -71.15 39.10
N GLU F 204 25.75 -71.84 38.06
CA GLU F 204 24.59 -71.45 37.29
C GLU F 204 23.49 -72.46 37.53
N GLY F 205 22.24 -71.99 37.57
CA GLY F 205 21.13 -72.91 37.64
C GLY F 205 19.94 -72.28 38.33
N LEU F 206 18.83 -72.98 38.25
CA LEU F 206 17.57 -72.52 38.80
C LEU F 206 17.36 -73.08 40.19
N THR F 207 16.78 -72.27 41.07
CA THR F 207 16.33 -72.73 42.37
C THR F 207 14.93 -72.22 42.63
N THR F 208 14.27 -72.90 43.55
CA THR F 208 12.97 -72.50 44.06
C THR F 208 13.05 -72.09 45.53
N THR F 209 14.13 -72.44 46.22
CA THR F 209 14.36 -72.09 47.61
C THR F 209 15.50 -71.06 47.69
N ASP F 210 15.73 -70.59 48.91
CA ASP F 210 16.89 -69.74 49.17
C ASP F 210 18.16 -70.56 48.99
N LYS F 211 18.98 -70.17 48.02
CA LYS F 211 20.15 -70.95 47.67
C LYS F 211 21.36 -70.45 48.47
N VAL F 212 22.25 -71.37 48.80
CA VAL F 212 23.50 -71.01 49.48
C VAL F 212 24.65 -71.42 48.57
N ILE F 213 25.46 -70.45 48.17
CA ILE F 213 26.55 -70.66 47.23
C ILE F 213 27.85 -70.32 47.93
N ASN F 214 28.77 -71.27 47.96
CA ASN F 214 30.00 -71.13 48.74
C ASN F 214 30.99 -70.17 48.09
N ASN F 215 31.24 -69.06 48.78
CA ASN F 215 32.41 -68.18 48.59
C ASN F 215 32.45 -67.57 47.18
N CYS F 216 31.41 -66.80 46.88
CA CYS F 216 31.40 -65.99 45.67
C CYS F 216 30.83 -64.63 46.05
N LYS F 217 31.57 -63.55 45.77
CA LYS F 217 31.13 -62.24 46.18
C LYS F 217 30.03 -61.73 45.24
N VAL F 218 29.54 -60.51 45.52
CA VAL F 218 28.35 -59.99 44.85
C VAL F 218 28.61 -59.74 43.37
N ASP F 219 29.84 -59.39 43.02
CA ASP F 219 30.22 -59.28 41.61
C ASP F 219 30.35 -60.66 40.96
N GLN F 220 30.75 -61.67 41.73
CA GLN F 220 30.93 -63.00 41.19
C GLN F 220 29.61 -63.76 41.06
N CYS F 221 28.59 -63.37 41.80
CA CYS F 221 27.28 -64.02 41.78
C CYS F 221 26.29 -63.17 40.97
N HIS F 222 25.21 -63.82 40.55
CA HIS F 222 24.15 -63.13 39.83
C HIS F 222 22.86 -63.90 39.99
N ALA F 223 21.92 -63.34 40.72
CA ALA F 223 20.56 -63.86 40.77
C ALA F 223 19.76 -63.24 39.66
N ALA F 224 19.00 -64.07 38.95
CA ALA F 224 18.14 -63.62 37.87
C ALA F 224 16.84 -64.41 37.99
N VAL F 225 15.79 -63.75 38.48
CA VAL F 225 14.53 -64.43 38.77
C VAL F 225 13.82 -64.64 37.45
N THR F 226 13.83 -65.89 36.96
CA THR F 226 13.20 -66.20 35.67
C THR F 226 11.69 -66.15 35.80
N ASN F 227 11.04 -65.42 34.89
CA ASN F 227 9.62 -65.16 34.98
C ASN F 227 8.85 -66.13 34.09
N HIS F 228 7.96 -66.90 34.69
CA HIS F 228 7.08 -67.75 33.91
C HIS F 228 5.66 -67.77 34.46
N LYS F 229 5.37 -66.95 35.48
CA LYS F 229 4.00 -66.73 35.91
C LYS F 229 3.62 -65.25 35.85
N LYS F 230 4.40 -64.37 36.48
CA LYS F 230 4.03 -62.98 36.65
C LYS F 230 4.56 -62.16 35.48
N TRP F 231 3.66 -61.49 34.76
CA TRP F 231 3.95 -60.98 33.44
C TRP F 231 3.34 -59.60 33.21
N GLN F 232 4.18 -58.57 33.24
CA GLN F 232 3.80 -57.24 32.81
C GLN F 232 4.34 -57.02 31.40
N TYR F 233 3.43 -57.03 30.42
CA TYR F 233 3.77 -56.97 29.00
C TYR F 233 4.55 -55.72 28.64
N ASN F 234 5.29 -55.80 27.54
CA ASN F 234 6.01 -54.67 27.00
C ASN F 234 6.06 -54.80 25.48
N SER F 235 6.94 -54.04 24.87
CA SER F 235 7.26 -53.65 23.51
C SER F 235 8.34 -54.53 22.89
N PRO F 236 8.22 -54.81 21.60
CA PRO F 236 9.27 -55.56 20.89
C PRO F 236 10.45 -54.71 20.44
N LEU F 237 10.64 -53.53 21.02
CA LEU F 237 11.93 -52.88 20.84
C LEU F 237 12.92 -53.35 21.90
N VAL F 238 12.41 -53.89 23.00
CA VAL F 238 13.22 -54.43 24.09
C VAL F 238 13.39 -55.93 23.83
N PRO F 239 14.58 -56.51 24.00
CA PRO F 239 14.86 -57.84 23.45
C PRO F 239 14.18 -58.99 24.15
N ARG F 240 14.40 -60.16 23.56
CA ARG F 240 13.77 -61.43 23.92
C ARG F 240 14.58 -62.11 25.02
N ASN F 241 14.29 -63.39 25.22
CA ASN F 241 15.16 -64.27 25.99
C ASN F 241 16.54 -64.35 25.33
N ALA F 242 17.55 -64.57 26.16
CA ALA F 242 18.93 -64.62 25.68
C ALA F 242 19.30 -65.95 25.05
N GLU F 243 18.41 -66.94 25.07
CA GLU F 243 18.74 -68.28 24.60
C GLU F 243 17.63 -68.90 23.76
N LEU F 244 16.66 -68.10 23.31
CA LEU F 244 15.48 -68.62 22.64
C LEU F 244 15.40 -68.06 21.22
N GLY F 245 14.79 -68.82 20.33
CA GLY F 245 14.56 -68.40 18.97
C GLY F 245 13.15 -67.86 18.80
N ASP F 246 12.26 -68.65 18.19
CA ASP F 246 10.89 -68.24 17.98
C ASP F 246 10.01 -68.81 19.09
N ARG F 247 9.14 -67.95 19.62
CA ARG F 247 8.15 -68.31 20.62
C ARG F 247 7.11 -67.21 20.64
N LYS F 248 5.85 -67.56 20.41
CA LYS F 248 4.81 -66.56 20.18
C LYS F 248 3.69 -66.65 21.21
N GLY F 249 3.01 -65.53 21.38
CA GLY F 249 1.73 -65.48 22.07
C GLY F 249 0.92 -64.36 21.49
N LYS F 250 -0.28 -64.68 21.01
CA LYS F 250 -0.99 -63.85 20.05
C LYS F 250 -2.43 -63.64 20.49
N VAL F 251 -2.70 -62.46 21.04
CA VAL F 251 -4.05 -61.96 21.22
C VAL F 251 -4.07 -60.57 20.62
N HIS F 252 -5.17 -60.22 19.94
CA HIS F 252 -5.25 -58.99 19.15
C HIS F 252 -5.21 -57.74 20.02
N ILE F 253 -5.16 -56.60 19.36
CA ILE F 253 -5.20 -55.30 20.03
C ILE F 253 -6.57 -54.68 19.75
N PRO F 254 -7.10 -53.86 20.67
CA PRO F 254 -8.41 -53.23 20.42
C PRO F 254 -8.33 -51.95 19.61
N PHE F 255 -9.48 -51.26 19.51
CA PHE F 255 -9.66 -49.94 18.91
C PHE F 255 -9.28 -49.87 17.44
N PRO F 256 -10.15 -50.35 16.53
CA PRO F 256 -9.88 -50.15 15.10
C PRO F 256 -10.14 -48.71 14.67
N LEU F 257 -9.99 -48.46 13.38
CA LEU F 257 -10.31 -47.18 12.79
C LEU F 257 -11.49 -47.35 11.84
N ALA F 258 -12.33 -46.32 11.77
CA ALA F 258 -13.47 -46.30 10.86
C ALA F 258 -13.56 -44.94 10.20
N ASN F 259 -14.19 -44.94 9.03
CA ASN F 259 -14.51 -43.72 8.31
C ASN F 259 -15.66 -42.98 8.98
N VAL F 260 -15.64 -41.65 8.85
CA VAL F 260 -16.63 -40.80 9.49
C VAL F 260 -16.72 -39.56 8.61
N THR F 261 -17.66 -38.67 8.88
CA THR F 261 -17.74 -37.42 8.14
C THR F 261 -18.00 -36.30 9.12
N CYS F 262 -17.16 -35.28 9.09
CA CYS F 262 -17.10 -34.28 10.14
C CYS F 262 -17.64 -32.94 9.66
N ARG F 263 -18.02 -32.14 10.67
CA ARG F 263 -18.47 -30.77 10.52
C ARG F 263 -17.23 -29.90 10.33
N VAL F 264 -16.82 -29.74 9.09
CA VAL F 264 -15.78 -28.78 8.77
C VAL F 264 -16.50 -27.44 8.70
N PRO F 265 -15.83 -26.31 8.89
CA PRO F 265 -16.53 -25.04 8.75
C PRO F 265 -16.85 -24.73 7.30
N LYS F 266 -17.82 -23.87 7.11
CA LYS F 266 -18.03 -23.26 5.81
C LYS F 266 -17.23 -21.97 5.71
N ALA F 267 -16.91 -21.57 4.50
CA ALA F 267 -16.05 -20.42 4.33
C ALA F 267 -16.84 -19.13 4.50
N ARG F 268 -16.09 -18.04 4.68
CA ARG F 268 -16.67 -16.72 4.90
C ARG F 268 -16.93 -16.06 3.55
N ASN F 269 -18.17 -15.64 3.33
CA ASN F 269 -18.55 -15.06 2.05
C ASN F 269 -17.99 -13.65 1.89
N PRO F 270 -17.14 -13.41 0.92
CA PRO F 270 -16.60 -12.06 0.71
C PRO F 270 -17.48 -11.24 -0.22
N THR F 271 -17.04 -10.04 -0.61
CA THR F 271 -17.86 -9.17 -1.44
C THR F 271 -17.20 -8.92 -2.79
N VAL F 272 -18.03 -8.76 -3.82
CA VAL F 272 -17.60 -8.71 -5.22
C VAL F 272 -18.24 -7.53 -5.93
N THR F 273 -17.65 -7.19 -7.08
CA THR F 273 -18.26 -6.33 -8.11
C THR F 273 -17.47 -6.44 -9.41
N TYR F 274 -18.05 -5.90 -10.48
CA TYR F 274 -17.47 -5.84 -11.80
C TYR F 274 -16.23 -4.95 -11.82
N GLY F 275 -15.26 -5.34 -12.66
CA GLY F 275 -14.26 -4.43 -13.17
C GLY F 275 -14.27 -4.58 -14.67
N LYS F 276 -13.55 -3.71 -15.37
CA LYS F 276 -13.77 -3.53 -16.81
C LYS F 276 -13.22 -4.73 -17.57
N ASN F 277 -14.06 -5.76 -17.71
CA ASN F 277 -13.67 -7.14 -18.03
C ASN F 277 -12.64 -7.64 -17.02
N GLN F 278 -12.92 -7.32 -15.76
CA GLN F 278 -12.17 -7.72 -14.57
C GLN F 278 -13.19 -7.95 -13.46
N VAL F 279 -12.68 -8.25 -12.28
CA VAL F 279 -13.48 -8.35 -11.06
C VAL F 279 -12.73 -7.71 -9.92
N ILE F 280 -13.44 -6.90 -9.15
CA ILE F 280 -12.96 -6.42 -7.86
C ILE F 280 -13.58 -7.30 -6.79
N MET F 281 -12.76 -7.84 -5.89
CA MET F 281 -13.29 -8.67 -4.82
C MET F 281 -12.55 -8.33 -3.54
N LEU F 282 -13.28 -7.85 -2.55
CA LEU F 282 -12.72 -7.65 -1.22
C LEU F 282 -13.03 -8.88 -0.38
N LEU F 283 -11.98 -9.52 0.11
CA LEU F 283 -12.08 -10.66 1.00
C LEU F 283 -11.80 -10.25 2.42
N TYR F 284 -12.58 -10.81 3.34
CA TYR F 284 -12.30 -10.77 4.76
C TYR F 284 -12.13 -12.21 5.21
N PRO F 285 -10.96 -12.63 5.61
CA PRO F 285 -10.83 -13.97 6.20
C PRO F 285 -10.96 -13.94 7.70
N ASP F 286 -11.23 -15.09 8.30
CA ASP F 286 -11.15 -15.24 9.74
C ASP F 286 -9.87 -15.95 10.18
N HIS F 287 -9.33 -16.77 9.30
CA HIS F 287 -8.05 -17.45 9.45
C HIS F 287 -7.45 -17.45 8.04
N PRO F 288 -6.16 -17.70 7.87
CA PRO F 288 -5.61 -17.78 6.51
C PRO F 288 -6.18 -18.98 5.76
N THR F 289 -6.70 -18.71 4.57
CA THR F 289 -7.32 -19.74 3.76
C THR F 289 -6.92 -19.52 2.31
N LEU F 290 -6.90 -20.61 1.55
CA LEU F 290 -6.58 -20.55 0.15
C LEU F 290 -7.77 -20.09 -0.68
N LEU F 291 -7.53 -19.08 -1.51
CA LEU F 291 -8.36 -18.77 -2.66
C LEU F 291 -7.68 -19.33 -3.91
N SER F 292 -8.48 -19.52 -4.95
CA SER F 292 -7.95 -20.03 -6.22
C SER F 292 -8.86 -19.60 -7.35
N TYR F 293 -8.36 -19.74 -8.57
CA TYR F 293 -9.15 -19.36 -9.73
C TYR F 293 -8.63 -20.07 -10.97
N ARG F 294 -9.52 -20.23 -11.94
CA ARG F 294 -9.18 -20.94 -13.17
C ARG F 294 -10.03 -20.40 -14.31
N ASN F 295 -9.59 -20.68 -15.53
CA ASN F 295 -10.36 -20.36 -16.73
C ASN F 295 -10.96 -21.63 -17.29
N MET F 296 -12.22 -21.54 -17.71
CA MET F 296 -12.97 -22.71 -18.15
C MET F 296 -12.89 -22.90 -19.65
N GLY F 297 -11.78 -22.49 -20.27
CA GLY F 297 -11.65 -22.58 -21.70
C GLY F 297 -10.86 -23.80 -22.11
N GLU F 298 -9.88 -23.61 -23.00
CA GLU F 298 -9.03 -24.69 -23.43
C GLU F 298 -7.97 -25.06 -22.39
N GLU F 299 -7.75 -24.22 -21.39
CA GLU F 299 -6.76 -24.51 -20.37
C GLU F 299 -7.16 -23.79 -19.09
N PRO F 300 -6.77 -24.31 -17.93
CA PRO F 300 -7.23 -23.69 -16.68
C PRO F 300 -6.56 -22.36 -16.33
N ASN F 301 -5.24 -22.26 -16.51
CA ASN F 301 -4.34 -21.26 -15.88
C ASN F 301 -4.74 -20.96 -14.45
N TYR F 302 -4.82 -22.01 -13.65
CA TYR F 302 -5.37 -21.92 -12.30
C TYR F 302 -4.28 -21.51 -11.33
N GLN F 303 -4.59 -20.57 -10.45
CA GLN F 303 -3.64 -20.08 -9.48
C GLN F 303 -4.26 -20.15 -8.09
N GLU F 304 -3.39 -20.41 -7.11
CA GLU F 304 -3.78 -20.72 -5.74
C GLU F 304 -2.95 -19.85 -4.80
N GLU F 305 -3.60 -19.16 -3.87
CA GLU F 305 -2.91 -18.30 -2.93
C GLU F 305 -3.56 -18.45 -1.56
N TRP F 306 -2.83 -18.05 -0.53
CA TRP F 306 -3.37 -17.96 0.82
C TRP F 306 -3.55 -16.50 1.21
N VAL F 307 -4.61 -16.23 1.95
CA VAL F 307 -4.84 -14.92 2.52
C VAL F 307 -5.00 -15.05 4.02
N THR F 308 -4.41 -14.12 4.76
CA THR F 308 -4.45 -14.06 6.20
C THR F 308 -5.33 -12.93 6.72
N HIS F 309 -5.25 -11.77 6.09
CA HIS F 309 -5.98 -10.58 6.48
C HIS F 309 -6.85 -10.11 5.33
N LYS F 310 -7.58 -9.04 5.58
CA LYS F 310 -8.63 -8.56 4.69
C LYS F 310 -7.99 -7.81 3.53
N LYS F 311 -8.14 -8.34 2.32
CA LYS F 311 -7.47 -7.78 1.16
C LYS F 311 -8.45 -7.57 0.02
N GLU F 312 -8.25 -6.51 -0.74
CA GLU F 312 -8.90 -6.39 -2.04
C GLU F 312 -8.00 -7.08 -3.05
N ILE F 313 -8.54 -8.05 -3.77
CA ILE F 313 -7.85 -8.68 -4.89
C ILE F 313 -8.67 -8.44 -6.14
N ARG F 314 -8.00 -8.02 -7.20
CA ARG F 314 -8.63 -7.79 -8.50
C ARG F 314 -8.11 -8.86 -9.45
N LEU F 315 -9.03 -9.51 -10.14
CA LEU F 315 -8.65 -10.47 -11.16
C LEU F 315 -9.18 -10.01 -12.50
N THR F 316 -8.75 -10.66 -13.58
CA THR F 316 -9.09 -10.21 -14.93
C THR F 316 -9.97 -11.25 -15.62
N VAL F 317 -11.14 -10.81 -16.07
CA VAL F 317 -12.09 -11.68 -16.75
C VAL F 317 -11.73 -11.75 -18.23
N PRO F 318 -11.58 -12.94 -18.79
CA PRO F 318 -11.33 -13.06 -20.23
C PRO F 318 -12.66 -13.01 -20.98
N THR F 319 -12.57 -13.15 -22.30
CA THR F 319 -13.76 -13.35 -23.11
C THR F 319 -14.37 -14.72 -22.88
N GLU F 320 -13.62 -15.65 -22.30
CA GLU F 320 -14.18 -16.94 -21.94
C GLU F 320 -15.03 -16.83 -20.69
N GLY F 321 -14.60 -16.02 -19.73
CA GLY F 321 -15.21 -16.03 -18.41
C GLY F 321 -14.29 -16.68 -17.41
N LEU F 322 -14.54 -16.52 -16.12
CA LEU F 322 -13.57 -16.91 -15.10
C LEU F 322 -14.27 -17.66 -13.97
N GLU F 323 -13.68 -18.77 -13.55
CA GLU F 323 -14.00 -19.42 -12.29
C GLU F 323 -13.12 -18.84 -11.20
N VAL F 324 -13.72 -18.64 -10.02
CA VAL F 324 -12.99 -18.32 -8.80
C VAL F 324 -13.59 -19.14 -7.66
N THR F 325 -12.76 -19.91 -6.96
CA THR F 325 -13.19 -20.57 -5.74
C THR F 325 -12.50 -19.94 -4.53
N TRP F 326 -13.21 -19.93 -3.42
CA TRP F 326 -12.70 -19.33 -2.20
C TRP F 326 -13.22 -20.12 -1.01
N GLY F 327 -12.31 -20.75 -0.28
CA GLY F 327 -12.59 -21.58 0.86
C GLY F 327 -13.47 -22.77 0.50
N ASN F 328 -14.17 -23.27 1.52
CA ASN F 328 -15.04 -24.42 1.34
C ASN F 328 -16.24 -24.13 0.47
N ASN F 329 -16.65 -22.87 0.38
CA ASN F 329 -17.83 -22.52 -0.41
C ASN F 329 -17.57 -22.69 -1.89
N GLU F 330 -18.65 -22.85 -2.63
CA GLU F 330 -18.61 -23.23 -4.03
C GLU F 330 -18.11 -22.08 -4.89
N PRO F 331 -17.33 -22.37 -5.93
CA PRO F 331 -16.83 -21.32 -6.83
C PRO F 331 -17.89 -20.53 -7.59
N TYR F 332 -17.41 -19.58 -8.38
CA TYR F 332 -18.28 -18.65 -9.07
C TYR F 332 -17.74 -18.43 -10.47
N LYS F 333 -18.66 -18.40 -11.43
CA LYS F 333 -18.33 -18.43 -12.85
C LYS F 333 -18.87 -17.17 -13.48
N TYR F 334 -18.02 -16.48 -14.23
CA TYR F 334 -18.38 -15.13 -14.63
C TYR F 334 -18.14 -14.92 -16.11
N TRP F 335 -18.98 -14.08 -16.70
CA TRP F 335 -18.96 -13.76 -18.09
C TRP F 335 -19.05 -12.25 -18.24
N PRO F 336 -18.28 -11.67 -19.12
CA PRO F 336 -18.43 -10.25 -19.39
C PRO F 336 -19.50 -9.99 -20.44
N GLN F 337 -19.87 -8.75 -20.62
CA GLN F 337 -20.68 -8.32 -21.75
C GLN F 337 -19.72 -7.88 -22.86
N LEU F 338 -20.24 -7.18 -23.85
CA LEU F 338 -19.51 -6.86 -25.08
C LEU F 338 -18.64 -5.59 -24.94
N SER F 339 -18.20 -5.26 -23.72
CA SER F 339 -17.58 -3.97 -23.38
C SER F 339 -18.54 -2.84 -23.76
N THR F 340 -19.78 -3.03 -23.35
CA THR F 340 -20.90 -2.19 -23.70
C THR F 340 -20.76 -0.79 -23.09
N ASN F 341 -21.63 0.11 -23.57
CA ASN F 341 -21.84 1.49 -23.14
C ASN F 341 -20.69 2.43 -23.46
N GLY F 342 -19.74 2.01 -24.30
CA GLY F 342 -18.84 2.95 -24.94
C GLY F 342 -19.31 3.30 -26.34
N THR F 343 -20.56 3.75 -26.49
CA THR F 343 -21.26 3.71 -27.77
C THR F 343 -21.85 5.04 -28.19
N ALA F 344 -21.82 5.29 -29.50
CA ALA F 344 -22.59 6.32 -30.21
C ALA F 344 -22.39 6.13 -31.70
N HIS F 345 -23.13 6.91 -32.49
CA HIS F 345 -22.89 7.03 -33.93
C HIS F 345 -22.54 8.46 -34.34
N GLY F 346 -23.36 9.44 -33.97
CA GLY F 346 -23.05 10.86 -34.14
C GLY F 346 -22.93 11.41 -35.55
N HIS F 347 -22.93 12.74 -35.67
CA HIS F 347 -22.51 13.39 -36.90
C HIS F 347 -20.99 13.29 -37.10
N PRO F 348 -20.16 13.31 -36.04
CA PRO F 348 -18.80 12.76 -36.19
C PRO F 348 -18.81 11.25 -36.30
N HIS F 349 -17.60 10.69 -36.28
CA HIS F 349 -17.41 9.27 -36.57
C HIS F 349 -18.09 8.38 -35.54
N GLU F 350 -17.63 8.40 -34.28
CA GLU F 350 -18.07 7.51 -33.19
C GLU F 350 -18.09 6.04 -33.58
N ILE F 351 -17.24 5.67 -34.53
CA ILE F 351 -17.21 4.30 -35.02
C ILE F 351 -16.11 3.54 -34.31
N ILE F 352 -15.11 4.25 -33.77
CA ILE F 352 -14.25 3.63 -32.77
C ILE F 352 -15.02 3.37 -31.50
N LEU F 353 -16.08 4.16 -31.23
CA LEU F 353 -16.97 3.84 -30.13
C LEU F 353 -17.71 2.53 -30.37
N TYR F 354 -18.36 2.42 -31.52
CA TYR F 354 -18.98 1.16 -31.95
C TYR F 354 -17.98 0.02 -32.01
N TYR F 355 -16.73 0.32 -32.35
CA TYR F 355 -15.68 -0.69 -32.34
C TYR F 355 -15.35 -1.12 -30.92
N TYR F 356 -15.29 -0.16 -30.00
CA TYR F 356 -15.00 -0.49 -28.61
C TYR F 356 -16.16 -1.22 -27.96
N GLU F 357 -17.35 -1.17 -28.56
CA GLU F 357 -18.27 -2.29 -28.41
C GLU F 357 -17.83 -3.50 -29.22
N LEU F 358 -17.74 -3.35 -30.54
CA LEU F 358 -17.63 -4.51 -31.45
C LEU F 358 -16.21 -5.08 -31.38
N TYR F 359 -15.96 -5.84 -30.30
CA TYR F 359 -14.72 -6.53 -29.96
C TYR F 359 -13.52 -5.60 -30.00
N PRO F 360 -13.34 -4.74 -28.99
CA PRO F 360 -12.22 -3.79 -29.01
C PRO F 360 -10.86 -4.47 -28.96
N THR F 361 -9.84 -3.73 -29.43
CA THR F 361 -8.41 -4.08 -29.40
C THR F 361 -8.10 -5.34 -30.23
N MET F 362 -9.07 -5.83 -31.01
CA MET F 362 -8.81 -6.88 -31.99
C MET F 362 -9.59 -6.46 -33.23
N THR F 363 -8.95 -6.60 -34.39
CA THR F 363 -9.38 -5.95 -35.64
C THR F 363 -9.55 -4.44 -35.47
N VAL F 364 -8.71 -3.85 -34.62
CA VAL F 364 -8.53 -2.41 -34.68
C VAL F 364 -7.70 -2.06 -35.89
N VAL F 365 -6.91 -3.02 -36.38
CA VAL F 365 -5.98 -2.77 -37.47
C VAL F 365 -6.72 -2.66 -38.79
N VAL F 366 -7.95 -3.20 -38.87
CA VAL F 366 -8.58 -3.34 -40.18
C VAL F 366 -9.08 -1.99 -40.68
N VAL F 367 -9.48 -1.09 -39.79
CA VAL F 367 -9.92 0.21 -40.25
C VAL F 367 -8.73 1.09 -40.58
N SER F 368 -7.61 0.91 -39.87
CA SER F 368 -6.42 1.68 -40.18
C SER F 368 -5.81 1.23 -41.50
N VAL F 369 -5.85 -0.07 -41.80
CA VAL F 369 -5.34 -0.50 -43.09
C VAL F 369 -6.32 -0.22 -44.22
N ALA F 370 -7.62 -0.10 -43.91
CA ALA F 370 -8.54 0.43 -44.91
C ALA F 370 -8.22 1.88 -45.23
N SER F 371 -7.89 2.66 -44.20
CA SER F 371 -7.42 4.03 -44.41
C SER F 371 -6.09 4.06 -45.18
N PHE F 372 -5.22 3.09 -44.92
CA PHE F 372 -3.91 3.05 -45.59
C PHE F 372 -4.06 2.73 -47.07
N VAL F 373 -4.92 1.76 -47.40
CA VAL F 373 -5.12 1.47 -48.82
C VAL F 373 -5.91 2.58 -49.49
N LEU F 374 -6.73 3.31 -48.73
CA LEU F 374 -7.42 4.47 -49.28
C LEU F 374 -6.44 5.59 -49.61
N LEU F 375 -5.49 5.84 -48.72
CA LEU F 375 -4.54 6.93 -48.99
C LEU F 375 -3.53 6.54 -50.07
N SER F 376 -3.16 5.25 -50.17
CA SER F 376 -2.32 4.86 -51.30
C SER F 376 -3.10 4.89 -52.61
N MET F 377 -4.41 4.67 -52.54
CA MET F 377 -5.25 4.78 -53.73
C MET F 377 -5.35 6.22 -54.20
N VAL F 378 -5.50 7.17 -53.27
CA VAL F 378 -5.52 8.56 -53.71
C VAL F 378 -4.12 9.01 -54.10
N GLY F 379 -3.07 8.38 -53.56
CA GLY F 379 -1.72 8.71 -53.97
C GLY F 379 -1.42 8.26 -55.40
N VAL F 380 -1.89 7.07 -55.78
CA VAL F 380 -1.70 6.65 -57.16
C VAL F 380 -2.68 7.37 -58.09
N ALA F 381 -3.78 7.90 -57.55
CA ALA F 381 -4.60 8.84 -58.33
C ALA F 381 -3.83 10.11 -58.66
N VAL F 382 -3.13 10.67 -57.67
CA VAL F 382 -2.28 11.84 -57.90
C VAL F 382 -1.17 11.51 -58.88
N GLY F 383 -0.55 10.33 -58.75
CA GLY F 383 0.53 9.95 -59.64
C GLY F 383 0.07 9.76 -61.07
N MET F 384 -1.12 9.19 -61.25
CA MET F 384 -1.61 9.00 -62.62
C MET F 384 -1.99 10.32 -63.24
N CYS F 385 -2.63 11.22 -62.48
CA CYS F 385 -2.98 12.49 -63.11
C CYS F 385 -1.75 13.35 -63.34
N MET F 386 -0.67 13.12 -62.59
CA MET F 386 0.59 13.79 -62.87
C MET F 386 1.20 13.31 -64.19
N CYS F 387 1.30 11.98 -64.37
CA CYS F 387 1.95 11.50 -65.60
C CYS F 387 1.05 11.73 -66.81
N ALA F 388 -0.26 11.61 -66.64
CA ALA F 388 -1.18 11.96 -67.71
C ALA F 388 -1.27 13.45 -67.94
N ARG F 389 -0.96 14.25 -66.92
CA ARG F 389 -0.77 15.68 -67.13
C ARG F 389 0.42 15.92 -68.04
N ARG F 390 1.49 15.14 -67.88
CA ARG F 390 2.59 15.21 -68.84
C ARG F 390 2.16 14.68 -70.22
N ARG F 391 1.26 13.69 -70.24
CA ARG F 391 0.77 13.19 -71.51
C ARG F 391 -0.09 14.19 -72.24
N CYS F 392 -0.75 15.10 -71.54
CA CYS F 392 -1.42 16.20 -72.24
C CYS F 392 -0.55 17.45 -72.33
N ILE F 393 0.59 17.47 -71.64
CA ILE F 393 1.64 18.42 -71.98
C ILE F 393 2.18 18.11 -73.37
N THR F 394 2.28 16.82 -73.69
CA THR F 394 2.81 16.27 -74.93
C THR F 394 2.10 16.80 -76.20
N PRO F 395 0.86 17.29 -76.14
CA PRO F 395 0.41 18.21 -77.20
C PRO F 395 1.25 19.45 -77.41
N TYR F 396 1.95 19.93 -76.39
CA TYR F 396 2.92 20.99 -76.64
C TYR F 396 4.28 20.42 -76.34
N GLU F 397 4.57 19.29 -76.97
CA GLU F 397 5.89 18.70 -76.83
C GLU F 397 6.98 19.63 -77.38
N LEU F 398 6.93 19.95 -78.68
CA LEU F 398 8.03 20.58 -79.40
C LEU F 398 7.54 21.57 -80.44
N THR F 399 6.34 22.08 -80.32
CA THR F 399 5.77 22.86 -81.41
C THR F 399 6.34 24.27 -81.38
N PRO F 400 6.81 24.82 -82.50
CA PRO F 400 7.24 26.22 -82.52
C PRO F 400 6.09 27.20 -82.73
N GLY F 401 4.98 26.99 -82.03
CA GLY F 401 3.83 27.83 -82.22
C GLY F 401 3.49 28.61 -80.97
N ALA F 402 3.70 27.97 -79.82
CA ALA F 402 3.43 28.53 -78.49
C ALA F 402 1.98 28.99 -78.35
N THR F 403 1.06 28.25 -78.98
CA THR F 403 -0.36 28.60 -78.91
C THR F 403 -1.21 27.32 -78.91
N VAL F 404 -1.51 26.85 -77.71
CA VAL F 404 -2.59 25.88 -77.52
C VAL F 404 -3.54 26.45 -76.49
N PRO F 405 -4.21 27.57 -76.79
CA PRO F 405 -4.89 28.34 -75.73
C PRO F 405 -6.23 27.77 -75.32
N PHE F 406 -6.60 26.59 -75.78
CA PHE F 406 -7.70 25.85 -75.20
C PHE F 406 -7.25 24.82 -74.19
N LEU F 407 -5.95 24.63 -74.00
CA LEU F 407 -5.48 23.52 -73.19
C LEU F 407 -4.71 23.98 -71.97
N LEU F 408 -3.62 24.73 -72.14
CA LEU F 408 -2.89 25.26 -71.00
C LEU F 408 -3.71 26.29 -70.26
N SER F 409 -4.57 26.99 -70.98
CA SER F 409 -5.59 27.81 -70.35
C SER F 409 -6.63 26.98 -69.62
N LEU F 410 -6.81 25.72 -69.99
CA LEU F 410 -7.86 24.92 -69.38
C LEU F 410 -7.34 23.97 -68.32
N ILE F 411 -6.28 23.21 -68.61
CA ILE F 411 -5.72 22.32 -67.59
C ILE F 411 -4.84 23.05 -66.60
N CYS F 412 -4.64 24.37 -66.80
CA CYS F 412 -3.87 25.29 -65.95
C CYS F 412 -2.48 24.75 -65.60
N CYS F 413 -1.86 24.10 -66.58
CA CYS F 413 -0.52 23.56 -66.39
C CYS F 413 0.48 24.70 -66.37
N ILE F 414 0.47 25.49 -67.43
CA ILE F 414 1.49 26.52 -67.64
C ILE F 414 0.76 27.80 -68.03
N ARG F 415 1.51 28.91 -68.14
CA ARG F 415 1.03 30.23 -68.54
C ARG F 415 -0.03 30.76 -67.56
N THR F 416 0.40 30.97 -66.32
CA THR F 416 -0.46 31.56 -65.30
C THR F 416 -0.53 33.08 -65.42
N ALA F 417 0.49 33.72 -65.98
CA ALA F 417 0.46 35.15 -66.18
C ALA F 417 -0.17 35.51 -67.52
N LYS F 418 -0.23 36.82 -67.79
CA LYS F 418 -0.62 37.51 -69.04
C LYS F 418 -2.01 37.15 -69.56
N ALA F 419 -2.83 36.45 -68.76
CA ALA F 419 -4.28 36.31 -68.94
C ALA F 419 -4.76 35.76 -70.29
N ASN G 1 -30.33 -4.67 47.91
CA ASN G 1 -29.08 -5.41 47.80
C ASN G 1 -29.00 -6.17 46.46
N PHE G 2 -29.38 -5.45 45.40
CA PHE G 2 -29.30 -5.84 43.97
C PHE G 2 -29.67 -7.31 43.71
N ASN G 3 -30.91 -7.66 44.03
CA ASN G 3 -31.47 -8.97 43.70
C ASN G 3 -31.89 -8.93 42.24
N VAL G 4 -30.90 -9.10 41.35
CA VAL G 4 -31.01 -8.64 39.97
C VAL G 4 -31.68 -9.65 39.03
N TYR G 5 -31.72 -10.92 39.40
CA TYR G 5 -32.38 -11.87 38.50
C TYR G 5 -33.54 -12.60 39.15
N LYS G 6 -34.44 -11.86 39.78
CA LYS G 6 -35.73 -12.44 40.10
C LYS G 6 -36.67 -12.36 38.91
N ALA G 7 -36.61 -11.28 38.14
CA ALA G 7 -37.55 -11.00 37.07
C ALA G 7 -37.13 -11.57 35.72
N ILE G 8 -36.33 -12.63 35.72
CA ILE G 8 -35.81 -13.18 34.48
C ILE G 8 -36.75 -14.22 33.87
N ARG G 9 -37.71 -13.75 33.09
CA ARG G 9 -38.61 -14.60 32.32
C ARG G 9 -37.82 -15.53 31.40
N PRO G 10 -38.03 -16.83 31.48
CA PRO G 10 -36.95 -17.79 31.26
C PRO G 10 -36.82 -18.29 29.82
N TYR G 11 -35.66 -18.90 29.58
CA TYR G 11 -35.41 -19.81 28.47
C TYR G 11 -34.99 -21.12 29.11
N LEU G 12 -35.76 -22.18 28.87
CA LEU G 12 -35.43 -23.48 29.41
C LEU G 12 -34.27 -24.06 28.61
N ALA G 13 -33.17 -24.34 29.30
CA ALA G 13 -31.81 -24.17 28.79
C ALA G 13 -31.40 -25.21 27.76
N HIS G 14 -30.23 -24.96 27.16
CA HIS G 14 -29.60 -25.73 26.08
C HIS G 14 -28.23 -25.14 25.83
N CYS G 15 -27.28 -25.98 25.42
CA CYS G 15 -25.99 -25.53 24.89
C CYS G 15 -25.81 -26.03 23.47
N PRO G 16 -25.45 -25.16 22.53
CA PRO G 16 -25.24 -25.64 21.15
C PRO G 16 -23.98 -26.47 20.99
N ASP G 17 -22.90 -26.12 21.69
CA ASP G 17 -21.68 -26.92 21.63
C ASP G 17 -20.89 -26.71 22.91
N CYS G 18 -20.73 -27.76 23.69
CA CYS G 18 -19.87 -27.75 24.86
C CYS G 18 -18.44 -28.13 24.53
N GLY G 19 -18.09 -28.17 23.24
CA GLY G 19 -16.87 -28.84 22.84
C GLY G 19 -17.22 -30.21 22.30
N GLU G 20 -16.35 -31.20 22.55
CA GLU G 20 -16.54 -32.65 22.37
C GLU G 20 -17.06 -33.10 21.00
N GLY G 21 -17.00 -32.22 20.00
CA GLY G 21 -17.61 -32.50 18.72
C GLY G 21 -19.10 -32.21 18.70
N HIS G 22 -19.87 -33.03 19.40
CA HIS G 22 -21.32 -32.95 19.33
C HIS G 22 -21.88 -31.94 20.32
N SER G 23 -23.20 -31.84 20.35
CA SER G 23 -23.92 -30.85 21.16
C SER G 23 -24.16 -31.41 22.55
N CYS G 24 -24.97 -30.71 23.33
CA CYS G 24 -25.19 -30.96 24.75
C CYS G 24 -26.44 -30.17 25.18
N HIS G 25 -26.70 -30.17 26.48
CA HIS G 25 -27.84 -29.44 27.04
C HIS G 25 -27.39 -28.86 28.38
N SER G 26 -27.01 -27.60 28.38
CA SER G 26 -26.57 -26.95 29.60
C SER G 26 -26.65 -25.44 29.45
N PRO G 27 -26.95 -24.71 30.51
CA PRO G 27 -26.82 -23.24 30.42
C PRO G 27 -25.42 -22.74 30.73
N VAL G 28 -24.40 -23.43 30.20
CA VAL G 28 -23.05 -22.90 30.15
C VAL G 28 -22.79 -22.30 28.77
N ALA G 29 -23.80 -22.29 27.90
CA ALA G 29 -23.74 -21.67 26.58
C ALA G 29 -23.55 -20.17 26.74
N LEU G 30 -22.38 -19.68 26.37
CA LEU G 30 -22.20 -18.24 26.34
C LEU G 30 -22.88 -17.66 25.10
N GLU G 31 -23.46 -16.48 25.28
CA GLU G 31 -24.24 -15.83 24.23
C GLU G 31 -23.45 -14.84 23.41
N ARG G 32 -22.47 -14.17 24.00
CA ARG G 32 -21.76 -13.10 23.33
C ARG G 32 -20.43 -12.87 24.04
N ILE G 33 -19.53 -12.17 23.37
CA ILE G 33 -18.19 -11.88 23.89
C ILE G 33 -17.97 -10.37 23.77
N ARG G 34 -17.65 -9.72 24.89
CA ARG G 34 -17.24 -8.33 24.88
C ARG G 34 -15.74 -8.25 25.07
N ASN G 35 -15.07 -7.54 24.15
CA ASN G 35 -13.61 -7.60 24.07
C ASN G 35 -12.92 -6.24 23.95
N GLU G 36 -13.65 -5.17 23.60
CA GLU G 36 -13.05 -3.91 23.16
C GLU G 36 -12.30 -3.15 24.23
N ALA G 37 -12.30 -3.61 25.49
CA ALA G 37 -11.56 -2.97 26.55
C ALA G 37 -10.07 -2.98 26.25
N THR G 38 -9.52 -1.77 26.08
CA THR G 38 -8.18 -1.58 25.55
C THR G 38 -7.08 -2.09 26.47
N ASP G 39 -7.39 -2.38 27.73
CA ASP G 39 -6.39 -3.01 28.60
C ASP G 39 -6.14 -4.46 28.22
N GLY G 40 -7.09 -5.11 27.57
CA GLY G 40 -6.92 -6.49 27.15
C GLY G 40 -7.76 -7.51 27.89
N THR G 41 -8.45 -7.12 28.95
CA THR G 41 -9.30 -8.07 29.65
C THR G 41 -10.58 -8.33 28.87
N LEU G 42 -11.32 -9.35 29.28
CA LEU G 42 -12.46 -9.84 28.53
C LEU G 42 -13.69 -9.84 29.41
N LYS G 43 -14.83 -9.43 28.84
CA LYS G 43 -16.13 -9.59 29.49
C LYS G 43 -16.93 -10.61 28.69
N ILE G 44 -17.24 -11.73 29.33
CA ILE G 44 -17.89 -12.87 28.69
C ILE G 44 -19.25 -13.04 29.37
N GLN G 45 -20.21 -13.49 28.56
CA GLN G 45 -21.61 -13.54 28.94
C GLN G 45 -22.06 -14.99 28.84
N VAL G 46 -22.08 -15.66 29.96
CA VAL G 46 -22.57 -17.04 30.02
C VAL G 46 -24.08 -16.96 30.30
N SER G 47 -24.78 -18.06 30.02
CA SER G 47 -26.22 -18.04 30.25
C SER G 47 -26.62 -18.49 31.65
N LEU G 48 -25.70 -19.08 32.41
CA LEU G 48 -26.03 -19.32 33.81
C LEU G 48 -25.80 -18.05 34.62
N GLN G 49 -26.33 -18.05 35.84
CA GLN G 49 -26.17 -16.94 36.76
C GLN G 49 -25.45 -17.41 38.00
N ILE G 50 -24.63 -16.55 38.58
CA ILE G 50 -23.76 -16.91 39.70
C ILE G 50 -24.10 -16.05 40.92
N GLY G 51 -23.82 -16.58 42.10
CA GLY G 51 -23.72 -15.78 43.31
C GLY G 51 -25.00 -15.61 44.10
N ILE G 52 -26.09 -15.24 43.43
CA ILE G 52 -27.32 -14.88 44.11
C ILE G 52 -28.29 -16.04 43.96
N LYS G 53 -28.84 -16.50 45.09
CA LYS G 53 -29.84 -17.56 45.06
C LYS G 53 -31.21 -16.94 44.81
N THR G 54 -32.28 -17.70 45.03
CA THR G 54 -33.64 -17.22 44.81
C THR G 54 -34.13 -16.29 45.92
N ASP G 55 -33.27 -15.86 46.85
CA ASP G 55 -33.66 -15.08 48.02
C ASP G 55 -32.65 -13.98 48.29
N ASP G 56 -32.04 -13.45 47.22
CA ASP G 56 -30.96 -12.44 47.27
C ASP G 56 -29.79 -12.91 48.13
N SER G 57 -29.27 -14.09 47.81
CA SER G 57 -28.04 -14.52 48.44
C SER G 57 -26.84 -13.83 47.79
N HIS G 58 -25.66 -14.09 48.35
CA HIS G 58 -24.43 -13.60 47.73
C HIS G 58 -23.35 -14.65 47.83
N ASP G 59 -23.74 -15.91 47.96
CA ASP G 59 -22.79 -17.02 47.98
C ASP G 59 -22.30 -17.27 46.57
N TRP G 60 -21.10 -16.79 46.27
CA TRP G 60 -20.51 -16.89 44.95
C TRP G 60 -20.18 -18.32 44.55
N THR G 61 -20.13 -19.23 45.50
CA THR G 61 -20.12 -20.66 45.22
C THR G 61 -21.35 -21.06 44.43
N LYS G 62 -22.52 -20.87 45.04
CA LYS G 62 -23.77 -21.32 44.43
C LYS G 62 -24.14 -20.46 43.24
N LEU G 63 -24.64 -21.12 42.21
CA LEU G 63 -24.84 -20.49 40.92
C LEU G 63 -25.98 -21.19 40.21
N ARG G 64 -27.06 -20.46 39.95
CA ARG G 64 -28.29 -21.07 39.47
C ARG G 64 -28.16 -21.39 37.99
N TYR G 65 -28.07 -22.67 37.66
CA TYR G 65 -28.16 -23.11 36.29
C TYR G 65 -29.23 -24.20 36.20
N MET G 66 -30.03 -24.15 35.13
CA MET G 66 -31.18 -25.03 35.00
C MET G 66 -30.74 -26.47 34.77
N ASP G 67 -31.30 -27.39 35.57
CA ASP G 67 -31.15 -28.83 35.36
C ASP G 67 -32.54 -29.46 35.44
N ASN G 68 -33.27 -29.41 34.33
CA ASN G 68 -34.55 -30.10 34.12
C ASN G 68 -35.58 -29.72 35.19
N HIS G 69 -36.01 -28.45 35.10
CA HIS G 69 -36.99 -27.83 36.01
C HIS G 69 -36.47 -27.82 37.45
N MET G 70 -35.17 -27.54 37.60
CA MET G 70 -34.48 -27.52 38.88
C MET G 70 -33.19 -26.72 38.78
N PRO G 71 -32.99 -25.70 39.63
CA PRO G 71 -31.75 -24.93 39.58
C PRO G 71 -30.62 -25.66 40.28
N ALA G 72 -29.72 -26.24 39.49
CA ALA G 72 -28.55 -26.88 40.06
C ALA G 72 -27.48 -25.83 40.32
N ASP G 73 -26.45 -26.22 41.06
CA ASP G 73 -25.44 -25.28 41.51
C ASP G 73 -24.04 -25.86 41.38
N ALA G 74 -23.06 -25.05 41.74
CA ALA G 74 -21.64 -25.41 41.64
C ALA G 74 -20.92 -24.65 42.75
N GLU G 75 -19.60 -24.49 42.60
CA GLU G 75 -18.80 -23.75 43.55
C GLU G 75 -18.14 -22.55 42.88
N ARG G 76 -17.34 -21.82 43.66
CA ARG G 76 -16.56 -20.71 43.13
C ARG G 76 -15.49 -21.21 42.18
N ALA G 77 -14.81 -22.30 42.54
CA ALA G 77 -13.70 -22.81 41.74
C ALA G 77 -14.16 -23.78 40.65
N ARG G 78 -15.47 -23.95 40.48
CA ARG G 78 -15.98 -24.82 39.42
C ARG G 78 -16.20 -24.05 38.12
N LEU G 79 -15.19 -23.28 37.71
CA LEU G 79 -15.24 -22.47 36.50
C LEU G 79 -13.83 -22.34 35.97
N PHE G 80 -13.63 -22.81 34.74
CA PHE G 80 -12.30 -22.95 34.18
C PHE G 80 -12.29 -22.28 32.82
N VAL G 81 -11.67 -21.11 32.74
CA VAL G 81 -11.63 -20.35 31.50
C VAL G 81 -10.19 -20.29 30.97
N ARG G 82 -10.04 -20.61 29.68
CA ARG G 82 -8.74 -20.54 29.04
C ARG G 82 -8.89 -19.95 27.65
N THR G 83 -7.88 -19.21 27.23
CA THR G 83 -7.68 -18.88 25.83
C THR G 83 -6.76 -19.90 25.18
N SER G 84 -5.52 -19.96 25.64
CA SER G 84 -4.68 -21.14 25.51
C SER G 84 -4.29 -21.67 26.87
N ALA G 85 -3.69 -20.81 27.69
CA ALA G 85 -3.45 -21.00 29.11
C ALA G 85 -4.69 -20.59 29.89
N PRO G 86 -4.88 -21.12 31.10
CA PRO G 86 -6.07 -20.71 31.87
C PRO G 86 -6.02 -19.26 32.31
N CYS G 87 -7.17 -18.60 32.24
CA CYS G 87 -7.28 -17.19 32.56
C CYS G 87 -7.40 -16.98 34.06
N THR G 88 -7.30 -15.73 34.46
CA THR G 88 -7.49 -15.34 35.85
C THR G 88 -8.92 -14.82 36.02
N ILE G 89 -9.62 -15.36 37.01
CA ILE G 89 -10.96 -14.90 37.33
C ILE G 89 -10.85 -13.55 38.04
N THR G 90 -11.37 -12.49 37.42
CA THR G 90 -11.28 -11.16 37.99
C THR G 90 -12.64 -10.61 38.40
N GLY G 91 -13.59 -10.52 37.49
CA GLY G 91 -14.87 -9.92 37.80
C GLY G 91 -16.01 -10.88 37.63
N THR G 92 -16.75 -11.17 38.69
CA THR G 92 -17.76 -12.22 38.65
C THR G 92 -19.08 -11.67 39.15
N MET G 93 -20.09 -11.63 38.27
CA MET G 93 -21.39 -11.11 38.68
C MET G 93 -22.47 -11.70 37.80
N GLY G 94 -23.28 -12.59 38.37
CA GLY G 94 -24.40 -13.20 37.68
C GLY G 94 -24.02 -13.98 36.45
N HIS G 95 -24.33 -13.41 35.29
CA HIS G 95 -24.02 -13.99 34.00
C HIS G 95 -22.73 -13.46 33.40
N PHE G 96 -21.98 -12.66 34.12
CA PHE G 96 -20.90 -11.87 33.54
C PHE G 96 -19.58 -12.20 34.21
N ILE G 97 -18.56 -12.41 33.37
CA ILE G 97 -17.23 -12.73 33.87
C ILE G 97 -16.19 -11.90 33.12
N LEU G 98 -15.49 -11.04 33.85
CA LEU G 98 -14.28 -10.42 33.37
C LEU G 98 -13.11 -11.32 33.73
N ALA G 99 -12.32 -11.69 32.72
CA ALA G 99 -11.10 -12.44 32.94
C ALA G 99 -9.94 -11.78 32.22
N ARG G 100 -8.78 -11.84 32.85
CA ARG G 100 -7.51 -11.43 32.25
C ARG G 100 -6.78 -12.70 31.83
N CYS G 101 -6.35 -12.75 30.58
CA CYS G 101 -5.98 -14.04 30.01
C CYS G 101 -4.95 -13.81 28.93
N PRO G 102 -3.99 -14.71 28.78
CA PRO G 102 -3.02 -14.57 27.69
C PRO G 102 -3.59 -14.90 26.32
N LYS G 103 -2.71 -14.90 25.32
CA LYS G 103 -3.11 -15.14 23.95
C LYS G 103 -3.50 -16.59 23.74
N GLY G 104 -4.65 -16.79 23.11
CA GLY G 104 -5.06 -18.11 22.67
C GLY G 104 -5.93 -18.00 21.45
N GLU G 105 -6.16 -19.14 20.80
CA GLU G 105 -6.98 -19.18 19.60
C GLU G 105 -8.44 -19.51 19.90
N THR G 106 -8.73 -20.14 21.04
CA THR G 106 -10.11 -20.45 21.37
C THR G 106 -10.50 -19.72 22.64
N LEU G 107 -11.77 -19.87 23.00
CA LEU G 107 -12.23 -19.65 24.36
C LEU G 107 -12.76 -20.96 24.88
N THR G 108 -12.49 -21.24 26.16
CA THR G 108 -13.01 -22.46 26.76
C THR G 108 -13.42 -22.15 28.19
N VAL G 109 -14.71 -22.21 28.46
CA VAL G 109 -15.26 -22.01 29.79
C VAL G 109 -15.90 -23.31 30.26
N GLY G 110 -15.47 -23.78 31.43
CA GLY G 110 -15.97 -25.05 31.94
C GLY G 110 -16.64 -24.90 33.28
N PHE G 111 -17.82 -25.50 33.41
CA PHE G 111 -18.53 -25.57 34.67
C PHE G 111 -18.44 -26.99 35.20
N THR G 112 -19.08 -27.24 36.33
CA THR G 112 -19.12 -28.56 36.92
C THR G 112 -20.54 -28.88 37.33
N ASP G 113 -20.94 -30.15 37.14
CA ASP G 113 -22.30 -30.55 37.44
C ASP G 113 -22.52 -30.67 38.96
N GLY G 114 -23.78 -30.90 39.32
CA GLY G 114 -24.13 -31.18 40.71
C GLY G 114 -23.55 -32.48 41.23
N ARG G 115 -23.34 -33.46 40.36
CA ARG G 115 -22.64 -34.68 40.72
C ARG G 115 -21.13 -34.56 40.48
N LYS G 116 -20.60 -33.33 40.52
CA LYS G 116 -19.18 -33.02 40.38
C LYS G 116 -18.62 -33.53 39.04
N ILE G 117 -19.33 -33.22 37.97
CA ILE G 117 -18.95 -33.62 36.62
C ILE G 117 -18.61 -32.35 35.86
N SER G 118 -17.33 -32.12 35.63
CA SER G 118 -16.93 -30.92 34.90
C SER G 118 -17.22 -31.08 33.41
N HIS G 119 -17.72 -30.02 32.81
CA HIS G 119 -17.98 -29.98 31.37
C HIS G 119 -17.45 -28.67 30.83
N SER G 120 -16.64 -28.76 29.78
CA SER G 120 -16.14 -27.59 29.09
C SER G 120 -17.22 -26.98 28.22
N CYS G 121 -16.86 -25.88 27.57
CA CYS G 121 -17.73 -25.21 26.61
C CYS G 121 -16.85 -24.32 25.76
N THR G 122 -16.78 -24.59 24.47
CA THR G 122 -16.06 -23.73 23.56
C THR G 122 -17.01 -23.21 22.49
N HIS G 123 -16.69 -22.01 22.01
CA HIS G 123 -17.37 -21.38 20.91
C HIS G 123 -16.18 -20.87 20.11
N PRO G 124 -16.23 -20.94 18.79
CA PRO G 124 -15.06 -20.53 18.01
C PRO G 124 -14.89 -19.03 17.98
N PHE G 125 -13.92 -18.53 18.74
CA PHE G 125 -13.54 -17.14 18.73
C PHE G 125 -12.04 -17.03 18.91
N HIS G 126 -11.39 -16.37 17.97
CA HIS G 126 -9.95 -16.13 18.05
C HIS G 126 -9.70 -14.89 18.87
N HIS G 127 -9.17 -15.07 20.08
CA HIS G 127 -8.70 -13.93 20.84
C HIS G 127 -7.41 -13.40 20.24
N ASP G 128 -7.37 -12.09 20.01
CA ASP G 128 -6.13 -11.39 19.71
C ASP G 128 -5.98 -10.34 20.80
N PRO G 129 -4.77 -10.09 21.28
CA PRO G 129 -4.52 -8.88 22.02
C PRO G 129 -4.16 -7.73 21.10
N PRO G 130 -4.98 -6.69 21.02
CA PRO G 130 -4.52 -5.47 20.36
C PRO G 130 -3.52 -4.77 21.28
N VAL G 131 -2.27 -4.88 20.93
CA VAL G 131 -1.20 -4.35 21.76
C VAL G 131 -1.19 -2.83 21.60
N ILE G 132 -0.81 -2.13 22.66
CA ILE G 132 -1.10 -0.72 22.81
C ILE G 132 0.22 0.04 22.87
N GLY G 133 0.29 1.16 22.16
CA GLY G 133 1.47 1.99 22.19
C GLY G 133 2.62 1.35 21.43
N ARG G 134 3.81 1.89 21.69
CA ARG G 134 5.02 1.45 21.00
C ARG G 134 5.78 0.39 21.78
N GLU G 135 5.12 -0.32 22.68
CA GLU G 135 5.73 -1.43 23.41
C GLU G 135 4.90 -2.67 23.18
N LYS G 136 5.56 -3.76 22.81
CA LYS G 136 4.91 -4.96 22.30
C LYS G 136 5.30 -6.12 23.21
N PHE G 137 4.51 -6.32 24.27
CA PHE G 137 4.96 -7.15 25.38
C PHE G 137 3.85 -8.05 25.89
N HIS G 138 4.06 -8.61 27.07
CA HIS G 138 3.20 -9.62 27.67
C HIS G 138 2.26 -9.07 28.73
N SER G 139 2.81 -8.43 29.77
CA SER G 139 2.05 -8.10 30.97
C SER G 139 2.64 -6.84 31.58
N ARG G 140 1.94 -6.30 32.57
CA ARG G 140 2.33 -5.05 33.21
C ARG G 140 3.59 -5.22 34.04
N PRO G 141 4.69 -4.56 33.70
CA PRO G 141 5.89 -4.66 34.52
C PRO G 141 5.86 -3.70 35.69
N GLN G 142 6.97 -3.62 36.42
CA GLN G 142 7.04 -2.63 37.49
C GLN G 142 7.48 -1.27 36.97
N HIS G 143 8.58 -1.24 36.23
CA HIS G 143 9.03 0.02 35.63
C HIS G 143 8.13 0.32 34.45
N GLY G 144 7.01 0.98 34.76
CA GLY G 144 6.02 1.30 33.75
C GLY G 144 5.92 2.78 33.47
N ARG G 145 5.07 3.15 32.52
CA ARG G 145 4.82 4.55 32.22
C ARG G 145 3.32 4.72 32.01
N GLU G 146 2.90 5.97 31.84
CA GLU G 146 1.47 6.25 31.74
C GLU G 146 0.88 5.69 30.46
N LEU G 147 -0.23 4.95 30.59
CA LEU G 147 -0.99 4.58 29.40
C LEU G 147 -2.47 4.77 29.68
N PRO G 148 -3.14 5.66 28.94
CA PRO G 148 -4.60 5.74 29.08
C PRO G 148 -5.29 4.60 28.34
N CYS G 149 -5.78 3.63 29.10
CA CYS G 149 -6.50 2.49 28.59
C CYS G 149 -7.96 2.60 29.00
N SER G 150 -8.75 1.58 28.65
CA SER G 150 -10.15 1.53 29.03
C SER G 150 -10.53 0.09 29.38
N THR G 151 -11.38 -0.06 30.38
CA THR G 151 -11.79 -1.39 30.81
C THR G 151 -13.16 -1.34 31.47
N TYR G 152 -13.75 -2.52 31.62
CA TYR G 152 -15.03 -2.64 32.30
C TYR G 152 -14.82 -2.47 33.80
N ALA G 153 -15.51 -1.49 34.39
CA ALA G 153 -15.38 -1.24 35.81
C ALA G 153 -16.08 -2.34 36.61
N GLN G 154 -15.69 -2.45 37.88
CA GLN G 154 -16.21 -3.47 38.78
C GLN G 154 -17.55 -3.10 39.39
N SER G 155 -18.11 -1.95 39.01
CA SER G 155 -19.43 -1.56 39.48
C SER G 155 -20.50 -2.45 38.85
N THR G 156 -21.54 -2.75 39.64
CA THR G 156 -22.61 -3.62 39.15
C THR G 156 -23.71 -2.82 38.48
N ALA G 157 -23.96 -1.60 38.96
CA ALA G 157 -25.08 -0.80 38.48
C ALA G 157 -24.74 -0.20 37.11
N ALA G 158 -24.76 -1.03 36.08
CA ALA G 158 -24.69 -0.55 34.72
C ALA G 158 -26.10 -0.23 34.23
N THR G 159 -26.19 0.82 33.43
CA THR G 159 -27.45 1.53 33.20
C THR G 159 -28.13 1.04 31.92
N ALA G 160 -29.18 0.22 32.11
CA ALA G 160 -30.20 -0.07 31.10
C ALA G 160 -29.61 -0.74 29.85
N GLU G 161 -29.13 -1.96 30.02
CA GLU G 161 -28.56 -2.74 28.93
C GLU G 161 -29.50 -3.89 28.62
N GLU G 162 -29.99 -3.93 27.39
CA GLU G 162 -31.03 -4.87 27.00
C GLU G 162 -30.47 -6.26 26.75
N ILE G 163 -30.96 -7.23 27.50
CA ILE G 163 -30.86 -8.64 27.14
C ILE G 163 -32.28 -9.15 26.95
N GLU G 164 -32.53 -9.81 25.82
CA GLU G 164 -33.88 -10.30 25.53
C GLU G 164 -34.16 -11.51 26.41
N VAL G 165 -35.09 -11.36 27.34
CA VAL G 165 -35.69 -12.45 28.06
C VAL G 165 -37.16 -12.50 27.68
N HIS G 166 -37.71 -13.70 27.51
CA HIS G 166 -39.11 -13.79 27.14
C HIS G 166 -39.83 -14.98 27.75
N MET G 167 -40.98 -15.30 27.16
CA MET G 167 -41.77 -16.47 27.52
C MET G 167 -40.93 -17.74 27.41
N PRO G 168 -41.08 -18.70 28.32
CA PRO G 168 -40.42 -19.99 28.17
C PRO G 168 -40.92 -20.71 26.92
N PRO G 169 -40.01 -21.13 26.03
CA PRO G 169 -40.43 -21.79 24.79
C PRO G 169 -41.21 -23.08 25.02
N ASP G 170 -40.60 -24.05 25.72
CA ASP G 170 -41.20 -25.27 26.28
C ASP G 170 -40.09 -26.00 27.03
N THR G 171 -40.50 -27.02 27.78
CA THR G 171 -39.64 -28.16 28.11
C THR G 171 -40.43 -29.42 27.77
N PRO G 172 -40.17 -30.02 26.61
CA PRO G 172 -40.91 -31.22 26.22
C PRO G 172 -40.52 -32.42 27.04
N ASP G 173 -41.38 -32.80 27.98
CA ASP G 173 -41.06 -33.84 28.95
C ASP G 173 -42.07 -34.97 28.75
N ARG G 174 -41.77 -35.83 27.78
CA ARG G 174 -42.54 -37.04 27.53
C ARG G 174 -41.99 -38.23 28.28
N THR G 175 -40.96 -38.03 29.10
CA THR G 175 -40.38 -39.11 29.89
C THR G 175 -41.35 -39.61 30.94
N LEU G 176 -42.12 -38.72 31.56
CA LEU G 176 -43.08 -39.10 32.58
C LEU G 176 -44.39 -39.62 32.01
N MET G 177 -44.57 -39.58 30.69
CA MET G 177 -45.78 -40.10 30.04
C MET G 177 -45.70 -41.63 30.05
N SER G 178 -46.27 -42.22 31.09
CA SER G 178 -46.25 -43.67 31.24
C SER G 178 -47.30 -44.31 30.35
N GLN G 179 -46.89 -45.34 29.60
CA GLN G 179 -47.80 -46.09 28.73
C GLN G 179 -48.47 -47.18 29.56
N GLN G 180 -49.67 -46.90 30.04
CA GLN G 180 -50.42 -47.86 30.85
C GLN G 180 -51.28 -48.75 29.95
N SER G 181 -50.58 -49.52 29.10
CA SER G 181 -51.17 -50.48 28.16
C SER G 181 -52.16 -49.80 27.22
N GLY G 182 -51.65 -48.88 26.42
CA GLY G 182 -52.48 -48.07 25.56
C GLY G 182 -53.03 -46.82 26.20
N ASN G 183 -52.69 -46.56 27.47
CA ASN G 183 -53.15 -45.38 28.18
C ASN G 183 -51.94 -44.54 28.58
N VAL G 184 -51.97 -43.27 28.21
CA VAL G 184 -50.85 -42.37 28.43
C VAL G 184 -51.16 -41.59 29.71
N LYS G 185 -50.64 -42.07 30.83
CA LYS G 185 -50.69 -41.28 32.06
C LYS G 185 -49.58 -40.27 31.97
N ILE G 186 -49.94 -39.03 31.62
CA ILE G 186 -49.00 -37.92 31.57
C ILE G 186 -48.79 -37.46 33.01
N THR G 187 -47.71 -37.94 33.62
CA THR G 187 -47.35 -37.53 34.97
C THR G 187 -46.78 -36.12 34.93
N VAL G 188 -47.24 -35.28 35.85
CA VAL G 188 -46.92 -33.86 35.84
C VAL G 188 -45.78 -33.54 36.80
N ASN G 189 -45.91 -33.95 38.07
CA ASN G 189 -44.92 -33.78 39.13
C ASN G 189 -44.56 -32.30 39.34
N SER G 190 -45.57 -31.55 39.83
CA SER G 190 -45.46 -30.13 40.23
C SER G 190 -45.07 -29.25 39.05
N GLN G 191 -45.86 -29.34 37.97
CA GLN G 191 -45.58 -28.61 36.75
C GLN G 191 -46.86 -28.14 36.09
N THR G 192 -46.77 -27.54 34.90
CA THR G 192 -47.95 -27.09 34.16
C THR G 192 -47.78 -27.57 32.72
N VAL G 193 -48.22 -28.79 32.45
CA VAL G 193 -47.90 -29.50 31.23
C VAL G 193 -48.95 -29.21 30.18
N ARG G 194 -48.54 -28.59 29.08
CA ARG G 194 -49.36 -28.58 27.87
C ARG G 194 -49.29 -29.97 27.25
N TYR G 195 -50.45 -30.56 27.02
CA TYR G 195 -50.54 -31.84 26.36
C TYR G 195 -51.37 -31.70 25.09
N LYS G 196 -50.84 -32.25 23.99
CA LYS G 196 -51.51 -32.28 22.71
C LYS G 196 -51.74 -33.75 22.40
N CYS G 197 -52.88 -34.25 22.85
CA CYS G 197 -53.25 -35.65 22.68
C CYS G 197 -53.98 -35.80 21.35
N ASN G 198 -53.29 -36.33 20.34
CA ASN G 198 -53.87 -36.47 19.00
C ASN G 198 -54.68 -37.77 18.90
N CYS G 199 -55.68 -37.87 19.77
CA CYS G 199 -56.41 -39.12 19.96
C CYS G 199 -57.74 -38.77 20.62
N GLY G 200 -58.41 -39.78 21.17
CA GLY G 200 -59.54 -39.55 22.04
C GLY G 200 -59.12 -39.17 23.45
N ASP G 201 -60.13 -38.85 24.26
CA ASP G 201 -60.12 -38.61 25.71
C ASP G 201 -59.48 -37.29 26.12
N SER G 202 -58.83 -36.60 25.16
CA SER G 202 -58.47 -35.18 25.17
C SER G 202 -57.91 -34.84 23.81
N ASN G 203 -58.10 -33.61 23.36
CA ASN G 203 -57.41 -33.12 22.17
C ASN G 203 -56.18 -32.29 22.53
N GLU G 204 -56.38 -31.23 23.32
CA GLU G 204 -55.29 -30.44 23.86
C GLU G 204 -55.66 -30.03 25.28
N GLY G 205 -54.69 -29.47 25.99
CA GLY G 205 -54.98 -28.93 27.30
C GLY G 205 -53.71 -28.55 28.03
N LEU G 206 -53.88 -28.09 29.26
CA LEU G 206 -52.79 -27.60 30.08
C LEU G 206 -53.12 -27.96 31.52
N THR G 207 -52.42 -28.95 32.06
CA THR G 207 -52.79 -29.53 33.34
C THR G 207 -51.71 -29.32 34.39
N THR G 208 -52.09 -29.62 35.63
CA THR G 208 -51.18 -29.66 36.76
C THR G 208 -51.21 -30.99 37.48
N THR G 209 -52.15 -31.87 37.14
CA THR G 209 -52.32 -33.17 37.74
C THR G 209 -52.19 -34.21 36.63
N ASP G 210 -51.64 -35.38 36.97
CA ASP G 210 -51.24 -36.43 36.03
C ASP G 210 -52.45 -36.93 35.26
N LYS G 211 -52.53 -36.57 33.99
CA LYS G 211 -53.72 -36.82 33.18
C LYS G 211 -53.60 -38.13 32.44
N VAL G 212 -54.51 -39.06 32.73
CA VAL G 212 -54.52 -40.35 32.05
C VAL G 212 -55.38 -40.22 30.80
N ILE G 213 -54.73 -40.34 29.65
CA ILE G 213 -55.38 -40.18 28.35
C ILE G 213 -55.24 -41.52 27.63
N ASN G 214 -56.33 -42.28 27.59
CA ASN G 214 -56.32 -43.65 27.10
C ASN G 214 -56.26 -43.66 25.57
N ASN G 215 -56.38 -44.88 25.00
CA ASN G 215 -56.32 -45.25 23.58
C ASN G 215 -55.25 -44.51 22.80
N CYS G 216 -54.03 -44.46 23.34
CA CYS G 216 -53.00 -43.62 22.75
C CYS G 216 -51.63 -44.16 23.07
N LYS G 217 -50.64 -43.67 22.33
CA LYS G 217 -49.24 -44.11 22.43
C LYS G 217 -48.38 -42.91 22.83
N VAL G 218 -47.06 -43.11 22.80
CA VAL G 218 -46.16 -42.00 23.11
C VAL G 218 -45.94 -41.11 21.89
N ASP G 219 -45.98 -41.66 20.68
CA ASP G 219 -45.81 -40.87 19.47
C ASP G 219 -47.07 -40.11 19.10
N GLN G 220 -48.23 -40.58 19.53
CA GLN G 220 -49.50 -39.92 19.28
C GLN G 220 -49.81 -38.84 20.32
N CYS G 221 -49.08 -38.83 21.42
CA CYS G 221 -49.30 -37.90 22.52
C CYS G 221 -48.17 -36.87 22.58
N HIS G 222 -48.34 -35.89 23.44
CA HIS G 222 -47.41 -34.79 23.55
C HIS G 222 -47.44 -34.27 24.98
N ALA G 223 -46.29 -33.87 25.50
CA ALA G 223 -46.19 -33.30 26.84
C ALA G 223 -45.04 -32.32 26.86
N ALA G 224 -45.36 -31.03 26.75
CA ALA G 224 -44.35 -29.99 26.84
C ALA G 224 -44.84 -28.98 27.87
N VAL G 225 -43.96 -28.61 28.79
CA VAL G 225 -44.38 -27.94 30.02
C VAL G 225 -44.05 -26.46 29.91
N THR G 226 -45.04 -25.62 30.15
CA THR G 226 -44.85 -24.17 30.23
C THR G 226 -44.76 -23.77 31.69
N ASN G 227 -43.65 -23.12 32.04
CA ASN G 227 -43.39 -22.76 33.43
C ASN G 227 -42.96 -21.30 33.52
N HIS G 228 -43.84 -20.47 34.06
CA HIS G 228 -43.49 -19.12 34.44
C HIS G 228 -43.07 -19.03 35.91
N LYS G 229 -42.86 -20.18 36.55
CA LYS G 229 -42.60 -20.24 37.98
C LYS G 229 -41.11 -20.26 38.30
N LYS G 230 -40.39 -21.27 37.81
CA LYS G 230 -38.95 -21.41 38.02
C LYS G 230 -38.22 -20.71 36.89
N TRP G 231 -37.40 -19.72 37.24
CA TRP G 231 -36.84 -18.79 36.27
C TRP G 231 -35.33 -18.88 36.24
N GLN G 232 -34.82 -19.70 35.31
CA GLN G 232 -33.40 -19.79 34.97
C GLN G 232 -33.33 -19.77 33.45
N TYR G 233 -32.76 -18.72 32.88
CA TYR G 233 -32.87 -18.50 31.46
C TYR G 233 -31.55 -18.75 30.75
N ASN G 234 -31.65 -19.14 29.49
CA ASN G 234 -30.56 -19.41 28.57
C ASN G 234 -30.39 -18.21 27.64
N SER G 235 -29.56 -18.37 26.61
CA SER G 235 -29.29 -17.29 25.67
C SER G 235 -30.55 -16.93 24.87
N PRO G 236 -30.64 -15.69 24.40
CA PRO G 236 -31.74 -15.32 23.48
C PRO G 236 -31.57 -15.82 22.05
N LEU G 237 -30.63 -16.73 21.79
CA LEU G 237 -30.62 -17.48 20.54
C LEU G 237 -31.61 -18.62 20.57
N VAL G 238 -32.00 -19.06 21.77
CA VAL G 238 -33.05 -20.07 21.96
C VAL G 238 -34.37 -19.56 21.38
N PRO G 239 -35.12 -20.38 20.65
CA PRO G 239 -36.31 -19.87 19.95
C PRO G 239 -37.44 -19.49 20.88
N ARG G 240 -38.34 -18.65 20.36
CA ARG G 240 -39.41 -18.04 21.13
C ARG G 240 -40.67 -18.89 21.08
N ASN G 241 -41.35 -18.97 22.22
CA ASN G 241 -42.71 -19.48 22.28
C ASN G 241 -43.60 -18.60 21.41
N ALA G 242 -44.09 -19.15 20.30
CA ALA G 242 -44.61 -18.36 19.20
C ALA G 242 -46.14 -18.29 19.15
N GLU G 243 -46.80 -18.34 20.30
CA GLU G 243 -48.23 -18.04 20.33
C GLU G 243 -48.50 -16.54 20.47
N LEU G 244 -47.47 -15.77 20.80
CA LEU G 244 -47.56 -14.32 20.98
C LEU G 244 -46.71 -13.67 19.90
N GLY G 245 -46.82 -12.35 19.78
CA GLY G 245 -45.95 -11.61 18.90
C GLY G 245 -44.59 -11.38 19.54
N ASP G 246 -44.12 -10.13 19.56
CA ASP G 246 -42.86 -9.85 20.24
C ASP G 246 -43.05 -9.92 21.74
N ARG G 247 -42.40 -10.87 22.38
CA ARG G 247 -42.45 -11.03 23.82
C ARG G 247 -41.21 -10.37 24.39
N LYS G 248 -41.38 -9.21 25.01
CA LYS G 248 -40.26 -8.39 25.47
C LYS G 248 -39.78 -8.86 26.83
N GLY G 249 -38.94 -8.04 27.47
CA GLY G 249 -38.35 -8.38 28.74
C GLY G 249 -36.97 -7.75 28.89
N LYS G 250 -36.69 -7.18 30.06
CA LYS G 250 -35.44 -6.44 30.24
C LYS G 250 -34.97 -6.57 31.69
N VAL G 251 -33.70 -6.93 31.85
CA VAL G 251 -32.95 -6.74 33.09
C VAL G 251 -31.58 -6.21 32.69
N HIS G 252 -31.16 -5.10 33.27
CA HIS G 252 -29.87 -4.52 32.92
C HIS G 252 -28.73 -5.36 33.49
N ILE G 253 -27.51 -5.05 33.04
CA ILE G 253 -26.37 -5.93 33.21
C ILE G 253 -25.38 -5.35 34.23
N PRO G 254 -24.34 -6.10 34.64
CA PRO G 254 -23.21 -5.47 35.34
C PRO G 254 -22.04 -5.05 34.45
N PHE G 255 -21.01 -4.49 35.09
CA PHE G 255 -19.69 -4.17 34.54
C PHE G 255 -19.66 -3.21 33.36
N PRO G 256 -19.88 -1.92 33.57
CA PRO G 256 -19.70 -0.96 32.47
C PRO G 256 -18.25 -0.52 32.34
N LEU G 257 -17.94 0.06 31.18
CA LEU G 257 -16.56 0.41 30.84
C LEU G 257 -16.30 1.89 31.10
N ALA G 258 -15.10 2.17 31.60
CA ALA G 258 -14.60 3.53 31.78
C ALA G 258 -13.13 3.57 31.35
N ASN G 259 -12.51 4.73 31.53
CA ASN G 259 -11.11 4.95 31.15
C ASN G 259 -10.21 5.01 32.38
N VAL G 260 -9.13 4.22 32.35
CA VAL G 260 -8.17 4.11 33.44
C VAL G 260 -6.77 4.20 32.86
N THR G 261 -5.75 3.97 33.68
CA THR G 261 -4.37 4.07 33.23
C THR G 261 -3.60 2.83 33.68
N CYS G 262 -2.86 2.23 32.75
CA CYS G 262 -1.96 1.13 33.07
C CYS G 262 -0.50 1.56 32.90
N ARG G 263 0.41 0.62 33.14
CA ARG G 263 1.84 0.88 33.19
C ARG G 263 2.52 0.24 31.99
N VAL G 264 3.08 1.08 31.12
CA VAL G 264 3.76 0.62 29.91
C VAL G 264 5.28 0.72 30.12
N PRO G 265 6.03 -0.36 29.84
CA PRO G 265 7.47 -0.35 30.09
C PRO G 265 8.20 0.68 29.23
N LYS G 266 9.28 1.21 29.77
CA LYS G 266 10.08 2.18 29.04
C LYS G 266 10.81 1.50 27.89
N ALA G 267 11.08 2.28 26.85
CA ALA G 267 11.92 1.80 25.77
C ALA G 267 13.36 1.80 26.21
N ARG G 268 14.08 0.75 25.86
CA ARG G 268 15.42 0.53 26.39
C ARG G 268 16.43 1.49 25.76
N ASN G 269 17.35 1.96 26.58
CA ASN G 269 18.28 3.03 26.21
C ASN G 269 19.22 2.60 25.09
N PRO G 270 19.35 3.38 24.03
CA PRO G 270 20.31 3.03 22.97
C PRO G 270 21.67 3.68 23.18
N THR G 271 22.61 3.39 22.28
CA THR G 271 23.88 4.11 22.24
C THR G 271 24.15 4.57 20.82
N VAL G 272 25.02 5.57 20.69
CA VAL G 272 25.11 6.33 19.45
C VAL G 272 26.54 6.84 19.29
N THR G 273 26.99 6.91 18.04
CA THR G 273 28.15 7.70 17.67
C THR G 273 27.83 8.47 16.40
N TYR G 274 28.81 9.24 15.95
CA TYR G 274 28.58 10.23 14.92
C TYR G 274 29.86 10.57 14.19
N GLY G 275 29.82 10.52 12.87
CA GLY G 275 30.87 11.07 12.03
C GLY G 275 30.29 12.17 11.18
N LYS G 276 31.06 12.67 10.21
CA LYS G 276 30.74 13.92 9.53
C LYS G 276 29.42 13.86 8.77
N ASN G 277 28.41 14.53 9.33
CA ASN G 277 27.02 14.55 8.85
C ASN G 277 26.42 13.14 8.76
N GLN G 278 26.76 12.26 9.69
CA GLN G 278 26.19 10.93 9.66
C GLN G 278 26.21 10.30 11.05
N VAL G 279 25.11 9.63 11.38
CA VAL G 279 24.84 9.10 12.70
C VAL G 279 24.77 7.58 12.65
N ILE G 280 25.43 6.94 13.61
CA ILE G 280 25.41 5.49 13.77
C ILE G 280 24.81 5.21 15.14
N MET G 281 23.90 4.23 15.22
CA MET G 281 23.21 3.95 16.48
C MET G 281 23.20 2.46 16.70
N LEU G 282 23.68 2.02 17.85
CA LEU G 282 23.53 0.63 18.23
C LEU G 282 22.38 0.51 19.25
N LEU G 283 21.50 -0.45 19.01
CA LEU G 283 20.23 -0.57 19.70
C LEU G 283 20.19 -1.87 20.48
N TYR G 284 19.41 -1.88 21.56
CA TYR G 284 19.16 -3.10 22.32
C TYR G 284 17.68 -3.20 22.68
N PRO G 285 16.95 -4.08 22.06
CA PRO G 285 15.55 -4.28 22.47
C PRO G 285 15.43 -5.39 23.50
N ASP G 286 14.21 -5.66 23.92
CA ASP G 286 13.86 -6.89 24.59
C ASP G 286 12.74 -7.63 23.88
N HIS G 287 11.94 -6.92 23.11
CA HIS G 287 10.82 -7.44 22.34
C HIS G 287 10.88 -6.74 21.00
N PRO G 288 10.17 -7.24 19.98
CA PRO G 288 10.06 -6.48 18.71
C PRO G 288 9.41 -5.13 18.95
N THR G 289 10.14 -4.07 18.63
CA THR G 289 9.76 -2.72 19.03
C THR G 289 9.85 -1.81 17.82
N LEU G 290 9.04 -0.76 17.81
CA LEU G 290 9.04 0.20 16.74
C LEU G 290 10.03 1.32 17.04
N LEU G 291 10.74 1.78 16.01
CA LEU G 291 11.59 2.95 16.12
C LEU G 291 11.45 3.76 14.86
N SER G 292 11.02 4.99 14.99
CA SER G 292 10.89 5.82 13.80
C SER G 292 11.86 6.99 13.86
N TYR G 293 11.79 7.81 12.82
CA TYR G 293 12.54 9.05 12.77
C TYR G 293 11.91 9.93 11.71
N ARG G 294 12.02 11.23 11.90
CA ARG G 294 11.53 12.21 10.95
C ARG G 294 12.40 13.46 11.04
N ASN G 295 12.16 14.40 10.15
CA ASN G 295 12.91 15.64 10.15
C ASN G 295 12.06 16.78 10.68
N MET G 296 12.75 17.86 11.06
CA MET G 296 12.09 19.08 11.47
C MET G 296 12.15 20.13 10.37
N GLY G 297 12.04 19.70 9.11
CA GLY G 297 12.06 20.57 7.98
C GLY G 297 10.73 20.66 7.29
N GLU G 298 10.77 21.07 6.02
CA GLU G 298 9.56 21.26 5.24
C GLU G 298 8.87 19.94 4.91
N GLU G 299 9.62 18.86 4.93
CA GLU G 299 9.08 17.52 4.82
C GLU G 299 9.14 16.83 6.17
N PRO G 300 8.28 15.84 6.42
CA PRO G 300 8.47 15.06 7.64
C PRO G 300 9.65 14.12 7.53
N ASN G 301 9.79 13.43 6.39
CA ASN G 301 10.72 12.31 6.19
C ASN G 301 10.53 11.25 7.28
N TYR G 302 9.27 10.92 7.53
CA TYR G 302 8.94 9.94 8.56
C TYR G 302 9.18 8.54 8.04
N GLN G 303 10.07 7.80 8.71
CA GLN G 303 10.28 6.38 8.41
C GLN G 303 10.30 5.63 9.74
N GLU G 304 9.56 4.52 9.79
CA GLU G 304 9.39 3.73 11.01
C GLU G 304 9.77 2.28 10.73
N GLU G 305 10.51 1.68 11.67
CA GLU G 305 11.15 0.39 11.46
C GLU G 305 10.98 -0.47 12.70
N TRP G 306 10.54 -1.71 12.50
CA TRP G 306 10.56 -2.69 13.57
C TRP G 306 11.99 -3.10 13.88
N VAL G 307 12.17 -3.65 15.07
CA VAL G 307 13.45 -4.21 15.47
C VAL G 307 13.19 -5.40 16.38
N THR G 308 14.09 -6.38 16.32
CA THR G 308 13.99 -7.58 17.14
C THR G 308 15.30 -7.87 17.84
N HIS G 309 16.41 -7.43 17.26
CA HIS G 309 17.74 -7.81 17.73
C HIS G 309 18.61 -6.58 17.90
N LYS G 310 19.88 -6.83 18.19
CA LYS G 310 20.85 -5.78 18.50
C LYS G 310 21.44 -5.25 17.20
N LYS G 311 20.58 -4.65 16.39
CA LYS G 311 20.99 -4.08 15.11
C LYS G 311 21.53 -2.69 15.33
N GLU G 312 22.48 -2.30 14.50
CA GLU G 312 22.79 -0.89 14.38
C GLU G 312 21.97 -0.29 13.25
N ILE G 313 21.77 1.01 13.32
CA ILE G 313 21.08 1.77 12.29
C ILE G 313 22.01 2.91 11.87
N ARG G 314 22.29 2.96 10.58
CA ARG G 314 23.08 4.01 9.98
C ARG G 314 22.17 5.02 9.31
N LEU G 315 22.48 6.30 9.47
CA LEU G 315 21.65 7.36 8.89
C LEU G 315 22.51 8.59 8.68
N THR G 316 22.02 9.50 7.86
CA THR G 316 22.61 10.82 7.72
C THR G 316 21.69 11.85 8.34
N VAL G 317 22.17 13.08 8.40
CA VAL G 317 21.45 14.19 9.01
C VAL G 317 21.25 15.27 7.95
N PRO G 318 20.04 15.80 7.78
CA PRO G 318 19.85 16.96 6.92
C PRO G 318 20.24 18.24 7.65
N THR G 319 19.99 19.37 6.99
CA THR G 319 20.31 20.65 7.61
C THR G 319 19.31 21.00 8.70
N GLU G 320 18.07 20.55 8.58
CA GLU G 320 17.13 20.74 9.68
C GLU G 320 17.40 19.80 10.84
N GLY G 321 18.10 18.70 10.60
CA GLY G 321 18.32 17.71 11.62
C GLY G 321 17.29 16.61 11.59
N LEU G 322 17.55 15.59 12.40
CA LEU G 322 16.64 14.48 12.59
C LEU G 322 16.18 14.43 14.03
N GLU G 323 14.89 14.19 14.21
CA GLU G 323 14.39 13.66 15.47
C GLU G 323 14.13 12.17 15.27
N VAL G 324 14.86 11.35 16.01
CA VAL G 324 14.59 9.93 16.05
C VAL G 324 13.67 9.70 17.23
N THR G 325 12.94 8.59 17.21
CA THR G 325 12.04 8.27 18.29
C THR G 325 12.04 6.76 18.49
N TRP G 326 12.07 6.36 19.75
CA TRP G 326 12.30 4.99 20.15
C TRP G 326 11.31 4.64 21.25
N GLY G 327 10.33 3.82 20.92
CA GLY G 327 9.32 3.34 21.86
C GLY G 327 8.53 4.46 22.49
N ASN G 328 8.12 4.23 23.75
CA ASN G 328 7.46 5.27 24.52
C ASN G 328 8.42 6.34 25.04
N ASN G 329 9.73 6.16 24.85
CA ASN G 329 10.71 7.00 25.50
C ASN G 329 10.85 8.33 24.79
N GLU G 330 11.87 9.09 25.19
CA GLU G 330 12.04 10.45 24.71
C GLU G 330 12.43 10.47 23.25
N PRO G 331 11.85 11.37 22.46
CA PRO G 331 12.33 11.56 21.09
C PRO G 331 13.71 12.21 21.03
N TYR G 332 14.72 11.42 20.71
CA TYR G 332 16.11 11.91 20.67
C TYR G 332 16.28 12.72 19.39
N LYS G 333 16.06 14.02 19.51
CA LYS G 333 16.32 14.91 18.40
C LYS G 333 17.82 15.03 18.20
N TYR G 334 18.23 15.26 16.96
CA TYR G 334 19.61 15.64 16.70
C TYR G 334 19.64 16.86 15.81
N TRP G 335 20.53 17.79 16.13
CA TRP G 335 20.77 18.92 15.27
C TRP G 335 22.14 18.80 14.64
N PRO G 336 22.28 19.03 13.31
CA PRO G 336 23.54 18.73 12.61
C PRO G 336 24.73 19.58 13.02
N GLN G 337 25.75 18.93 13.57
CA GLN G 337 26.98 19.65 13.88
C GLN G 337 27.71 19.98 12.59
N LEU G 338 28.05 21.24 12.42
CA LEU G 338 28.79 21.72 11.24
C LEU G 338 30.29 21.63 11.53
N SER G 339 30.79 20.39 11.68
CA SER G 339 32.18 20.17 12.03
C SER G 339 33.11 20.60 10.90
N THR G 340 33.04 19.90 9.76
CA THR G 340 33.55 20.31 8.45
C THR G 340 35.04 20.68 8.48
N ASN G 341 35.87 19.68 8.74
CA ASN G 341 37.31 19.90 8.87
C ASN G 341 38.07 18.84 8.07
N GLY G 342 38.26 19.14 6.78
CA GLY G 342 39.12 18.35 5.92
C GLY G 342 39.88 19.22 4.96
N THR G 343 40.10 20.48 5.34
CA THR G 343 40.69 21.47 4.44
C THR G 343 41.87 22.13 5.12
N ALA G 344 42.47 23.08 4.40
CA ALA G 344 43.61 23.84 4.89
C ALA G 344 43.58 25.21 4.21
N HIS G 345 44.73 25.89 4.19
CA HIS G 345 44.93 27.03 3.30
C HIS G 345 46.02 26.72 2.27
N GLY G 346 47.22 26.34 2.70
CA GLY G 346 48.34 25.83 1.93
C GLY G 346 48.84 26.74 0.82
N HIS G 347 49.75 26.17 0.02
CA HIS G 347 50.30 26.83 -1.16
C HIS G 347 49.36 26.78 -2.38
N PRO G 348 48.62 25.63 -2.67
CA PRO G 348 47.44 25.78 -3.55
C PRO G 348 46.25 26.37 -2.81
N HIS G 349 45.08 26.35 -3.44
CA HIS G 349 43.90 27.06 -2.95
C HIS G 349 43.39 26.62 -1.57
N GLU G 350 42.84 25.41 -1.47
CA GLU G 350 42.22 24.81 -0.28
C GLU G 350 41.08 25.64 0.34
N ILE G 351 40.57 26.65 -0.35
CA ILE G 351 39.43 27.40 0.15
C ILE G 351 38.17 26.98 -0.59
N ILE G 352 38.32 26.54 -1.84
CA ILE G 352 37.26 25.76 -2.45
C ILE G 352 37.17 24.39 -1.82
N LEU G 353 38.18 23.98 -1.06
CA LEU G 353 38.04 22.84 -0.17
C LEU G 353 37.10 23.14 1.00
N TYR G 354 37.18 24.35 1.56
CA TYR G 354 36.16 24.80 2.50
C TYR G 354 34.79 24.80 1.85
N TYR G 355 34.70 25.27 0.63
CA TYR G 355 33.41 25.28 -0.06
C TYR G 355 33.02 23.89 -0.56
N TYR G 356 33.93 22.93 -0.57
CA TYR G 356 33.56 21.53 -0.65
C TYR G 356 32.94 21.04 0.64
N GLU G 357 33.44 21.52 1.78
CA GLU G 357 32.78 21.21 3.04
C GLU G 357 31.46 21.95 3.17
N LEU G 358 31.50 23.28 3.23
CA LEU G 358 30.29 24.07 3.34
C LEU G 358 29.67 24.21 1.97
N TYR G 359 28.42 23.74 1.84
CA TYR G 359 27.68 23.52 0.58
C TYR G 359 28.48 22.67 -0.39
N PRO G 360 28.55 21.35 -0.20
CA PRO G 360 29.13 20.50 -1.24
C PRO G 360 28.26 20.51 -2.50
N THR G 361 28.92 20.35 -3.65
CA THR G 361 28.45 20.11 -5.03
C THR G 361 27.66 21.27 -5.62
N MET G 362 27.38 22.30 -4.83
CA MET G 362 26.74 23.51 -5.30
C MET G 362 27.41 24.67 -4.58
N THR G 363 27.40 25.84 -5.22
CA THR G 363 28.30 26.97 -4.98
C THR G 363 29.77 26.59 -5.08
N VAL G 364 30.07 25.51 -5.81
CA VAL G 364 31.42 25.20 -6.26
C VAL G 364 31.48 25.01 -7.76
N VAL G 365 30.34 24.79 -8.42
CA VAL G 365 30.30 24.83 -9.87
C VAL G 365 30.36 26.26 -10.37
N VAL G 366 30.09 27.23 -9.47
CA VAL G 366 30.04 28.63 -9.86
C VAL G 366 31.44 29.17 -10.17
N VAL G 367 32.46 28.73 -9.43
CA VAL G 367 33.80 29.22 -9.70
C VAL G 367 34.33 28.58 -10.99
N SER G 368 33.86 27.38 -11.30
CA SER G 368 34.29 26.74 -12.54
C SER G 368 33.62 27.37 -13.76
N VAL G 369 32.32 27.71 -13.65
CA VAL G 369 31.68 28.35 -14.79
C VAL G 369 32.21 29.77 -14.96
N ALA G 370 32.53 30.45 -13.85
CA ALA G 370 33.21 31.74 -13.93
C ALA G 370 34.59 31.59 -14.57
N SER G 371 35.26 30.47 -14.29
CA SER G 371 36.58 30.21 -14.86
C SER G 371 36.52 30.09 -16.37
N PHE G 372 35.66 29.23 -16.90
CA PHE G 372 35.72 29.18 -18.36
C PHE G 372 34.95 30.29 -19.05
N VAL G 373 34.14 31.09 -18.36
CA VAL G 373 33.69 32.29 -19.07
C VAL G 373 34.78 33.37 -19.10
N LEU G 374 35.67 33.41 -18.08
CA LEU G 374 36.86 34.25 -18.20
C LEU G 374 37.78 33.74 -19.30
N LEU G 375 37.89 32.42 -19.43
CA LEU G 375 38.63 31.83 -20.54
C LEU G 375 38.04 32.17 -21.90
N SER G 376 36.70 32.19 -22.00
CA SER G 376 36.10 32.54 -23.29
C SER G 376 36.25 34.02 -23.60
N MET G 377 36.23 34.89 -22.58
CA MET G 377 36.37 36.30 -22.92
C MET G 377 37.82 36.66 -23.25
N VAL G 378 38.81 36.04 -22.61
CA VAL G 378 40.17 36.27 -23.09
C VAL G 378 40.38 35.56 -24.44
N GLY G 379 39.64 34.49 -24.72
CA GLY G 379 39.73 33.86 -26.01
C GLY G 379 39.19 34.72 -27.14
N VAL G 380 38.04 35.36 -26.93
CA VAL G 380 37.54 36.25 -27.97
C VAL G 380 38.34 37.55 -27.98
N ALA G 381 39.01 37.89 -26.88
CA ALA G 381 39.91 39.03 -26.90
C ALA G 381 41.14 38.78 -27.78
N VAL G 382 41.76 37.62 -27.64
CA VAL G 382 42.88 37.34 -28.53
C VAL G 382 42.38 37.01 -29.93
N GLY G 383 41.11 36.63 -30.08
CA GLY G 383 40.51 36.63 -31.41
C GLY G 383 40.38 38.02 -31.98
N MET G 384 40.14 39.01 -31.13
CA MET G 384 40.17 40.38 -31.61
C MET G 384 41.60 40.84 -31.91
N CYS G 385 42.59 40.26 -31.23
CA CYS G 385 43.97 40.48 -31.66
C CYS G 385 44.29 39.78 -32.98
N MET G 386 43.61 38.67 -33.27
CA MET G 386 43.71 38.06 -34.59
C MET G 386 43.11 38.97 -35.65
N CYS G 387 41.95 39.55 -35.35
CA CYS G 387 41.39 40.57 -36.22
C CYS G 387 42.25 41.83 -36.26
N ALA G 388 43.06 42.08 -35.23
CA ALA G 388 44.02 43.16 -35.28
C ALA G 388 45.14 42.85 -36.25
N ARG G 389 45.56 41.59 -36.32
CA ARG G 389 46.50 41.19 -37.37
C ARG G 389 45.86 41.39 -38.74
N ARG G 390 44.58 41.02 -38.85
CA ARG G 390 43.84 41.21 -40.09
C ARG G 390 43.75 42.67 -40.49
N ARG G 391 43.49 43.55 -39.53
CA ARG G 391 43.42 44.98 -39.76
C ARG G 391 44.75 45.67 -39.49
N CYS G 392 45.82 44.90 -39.40
CA CYS G 392 47.16 45.43 -39.28
C CYS G 392 47.98 45.12 -40.51
N ILE G 393 47.56 44.15 -41.32
CA ILE G 393 48.11 44.06 -42.66
C ILE G 393 47.37 45.00 -43.62
N THR G 394 46.07 45.21 -43.36
CA THR G 394 45.15 46.12 -44.05
C THR G 394 45.67 47.56 -44.11
N PRO G 395 46.59 47.98 -43.24
CA PRO G 395 47.49 49.07 -43.66
C PRO G 395 48.15 48.84 -45.01
N TYR G 396 48.92 47.78 -45.19
CA TYR G 396 49.87 47.75 -46.30
C TYR G 396 49.45 46.78 -47.40
N GLU G 397 49.56 45.47 -47.18
CA GLU G 397 48.84 44.35 -47.80
C GLU G 397 48.86 44.27 -49.34
N LEU G 398 49.13 45.37 -50.04
CA LEU G 398 48.88 45.40 -51.47
C LEU G 398 49.80 46.31 -52.23
N THR G 399 50.71 46.98 -51.60
CA THR G 399 51.43 48.01 -52.31
C THR G 399 52.57 47.38 -53.09
N PRO G 400 52.79 47.78 -54.34
CA PRO G 400 53.94 47.26 -55.07
C PRO G 400 55.27 47.86 -54.64
N GLY G 401 55.26 48.82 -53.71
CA GLY G 401 56.47 49.15 -53.01
C GLY G 401 56.97 47.97 -52.19
N ALA G 402 56.07 47.32 -51.45
CA ALA G 402 56.25 45.99 -50.87
C ALA G 402 57.41 45.92 -49.87
N THR G 403 57.37 46.81 -48.89
CA THR G 403 58.41 46.94 -47.88
C THR G 403 57.83 46.77 -46.48
N VAL G 404 58.67 46.42 -45.53
CA VAL G 404 58.27 46.38 -44.12
C VAL G 404 59.20 47.23 -43.25
N PRO G 405 59.38 48.52 -43.52
CA PRO G 405 60.39 49.28 -42.74
C PRO G 405 59.96 49.57 -41.33
N PHE G 406 58.73 50.08 -41.16
CA PHE G 406 58.15 50.30 -39.85
C PHE G 406 56.94 49.41 -39.69
N LEU G 407 57.00 48.20 -40.25
CA LEU G 407 55.89 47.27 -40.21
C LEU G 407 56.22 46.04 -39.38
N LEU G 408 57.24 45.29 -39.78
CA LEU G 408 57.63 44.08 -39.08
C LEU G 408 59.02 44.22 -38.48
N SER G 409 59.60 45.41 -38.58
CA SER G 409 60.53 45.90 -37.58
C SER G 409 59.79 46.50 -36.39
N LEU G 410 58.46 46.62 -36.46
CA LEU G 410 57.65 47.09 -35.36
C LEU G 410 56.73 46.01 -34.82
N ILE G 411 55.88 45.42 -35.66
CA ILE G 411 54.99 44.38 -35.16
C ILE G 411 55.71 43.04 -35.06
N CYS G 412 56.56 42.74 -36.06
CA CYS G 412 57.40 41.55 -36.12
C CYS G 412 56.60 40.26 -36.00
N CYS G 413 55.76 40.00 -36.99
CA CYS G 413 55.15 38.68 -37.12
C CYS G 413 55.99 37.77 -38.01
N ILE G 414 56.20 38.19 -39.26
CA ILE G 414 57.13 37.53 -40.18
C ILE G 414 58.18 38.60 -40.48
N ARG G 415 59.15 38.30 -41.35
CA ARG G 415 60.28 39.17 -41.72
C ARG G 415 61.16 39.50 -40.51
N THR G 416 61.82 38.45 -40.01
CA THR G 416 62.89 38.62 -39.03
C THR G 416 64.08 39.36 -39.64
N ALA G 417 65.04 39.73 -38.79
CA ALA G 417 66.09 40.65 -39.20
C ALA G 417 67.48 40.11 -38.91
N LYS G 418 68.39 40.46 -39.80
CA LYS G 418 69.82 40.31 -39.56
C LYS G 418 70.29 41.49 -38.71
N ALA G 419 71.53 41.39 -38.25
CA ALA G 419 72.20 42.37 -37.41
C ALA G 419 71.38 42.75 -36.18
N ASN H 1 -38.19 32.37 55.55
CA ASN H 1 -38.68 32.82 54.26
C ASN H 1 -39.36 34.18 54.39
N PHE H 2 -39.17 35.02 53.37
CA PHE H 2 -39.64 36.42 53.33
C PHE H 2 -39.05 37.23 54.50
N ASN H 3 -37.74 37.45 54.41
CA ASN H 3 -37.10 38.50 55.20
C ASN H 3 -35.92 39.04 54.42
N VAL H 4 -35.82 40.37 54.37
CA VAL H 4 -34.64 41.07 53.90
C VAL H 4 -34.10 42.03 54.95
N TYR H 5 -34.83 42.20 56.06
CA TYR H 5 -34.71 43.39 56.90
C TYR H 5 -33.36 43.48 57.62
N LYS H 6 -32.79 42.35 57.98
CA LYS H 6 -31.65 42.36 58.90
C LYS H 6 -30.30 42.40 58.20
N ALA H 7 -30.24 42.16 56.89
CA ALA H 7 -29.00 42.39 56.16
C ALA H 7 -28.84 43.84 55.73
N ILE H 8 -29.89 44.64 55.89
CA ILE H 8 -29.82 46.07 55.61
C ILE H 8 -28.93 46.75 56.65
N ARG H 9 -28.45 47.96 56.34
CA ARG H 9 -27.50 48.64 57.20
C ARG H 9 -27.69 50.15 57.05
N PRO H 10 -27.49 50.96 58.14
CA PRO H 10 -28.09 52.29 58.22
C PRO H 10 -27.30 53.44 57.61
N TYR H 11 -26.79 53.25 56.41
CA TYR H 11 -26.16 54.35 55.70
C TYR H 11 -27.25 55.17 55.00
N LEU H 12 -27.30 56.47 55.32
CA LEU H 12 -28.46 57.31 55.14
C LEU H 12 -28.48 57.95 53.75
N ALA H 13 -29.38 58.91 53.56
CA ALA H 13 -29.59 59.52 52.25
C ALA H 13 -29.89 61.01 52.37
N HIS H 14 -29.24 61.80 51.52
CA HIS H 14 -29.61 63.18 51.22
C HIS H 14 -29.73 63.25 49.71
N CYS H 15 -30.94 63.48 49.22
CA CYS H 15 -31.17 63.42 47.78
C CYS H 15 -30.53 64.61 47.09
N PRO H 16 -29.51 64.41 46.25
CA PRO H 16 -28.71 65.54 45.75
C PRO H 16 -29.43 66.39 44.72
N ASP H 17 -30.52 65.91 44.13
CA ASP H 17 -31.33 66.75 43.25
C ASP H 17 -32.77 66.23 43.36
N CYS H 18 -33.54 66.80 44.29
CA CYS H 18 -34.92 66.34 44.46
C CYS H 18 -35.91 67.22 43.73
N GLY H 19 -35.47 68.00 42.77
CA GLY H 19 -36.36 68.84 42.02
C GLY H 19 -36.21 70.31 42.34
N GLU H 20 -36.91 71.12 41.52
CA GLU H 20 -36.89 72.58 41.42
C GLU H 20 -35.50 73.18 41.63
N GLY H 21 -34.50 72.58 41.01
CA GLY H 21 -33.12 73.06 41.07
C GLY H 21 -32.17 72.49 42.11
N HIS H 22 -32.62 72.39 43.35
CA HIS H 22 -31.72 72.16 44.47
C HIS H 22 -32.02 70.82 45.14
N SER H 23 -31.37 70.60 46.27
CA SER H 23 -31.35 69.31 46.95
C SER H 23 -32.13 69.37 48.25
N CYS H 24 -32.26 68.19 48.87
CA CYS H 24 -32.93 68.03 50.15
C CYS H 24 -32.50 66.69 50.74
N HIS H 25 -32.68 66.53 52.05
CA HIS H 25 -32.38 65.28 52.75
C HIS H 25 -33.59 64.37 52.58
N SER H 26 -33.52 63.48 51.59
CA SER H 26 -34.64 62.63 51.30
C SER H 26 -34.17 61.19 51.13
N PRO H 27 -34.80 60.23 51.79
CA PRO H 27 -34.35 58.83 51.73
C PRO H 27 -34.95 58.01 50.60
N VAL H 28 -35.91 58.57 49.86
CA VAL H 28 -36.69 57.80 48.91
C VAL H 28 -36.18 57.96 47.49
N ALA H 29 -34.94 58.39 47.34
CA ALA H 29 -34.44 58.90 46.06
C ALA H 29 -34.23 57.79 45.04
N LEU H 30 -34.03 58.22 43.79
CA LEU H 30 -33.77 57.31 42.67
C LEU H 30 -32.27 57.20 42.45
N GLU H 31 -31.81 55.98 42.22
CA GLU H 31 -30.39 55.74 42.00
C GLU H 31 -30.11 55.13 40.63
N ARG H 32 -30.79 54.05 40.27
CA ARG H 32 -30.44 53.27 39.10
C ARG H 32 -31.66 53.02 38.23
N ILE H 33 -31.43 52.94 36.94
CA ILE H 33 -32.44 52.48 36.00
C ILE H 33 -31.96 51.16 35.41
N ARG H 34 -32.90 50.23 35.24
CA ARG H 34 -32.68 49.04 34.43
C ARG H 34 -33.77 49.02 33.37
N ASN H 35 -33.38 49.18 32.11
CA ASN H 35 -34.32 49.34 31.01
C ASN H 35 -34.18 48.23 29.99
N GLU H 36 -33.44 47.19 30.34
CA GLU H 36 -33.01 46.19 29.37
C GLU H 36 -34.09 45.16 29.02
N ALA H 37 -35.32 45.33 29.49
CA ALA H 37 -36.43 44.57 28.94
C ALA H 37 -36.71 45.04 27.52
N THR H 38 -36.84 44.09 26.60
CA THR H 38 -37.01 44.42 25.19
C THR H 38 -38.37 45.07 24.93
N ASP H 39 -39.39 44.62 25.64
CA ASP H 39 -40.73 45.17 25.43
C ASP H 39 -40.86 46.58 25.97
N GLY H 40 -40.15 46.90 27.05
CA GLY H 40 -40.21 48.25 27.59
C GLY H 40 -40.82 48.37 28.97
N THR H 41 -40.61 47.37 29.81
CA THR H 41 -40.91 47.50 31.22
C THR H 41 -39.64 47.98 31.93
N LEU H 42 -39.82 48.69 33.05
CA LEU H 42 -38.76 49.48 33.66
C LEU H 42 -38.53 49.02 35.08
N LYS H 43 -37.26 48.81 35.41
CA LYS H 43 -36.82 48.20 36.66
C LYS H 43 -35.94 49.21 37.39
N ILE H 44 -36.36 49.61 38.59
CA ILE H 44 -35.89 50.82 39.23
C ILE H 44 -35.43 50.50 40.65
N GLN H 45 -34.24 51.01 40.98
CA GLN H 45 -33.69 50.99 42.33
C GLN H 45 -34.28 52.12 43.18
N VAL H 46 -34.64 51.80 44.41
CA VAL H 46 -34.93 52.80 45.44
C VAL H 46 -34.15 52.43 46.69
N SER H 47 -33.95 53.42 47.57
CA SER H 47 -33.29 53.26 48.85
C SER H 47 -34.24 52.80 49.96
N LEU H 48 -35.37 52.24 49.59
CA LEU H 48 -36.39 51.80 50.52
C LEU H 48 -36.61 50.30 50.33
N GLN H 49 -37.45 49.76 51.20
CA GLN H 49 -37.86 48.37 51.12
C GLN H 49 -39.38 48.33 51.08
N ILE H 50 -39.93 47.87 49.96
CA ILE H 50 -41.36 47.91 49.72
C ILE H 50 -41.86 46.48 49.58
N GLY H 51 -43.09 46.25 50.02
CA GLY H 51 -43.58 44.93 50.28
C GLY H 51 -43.17 44.34 51.61
N ILE H 52 -42.27 45.00 52.34
CA ILE H 52 -41.65 44.45 53.54
C ILE H 52 -41.35 45.60 54.50
N LYS H 53 -41.24 45.28 55.80
CA LYS H 53 -41.20 46.25 56.89
C LYS H 53 -39.97 46.05 57.77
N THR H 54 -40.02 46.70 58.93
CA THR H 54 -39.20 46.27 60.06
C THR H 54 -39.49 44.82 60.41
N ASP H 55 -40.76 44.52 60.72
CA ASP H 55 -41.18 43.21 61.15
C ASP H 55 -41.62 42.30 60.01
N ASP H 56 -41.37 42.72 58.76
CA ASP H 56 -41.48 41.89 57.55
C ASP H 56 -42.89 41.36 57.32
N SER H 57 -43.83 42.28 57.09
CA SER H 57 -45.16 41.94 56.64
C SER H 57 -45.33 42.40 55.20
N HIS H 58 -46.32 41.80 54.50
CA HIS H 58 -46.67 42.20 53.14
C HIS H 58 -47.68 43.33 53.11
N ASP H 59 -47.75 44.12 54.17
CA ASP H 59 -48.64 45.27 54.23
C ASP H 59 -48.20 46.33 53.22
N TRP H 60 -49.16 47.15 52.77
CA TRP H 60 -48.89 48.23 51.83
C TRP H 60 -49.11 49.60 52.45
N THR H 61 -49.07 49.72 53.78
CA THR H 61 -49.29 51.00 54.42
C THR H 61 -48.06 51.55 55.11
N LYS H 62 -47.04 50.74 55.31
CA LYS H 62 -45.78 51.15 55.93
C LYS H 62 -44.63 50.86 54.97
N LEU H 63 -43.64 51.75 54.93
CA LEU H 63 -42.41 51.45 54.19
C LEU H 63 -41.23 52.21 54.79
N ARG H 64 -40.13 51.50 55.00
CA ARG H 64 -39.01 52.03 55.77
C ARG H 64 -38.29 53.12 54.99
N TYR H 65 -38.52 54.37 55.38
CA TYR H 65 -37.79 55.50 54.84
C TYR H 65 -37.15 56.26 56.00
N MET H 66 -35.91 56.71 55.77
CA MET H 66 -35.02 57.19 56.81
C MET H 66 -35.15 58.70 56.97
N ASP H 67 -35.76 59.15 58.05
CA ASP H 67 -35.88 60.59 58.33
C ASP H 67 -35.12 60.92 59.63
N ASN H 68 -33.82 61.19 59.48
CA ASN H 68 -32.93 61.68 60.54
C ASN H 68 -32.90 60.74 61.74
N HIS H 69 -32.31 59.56 61.48
CA HIS H 69 -32.08 58.50 62.47
C HIS H 69 -33.40 57.95 63.00
N MET H 70 -34.40 57.88 62.13
CA MET H 70 -35.71 57.39 62.48
C MET H 70 -36.19 56.47 61.37
N PRO H 71 -36.72 55.31 61.69
CA PRO H 71 -37.49 54.56 60.69
C PRO H 71 -38.93 55.04 60.65
N ALA H 72 -39.29 55.76 59.61
CA ALA H 72 -40.68 56.16 59.43
C ALA H 72 -41.28 55.39 58.27
N ASP H 73 -42.59 55.53 58.12
CA ASP H 73 -43.33 54.62 57.26
C ASP H 73 -44.33 55.39 56.42
N ALA H 74 -44.77 54.75 55.33
CA ALA H 74 -45.57 55.43 54.32
C ALA H 74 -46.42 54.44 53.54
N GLU H 75 -47.54 54.95 53.05
CA GLU H 75 -48.53 54.17 52.31
C GLU H 75 -48.03 53.82 50.91
N ARG H 76 -48.29 52.60 50.47
CA ARG H 76 -47.93 52.21 49.11
C ARG H 76 -49.05 52.44 48.10
N ALA H 77 -50.07 53.23 48.46
CA ALA H 77 -50.95 53.80 47.46
C ALA H 77 -50.44 55.16 46.99
N ARG H 78 -49.55 55.78 47.76
CA ARG H 78 -48.95 57.06 47.40
C ARG H 78 -47.61 56.89 46.72
N LEU H 79 -47.60 56.18 45.61
CA LEU H 79 -46.38 55.92 44.84
C LEU H 79 -46.53 56.65 43.51
N PHE H 80 -46.02 57.87 43.44
CA PHE H 80 -46.26 58.76 42.31
C PHE H 80 -45.04 58.68 41.40
N VAL H 81 -45.03 57.69 40.53
CA VAL H 81 -43.93 57.53 39.60
C VAL H 81 -44.30 58.17 38.27
N ARG H 82 -43.38 58.97 37.72
CA ARG H 82 -43.76 59.91 36.66
C ARG H 82 -42.50 60.34 35.92
N THR H 83 -42.43 60.04 34.62
CA THR H 83 -41.29 60.55 33.87
C THR H 83 -41.65 61.85 33.12
N SER H 84 -42.61 61.79 32.24
CA SER H 84 -43.38 62.90 31.69
C SER H 84 -44.86 62.64 31.83
N ALA H 85 -45.25 61.47 31.67
CA ALA H 85 -46.51 60.87 32.02
C ALA H 85 -46.37 60.15 33.35
N PRO H 86 -47.43 60.11 34.15
CA PRO H 86 -47.39 59.32 35.39
C PRO H 86 -47.29 57.85 35.08
N CYS H 87 -46.29 57.16 35.64
CA CYS H 87 -46.01 55.82 35.16
C CYS H 87 -46.99 54.81 35.73
N THR H 88 -47.00 53.64 35.10
CA THR H 88 -47.93 52.56 35.42
C THR H 88 -47.18 51.52 36.24
N ILE H 89 -47.15 51.72 37.56
CA ILE H 89 -46.41 50.84 38.46
C ILE H 89 -47.03 49.45 38.48
N THR H 90 -46.18 48.45 38.28
CA THR H 90 -46.59 47.05 38.33
C THR H 90 -45.94 46.31 39.49
N GLY H 91 -44.63 46.40 39.62
CA GLY H 91 -43.90 45.64 40.62
C GLY H 91 -43.32 46.47 41.75
N THR H 92 -43.75 46.19 42.98
CA THR H 92 -43.23 46.86 44.17
C THR H 92 -42.65 45.79 45.09
N MET H 93 -41.33 45.68 45.15
CA MET H 93 -40.74 44.63 45.96
C MET H 93 -39.36 45.08 46.41
N GLY H 94 -39.24 45.44 47.69
CA GLY H 94 -37.99 45.81 48.32
C GLY H 94 -37.25 46.94 47.65
N HIS H 95 -36.19 46.54 46.97
CA HIS H 95 -35.27 47.41 46.24
C HIS H 95 -35.83 47.82 44.88
N PHE H 96 -36.96 47.26 44.45
CA PHE H 96 -37.27 47.17 43.04
C PHE H 96 -38.66 47.70 42.70
N ILE H 97 -38.71 48.41 41.58
CA ILE H 97 -39.91 49.03 41.05
C ILE H 97 -40.01 48.69 39.58
N LEU H 98 -41.18 48.23 39.15
CA LEU H 98 -41.39 47.78 37.78
C LEU H 98 -42.60 48.50 37.20
N ALA H 99 -42.41 49.16 36.06
CA ALA H 99 -43.46 50.01 35.50
C ALA H 99 -43.28 50.19 34.00
N ARG H 100 -44.38 50.43 33.28
CA ARG H 100 -44.34 50.64 31.83
C ARG H 100 -44.83 52.06 31.54
N CYS H 101 -43.94 52.92 31.03
CA CYS H 101 -44.35 54.31 30.81
C CYS H 101 -43.54 55.00 29.72
N PRO H 102 -44.15 56.00 29.00
CA PRO H 102 -43.52 56.54 27.78
C PRO H 102 -42.40 57.54 28.01
N LYS H 103 -42.01 58.20 26.92
CA LYS H 103 -40.84 59.08 26.85
C LYS H 103 -40.94 60.26 27.80
N GLY H 104 -39.79 60.68 28.33
CA GLY H 104 -39.72 61.84 29.20
C GLY H 104 -38.33 62.40 29.42
N GLU H 105 -38.23 63.73 29.59
CA GLU H 105 -36.94 64.35 29.86
C GLU H 105 -36.44 64.01 31.26
N THR H 106 -37.34 63.86 32.22
CA THR H 106 -36.92 63.57 33.59
C THR H 106 -37.64 62.33 34.09
N LEU H 107 -37.51 62.07 35.40
CA LEU H 107 -38.20 60.96 36.06
C LEU H 107 -38.21 61.25 37.55
N THR H 108 -39.35 61.01 38.19
CA THR H 108 -39.51 61.28 39.60
C THR H 108 -40.37 60.21 40.26
N VAL H 109 -40.19 60.11 41.57
CA VAL H 109 -41.04 59.30 42.43
C VAL H 109 -41.60 60.19 43.53
N GLY H 110 -42.82 59.91 43.94
CA GLY H 110 -43.49 60.69 44.96
C GLY H 110 -44.04 59.77 46.03
N PHE H 111 -44.15 60.29 47.24
CA PHE H 111 -44.27 59.48 48.43
C PHE H 111 -45.00 60.27 49.51
N THR H 112 -45.83 59.58 50.29
CA THR H 112 -46.38 60.22 51.47
C THR H 112 -45.43 60.04 52.65
N ASP H 113 -45.81 60.64 53.77
CA ASP H 113 -44.95 60.66 54.94
C ASP H 113 -45.68 60.15 56.17
N GLY H 114 -44.94 60.06 57.27
CA GLY H 114 -45.56 59.89 58.57
C GLY H 114 -46.31 61.14 59.00
N ARG H 115 -45.88 62.30 58.51
CA ARG H 115 -46.66 63.53 58.64
C ARG H 115 -47.74 63.64 57.58
N LYS H 116 -47.88 62.62 56.72
CA LYS H 116 -48.92 62.50 55.69
C LYS H 116 -48.87 63.63 54.67
N ILE H 117 -47.69 64.21 54.44
CA ILE H 117 -47.52 65.25 53.45
C ILE H 117 -46.61 64.71 52.36
N SER H 118 -47.19 64.44 51.21
CA SER H 118 -46.48 63.82 50.11
C SER H 118 -45.48 64.78 49.49
N HIS H 119 -44.31 64.25 49.12
CA HIS H 119 -43.32 65.00 48.38
C HIS H 119 -42.80 64.12 47.26
N SER H 120 -41.72 64.53 46.61
CA SER H 120 -41.23 63.79 45.45
C SER H 120 -39.73 63.99 45.31
N CYS H 121 -39.01 62.89 45.17
CA CYS H 121 -37.64 62.94 44.67
C CYS H 121 -37.68 63.03 43.16
N THR H 122 -37.08 64.08 42.63
CA THR H 122 -37.26 64.49 41.25
C THR H 122 -35.91 64.78 40.64
N HIS H 123 -35.37 63.81 39.93
CA HIS H 123 -34.10 64.03 39.29
C HIS H 123 -34.30 64.20 37.79
N PRO H 124 -33.59 65.13 37.17
CA PRO H 124 -33.51 65.17 35.70
C PRO H 124 -32.90 63.88 35.18
N PHE H 125 -33.69 63.12 34.45
CA PHE H 125 -33.40 61.72 34.19
C PHE H 125 -33.95 61.35 32.81
N HIS H 126 -33.09 61.45 31.80
CA HIS H 126 -33.53 61.27 30.41
C HIS H 126 -33.52 59.80 30.06
N HIS H 127 -34.37 59.03 30.72
CA HIS H 127 -34.64 57.69 30.28
C HIS H 127 -35.48 57.76 29.02
N ASP H 128 -35.11 56.97 28.03
CA ASP H 128 -35.87 56.91 26.80
C ASP H 128 -36.30 55.47 26.58
N PRO H 129 -37.61 55.19 26.63
CA PRO H 129 -38.11 53.83 26.39
C PRO H 129 -37.80 53.38 24.96
N PRO H 130 -37.43 52.11 24.78
CA PRO H 130 -36.85 51.69 23.51
C PRO H 130 -37.94 51.40 22.48
N VAL H 131 -37.47 50.95 21.32
CA VAL H 131 -38.34 50.54 20.22
C VAL H 131 -38.11 49.06 19.99
N ILE H 132 -39.14 48.36 19.50
CA ILE H 132 -39.08 46.92 19.28
C ILE H 132 -40.06 46.57 18.17
N GLY H 133 -39.62 45.72 17.24
CA GLY H 133 -40.49 45.31 16.16
C GLY H 133 -40.58 46.38 15.08
N ARG H 134 -41.80 46.55 14.55
CA ARG H 134 -42.08 47.52 13.50
C ARG H 134 -43.30 48.38 13.80
N GLU H 135 -44.03 48.10 14.88
CA GLU H 135 -45.37 48.63 15.06
C GLU H 135 -45.49 49.52 16.29
N LYS H 136 -46.43 50.48 16.20
CA LYS H 136 -46.85 51.34 17.29
C LYS H 136 -48.35 51.17 17.51
N PHE H 137 -48.97 52.02 18.32
CA PHE H 137 -50.35 51.78 18.73
C PHE H 137 -51.09 53.09 19.01
N HIS H 138 -52.39 53.09 18.69
CA HIS H 138 -53.30 54.21 18.97
C HIS H 138 -54.22 53.90 20.14
N SER H 139 -54.97 52.80 20.07
CA SER H 139 -55.82 52.34 21.16
C SER H 139 -55.15 51.15 21.86
N ARG H 140 -55.79 50.68 22.93
CA ARG H 140 -55.23 49.54 23.64
C ARG H 140 -55.49 48.25 22.86
N PRO H 141 -54.49 47.36 22.74
CA PRO H 141 -54.70 46.12 21.95
C PRO H 141 -55.30 44.95 22.74
N GLN H 142 -56.42 44.43 22.26
CA GLN H 142 -56.93 43.13 22.69
C GLN H 142 -57.05 42.15 21.52
N HIS H 143 -56.55 42.52 20.34
CA HIS H 143 -56.62 41.65 19.17
C HIS H 143 -55.38 41.93 18.32
N GLY H 144 -54.40 41.04 18.40
CA GLY H 144 -53.11 41.27 17.79
C GLY H 144 -52.46 39.98 17.36
N ARG H 145 -51.16 40.05 17.06
CA ARG H 145 -50.42 38.89 16.59
C ARG H 145 -49.15 38.73 17.40
N GLU H 146 -48.28 37.85 16.93
CA GLU H 146 -47.15 37.37 17.72
C GLU H 146 -45.88 38.18 17.47
N LEU H 147 -45.13 38.44 18.55
CA LEU H 147 -43.73 38.84 18.39
C LEU H 147 -42.88 38.31 19.54
N PRO H 148 -41.77 37.63 19.25
CA PRO H 148 -40.85 37.23 20.33
C PRO H 148 -40.10 38.41 20.89
N CYS H 149 -39.82 38.33 22.19
CA CYS H 149 -39.27 39.45 22.95
C CYS H 149 -38.74 38.93 24.27
N SER H 150 -38.38 39.85 25.17
CA SER H 150 -37.88 39.51 26.48
C SER H 150 -38.28 40.58 27.46
N THR H 151 -38.52 40.18 28.71
CA THR H 151 -38.97 41.09 29.75
C THR H 151 -38.51 40.56 31.10
N TYR H 152 -38.62 41.41 32.12
CA TYR H 152 -38.21 41.03 33.46
C TYR H 152 -39.16 40.00 34.04
N ALA H 153 -38.64 38.81 34.32
CA ALA H 153 -39.42 37.77 34.96
C ALA H 153 -39.67 38.14 36.42
N GLN H 154 -40.89 37.86 36.88
CA GLN H 154 -41.32 38.24 38.22
C GLN H 154 -41.05 37.08 39.17
N SER H 155 -39.78 36.95 39.57
CA SER H 155 -39.34 35.88 40.44
C SER H 155 -38.55 36.44 41.62
N THR H 156 -38.84 35.92 42.81
CA THR H 156 -38.06 36.26 44.00
C THR H 156 -36.74 35.51 44.06
N ALA H 157 -36.57 34.47 43.25
CA ALA H 157 -35.41 33.59 43.35
C ALA H 157 -34.34 33.99 42.34
N ALA H 158 -33.73 35.15 42.60
CA ALA H 158 -32.53 35.59 41.90
C ALA H 158 -31.46 35.81 42.97
N THR H 159 -30.58 34.83 43.11
CA THR H 159 -29.56 34.85 44.13
C THR H 159 -28.23 35.24 43.50
N ALA H 160 -27.25 35.60 44.33
CA ALA H 160 -25.87 35.93 43.95
C ALA H 160 -25.80 37.18 43.06
N GLU H 161 -26.76 38.08 43.20
CA GLU H 161 -26.60 39.44 42.70
C GLU H 161 -26.87 40.35 43.90
N GLU H 162 -26.10 41.43 44.02
CA GLU H 162 -26.10 42.22 45.24
C GLU H 162 -26.10 43.70 44.93
N ILE H 163 -26.37 44.49 45.97
CA ILE H 163 -26.02 45.90 46.04
C ILE H 163 -25.13 46.08 47.25
N GLU H 164 -24.52 47.27 47.35
CA GLU H 164 -23.55 47.54 48.39
C GLU H 164 -24.26 48.08 49.62
N VAL H 165 -24.32 47.26 50.66
CA VAL H 165 -24.96 47.62 51.93
C VAL H 165 -23.89 47.56 53.01
N HIS H 166 -23.81 48.62 53.81
CA HIS H 166 -22.65 48.77 54.68
C HIS H 166 -22.99 49.58 55.92
N MET H 167 -22.18 49.39 56.96
CA MET H 167 -22.26 50.14 58.21
C MET H 167 -22.20 51.65 57.95
N PRO H 168 -22.91 52.45 58.76
CA PRO H 168 -23.11 53.86 58.38
C PRO H 168 -21.83 54.65 58.55
N PRO H 169 -21.70 55.78 57.86
CA PRO H 169 -20.64 56.74 58.19
C PRO H 169 -20.79 57.21 59.62
N ASP H 170 -21.92 57.87 59.90
CA ASP H 170 -22.48 58.19 61.21
C ASP H 170 -23.91 58.65 60.97
N THR H 171 -24.51 59.21 62.01
CA THR H 171 -25.69 60.06 61.86
C THR H 171 -25.44 61.30 62.70
N PRO H 172 -24.71 62.29 62.14
CA PRO H 172 -24.43 63.51 62.91
C PRO H 172 -25.69 64.34 63.12
N ASP H 173 -26.11 64.44 64.37
CA ASP H 173 -27.33 65.15 64.75
C ASP H 173 -26.93 66.28 65.67
N ARG H 174 -27.06 67.52 65.18
CA ARG H 174 -26.73 68.68 65.97
C ARG H 174 -27.88 69.16 66.85
N THR H 175 -28.85 68.28 67.12
CA THR H 175 -29.93 68.54 68.06
C THR H 175 -29.75 67.79 69.38
N LEU H 176 -28.55 67.26 69.62
CA LEU H 176 -28.28 66.47 70.81
C LEU H 176 -27.43 67.20 71.84
N MET H 177 -26.84 68.33 71.47
CA MET H 177 -25.86 69.03 72.30
C MET H 177 -26.53 70.25 72.93
N SER H 178 -27.13 70.05 74.09
CA SER H 178 -27.70 71.15 74.86
C SER H 178 -26.62 71.80 75.71
N GLN H 179 -26.71 73.12 75.85
CA GLN H 179 -25.68 73.91 76.52
C GLN H 179 -26.10 74.20 77.96
N GLN H 180 -25.20 73.94 78.90
CA GLN H 180 -25.42 74.28 80.30
C GLN H 180 -24.33 75.27 80.73
N SER H 181 -24.61 76.56 80.48
CA SER H 181 -23.77 77.71 80.83
C SER H 181 -22.34 77.56 80.30
N GLY H 182 -22.24 77.51 78.98
CA GLY H 182 -20.95 77.37 78.33
C GLY H 182 -20.40 75.97 78.29
N ASN H 183 -21.15 74.99 78.78
CA ASN H 183 -20.81 73.58 78.61
C ASN H 183 -21.70 72.99 77.53
N VAL H 184 -21.63 71.68 77.35
CA VAL H 184 -22.44 70.97 76.38
C VAL H 184 -22.94 69.69 77.04
N LYS H 185 -24.25 69.52 77.12
CA LYS H 185 -24.85 68.27 77.57
C LYS H 185 -25.25 67.52 76.31
N ILE H 186 -24.43 66.54 75.92
CA ILE H 186 -24.73 65.71 74.78
C ILE H 186 -25.86 64.77 75.19
N THR H 187 -27.08 65.13 74.83
CA THR H 187 -28.26 64.32 75.12
C THR H 187 -28.30 63.19 74.09
N VAL H 188 -27.78 62.03 74.50
CA VAL H 188 -27.64 60.92 73.57
C VAL H 188 -28.98 60.25 73.31
N ASN H 189 -29.77 60.02 74.37
CA ASN H 189 -31.15 59.52 74.32
C ASN H 189 -31.24 58.15 73.63
N SER H 190 -30.65 57.15 74.30
CA SER H 190 -30.66 55.73 73.91
C SER H 190 -30.02 55.52 72.53
N GLN H 191 -28.86 56.15 72.34
CA GLN H 191 -28.08 56.01 71.11
C GLN H 191 -26.63 55.70 71.45
N THR H 192 -25.74 55.78 70.46
CA THR H 192 -24.32 55.58 70.67
C THR H 192 -23.61 56.70 69.92
N VAL H 193 -23.29 57.79 70.63
CA VAL H 193 -22.90 59.05 70.02
C VAL H 193 -21.39 59.17 70.06
N ARG H 194 -20.77 59.37 68.89
CA ARG H 194 -19.35 59.70 68.81
C ARG H 194 -19.20 61.21 68.75
N TYR H 195 -18.60 61.80 69.77
CA TYR H 195 -18.34 63.23 69.78
C TYR H 195 -16.96 63.53 69.23
N LYS H 196 -16.86 64.70 68.59
CA LYS H 196 -15.62 65.24 68.05
C LYS H 196 -15.58 66.71 68.49
N CYS H 197 -14.84 67.00 69.55
CA CYS H 197 -14.90 68.31 70.18
C CYS H 197 -13.55 69.01 70.08
N ASN H 198 -13.60 70.30 69.74
CA ASN H 198 -12.41 71.15 69.77
C ASN H 198 -12.30 71.92 71.08
N CYS H 199 -12.37 71.21 72.21
CA CYS H 199 -12.28 71.85 73.51
C CYS H 199 -11.34 71.01 74.39
N GLY H 200 -11.36 71.30 75.68
CA GLY H 200 -10.61 70.51 76.63
C GLY H 200 -11.43 69.41 77.27
N ASP H 201 -10.70 68.41 77.78
CA ASP H 201 -11.04 67.32 78.69
C ASP H 201 -11.98 66.25 78.12
N SER H 202 -12.55 66.51 76.93
CA SER H 202 -13.30 65.49 76.20
C SER H 202 -13.34 65.94 74.74
N ASN H 203 -12.42 65.43 73.92
CA ASN H 203 -12.35 65.84 72.52
C ASN H 203 -13.07 64.88 71.58
N GLU H 204 -12.59 63.65 71.50
CA GLU H 204 -13.07 62.71 70.49
C GLU H 204 -13.27 61.35 71.15
N GLY H 205 -14.48 60.83 71.05
CA GLY H 205 -14.75 59.57 71.72
C GLY H 205 -16.23 59.24 71.76
N LEU H 206 -16.50 58.02 72.17
CA LEU H 206 -17.87 57.51 72.22
C LEU H 206 -18.52 57.84 73.56
N THR H 207 -19.85 57.92 73.54
CA THR H 207 -20.63 58.09 74.75
C THR H 207 -21.99 57.46 74.55
N THR H 208 -22.56 57.00 75.66
CA THR H 208 -23.91 56.47 75.70
C THR H 208 -24.85 57.30 76.58
N THR H 209 -24.31 58.27 77.32
CA THR H 209 -25.09 59.08 78.25
C THR H 209 -25.01 60.55 77.87
N ASP H 210 -25.90 61.34 78.45
CA ASP H 210 -25.96 62.77 78.18
C ASP H 210 -24.77 63.44 78.84
N LYS H 211 -23.66 63.51 78.10
CA LYS H 211 -22.35 63.75 78.68
C LYS H 211 -22.10 65.25 78.85
N VAL H 212 -21.35 65.59 79.89
CA VAL H 212 -20.98 66.97 80.19
C VAL H 212 -19.64 67.25 79.53
N ILE H 213 -19.65 68.16 78.56
CA ILE H 213 -18.48 68.61 77.84
C ILE H 213 -18.29 70.08 78.19
N ASN H 214 -17.50 70.35 79.22
CA ASN H 214 -17.39 71.69 79.76
C ASN H 214 -16.54 72.57 78.84
N ASN H 215 -16.62 73.89 79.10
CA ASN H 215 -16.06 75.00 78.33
C ASN H 215 -16.26 74.87 76.82
N CYS H 216 -17.38 74.29 76.42
CA CYS H 216 -17.59 73.88 75.04
C CYS H 216 -18.95 74.36 74.56
N LYS H 217 -19.04 74.67 73.28
CA LYS H 217 -20.26 75.19 72.68
C LYS H 217 -20.76 74.25 71.60
N VAL H 218 -21.84 74.67 70.93
CA VAL H 218 -22.44 73.87 69.87
C VAL H 218 -21.51 73.79 68.66
N ASP H 219 -20.92 74.93 68.28
CA ASP H 219 -19.91 74.93 67.24
C ASP H 219 -18.60 74.28 67.68
N GLN H 220 -18.42 74.07 68.98
CA GLN H 220 -17.26 73.39 69.50
C GLN H 220 -17.50 71.91 69.76
N CYS H 221 -18.75 71.45 69.71
CA CYS H 221 -19.08 70.05 69.93
C CYS H 221 -19.60 69.40 68.66
N HIS H 222 -19.60 68.07 68.68
CA HIS H 222 -20.20 67.26 67.63
C HIS H 222 -20.96 66.12 68.28
N ALA H 223 -22.02 65.67 67.61
CA ALA H 223 -22.85 64.57 68.10
C ALA H 223 -23.17 63.67 66.91
N ALA H 224 -22.32 62.69 66.68
CA ALA H 224 -22.45 61.78 65.55
C ALA H 224 -22.82 60.40 66.09
N VAL H 225 -24.00 59.91 65.70
CA VAL H 225 -24.49 58.65 66.22
C VAL H 225 -23.90 57.50 65.41
N THR H 226 -23.15 56.64 66.08
CA THR H 226 -22.67 55.40 65.48
C THR H 226 -23.82 54.41 65.50
N ASN H 227 -24.58 54.37 64.40
CA ASN H 227 -25.77 53.53 64.33
C ASN H 227 -25.37 52.08 64.13
N HIS H 228 -25.79 51.22 65.06
CA HIS H 228 -25.60 49.78 64.87
C HIS H 228 -26.81 48.99 65.34
N LYS H 229 -27.97 49.62 65.50
CA LYS H 229 -29.18 48.93 65.92
C LYS H 229 -30.28 48.97 64.86
N LYS H 230 -30.70 50.16 64.44
CA LYS H 230 -31.71 50.33 63.40
C LYS H 230 -30.99 50.49 62.07
N TRP H 231 -31.44 49.72 61.06
CA TRP H 231 -30.64 49.48 59.85
C TRP H 231 -31.48 49.72 58.59
N GLN H 232 -31.19 50.79 57.86
CA GLN H 232 -31.90 51.10 56.61
C GLN H 232 -30.96 51.72 55.58
N TYR H 233 -30.98 51.19 54.35
CA TYR H 233 -29.89 51.33 53.38
C TYR H 233 -30.04 52.57 52.49
N ASN H 234 -29.14 52.62 51.50
CA ASN H 234 -29.06 53.66 50.47
C ASN H 234 -28.30 53.06 49.28
N SER H 235 -27.80 53.93 48.41
CA SER H 235 -26.85 53.53 47.39
C SER H 235 -25.42 53.76 47.88
N PRO H 236 -24.41 53.17 47.22
CA PRO H 236 -23.02 53.51 47.58
C PRO H 236 -22.51 54.79 46.95
N LEU H 237 -23.41 55.64 46.42
CA LEU H 237 -22.99 56.96 45.98
C LEU H 237 -22.61 57.85 47.16
N VAL H 238 -23.29 57.68 48.29
CA VAL H 238 -22.98 58.38 49.53
C VAL H 238 -21.78 57.68 50.16
N PRO H 239 -20.96 58.35 50.98
CA PRO H 239 -19.68 57.78 51.39
C PRO H 239 -19.82 56.66 52.42
N ARG H 240 -18.68 56.12 52.81
CA ARG H 240 -18.58 54.94 53.65
C ARG H 240 -18.41 55.31 55.12
N ASN H 241 -18.39 54.28 55.97
CA ASN H 241 -17.69 54.35 57.24
C ASN H 241 -16.19 54.34 56.94
N ALA H 242 -15.51 55.39 57.35
CA ALA H 242 -14.13 55.67 56.92
C ALA H 242 -13.10 55.31 57.98
N GLU H 243 -13.29 54.18 58.67
CA GLU H 243 -12.32 53.72 59.65
C GLU H 243 -11.54 52.50 59.18
N LEU H 244 -12.03 51.82 58.15
CA LEU H 244 -11.42 50.60 57.61
C LEU H 244 -11.78 50.55 56.13
N GLY H 245 -11.70 49.35 55.54
CA GLY H 245 -12.28 49.15 54.23
C GLY H 245 -13.80 49.12 54.24
N ASP H 246 -14.41 48.26 53.45
CA ASP H 246 -15.86 48.28 53.30
C ASP H 246 -16.51 47.13 54.06
N ARG H 247 -17.62 47.45 54.71
CA ARG H 247 -18.58 46.43 55.11
C ARG H 247 -19.19 45.84 53.85
N LYS H 248 -18.95 44.56 53.61
CA LYS H 248 -19.34 43.95 52.34
C LYS H 248 -20.85 43.79 52.26
N GLY H 249 -21.42 44.24 51.15
CA GLY H 249 -22.85 44.22 50.94
C GLY H 249 -23.31 42.86 50.43
N LYS H 250 -24.29 42.30 51.12
CA LYS H 250 -24.84 40.99 50.75
C LYS H 250 -26.35 41.02 50.95
N VAL H 251 -27.06 41.29 49.85
CA VAL H 251 -28.50 41.10 49.74
C VAL H 251 -28.78 40.56 48.34
N HIS H 252 -29.46 39.41 48.27
CA HIS H 252 -29.85 38.89 46.96
C HIS H 252 -30.97 39.76 46.40
N ILE H 253 -30.85 40.12 45.12
CA ILE H 253 -31.78 41.07 44.55
C ILE H 253 -32.60 40.41 43.44
N PRO H 254 -33.91 40.37 43.59
CA PRO H 254 -34.75 39.51 42.73
C PRO H 254 -35.13 40.09 41.39
N PHE H 255 -36.11 39.44 40.75
CA PHE H 255 -36.76 39.80 39.49
C PHE H 255 -35.82 39.77 38.29
N PRO H 256 -35.39 38.58 37.84
CA PRO H 256 -34.53 38.49 36.67
C PRO H 256 -35.29 38.68 35.37
N LEU H 257 -34.64 38.44 34.24
CA LEU H 257 -35.25 38.61 32.92
C LEU H 257 -35.37 37.25 32.22
N ALA H 258 -36.36 37.13 31.33
CA ALA H 258 -36.57 35.92 30.55
C ALA H 258 -37.31 36.29 29.27
N ASN H 259 -37.32 35.35 28.32
CA ASN H 259 -37.89 35.60 27.01
C ASN H 259 -39.35 35.14 26.92
N VAL H 260 -40.16 35.96 26.25
CA VAL H 260 -41.61 35.75 26.08
C VAL H 260 -41.99 36.14 24.67
N THR H 261 -43.29 36.11 24.36
CA THR H 261 -43.82 36.77 23.17
C THR H 261 -44.76 37.88 23.60
N CYS H 262 -45.30 38.58 22.62
CA CYS H 262 -46.15 39.73 22.89
C CYS H 262 -47.23 39.84 21.82
N ARG H 263 -48.37 40.38 22.25
CA ARG H 263 -49.52 40.67 21.39
C ARG H 263 -49.27 41.98 20.64
N VAL H 264 -48.35 41.90 19.69
CA VAL H 264 -47.91 43.03 18.88
C VAL H 264 -49.04 43.42 17.95
N PRO H 265 -49.20 44.69 17.61
CA PRO H 265 -50.06 45.06 16.48
C PRO H 265 -49.55 44.45 15.19
N LYS H 266 -50.49 44.23 14.27
CA LYS H 266 -50.19 43.70 12.95
C LYS H 266 -49.92 44.87 12.01
N ALA H 267 -49.88 44.59 10.71
CA ALA H 267 -49.73 45.64 9.71
C ALA H 267 -50.75 45.44 8.60
N ARG H 268 -51.44 46.51 8.24
CA ARG H 268 -52.55 46.43 7.30
C ARG H 268 -52.05 46.12 5.89
N ASN H 269 -52.71 45.19 5.23
CA ASN H 269 -52.32 44.77 3.88
C ASN H 269 -52.59 45.87 2.88
N PRO H 270 -51.64 46.20 2.01
CA PRO H 270 -51.86 47.25 1.02
C PRO H 270 -52.37 46.67 -0.30
N THR H 271 -52.67 47.57 -1.22
CA THR H 271 -53.27 47.22 -2.50
C THR H 271 -52.30 47.52 -3.63
N VAL H 272 -52.35 46.72 -4.69
CA VAL H 272 -51.37 46.81 -5.76
C VAL H 272 -52.04 46.45 -7.08
N THR H 273 -51.46 46.97 -8.16
CA THR H 273 -51.76 46.54 -9.51
C THR H 273 -50.45 46.31 -10.23
N TYR H 274 -50.53 45.61 -11.35
CA TYR H 274 -49.38 45.46 -12.24
C TYR H 274 -49.50 46.45 -13.39
N GLY H 275 -48.35 46.79 -13.95
CA GLY H 275 -48.26 47.63 -15.12
C GLY H 275 -47.02 47.19 -15.86
N LYS H 276 -46.71 47.91 -16.94
CA LYS H 276 -45.76 47.43 -17.95
C LYS H 276 -44.38 47.34 -17.33
N ASN H 277 -44.02 46.11 -16.95
CA ASN H 277 -42.78 45.73 -16.28
C ASN H 277 -42.61 46.41 -14.93
N GLN H 278 -43.71 46.68 -14.24
CA GLN H 278 -43.64 47.39 -12.96
C GLN H 278 -44.88 47.10 -12.13
N VAL H 279 -44.88 47.63 -10.91
CA VAL H 279 -45.96 47.42 -9.95
C VAL H 279 -46.32 48.75 -9.32
N ILE H 280 -47.58 48.86 -8.91
CA ILE H 280 -48.20 50.12 -8.47
C ILE H 280 -48.91 49.83 -7.16
N MET H 281 -48.33 50.24 -6.04
CA MET H 281 -48.77 49.80 -4.71
C MET H 281 -49.25 50.99 -3.88
N LEU H 282 -50.56 51.10 -3.71
CA LEU H 282 -51.14 52.00 -2.73
C LEU H 282 -51.04 51.36 -1.36
N LEU H 283 -50.71 52.15 -0.35
CA LEU H 283 -50.58 51.67 1.02
C LEU H 283 -51.54 52.43 1.92
N TYR H 284 -52.54 51.72 2.42
CA TYR H 284 -53.24 52.05 3.66
C TYR H 284 -52.21 52.20 4.77
N PRO H 285 -52.12 53.33 5.43
CA PRO H 285 -51.23 53.44 6.58
C PRO H 285 -51.92 53.09 7.88
N ASP H 286 -51.17 52.97 8.93
CA ASP H 286 -51.71 52.94 10.28
C ASP H 286 -51.00 53.91 11.20
N HIS H 287 -49.70 54.07 11.02
CA HIS H 287 -48.77 54.81 11.86
C HIS H 287 -47.47 54.80 11.06
N PRO H 288 -46.41 55.53 11.47
CA PRO H 288 -45.14 55.41 10.74
C PRO H 288 -44.50 54.04 10.90
N THR H 289 -44.53 53.27 9.83
CA THR H 289 -44.02 51.90 9.83
C THR H 289 -43.01 51.77 8.71
N LEU H 290 -41.92 51.07 9.00
CA LEU H 290 -40.90 50.84 8.00
C LEU H 290 -41.39 49.87 6.91
N LEU H 291 -40.71 49.94 5.78
CA LEU H 291 -40.95 49.08 4.63
C LEU H 291 -39.62 48.84 3.94
N SER H 292 -39.48 47.65 3.36
CA SER H 292 -38.25 47.26 2.69
C SER H 292 -38.61 46.52 1.41
N TYR H 293 -37.65 46.46 0.48
CA TYR H 293 -37.82 45.63 -0.70
C TYR H 293 -36.46 45.28 -1.29
N ARG H 294 -36.49 44.30 -2.19
CA ARG H 294 -35.28 43.74 -2.79
C ARG H 294 -35.66 42.93 -4.02
N ASN H 295 -34.64 42.56 -4.80
CA ASN H 295 -34.82 41.64 -5.91
C ASN H 295 -33.99 40.38 -5.65
N MET H 296 -34.14 39.40 -6.55
CA MET H 296 -33.77 38.00 -6.30
C MET H 296 -32.64 37.51 -7.18
N GLY H 297 -31.55 38.27 -7.25
CA GLY H 297 -30.43 37.84 -8.06
C GLY H 297 -29.08 37.93 -7.39
N GLU H 298 -28.10 38.44 -8.13
CA GLU H 298 -26.72 38.51 -7.63
C GLU H 298 -26.59 39.45 -6.44
N GLU H 299 -27.42 40.48 -6.39
CA GLU H 299 -27.53 41.35 -5.24
C GLU H 299 -29.01 41.48 -4.91
N PRO H 300 -29.34 41.74 -3.65
CA PRO H 300 -30.75 41.98 -3.32
C PRO H 300 -31.18 43.37 -3.72
N ASN H 301 -30.25 44.34 -3.65
CA ASN H 301 -30.50 45.76 -3.89
C ASN H 301 -31.64 46.28 -3.02
N TYR H 302 -31.56 45.92 -1.74
CA TYR H 302 -32.65 46.12 -0.81
C TYR H 302 -32.69 47.58 -0.36
N GLN H 303 -33.83 48.22 -0.52
CA GLN H 303 -34.01 49.60 -0.10
C GLN H 303 -35.09 49.66 0.97
N GLU H 304 -34.83 50.49 1.98
CA GLU H 304 -35.53 50.51 3.25
C GLU H 304 -35.90 51.94 3.58
N GLU H 305 -37.04 52.09 4.25
CA GLU H 305 -37.54 53.41 4.60
C GLU H 305 -38.59 53.23 5.68
N TRP H 306 -39.07 54.35 6.22
CA TRP H 306 -40.32 54.39 6.94
C TRP H 306 -41.35 55.12 6.10
N VAL H 307 -42.52 54.53 5.95
CA VAL H 307 -43.64 55.16 5.27
C VAL H 307 -44.65 55.56 6.33
N THR H 308 -45.44 56.58 6.01
CA THR H 308 -46.29 57.24 6.99
C THR H 308 -47.74 57.33 6.58
N HIS H 309 -48.02 57.53 5.29
CA HIS H 309 -49.37 57.92 4.89
C HIS H 309 -49.97 56.97 3.87
N LYS H 310 -51.11 57.36 3.30
CA LYS H 310 -51.70 56.61 2.20
C LYS H 310 -50.80 56.80 1.00
N LYS H 311 -49.87 55.89 0.79
CA LYS H 311 -48.76 56.15 -0.10
C LYS H 311 -48.80 55.22 -1.31
N GLU H 312 -49.00 55.81 -2.47
CA GLU H 312 -48.88 55.10 -3.73
C GLU H 312 -47.43 55.13 -4.15
N ILE H 313 -46.79 53.97 -4.18
CA ILE H 313 -45.39 53.83 -4.52
C ILE H 313 -45.28 52.94 -5.74
N ARG H 314 -44.47 53.37 -6.71
CA ARG H 314 -44.32 52.68 -7.97
C ARG H 314 -42.93 52.07 -8.03
N LEU H 315 -42.86 50.78 -8.36
CA LEU H 315 -41.58 50.10 -8.44
C LEU H 315 -41.46 49.35 -9.76
N THR H 316 -40.38 49.61 -10.49
CA THR H 316 -40.10 48.76 -11.63
C THR H 316 -39.63 47.39 -11.15
N VAL H 317 -39.93 46.37 -11.94
CA VAL H 317 -39.69 44.98 -11.58
C VAL H 317 -38.68 44.41 -12.56
N PRO H 318 -37.63 43.75 -12.10
CA PRO H 318 -36.74 43.02 -13.01
C PRO H 318 -37.39 41.72 -13.48
N THR H 319 -36.61 40.93 -14.21
CA THR H 319 -37.09 39.64 -14.70
C THR H 319 -37.25 38.62 -13.60
N GLU H 320 -36.66 38.85 -12.43
CA GLU H 320 -36.67 37.93 -11.30
C GLU H 320 -37.71 38.27 -10.26
N GLY H 321 -38.71 39.08 -10.59
CA GLY H 321 -39.73 39.44 -9.63
C GLY H 321 -39.25 40.47 -8.64
N LEU H 322 -40.07 40.68 -7.62
CA LEU H 322 -39.76 41.64 -6.57
C LEU H 322 -40.23 41.12 -5.23
N GLU H 323 -39.45 41.40 -4.19
CA GLU H 323 -39.78 41.01 -2.83
C GLU H 323 -39.91 42.27 -1.99
N VAL H 324 -41.12 42.57 -1.56
CA VAL H 324 -41.37 43.72 -0.71
C VAL H 324 -41.85 43.21 0.65
N THR H 325 -41.11 43.57 1.69
CA THR H 325 -41.49 43.24 3.05
C THR H 325 -42.11 44.47 3.68
N TRP H 326 -43.37 44.36 4.06
CA TRP H 326 -44.11 45.46 4.63
C TRP H 326 -44.76 44.99 5.92
N GLY H 327 -44.35 45.59 7.02
CA GLY H 327 -44.70 45.11 8.34
C GLY H 327 -44.03 43.79 8.63
N ASN H 328 -44.47 43.13 9.70
CA ASN H 328 -44.03 41.78 10.01
C ASN H 328 -44.98 40.74 9.45
N ASN H 329 -45.59 41.03 8.32
CA ASN H 329 -46.52 40.13 7.65
C ASN H 329 -45.73 39.15 6.78
N GLU H 330 -46.42 38.49 5.87
CA GLU H 330 -45.76 37.72 4.83
C GLU H 330 -44.89 38.61 3.96
N PRO H 331 -43.67 38.21 3.66
CA PRO H 331 -42.88 38.95 2.67
C PRO H 331 -43.40 38.76 1.26
N TYR H 332 -43.97 39.82 0.68
CA TYR H 332 -44.71 39.71 -0.56
C TYR H 332 -43.81 39.50 -1.75
N LYS H 333 -44.12 38.46 -2.52
CA LYS H 333 -43.27 37.93 -3.56
C LYS H 333 -43.96 38.08 -4.91
N TYR H 334 -43.20 38.50 -5.93
CA TYR H 334 -43.79 38.78 -7.23
C TYR H 334 -42.87 38.35 -8.36
N TRP H 335 -43.48 38.02 -9.50
CA TRP H 335 -42.77 37.59 -10.69
C TRP H 335 -43.39 38.23 -11.93
N PRO H 336 -42.56 38.64 -12.90
CA PRO H 336 -43.09 39.37 -14.06
C PRO H 336 -43.63 38.41 -15.10
N GLN H 337 -44.68 38.86 -15.79
CA GLN H 337 -45.12 38.25 -17.02
C GLN H 337 -44.95 39.29 -18.14
N LEU H 338 -44.61 38.82 -19.34
CA LEU H 338 -44.63 39.66 -20.55
C LEU H 338 -45.99 40.34 -20.68
N SER H 339 -45.97 41.66 -20.87
CA SER H 339 -47.02 42.49 -20.31
C SER H 339 -48.35 42.44 -21.06
N THR H 340 -48.44 42.98 -22.28
CA THR H 340 -49.71 42.99 -22.98
C THR H 340 -49.69 42.24 -24.31
N ASN H 341 -48.94 42.74 -25.29
CA ASN H 341 -49.08 42.30 -26.68
C ASN H 341 -48.02 42.96 -27.56
N GLY H 342 -47.53 42.25 -28.57
CA GLY H 342 -46.80 42.95 -29.60
C GLY H 342 -47.67 43.40 -30.76
N THR H 343 -48.16 42.45 -31.56
CA THR H 343 -48.88 42.67 -32.81
C THR H 343 -49.57 41.44 -33.35
N ALA H 344 -49.90 41.49 -34.64
CA ALA H 344 -50.15 40.35 -35.49
C ALA H 344 -48.91 40.11 -36.35
N HIS H 345 -49.03 39.26 -37.35
CA HIS H 345 -47.94 39.06 -38.30
C HIS H 345 -48.11 39.94 -39.53
N GLY H 346 -49.22 39.78 -40.26
CA GLY H 346 -49.71 40.78 -41.19
C GLY H 346 -48.85 41.06 -42.41
N HIS H 347 -49.28 42.07 -43.18
CA HIS H 347 -48.51 42.63 -44.28
C HIS H 347 -47.21 43.30 -43.83
N PRO H 348 -47.18 44.16 -42.74
CA PRO H 348 -45.87 44.64 -42.28
C PRO H 348 -45.06 43.57 -41.58
N HIS H 349 -43.88 43.95 -41.12
CA HIS H 349 -43.05 43.08 -40.31
C HIS H 349 -43.76 42.75 -39.02
N GLU H 350 -43.95 43.74 -38.15
CA GLU H 350 -44.73 43.67 -36.91
C GLU H 350 -44.32 42.53 -36.00
N ILE H 351 -43.07 42.11 -36.04
CA ILE H 351 -42.53 41.18 -35.05
C ILE H 351 -41.48 41.88 -34.20
N ILE H 352 -41.08 43.09 -34.58
CA ILE H 352 -40.19 43.91 -33.78
C ILE H 352 -40.79 44.26 -32.43
N LEU H 353 -42.12 44.38 -32.35
CA LEU H 353 -42.75 44.74 -31.10
C LEU H 353 -43.40 43.55 -30.41
N TYR H 354 -43.65 42.47 -31.15
CA TYR H 354 -43.51 41.14 -30.55
C TYR H 354 -42.19 41.06 -29.80
N TYR H 355 -41.08 41.37 -30.47
CA TYR H 355 -39.78 41.39 -29.84
C TYR H 355 -39.62 42.54 -28.85
N TYR H 356 -40.51 43.53 -28.82
CA TYR H 356 -40.53 44.46 -27.72
C TYR H 356 -41.46 44.02 -26.61
N GLU H 357 -41.93 42.78 -26.66
CA GLU H 357 -42.45 42.07 -25.50
C GLU H 357 -41.47 40.98 -25.07
N LEU H 358 -41.02 40.18 -26.03
CA LEU H 358 -40.10 39.07 -25.80
C LEU H 358 -38.68 39.55 -26.04
N TYR H 359 -37.89 39.61 -24.96
CA TYR H 359 -36.64 40.36 -24.84
C TYR H 359 -36.85 41.78 -25.35
N PRO H 360 -37.58 42.61 -24.61
CA PRO H 360 -37.99 43.93 -25.15
C PRO H 360 -36.82 44.89 -25.32
N THR H 361 -36.53 45.23 -26.58
CA THR H 361 -35.57 46.25 -27.02
C THR H 361 -34.13 45.85 -26.67
N MET H 362 -33.94 44.65 -26.13
CA MET H 362 -32.62 44.11 -25.90
C MET H 362 -32.37 43.04 -26.96
N THR H 363 -31.14 43.02 -27.46
CA THR H 363 -30.74 42.26 -28.66
C THR H 363 -31.63 42.60 -29.85
N VAL H 364 -32.00 43.88 -29.96
CA VAL H 364 -32.60 44.37 -31.18
C VAL H 364 -31.61 45.22 -31.95
N VAL H 365 -30.47 45.54 -31.34
CA VAL H 365 -29.40 46.19 -32.07
C VAL H 365 -28.80 45.23 -33.09
N VAL H 366 -28.83 43.93 -32.80
CA VAL H 366 -28.08 42.96 -33.59
C VAL H 366 -28.76 42.75 -34.95
N VAL H 367 -30.08 42.79 -34.99
CA VAL H 367 -30.75 42.63 -36.27
C VAL H 367 -30.60 43.90 -37.11
N SER H 368 -30.53 45.06 -36.48
CA SER H 368 -30.32 46.30 -37.24
C SER H 368 -28.90 46.37 -37.79
N VAL H 369 -27.90 45.96 -37.00
CA VAL H 369 -26.55 45.95 -37.54
C VAL H 369 -26.36 44.85 -38.57
N ALA H 370 -27.13 43.76 -38.50
CA ALA H 370 -27.09 42.78 -39.57
C ALA H 370 -27.72 43.31 -40.84
N SER H 371 -28.75 44.16 -40.71
CA SER H 371 -29.28 44.87 -41.86
C SER H 371 -28.24 45.79 -42.47
N PHE H 372 -27.43 46.45 -41.63
CA PHE H 372 -26.36 47.27 -42.16
C PHE H 372 -25.28 46.43 -42.83
N VAL H 373 -25.03 45.23 -42.30
CA VAL H 373 -24.14 44.28 -42.95
C VAL H 373 -24.63 43.92 -44.36
N LEU H 374 -25.91 43.57 -44.47
CA LEU H 374 -26.41 43.09 -45.76
C LEU H 374 -26.48 44.23 -46.79
N LEU H 375 -26.85 45.43 -46.35
CA LEU H 375 -26.85 46.55 -47.29
C LEU H 375 -25.42 46.94 -47.70
N SER H 376 -24.45 46.81 -46.79
CA SER H 376 -23.08 47.11 -47.19
C SER H 376 -22.54 46.07 -48.15
N MET H 377 -22.90 44.79 -48.01
CA MET H 377 -22.34 43.82 -48.94
C MET H 377 -23.04 43.88 -50.30
N VAL H 378 -24.32 44.25 -50.35
CA VAL H 378 -24.88 44.47 -51.68
C VAL H 378 -24.33 45.77 -52.28
N GLY H 379 -23.94 46.72 -51.41
CA GLY H 379 -23.29 47.92 -51.91
C GLY H 379 -21.94 47.64 -52.55
N VAL H 380 -21.13 46.79 -51.91
CA VAL H 380 -19.86 46.45 -52.54
C VAL H 380 -20.05 45.50 -53.71
N ALA H 381 -21.19 44.80 -53.79
CA ALA H 381 -21.51 44.07 -55.02
C ALA H 381 -21.72 45.04 -56.18
N VAL H 382 -22.48 46.12 -55.96
CA VAL H 382 -22.66 47.11 -57.03
C VAL H 382 -21.36 47.84 -57.34
N GLY H 383 -20.51 48.04 -56.32
CA GLY H 383 -19.17 48.57 -56.58
C GLY H 383 -18.32 47.64 -57.42
N MET H 384 -18.51 46.33 -57.25
CA MET H 384 -17.84 45.40 -58.12
C MET H 384 -18.39 45.48 -59.53
N CYS H 385 -19.70 45.73 -59.69
CA CYS H 385 -20.25 45.98 -61.02
C CYS H 385 -19.66 47.24 -61.65
N MET H 386 -19.32 48.24 -60.82
CA MET H 386 -18.58 49.40 -61.30
C MET H 386 -17.19 48.99 -61.80
N CYS H 387 -16.52 48.11 -61.05
CA CYS H 387 -15.25 47.54 -61.55
C CYS H 387 -15.45 46.73 -62.82
N ALA H 388 -16.61 46.08 -62.96
CA ALA H 388 -16.89 45.29 -64.13
C ALA H 388 -17.03 46.17 -65.36
N ARG H 389 -17.78 47.25 -65.25
CA ARG H 389 -17.93 48.16 -66.37
C ARG H 389 -16.64 48.94 -66.62
N ARG H 390 -15.79 49.06 -65.59
CA ARG H 390 -14.43 49.51 -65.83
C ARG H 390 -13.66 48.51 -66.67
N ARG H 391 -13.93 47.22 -66.48
CA ARG H 391 -13.34 46.25 -67.38
C ARG H 391 -14.14 46.05 -68.64
N CYS H 392 -15.29 46.72 -68.78
CA CYS H 392 -15.94 46.80 -70.08
C CYS H 392 -15.42 47.95 -70.92
N ILE H 393 -14.49 48.74 -70.40
CA ILE H 393 -13.79 49.71 -71.23
C ILE H 393 -12.46 49.17 -71.71
N THR H 394 -11.96 48.10 -71.10
CA THR H 394 -10.81 47.36 -71.61
C THR H 394 -10.99 46.81 -73.02
N PRO H 395 -12.20 46.60 -73.57
CA PRO H 395 -12.30 46.55 -75.04
C PRO H 395 -12.67 47.86 -75.70
N TYR H 396 -12.80 48.96 -74.96
CA TYR H 396 -13.34 50.17 -75.55
C TYR H 396 -12.64 51.40 -75.04
N GLU H 397 -11.33 51.29 -74.87
CA GLU H 397 -10.53 52.38 -74.34
C GLU H 397 -10.56 53.58 -75.28
N LEU H 398 -9.83 53.47 -76.39
CA LEU H 398 -10.02 54.36 -77.52
C LEU H 398 -9.66 53.60 -78.79
N THR H 399 -10.20 52.39 -78.89
CA THR H 399 -9.84 51.47 -79.96
C THR H 399 -10.16 52.07 -81.33
N PRO H 400 -9.18 52.13 -82.23
CA PRO H 400 -9.35 52.90 -83.47
C PRO H 400 -10.37 52.27 -84.40
N GLY H 401 -11.54 52.90 -84.47
CA GLY H 401 -12.69 52.40 -85.19
C GLY H 401 -13.90 52.29 -84.28
N ALA H 402 -13.68 51.76 -83.06
CA ALA H 402 -14.55 51.91 -81.89
C ALA H 402 -15.99 51.51 -82.15
N THR H 403 -16.20 50.38 -82.80
CA THR H 403 -17.56 49.94 -83.07
C THR H 403 -18.11 49.19 -81.86
N VAL H 404 -19.35 49.52 -81.51
CA VAL H 404 -19.97 49.07 -80.27
C VAL H 404 -21.20 48.25 -80.64
N PRO H 405 -21.03 47.31 -81.58
CA PRO H 405 -22.08 47.03 -82.57
C PRO H 405 -23.39 46.55 -81.98
N PHE H 406 -23.33 45.64 -81.03
CA PHE H 406 -24.41 45.43 -80.11
C PHE H 406 -23.94 45.55 -78.67
N LEU H 407 -22.85 46.28 -78.43
CA LEU H 407 -22.22 46.24 -77.12
C LEU H 407 -22.61 47.44 -76.26
N LEU H 408 -22.95 48.57 -76.87
CA LEU H 408 -23.67 49.59 -76.12
C LEU H 408 -25.14 49.26 -75.94
N SER H 409 -25.62 48.17 -76.55
CA SER H 409 -26.86 47.54 -76.15
C SER H 409 -26.69 46.71 -74.88
N LEU H 410 -25.49 46.66 -74.31
CA LEU H 410 -25.22 45.91 -73.09
C LEU H 410 -24.85 46.83 -71.93
N ILE H 411 -23.80 47.64 -72.10
CA ILE H 411 -23.36 48.53 -71.04
C ILE H 411 -24.36 49.65 -70.84
N CYS H 412 -24.99 50.07 -71.94
CA CYS H 412 -26.07 51.06 -72.01
C CYS H 412 -25.60 52.41 -71.48
N CYS H 413 -24.56 52.92 -72.14
CA CYS H 413 -24.08 54.27 -71.83
C CYS H 413 -24.86 55.32 -72.63
N ILE H 414 -24.68 55.34 -73.94
CA ILE H 414 -25.18 56.40 -74.81
C ILE H 414 -25.62 55.80 -76.15
N ARG H 415 -26.08 56.67 -77.05
CA ARG H 415 -26.32 56.39 -78.47
C ARG H 415 -27.37 55.31 -78.71
N THR H 416 -28.62 55.68 -78.37
CA THR H 416 -29.78 54.83 -78.66
C THR H 416 -30.24 54.97 -80.11
N ALA H 417 -30.63 53.84 -80.70
CA ALA H 417 -31.16 53.78 -82.06
C ALA H 417 -31.96 52.48 -82.20
N LYS H 418 -32.29 52.12 -83.45
CA LYS H 418 -32.78 50.79 -83.83
C LYS H 418 -34.10 50.44 -83.15
N ALA H 419 -35.15 51.14 -83.59
CA ALA H 419 -36.55 51.02 -83.18
C ALA H 419 -36.74 51.48 -81.76
N ASN I 1 58.20 19.31 -84.36
CA ASN I 1 57.34 18.16 -84.14
C ASN I 1 57.31 17.26 -85.36
N ASP I 2 58.27 16.34 -85.44
CA ASP I 2 58.15 15.23 -86.36
C ASP I 2 56.96 14.40 -85.89
N CYS I 3 57.13 13.77 -84.72
CA CYS I 3 56.01 13.21 -83.95
C CYS I 3 56.26 13.50 -82.47
N ILE I 4 56.77 14.69 -82.18
CA ILE I 4 57.43 14.98 -80.92
C ILE I 4 56.43 15.61 -79.96
N PHE I 5 56.08 14.89 -78.90
CA PHE I 5 55.14 15.36 -77.90
C PHE I 5 55.77 15.25 -76.51
N GLU I 6 55.29 16.09 -75.59
CA GLU I 6 56.09 16.63 -74.50
C GLU I 6 55.39 16.45 -73.16
N VAL I 7 56.16 16.55 -72.08
CA VAL I 7 55.65 16.70 -70.72
C VAL I 7 56.20 17.99 -70.12
N LYS I 8 55.33 18.74 -69.44
CA LYS I 8 55.72 19.91 -68.64
C LYS I 8 54.88 19.92 -67.36
N HIS I 9 55.34 20.67 -66.36
CA HIS I 9 54.62 20.77 -65.09
C HIS I 9 55.13 21.95 -64.29
N GLU I 10 54.22 22.84 -63.89
CA GLU I 10 54.32 23.83 -62.80
C GLU I 10 55.47 24.84 -62.95
N GLY I 11 56.19 24.83 -64.06
CA GLY I 11 57.38 25.64 -64.18
C GLY I 11 58.64 24.80 -64.29
N LYS I 12 58.67 23.67 -63.59
CA LYS I 12 59.83 22.80 -63.67
C LYS I 12 59.79 21.99 -64.96
N VAL I 13 60.96 21.70 -65.51
CA VAL I 13 61.03 20.88 -66.70
C VAL I 13 61.05 19.42 -66.25
N THR I 14 60.03 18.65 -66.66
CA THR I 14 59.83 17.28 -66.23
C THR I 14 60.50 16.28 -67.15
N GLY I 15 61.60 16.69 -67.79
CA GLY I 15 62.17 15.88 -68.82
C GLY I 15 61.22 15.82 -70.01
N TYR I 16 61.31 14.72 -70.73
CA TYR I 16 60.44 14.48 -71.87
C TYR I 16 59.62 13.23 -71.60
N ALA I 17 58.40 13.20 -72.15
CA ALA I 17 57.57 12.00 -72.11
C ALA I 17 56.65 12.05 -73.32
N CYS I 18 56.68 11.00 -74.11
CA CYS I 18 55.80 10.86 -75.27
C CYS I 18 55.07 9.53 -75.22
N LEU I 19 53.93 9.49 -75.89
CA LEU I 19 53.28 8.22 -76.12
C LEU I 19 54.07 7.43 -77.14
N VAL I 20 53.98 6.10 -77.02
CA VAL I 20 54.59 5.20 -77.98
C VAL I 20 53.90 3.86 -77.84
N GLY I 21 53.51 3.28 -78.98
CA GLY I 21 52.91 1.96 -78.98
C GLY I 21 51.58 1.93 -78.28
N ASP I 22 51.61 1.40 -77.06
CA ASP I 22 50.42 1.22 -76.23
C ASP I 22 50.45 2.03 -74.95
N LYS I 23 51.57 2.68 -74.62
CA LYS I 23 51.74 3.33 -73.33
C LYS I 23 52.34 4.71 -73.51
N VAL I 24 51.74 5.71 -72.89
CA VAL I 24 52.44 6.97 -72.69
C VAL I 24 53.48 6.77 -71.60
N MET I 25 54.72 7.13 -71.88
CA MET I 25 55.77 6.82 -70.93
C MET I 25 55.76 7.82 -69.78
N LYS I 26 56.29 7.37 -68.66
CA LYS I 26 56.55 8.23 -67.52
C LYS I 26 57.67 7.61 -66.68
N PRO I 27 58.80 8.29 -66.55
CA PRO I 27 59.87 7.78 -65.70
C PRO I 27 59.57 8.08 -64.25
N ALA I 28 59.97 7.13 -63.38
CA ALA I 28 59.56 7.23 -61.98
C ALA I 28 60.33 8.30 -61.24
N HIS I 29 61.54 8.64 -61.68
CA HIS I 29 62.27 9.74 -61.06
C HIS I 29 61.66 11.09 -61.37
N VAL I 30 60.88 11.18 -62.43
CA VAL I 30 60.20 12.43 -62.75
C VAL I 30 59.08 12.69 -61.74
N LYS I 31 59.10 13.89 -61.16
CA LYS I 31 58.04 14.37 -60.30
C LYS I 31 57.10 15.23 -61.15
N GLY I 32 55.95 15.58 -60.61
CA GLY I 32 55.03 16.38 -61.38
C GLY I 32 54.18 15.53 -62.30
N THR I 33 53.43 16.21 -63.16
CA THR I 33 52.43 15.57 -64.02
C THR I 33 52.60 16.14 -65.43
N ILE I 34 51.70 15.76 -66.34
CA ILE I 34 51.71 16.29 -67.70
C ILE I 34 51.20 17.72 -67.69
N ASP I 35 51.60 18.50 -68.70
CA ASP I 35 51.02 19.82 -68.87
C ASP I 35 49.56 19.75 -69.31
N ASN I 36 49.20 18.75 -70.12
CA ASN I 36 47.87 18.68 -70.68
C ASN I 36 46.86 18.21 -69.62
N ALA I 37 45.59 18.20 -70.02
CA ALA I 37 44.52 17.87 -69.09
C ALA I 37 44.12 16.40 -69.19
N ASP I 38 43.76 15.97 -70.41
CA ASP I 38 43.28 14.61 -70.68
C ASP I 38 44.25 13.52 -70.24
N LEU I 39 45.56 13.78 -70.35
CA LEU I 39 46.55 12.83 -69.86
C LEU I 39 46.69 12.85 -68.34
N ALA I 40 46.19 13.89 -67.66
CA ALA I 40 46.50 14.12 -66.27
C ALA I 40 45.56 13.45 -65.30
N LYS I 41 45.01 12.29 -65.64
CA LYS I 41 44.06 11.62 -64.76
C LYS I 41 44.34 10.15 -64.54
N LEU I 42 45.06 9.49 -65.44
CA LEU I 42 45.13 8.05 -65.45
C LEU I 42 46.11 7.55 -64.40
N ALA I 43 46.19 6.23 -64.28
CA ALA I 43 46.97 5.59 -63.24
C ALA I 43 48.41 5.38 -63.69
N PHE I 44 49.27 5.15 -62.71
CA PHE I 44 50.65 4.79 -62.94
C PHE I 44 50.96 3.53 -62.14
N LYS I 45 52.11 2.93 -62.40
CA LYS I 45 52.61 1.89 -61.51
C LYS I 45 54.13 1.98 -61.45
N ARG I 46 54.67 2.00 -60.24
CA ARG I 46 56.07 2.31 -60.05
C ARG I 46 56.95 1.08 -60.17
N SER I 47 58.19 1.30 -60.62
CA SER I 47 59.22 0.28 -60.71
C SER I 47 60.50 0.88 -60.17
N SER I 48 60.87 0.47 -58.95
CA SER I 48 62.13 0.89 -58.35
C SER I 48 63.32 0.23 -59.04
N LYS I 49 63.19 -1.06 -59.38
CA LYS I 49 64.29 -1.80 -60.00
C LYS I 49 64.59 -1.31 -61.40
N TYR I 50 63.65 -0.60 -62.02
CA TYR I 50 63.86 -0.03 -63.32
C TYR I 50 63.49 1.44 -63.42
N ASP I 51 62.89 2.01 -62.37
CA ASP I 51 62.45 3.41 -62.30
C ASP I 51 61.49 3.74 -63.44
N LEU I 52 60.30 3.14 -63.38
CA LEU I 52 59.26 3.54 -64.32
C LEU I 52 57.94 3.79 -63.61
N GLU I 53 57.01 4.40 -64.35
CA GLU I 53 55.62 4.50 -63.93
C GLU I 53 54.74 4.14 -65.12
N CYS I 54 54.07 3.00 -65.01
CA CYS I 54 53.17 2.51 -66.04
C CYS I 54 51.99 3.44 -66.20
N ALA I 55 51.67 3.74 -67.46
CA ALA I 55 50.70 4.76 -67.85
C ALA I 55 50.23 4.44 -69.27
N GLN I 56 48.93 4.30 -69.44
CA GLN I 56 48.36 3.73 -70.67
C GLN I 56 47.98 4.81 -71.67
N ILE I 57 48.25 4.55 -72.96
CA ILE I 57 47.75 5.38 -74.06
C ILE I 57 46.23 5.35 -74.07
N PRO I 58 45.56 6.50 -74.04
CA PRO I 58 44.10 6.49 -74.16
C PRO I 58 43.68 6.39 -75.62
N VAL I 59 42.44 5.94 -75.81
CA VAL I 59 41.94 5.58 -77.13
C VAL I 59 41.73 6.81 -78.01
N HIS I 60 41.70 8.01 -77.42
CA HIS I 60 41.51 9.23 -78.19
C HIS I 60 42.70 9.52 -79.11
N MET I 61 43.85 8.91 -78.85
CA MET I 61 44.99 9.00 -79.75
C MET I 61 45.10 7.79 -80.64
N LYS I 62 43.96 7.27 -81.11
CA LYS I 62 43.99 6.20 -82.11
C LYS I 62 44.56 6.71 -83.43
N SER I 63 44.18 7.91 -83.85
CA SER I 63 44.74 8.54 -85.04
C SER I 63 46.00 9.31 -84.74
N ASP I 64 46.50 9.22 -83.50
CA ASP I 64 47.61 10.04 -83.01
C ASP I 64 48.67 9.21 -82.32
N ALA I 65 48.85 7.96 -82.72
CA ALA I 65 49.87 7.13 -82.08
C ALA I 65 51.26 7.47 -82.62
N SER I 66 52.25 6.71 -82.16
CA SER I 66 53.63 6.91 -82.57
C SER I 66 54.34 5.56 -82.64
N LYS I 67 54.79 5.20 -83.83
CA LYS I 67 55.46 3.92 -84.05
C LYS I 67 56.91 4.01 -83.63
N PHE I 68 57.54 2.84 -83.61
CA PHE I 68 58.85 2.64 -83.01
C PHE I 68 59.35 1.28 -83.47
N THR I 69 60.55 0.92 -83.06
CA THR I 69 61.02 -0.46 -83.20
C THR I 69 62.11 -0.71 -82.15
N HIS I 70 62.65 -1.91 -82.19
CA HIS I 70 63.81 -2.26 -81.36
C HIS I 70 65.02 -2.65 -82.20
N GLU I 71 65.27 -1.94 -83.29
CA GLU I 71 66.38 -2.23 -84.20
C GLU I 71 67.51 -1.27 -83.89
N LYS I 72 68.66 -1.80 -83.51
CA LYS I 72 69.81 -0.99 -83.11
C LYS I 72 71.03 -1.30 -83.98
N PRO I 73 71.11 -0.76 -85.18
CA PRO I 73 72.40 -0.62 -85.84
C PRO I 73 73.05 0.66 -85.32
N GLU I 74 74.28 0.88 -85.73
CA GLU I 74 75.05 2.00 -85.23
C GLU I 74 74.86 3.20 -86.16
N GLY I 75 75.67 4.22 -85.97
CA GLY I 75 75.57 5.42 -86.77
C GLY I 75 74.69 6.47 -86.14
N TYR I 76 74.22 7.38 -86.98
CA TYR I 76 73.57 8.60 -86.52
C TYR I 76 72.11 8.33 -86.16
N TYR I 77 71.65 9.00 -85.10
CA TYR I 77 70.29 8.88 -84.63
C TYR I 77 69.80 10.27 -84.27
N ASN I 78 68.78 10.74 -84.95
CA ASN I 78 68.38 12.13 -84.77
C ASN I 78 67.48 12.28 -83.55
N TRP I 79 67.75 13.35 -82.81
CA TRP I 79 67.01 13.71 -81.61
C TRP I 79 66.74 15.21 -81.70
N HIS I 80 65.95 15.70 -80.76
CA HIS I 80 65.43 17.06 -80.84
C HIS I 80 66.53 18.13 -80.63
N HIS I 81 67.74 17.74 -80.23
CA HIS I 81 68.88 18.65 -80.31
C HIS I 81 69.94 18.12 -81.28
N GLY I 82 69.53 17.68 -82.45
CA GLY I 82 70.48 17.37 -83.53
C GLY I 82 70.66 15.86 -83.71
N ALA I 83 71.89 15.39 -83.49
CA ALA I 83 72.24 14.01 -83.80
C ALA I 83 73.04 13.40 -82.65
N VAL I 84 72.63 12.22 -82.21
CA VAL I 84 73.43 11.37 -81.33
C VAL I 84 73.91 10.18 -82.15
N GLN I 85 75.23 10.03 -82.26
CA GLN I 85 75.75 8.95 -83.08
C GLN I 85 75.88 7.72 -82.18
N TYR I 86 74.83 6.93 -82.17
CA TYR I 86 74.80 5.68 -81.41
C TYR I 86 75.70 4.70 -82.15
N SER I 87 76.93 4.59 -81.70
CA SER I 87 77.92 3.78 -82.40
C SER I 87 78.82 3.09 -81.40
N GLY I 88 79.24 1.89 -81.75
CA GLY I 88 79.95 1.05 -80.80
C GLY I 88 79.07 0.58 -79.69
N GLY I 89 77.77 0.46 -79.95
CA GLY I 89 76.82 0.27 -78.88
C GLY I 89 76.71 1.46 -77.97
N ARG I 90 77.20 2.63 -78.38
CA ARG I 90 77.32 3.78 -77.50
C ARG I 90 76.70 4.99 -78.15
N PHE I 91 75.67 5.49 -77.49
CA PHE I 91 74.84 6.63 -77.89
C PHE I 91 75.38 7.90 -77.27
N THR I 92 76.66 8.18 -77.50
CA THR I 92 77.34 9.27 -76.83
C THR I 92 76.95 10.60 -77.45
N ILE I 93 77.23 11.68 -76.72
CA ILE I 93 77.21 13.03 -77.26
C ILE I 93 78.60 13.60 -77.08
N PRO I 94 78.99 14.61 -77.86
CA PRO I 94 80.09 15.46 -77.42
C PRO I 94 79.71 16.12 -76.11
N THR I 95 80.67 16.16 -75.19
CA THR I 95 80.41 16.29 -73.75
C THR I 95 79.67 17.56 -73.40
N GLY I 96 78.52 17.40 -72.74
CA GLY I 96 77.80 18.48 -72.11
C GLY I 96 76.80 19.18 -72.99
N ALA I 97 76.72 18.82 -74.28
CA ALA I 97 75.90 19.56 -75.24
C ALA I 97 74.41 19.49 -74.95
N GLY I 98 73.95 18.47 -74.25
CA GLY I 98 72.56 18.35 -73.88
C GLY I 98 72.23 19.24 -72.71
N LYS I 99 70.94 19.47 -72.50
CA LYS I 99 70.47 20.28 -71.39
C LYS I 99 69.74 19.41 -70.37
N PRO I 100 69.96 19.63 -69.07
CA PRO I 100 69.11 18.99 -68.07
C PRO I 100 67.68 19.45 -68.21
N GLY I 101 66.78 18.59 -67.75
CA GLY I 101 65.40 18.72 -68.15
C GLY I 101 65.11 17.90 -69.39
N ASP I 102 65.77 16.74 -69.50
CA ASP I 102 65.61 15.90 -70.68
C ASP I 102 65.46 14.42 -70.29
N SER I 103 64.98 14.15 -69.08
CA SER I 103 64.77 12.78 -68.61
C SER I 103 63.58 12.16 -69.35
N GLY I 104 63.82 11.06 -70.04
CA GLY I 104 62.74 10.34 -70.70
C GLY I 104 62.62 10.70 -72.17
N ARG I 105 63.74 10.96 -72.81
CA ARG I 105 63.69 11.73 -74.03
C ARG I 105 63.68 10.83 -75.26
N PRO I 106 62.76 11.03 -76.17
CA PRO I 106 62.64 10.12 -77.32
C PRO I 106 63.70 10.32 -78.38
N ILE I 107 64.67 9.43 -78.41
CA ILE I 107 65.54 9.30 -79.56
C ILE I 107 64.88 8.36 -80.55
N PHE I 108 64.98 8.67 -81.84
CA PHE I 108 64.36 7.85 -82.85
C PHE I 108 65.42 7.42 -83.84
N ASP I 109 65.00 6.67 -84.85
CA ASP I 109 65.91 6.14 -85.86
C ASP I 109 66.17 7.21 -86.92
N ASN I 110 66.70 6.79 -88.07
CA ASN I 110 66.92 7.69 -89.18
C ASN I 110 65.65 8.05 -89.94
N LYS I 111 64.49 7.52 -89.55
CA LYS I 111 63.26 7.82 -90.27
C LYS I 111 62.06 8.04 -89.37
N GLY I 112 62.24 8.19 -88.07
CA GLY I 112 61.11 8.49 -87.22
C GLY I 112 60.47 7.27 -86.59
N ARG I 113 61.28 6.46 -85.91
CA ARG I 113 60.76 5.36 -85.11
C ARG I 113 61.60 5.29 -83.85
N VAL I 114 60.94 5.31 -82.69
CA VAL I 114 61.59 5.53 -81.42
C VAL I 114 62.45 4.32 -81.05
N VAL I 115 63.70 4.59 -80.68
CA VAL I 115 64.65 3.52 -80.46
C VAL I 115 64.97 3.30 -78.98
N ALA I 116 64.98 4.34 -78.17
CA ALA I 116 65.50 4.24 -76.81
C ALA I 116 64.96 5.41 -75.99
N ILE I 117 65.18 5.36 -74.68
CA ILE I 117 64.74 6.42 -73.76
C ILE I 117 65.85 6.66 -72.74
N VAL I 118 66.35 7.90 -72.69
CA VAL I 118 67.53 8.26 -71.92
C VAL I 118 67.13 8.78 -70.55
N LEU I 119 67.95 8.49 -69.55
CA LEU I 119 67.73 8.97 -68.19
C LEU I 119 68.87 9.83 -67.67
N GLY I 120 70.12 9.35 -67.78
CA GLY I 120 71.25 10.00 -67.14
C GLY I 120 72.42 10.17 -68.08
N GLY I 121 73.55 10.62 -67.53
CA GLY I 121 74.73 10.87 -68.34
C GLY I 121 75.94 11.17 -67.49
N ALA I 122 77.12 10.92 -68.06
CA ALA I 122 78.40 11.11 -67.38
C ALA I 122 79.49 11.30 -68.42
N ASN I 123 80.72 11.52 -67.94
CA ASN I 123 81.81 11.87 -68.85
C ASN I 123 83.16 11.59 -68.20
N GLU I 124 84.08 11.00 -68.98
CA GLU I 124 85.51 10.94 -68.65
C GLU I 124 86.33 11.43 -69.84
N GLY I 125 85.93 12.58 -70.40
CA GLY I 125 86.69 13.19 -71.46
C GLY I 125 85.92 14.18 -72.32
N ALA I 126 86.06 14.06 -73.64
CA ALA I 126 85.19 14.75 -74.58
C ALA I 126 84.04 13.88 -75.02
N ARG I 127 83.62 12.96 -74.15
CA ARG I 127 82.73 11.85 -74.48
C ARG I 127 81.71 11.68 -73.36
N THR I 128 80.58 12.39 -73.45
CA THR I 128 79.52 12.14 -72.48
C THR I 128 78.66 10.97 -72.94
N ALA I 129 78.67 9.92 -72.13
CA ALA I 129 77.78 8.78 -72.30
C ALA I 129 76.51 8.99 -71.49
N LEU I 130 75.54 8.11 -71.73
CA LEU I 130 74.18 8.32 -71.28
C LEU I 130 73.68 7.05 -70.61
N SER I 131 72.67 7.21 -69.76
CA SER I 131 72.02 6.09 -69.09
C SER I 131 70.60 6.00 -69.61
N VAL I 132 70.26 4.84 -70.15
CA VAL I 132 69.17 4.65 -71.10
C VAL I 132 68.42 3.39 -70.72
N VAL I 133 67.09 3.45 -70.81
CA VAL I 133 66.25 2.26 -70.73
C VAL I 133 65.81 1.89 -72.14
N THR I 134 65.95 0.62 -72.49
CA THR I 134 65.58 0.11 -73.80
C THR I 134 64.61 -1.05 -73.69
N TRP I 135 64.31 -1.64 -74.84
CA TRP I 135 63.37 -2.75 -74.96
C TRP I 135 63.88 -3.69 -76.04
N ASN I 136 64.64 -4.72 -75.65
CA ASN I 136 65.11 -5.69 -76.63
C ASN I 136 64.02 -6.73 -76.89
N LYS I 137 63.66 -6.88 -78.18
CA LYS I 137 62.46 -7.56 -78.69
C LYS I 137 61.22 -7.27 -77.82
N ASP I 138 61.06 -5.97 -77.53
CA ASP I 138 60.07 -5.44 -76.59
C ASP I 138 60.19 -6.11 -75.21
N ILE I 139 61.39 -6.05 -74.65
CA ILE I 139 61.66 -6.46 -73.28
C ILE I 139 62.48 -5.35 -72.63
N VAL I 140 61.92 -4.68 -71.68
CA VAL I 140 62.52 -3.45 -71.21
C VAL I 140 63.60 -3.73 -70.17
N THR I 141 64.69 -2.95 -70.25
CA THR I 141 65.84 -3.03 -69.36
C THR I 141 66.43 -1.64 -69.20
N LYS I 142 66.69 -1.24 -67.94
CA LYS I 142 67.42 -0.02 -67.64
C LYS I 142 68.91 -0.30 -67.67
N ILE I 143 69.69 0.63 -68.21
CA ILE I 143 71.14 0.50 -68.29
C ILE I 143 71.75 1.80 -67.80
N THR I 144 72.50 1.72 -66.70
CA THR I 144 73.08 2.89 -66.05
C THR I 144 74.59 2.83 -66.05
N PRO I 145 75.28 3.54 -66.94
CA PRO I 145 76.72 3.74 -66.76
C PRO I 145 77.01 4.58 -65.53
N GLU I 146 78.24 4.48 -65.06
CA GLU I 146 78.59 5.01 -63.75
C GLU I 146 78.72 6.53 -63.81
N GLY I 147 77.83 7.22 -63.10
CA GLY I 147 77.94 8.66 -62.96
C GLY I 147 76.77 9.41 -63.55
N ALA I 148 75.64 8.74 -63.69
CA ALA I 148 74.49 9.32 -64.38
C ALA I 148 73.84 10.39 -63.53
N GLU I 149 73.92 11.63 -63.99
CA GLU I 149 73.21 12.74 -63.39
C GLU I 149 71.86 12.89 -64.08
N GLU I 150 70.86 13.26 -63.28
CA GLU I 150 69.51 13.42 -63.80
C GLU I 150 69.43 14.57 -64.79
N TRP I 151 68.80 14.29 -65.92
CA TRP I 151 68.45 15.34 -66.85
C TRP I 151 67.00 15.68 -66.56
N ASN J 1 25.71 33.49 -89.96
CA ASN J 1 25.05 32.20 -89.89
C ASN J 1 24.05 32.04 -91.02
N ASP J 2 24.40 31.22 -92.00
CA ASP J 2 23.41 30.80 -92.99
C ASP J 2 22.73 29.52 -92.56
N CYS J 3 23.54 28.51 -92.17
CA CYS J 3 22.99 27.21 -91.79
C CYS J 3 23.69 26.60 -90.59
N ILE J 4 24.28 27.39 -89.70
CA ILE J 4 25.19 26.86 -88.68
C ILE J 4 24.47 26.91 -87.33
N PHE J 5 23.80 25.79 -86.98
CA PHE J 5 23.11 25.65 -85.69
C PHE J 5 23.43 24.25 -85.15
N GLU J 6 24.58 24.14 -84.50
CA GLU J 6 25.32 22.90 -84.37
C GLU J 6 24.84 22.07 -83.17
N VAL J 7 25.18 20.78 -83.18
CA VAL J 7 25.17 19.95 -81.99
C VAL J 7 26.55 19.34 -81.83
N LYS J 8 26.87 18.91 -80.61
CA LYS J 8 28.08 18.15 -80.30
C LYS J 8 27.72 17.00 -79.36
N HIS J 9 28.44 15.87 -79.50
CA HIS J 9 28.09 14.67 -78.74
C HIS J 9 29.37 13.95 -78.30
N GLU J 10 29.88 14.32 -77.12
CA GLU J 10 30.85 13.57 -76.28
C GLU J 10 32.10 13.09 -77.03
N GLY J 11 32.44 13.71 -78.16
CA GLY J 11 33.51 13.27 -79.01
C GLY J 11 33.04 13.18 -80.45
N LYS J 12 31.72 13.19 -80.65
CA LYS J 12 31.10 13.01 -81.96
C LYS J 12 30.09 14.12 -82.19
N VAL J 13 29.38 14.05 -83.31
CA VAL J 13 28.26 14.95 -83.62
C VAL J 13 27.19 14.10 -84.29
N THR J 14 25.98 14.10 -83.73
CA THR J 14 24.87 13.35 -84.31
C THR J 14 23.94 14.23 -85.12
N GLY J 15 24.47 15.23 -85.81
CA GLY J 15 23.65 16.06 -86.66
C GLY J 15 23.62 17.50 -86.22
N TYR J 16 22.43 18.02 -85.95
CA TYR J 16 22.24 19.41 -85.55
C TYR J 16 21.28 19.46 -84.38
N ALA J 17 21.42 20.49 -83.54
CA ALA J 17 20.40 20.89 -82.57
C ALA J 17 20.10 22.35 -82.87
N CYS J 18 18.84 22.66 -83.16
CA CYS J 18 18.56 23.91 -83.84
C CYS J 18 17.59 24.76 -83.05
N LEU J 19 17.97 26.02 -82.87
CA LEU J 19 17.09 27.01 -82.29
C LEU J 19 16.13 27.51 -83.38
N VAL J 20 14.85 27.18 -83.21
CA VAL J 20 13.81 27.50 -84.17
C VAL J 20 12.67 28.09 -83.39
N GLY J 21 12.28 29.31 -83.75
CA GLY J 21 11.16 29.98 -83.11
C GLY J 21 11.39 30.21 -81.63
N ASP J 22 10.70 29.40 -80.82
CA ASP J 22 10.78 29.48 -79.37
C ASP J 22 11.74 28.47 -78.76
N LYS J 23 12.15 27.45 -79.49
CA LYS J 23 12.83 26.33 -78.83
C LYS J 23 14.03 25.87 -79.63
N VAL J 24 15.10 25.58 -78.90
CA VAL J 24 16.15 24.71 -79.41
C VAL J 24 15.61 23.29 -79.34
N MET J 25 15.52 22.66 -80.50
CA MET J 25 15.17 21.26 -80.51
C MET J 25 16.43 20.41 -80.64
N LYS J 26 16.32 19.20 -80.08
CA LYS J 26 17.41 18.24 -80.15
C LYS J 26 16.85 16.84 -80.36
N PRO J 27 17.39 16.07 -81.30
CA PRO J 27 17.10 14.63 -81.34
C PRO J 27 17.40 13.88 -80.05
N ALA J 28 16.38 13.40 -79.35
CA ALA J 28 16.61 12.68 -78.11
C ALA J 28 16.81 11.18 -78.32
N HIS J 29 16.74 10.69 -79.55
CA HIS J 29 17.03 9.29 -79.78
C HIS J 29 18.50 8.97 -79.56
N VAL J 30 19.38 9.94 -79.72
CA VAL J 30 20.78 9.77 -79.44
C VAL J 30 21.09 10.32 -78.06
N LYS J 31 21.79 9.53 -77.26
CA LYS J 31 22.42 10.02 -76.05
C LYS J 31 23.59 10.91 -76.43
N GLY J 32 23.95 11.81 -75.52
CA GLY J 32 25.10 12.66 -75.78
C GLY J 32 25.05 13.88 -74.89
N THR J 33 25.72 14.93 -75.34
CA THR J 33 25.84 16.15 -74.56
C THR J 33 25.29 17.34 -75.34
N ILE J 34 25.48 18.51 -74.75
CA ILE J 34 25.14 19.79 -75.34
C ILE J 34 26.03 20.09 -76.53
N ASP J 35 25.62 21.08 -77.32
CA ASP J 35 26.54 21.79 -78.19
C ASP J 35 27.26 22.89 -77.44
N ASN J 36 26.48 23.85 -76.94
CA ASN J 36 27.00 25.06 -76.31
C ASN J 36 26.65 25.07 -74.84
N ALA J 37 27.52 25.71 -74.05
CA ALA J 37 27.41 25.74 -72.60
C ALA J 37 26.16 26.44 -72.10
N ASP J 38 25.54 27.29 -72.93
CA ASP J 38 24.30 27.94 -72.54
C ASP J 38 23.16 26.93 -72.38
N LEU J 39 23.22 25.84 -73.13
CA LEU J 39 22.19 24.82 -73.01
C LEU J 39 22.38 23.93 -71.78
N ALA J 40 23.62 23.87 -71.27
CA ALA J 40 23.97 22.92 -70.22
C ALA J 40 23.19 23.16 -68.94
N LYS J 41 22.89 24.41 -68.65
CA LYS J 41 22.06 24.74 -67.51
C LYS J 41 20.58 24.43 -67.74
N LEU J 42 20.15 24.30 -69.00
CA LEU J 42 18.73 24.23 -69.28
C LEU J 42 18.20 22.81 -69.16
N ALA J 43 16.95 22.71 -68.74
CA ALA J 43 16.25 21.45 -68.57
C ALA J 43 15.86 20.86 -69.91
N PHE J 44 15.18 19.72 -69.86
CA PHE J 44 14.92 18.96 -71.07
C PHE J 44 13.59 18.22 -70.95
N LYS J 45 12.86 18.19 -72.05
CA LYS J 45 11.55 17.57 -72.13
C LYS J 45 11.56 16.55 -73.27
N ARG J 46 11.22 15.30 -72.95
CA ARG J 46 11.32 14.20 -73.89
C ARG J 46 9.92 13.65 -74.17
N SER J 47 9.67 13.30 -75.43
CA SER J 47 8.44 12.60 -75.78
C SER J 47 8.59 11.11 -75.51
N SER J 48 7.53 10.36 -75.77
CA SER J 48 7.50 8.94 -75.49
C SER J 48 7.68 8.09 -76.74
N LYS J 49 6.81 8.26 -77.73
CA LYS J 49 6.98 7.54 -78.98
C LYS J 49 7.82 8.32 -79.98
N TYR J 50 8.14 9.57 -79.69
CA TYR J 50 8.80 10.42 -80.65
C TYR J 50 10.18 10.87 -80.21
N ASP J 51 10.33 11.19 -78.92
CA ASP J 51 11.63 11.30 -78.25
C ASP J 51 12.50 12.37 -78.87
N LEU J 52 12.08 13.61 -78.68
CA LEU J 52 12.84 14.79 -79.03
C LEU J 52 13.20 15.52 -77.74
N GLU J 53 13.78 16.70 -77.88
CA GLU J 53 14.14 17.51 -76.72
C GLU J 53 13.77 18.96 -76.98
N CYS J 54 12.85 19.46 -76.16
CA CYS J 54 12.52 20.87 -76.06
C CYS J 54 13.58 21.61 -75.28
N ALA J 55 13.88 22.83 -75.71
CA ALA J 55 14.68 23.74 -74.90
C ALA J 55 14.21 25.15 -75.16
N GLN J 56 13.90 25.87 -74.11
CA GLN J 56 13.45 27.24 -74.28
C GLN J 56 14.63 28.18 -74.29
N ILE J 57 14.66 29.06 -75.29
CA ILE J 57 15.86 29.78 -75.65
C ILE J 57 16.02 31.03 -74.81
N PRO J 58 17.19 31.30 -74.29
CA PRO J 58 17.45 32.59 -73.66
C PRO J 58 17.45 33.74 -74.66
N VAL J 59 17.41 34.95 -74.13
CA VAL J 59 17.01 36.12 -74.90
C VAL J 59 18.12 36.59 -75.85
N HIS J 60 19.38 36.32 -75.51
CA HIS J 60 20.46 37.00 -76.21
C HIS J 60 20.82 36.35 -77.53
N MET J 61 20.68 35.03 -77.66
CA MET J 61 20.97 34.37 -78.92
C MET J 61 19.74 34.27 -79.82
N LYS J 62 18.70 35.06 -79.55
CA LYS J 62 17.48 34.94 -80.31
C LYS J 62 17.58 35.51 -81.73
N SER J 63 18.69 36.15 -82.08
CA SER J 63 18.93 36.49 -83.49
C SER J 63 19.14 35.24 -84.33
N ASP J 64 19.76 34.21 -83.75
CA ASP J 64 20.07 32.98 -84.45
C ASP J 64 18.88 32.03 -84.52
N ALA J 65 17.76 32.39 -83.89
CA ALA J 65 16.53 31.60 -83.93
C ALA J 65 16.01 31.52 -85.34
N SER J 66 15.97 30.31 -85.88
CA SER J 66 15.71 30.13 -87.30
C SER J 66 14.23 30.24 -87.61
N LYS J 67 13.93 30.83 -88.76
CA LYS J 67 12.57 30.87 -89.26
C LYS J 67 12.17 29.50 -89.80
N PHE J 68 10.87 29.23 -89.78
CA PHE J 68 10.32 27.99 -90.28
C PHE J 68 9.07 28.34 -91.07
N THR J 69 8.26 27.33 -91.38
CA THR J 69 7.05 27.55 -92.17
C THR J 69 5.96 26.59 -91.72
N HIS J 70 4.86 26.60 -92.47
CA HIS J 70 3.82 25.58 -92.37
C HIS J 70 3.37 25.13 -93.75
N GLU J 71 4.15 25.45 -94.76
CA GLU J 71 3.77 25.26 -96.15
C GLU J 71 4.68 24.23 -96.77
N LYS J 72 4.11 23.23 -97.43
CA LYS J 72 4.88 22.13 -97.98
C LYS J 72 4.59 21.91 -99.46
N PRO J 73 5.08 22.78 -100.34
CA PRO J 73 5.08 22.44 -101.76
C PRO J 73 6.23 21.49 -102.06
N GLU J 74 6.21 20.93 -103.25
CA GLU J 74 7.18 19.90 -103.60
C GLU J 74 8.39 20.51 -104.30
N GLY J 75 9.24 19.65 -104.85
CA GLY J 75 10.28 20.11 -105.74
C GLY J 75 11.69 20.07 -105.18
N TYR J 76 12.49 21.06 -105.54
CA TYR J 76 13.90 21.11 -105.20
C TYR J 76 14.09 21.88 -103.90
N TYR J 77 14.72 21.21 -102.93
CA TYR J 77 14.89 21.76 -101.60
C TYR J 77 16.38 21.81 -101.28
N ASN J 78 16.73 22.46 -100.17
CA ASN J 78 18.12 22.66 -99.84
C ASN J 78 18.35 22.43 -98.36
N TRP J 79 19.58 22.07 -98.03
CA TRP J 79 20.01 21.71 -96.69
C TRP J 79 21.53 21.78 -96.67
N HIS J 80 22.11 21.27 -95.58
CA HIS J 80 23.53 21.49 -95.28
C HIS J 80 24.43 20.84 -96.32
N HIS J 81 24.03 19.69 -96.84
CA HIS J 81 24.71 19.12 -98.00
C HIS J 81 23.95 19.44 -99.28
N GLY J 82 23.83 20.73 -99.55
CA GLY J 82 23.34 21.16 -100.86
C GLY J 82 21.86 20.98 -101.04
N ALA J 83 21.46 20.02 -101.87
CA ALA J 83 20.07 19.83 -102.24
C ALA J 83 19.46 18.63 -101.53
N VAL J 84 18.13 18.66 -101.46
CA VAL J 84 17.32 17.61 -100.85
C VAL J 84 15.95 17.63 -101.53
N GLN J 85 15.54 16.45 -101.99
CA GLN J 85 14.44 16.33 -102.95
C GLN J 85 13.12 16.03 -102.22
N TYR J 86 12.51 17.06 -101.66
CA TYR J 86 11.16 16.87 -101.15
C TYR J 86 10.18 17.02 -102.30
N SER J 87 9.66 15.91 -102.79
CA SER J 87 8.68 15.94 -103.86
C SER J 87 7.69 14.81 -103.69
N GLY J 88 6.50 15.02 -104.25
CA GLY J 88 5.43 14.05 -104.17
C GLY J 88 4.91 13.81 -102.78
N GLY J 89 5.00 14.81 -101.91
CA GLY J 89 4.73 14.58 -100.51
C GLY J 89 5.73 13.67 -99.84
N ARG J 90 6.94 13.55 -100.40
CA ARG J 90 7.92 12.61 -99.88
C ARG J 90 9.29 13.27 -99.82
N PHE J 91 9.86 13.27 -98.63
CA PHE J 91 11.21 13.74 -98.37
C PHE J 91 12.17 12.69 -98.90
N THR J 92 12.74 12.92 -100.08
CA THR J 92 13.63 11.97 -100.70
C THR J 92 14.99 12.61 -100.91
N ILE J 93 16.00 11.76 -100.97
CA ILE J 93 17.31 12.15 -101.47
C ILE J 93 17.77 11.00 -102.37
N PRO J 94 18.80 11.20 -103.17
CA PRO J 94 19.60 10.06 -103.60
C PRO J 94 20.44 9.53 -102.45
N THR J 95 20.91 8.31 -102.62
CA THR J 95 21.66 7.63 -101.56
C THR J 95 23.03 8.28 -101.37
N GLY J 96 23.34 8.65 -100.12
CA GLY J 96 24.63 9.18 -99.77
C GLY J 96 24.68 10.66 -99.47
N ALA J 97 23.55 11.37 -99.57
CA ALA J 97 23.54 12.80 -99.27
C ALA J 97 23.75 13.08 -97.80
N GLY J 98 23.29 12.20 -96.92
CA GLY J 98 23.59 12.32 -95.51
C GLY J 98 24.34 11.11 -95.03
N LYS J 99 24.34 10.89 -93.72
CA LYS J 99 24.97 9.73 -93.11
C LYS J 99 24.26 9.45 -91.81
N PRO J 100 24.43 8.26 -91.24
CA PRO J 100 23.98 8.03 -89.87
C PRO J 100 24.75 8.88 -88.87
N GLY J 101 24.07 9.86 -88.29
CA GLY J 101 24.71 10.85 -87.45
C GLY J 101 24.49 12.24 -87.99
N ASP J 102 23.44 12.39 -88.79
CA ASP J 102 23.04 13.66 -89.37
C ASP J 102 21.65 14.09 -88.92
N SER J 103 21.30 13.81 -87.67
CA SER J 103 19.94 14.04 -87.21
C SER J 103 19.82 15.45 -86.67
N GLY J 104 18.99 16.26 -87.32
CA GLY J 104 18.78 17.63 -86.87
C GLY J 104 18.80 18.63 -87.99
N ARG J 105 18.92 18.15 -89.22
CA ARG J 105 19.33 18.99 -90.35
C ARG J 105 18.26 19.99 -90.75
N PRO J 106 18.57 21.28 -90.78
CA PRO J 106 17.59 22.29 -91.22
C PRO J 106 17.35 22.20 -92.71
N ILE J 107 16.09 22.05 -93.08
CA ILE J 107 15.70 21.85 -94.47
C ILE J 107 14.97 23.09 -94.93
N PHE J 108 15.19 23.50 -96.17
CA PHE J 108 14.59 24.72 -96.65
C PHE J 108 14.54 24.69 -98.17
N ASP J 109 13.69 25.55 -98.70
CA ASP J 109 13.69 25.86 -100.12
C ASP J 109 14.73 26.95 -100.37
N ASN J 110 14.68 27.56 -101.55
CA ASN J 110 15.58 28.66 -101.85
C ASN J 110 15.26 29.92 -101.03
N LYS J 111 14.04 30.05 -100.53
CA LYS J 111 13.71 31.17 -99.67
C LYS J 111 14.35 31.08 -98.30
N GLY J 112 14.74 29.87 -97.87
CA GLY J 112 15.58 29.73 -96.69
C GLY J 112 14.90 29.82 -95.34
N ARG J 113 14.03 28.86 -95.04
CA ARG J 113 13.48 28.68 -93.70
C ARG J 113 12.98 27.26 -93.57
N VAL J 114 12.84 26.82 -92.32
CA VAL J 114 12.81 25.40 -91.99
C VAL J 114 11.46 24.81 -92.40
N VAL J 115 11.50 23.90 -93.38
CA VAL J 115 10.35 23.08 -93.71
C VAL J 115 10.32 21.80 -92.89
N ALA J 116 11.47 21.30 -92.43
CA ALA J 116 11.57 19.98 -91.83
C ALA J 116 12.93 19.82 -91.18
N ILE J 117 13.11 18.69 -90.52
CA ILE J 117 14.32 18.37 -89.76
C ILE J 117 14.59 16.88 -89.94
N VAL J 118 15.79 16.53 -90.41
CA VAL J 118 16.15 15.12 -90.66
C VAL J 118 16.32 14.39 -89.33
N LEU J 119 15.76 13.19 -89.25
CA LEU J 119 16.15 12.21 -88.26
C LEU J 119 16.72 10.95 -88.87
N GLY J 120 16.02 10.34 -89.82
CA GLY J 120 16.49 9.09 -90.40
C GLY J 120 16.30 8.94 -91.90
N GLY J 121 16.55 7.74 -92.44
CA GLY J 121 16.42 7.50 -93.86
C GLY J 121 15.79 6.15 -94.15
N ALA J 122 15.62 5.89 -95.44
CA ALA J 122 15.03 4.65 -95.95
C ALA J 122 15.52 4.47 -97.38
N ASN J 123 15.74 3.23 -97.82
CA ASN J 123 16.35 3.07 -99.12
C ASN J 123 15.75 1.94 -99.96
N GLU J 124 15.46 2.31 -101.21
CA GLU J 124 15.14 1.45 -102.34
C GLU J 124 16.12 1.84 -103.46
N GLY J 125 17.40 1.72 -103.13
CA GLY J 125 18.46 1.94 -104.09
C GLY J 125 18.96 3.37 -104.06
N ALA J 126 18.64 4.14 -105.10
CA ALA J 126 18.75 5.58 -105.00
C ALA J 126 17.49 6.20 -104.42
N ARG J 127 16.42 5.40 -104.28
CA ARG J 127 15.19 5.91 -103.69
C ARG J 127 15.42 5.99 -102.17
N THR J 128 16.04 7.09 -101.75
CA THR J 128 16.37 7.25 -100.33
C THR J 128 15.40 8.26 -99.75
N ALA J 129 14.32 7.74 -99.15
CA ALA J 129 13.36 8.52 -98.41
C ALA J 129 13.94 8.95 -97.08
N LEU J 130 13.30 9.92 -96.45
CA LEU J 130 13.80 10.54 -95.23
C LEU J 130 12.74 10.46 -94.13
N SER J 131 13.18 10.58 -92.89
CA SER J 131 12.35 10.39 -91.70
C SER J 131 12.49 11.61 -90.81
N VAL J 132 11.39 12.36 -90.63
CA VAL J 132 11.49 13.75 -90.21
C VAL J 132 10.50 14.11 -89.10
N VAL J 133 10.48 15.40 -88.75
CA VAL J 133 9.48 15.98 -87.87
C VAL J 133 8.89 17.22 -88.56
N THR J 134 7.57 17.23 -88.71
CA THR J 134 6.86 18.35 -89.30
C THR J 134 5.84 18.89 -88.30
N TRP J 135 4.94 19.74 -88.80
CA TRP J 135 3.96 20.43 -87.97
C TRP J 135 2.65 20.61 -88.74
N ASN J 136 1.72 19.70 -88.51
CA ASN J 136 0.40 19.79 -89.11
C ASN J 136 -0.55 20.46 -88.13
N LYS J 137 -1.49 21.26 -88.66
CA LYS J 137 -2.34 22.20 -87.93
C LYS J 137 -1.54 23.08 -86.94
N ASP J 138 -0.30 23.36 -87.33
CA ASP J 138 0.70 24.04 -86.52
C ASP J 138 0.88 23.35 -85.16
N ILE J 139 1.10 22.05 -85.23
CA ILE J 139 1.44 21.18 -84.10
C ILE J 139 2.36 20.10 -84.64
N VAL J 140 3.51 19.89 -83.99
CA VAL J 140 4.54 19.05 -84.57
C VAL J 140 4.16 17.58 -84.46
N THR J 141 4.74 16.79 -85.35
CA THR J 141 4.47 15.37 -85.55
C THR J 141 5.73 14.73 -86.09
N LYS J 142 6.21 13.70 -85.40
CA LYS J 142 7.33 12.91 -85.89
C LYS J 142 6.83 11.95 -86.95
N ILE J 143 7.11 12.24 -88.21
CA ILE J 143 6.58 11.47 -89.31
C ILE J 143 7.71 10.66 -89.90
N THR J 144 7.52 9.36 -89.90
CA THR J 144 8.58 8.43 -90.24
C THR J 144 8.06 7.34 -91.17
N PRO J 145 8.66 7.16 -92.34
CA PRO J 145 8.34 5.99 -93.16
C PRO J 145 8.77 4.71 -92.47
N GLU J 146 7.98 3.67 -92.69
CA GLU J 146 8.29 2.37 -92.12
C GLU J 146 9.53 1.78 -92.78
N GLY J 147 10.22 0.92 -92.04
CA GLY J 147 11.49 0.41 -92.53
C GLY J 147 12.58 1.45 -92.55
N ALA J 148 12.64 2.31 -91.54
CA ALA J 148 13.56 3.44 -91.54
C ALA J 148 14.90 3.05 -90.91
N GLU J 149 15.98 3.66 -91.41
CA GLU J 149 17.26 3.56 -90.75
C GLU J 149 17.57 4.88 -90.03
N GLU J 150 17.81 4.77 -88.73
CA GLU J 150 17.96 5.94 -87.89
C GLU J 150 19.32 6.59 -88.12
N TRP J 151 19.33 7.90 -88.30
CA TRP J 151 20.57 8.59 -88.58
C TRP J 151 20.94 9.61 -87.51
N ASN K 1 47.35 47.90 -75.89
CA ASN K 1 48.40 47.29 -75.09
C ASN K 1 49.78 47.73 -75.53
N ASP K 2 50.65 47.85 -74.56
CA ASP K 2 52.06 47.85 -74.87
C ASP K 2 52.77 46.64 -74.28
N CYS K 3 52.40 46.21 -73.07
CA CYS K 3 53.09 45.06 -72.48
C CYS K 3 52.23 44.13 -71.62
N ILE K 4 50.92 44.34 -71.50
CA ILE K 4 50.23 43.70 -70.39
C ILE K 4 49.02 42.88 -70.83
N PHE K 5 48.33 42.26 -69.86
CA PHE K 5 47.34 41.22 -70.15
C PHE K 5 46.10 41.40 -69.29
N GLU K 6 45.07 40.62 -69.63
CA GLU K 6 43.72 40.73 -69.08
C GLU K 6 43.41 39.47 -68.28
N VAL K 7 42.23 39.46 -67.63
CA VAL K 7 41.73 38.29 -66.88
C VAL K 7 40.23 38.17 -67.11
N LYS K 8 39.77 36.96 -67.48
CA LYS K 8 38.39 36.69 -67.86
C LYS K 8 37.83 35.55 -67.03
N HIS K 9 36.49 35.44 -66.96
CA HIS K 9 35.80 34.46 -66.13
C HIS K 9 34.58 33.91 -66.88
N GLU K 10 34.73 32.73 -67.49
CA GLU K 10 33.71 31.83 -68.05
C GLU K 10 32.58 32.48 -68.84
N GLY K 11 32.86 33.62 -69.45
CA GLY K 11 31.82 34.33 -70.17
C GLY K 11 31.85 35.81 -69.87
N LYS K 12 32.20 36.17 -68.63
CA LYS K 12 32.37 37.56 -68.26
C LYS K 12 33.85 37.87 -68.16
N VAL K 13 34.21 39.11 -68.33
CA VAL K 13 35.59 39.51 -68.17
C VAL K 13 35.70 40.39 -66.94
N THR K 14 36.78 40.20 -66.18
CA THR K 14 37.10 41.03 -65.03
C THR K 14 37.79 42.32 -65.42
N GLY K 15 37.95 42.55 -66.72
CA GLY K 15 38.91 43.53 -67.19
C GLY K 15 40.31 43.03 -66.89
N TYR K 16 41.21 43.97 -66.73
CA TYR K 16 42.60 43.63 -66.42
C TYR K 16 42.70 43.13 -64.99
N ALA K 17 43.58 42.16 -64.79
CA ALA K 17 44.15 41.86 -63.48
C ALA K 17 45.56 41.39 -63.74
N CYS K 18 46.53 42.13 -63.22
CA CYS K 18 47.83 42.16 -63.86
C CYS K 18 48.92 41.85 -62.85
N LEU K 19 50.15 42.07 -63.30
CA LEU K 19 51.37 41.67 -62.61
C LEU K 19 52.23 42.91 -62.46
N VAL K 20 52.26 43.48 -61.25
CA VAL K 20 53.13 44.60 -60.95
C VAL K 20 53.79 44.31 -59.62
N GLY K 21 55.13 44.26 -59.64
CA GLY K 21 55.87 44.01 -58.42
C GLY K 21 55.68 42.59 -57.95
N ASP K 22 55.64 42.41 -56.64
CA ASP K 22 55.50 41.11 -56.01
C ASP K 22 54.05 40.64 -55.98
N LYS K 23 53.11 41.48 -56.35
CA LYS K 23 51.70 41.17 -56.14
C LYS K 23 50.97 41.18 -57.47
N VAL K 24 50.38 40.06 -57.83
CA VAL K 24 49.21 40.07 -58.68
C VAL K 24 48.02 40.44 -57.79
N MET K 25 47.27 41.44 -58.20
CA MET K 25 46.16 41.95 -57.43
C MET K 25 44.86 41.58 -58.11
N LYS K 26 43.78 41.61 -57.35
CA LYS K 26 42.49 41.39 -57.93
C LYS K 26 41.45 42.17 -57.12
N PRO K 27 40.76 43.09 -57.74
CA PRO K 27 39.65 43.76 -57.06
C PRO K 27 38.53 42.79 -56.77
N ALA K 28 38.05 42.79 -55.53
CA ALA K 28 37.15 41.76 -55.05
C ALA K 28 35.69 42.07 -55.31
N HIS K 29 35.37 43.19 -55.98
CA HIS K 29 33.97 43.51 -56.22
C HIS K 29 33.37 42.62 -57.28
N VAL K 30 34.15 42.22 -58.27
CA VAL K 30 33.73 41.24 -59.26
C VAL K 30 34.30 39.90 -58.86
N LYS K 31 33.44 38.89 -58.84
CA LYS K 31 33.89 37.56 -58.46
C LYS K 31 34.10 36.74 -59.73
N GLY K 32 35.29 36.16 -59.85
CA GLY K 32 35.63 35.54 -61.11
C GLY K 32 36.90 34.74 -61.04
N THR K 33 37.17 34.06 -62.14
CA THR K 33 38.35 33.25 -62.36
C THR K 33 39.34 33.98 -63.24
N ILE K 34 40.36 33.25 -63.68
CA ILE K 34 41.62 33.80 -64.13
C ILE K 34 41.79 33.57 -65.63
N ASP K 35 42.72 34.32 -66.21
CA ASP K 35 43.22 34.05 -67.57
C ASP K 35 44.52 33.25 -67.53
N ASN K 36 44.53 32.14 -66.80
CA ASN K 36 45.71 31.31 -66.64
C ASN K 36 45.26 29.95 -66.13
N ALA K 37 46.22 29.14 -65.70
CA ALA K 37 45.94 28.00 -64.83
C ALA K 37 46.69 28.26 -63.53
N ASP K 38 47.59 29.23 -63.58
CA ASP K 38 48.53 29.46 -62.49
C ASP K 38 47.82 30.07 -61.29
N LEU K 39 47.01 31.09 -61.54
CA LEU K 39 46.64 32.05 -60.53
C LEU K 39 45.57 31.51 -59.58
N ALA K 40 44.90 30.43 -59.96
CA ALA K 40 43.81 29.87 -59.18
C ALA K 40 44.29 29.17 -57.92
N LYS K 41 45.55 28.80 -57.86
CA LYS K 41 46.14 28.23 -56.67
C LYS K 41 46.66 29.28 -55.72
N LEU K 42 46.72 30.53 -56.18
CA LEU K 42 47.27 31.62 -55.41
C LEU K 42 46.21 32.24 -54.51
N ALA K 43 46.51 32.29 -53.22
CA ALA K 43 45.58 32.79 -52.22
C ALA K 43 45.51 34.31 -52.30
N PHE K 44 44.34 34.82 -52.64
CA PHE K 44 44.09 36.25 -52.58
C PHE K 44 43.45 36.61 -51.25
N LYS K 45 43.85 37.75 -50.72
CA LYS K 45 43.47 38.17 -49.38
C LYS K 45 42.60 39.41 -49.52
N ARG K 46 41.66 39.53 -48.57
CA ARG K 46 40.42 40.26 -48.75
C ARG K 46 40.42 41.54 -47.93
N SER K 47 40.73 42.66 -48.58
CA SER K 47 40.55 43.96 -47.96
C SER K 47 39.07 44.32 -48.03
N SER K 48 38.37 44.11 -46.91
CA SER K 48 37.01 44.61 -46.79
C SER K 48 36.96 46.12 -46.72
N LYS K 49 38.06 46.75 -46.32
CA LYS K 49 38.16 48.20 -46.38
C LYS K 49 38.17 48.68 -47.82
N TYR K 50 39.12 48.21 -48.60
CA TYR K 50 39.25 48.61 -49.99
C TYR K 50 38.52 47.68 -50.92
N ASP K 51 37.98 46.58 -50.39
CA ASP K 51 37.28 45.53 -51.14
C ASP K 51 38.15 44.99 -52.28
N LEU K 52 39.41 44.72 -51.95
CA LEU K 52 40.36 44.22 -52.94
C LEU K 52 40.94 42.89 -52.47
N GLU K 53 41.93 42.42 -53.22
CA GLU K 53 42.46 41.07 -53.06
C GLU K 53 43.92 41.05 -53.45
N CYS K 54 44.74 40.38 -52.65
CA CYS K 54 46.16 40.32 -52.93
C CYS K 54 46.67 38.88 -52.96
N ALA K 55 47.75 38.68 -53.72
CA ALA K 55 48.42 37.38 -53.77
C ALA K 55 49.88 37.62 -54.09
N GLN K 56 50.69 36.58 -53.94
CA GLN K 56 52.11 36.68 -54.20
C GLN K 56 52.45 36.11 -55.56
N ILE K 57 53.73 36.00 -55.87
CA ILE K 57 54.18 35.80 -57.25
C ILE K 57 55.44 34.94 -57.25
N PRO K 58 55.45 33.82 -57.97
CA PRO K 58 56.73 33.23 -58.37
C PRO K 58 57.29 33.92 -59.60
N VAL K 59 58.34 34.73 -59.43
CA VAL K 59 58.65 35.76 -60.42
C VAL K 59 59.42 35.22 -61.61
N HIS K 60 59.78 33.93 -61.61
CA HIS K 60 60.67 33.39 -62.63
C HIS K 60 60.00 33.37 -63.99
N MET K 61 58.69 33.17 -64.03
CA MET K 61 57.96 33.47 -65.25
C MET K 61 57.29 34.84 -65.19
N LYS K 62 57.21 35.46 -64.02
CA LYS K 62 56.63 36.79 -63.88
C LYS K 62 57.68 37.87 -63.93
N SER K 63 58.78 37.63 -64.64
CA SER K 63 59.77 38.65 -64.92
C SER K 63 59.24 39.76 -65.82
N ASP K 64 58.10 39.54 -66.48
CA ASP K 64 57.43 40.53 -67.29
C ASP K 64 56.49 41.40 -66.47
N ALA K 65 56.69 41.50 -65.16
CA ALA K 65 55.85 42.35 -64.34
C ALA K 65 56.21 43.81 -64.57
N SER K 66 55.18 44.63 -64.78
CA SER K 66 55.38 46.05 -64.92
C SER K 66 55.57 46.68 -63.55
N LYS K 67 55.63 48.00 -63.50
CA LYS K 67 55.90 48.64 -62.22
C LYS K 67 55.13 49.94 -62.10
N PHE K 68 54.71 50.21 -60.87
CA PHE K 68 54.06 51.44 -60.46
C PHE K 68 55.07 52.57 -60.36
N THR K 69 54.55 53.79 -60.24
CA THR K 69 55.33 54.94 -59.79
C THR K 69 54.53 55.65 -58.72
N HIS K 70 55.23 56.09 -57.68
CA HIS K 70 54.62 56.79 -56.56
C HIS K 70 54.44 58.28 -56.82
N GLU K 71 54.77 58.75 -58.02
CA GLU K 71 54.62 60.16 -58.34
C GLU K 71 53.44 60.34 -59.29
N LYS K 72 52.60 61.33 -59.01
CA LYS K 72 51.28 61.43 -59.60
C LYS K 72 50.97 62.82 -60.13
N PRO K 73 51.60 63.24 -61.23
CA PRO K 73 51.19 64.49 -61.88
C PRO K 73 50.06 64.24 -62.86
N GLU K 74 49.76 65.24 -63.68
CA GLU K 74 48.80 65.09 -64.77
C GLU K 74 49.46 64.38 -65.96
N GLY K 75 48.76 64.38 -67.09
CA GLY K 75 49.23 63.73 -68.29
C GLY K 75 48.16 62.84 -68.88
N TYR K 76 48.13 62.83 -70.22
CA TYR K 76 47.15 62.02 -70.94
C TYR K 76 47.49 60.56 -70.75
N TYR K 77 46.80 59.93 -69.81
CA TYR K 77 47.29 58.68 -69.23
C TYR K 77 46.80 57.50 -70.03
N ASN K 78 47.72 56.62 -70.41
CA ASN K 78 47.41 55.59 -71.39
C ASN K 78 46.69 54.42 -70.77
N TRP K 79 45.73 53.88 -71.51
CA TRP K 79 44.91 52.76 -71.07
C TRP K 79 44.43 52.03 -72.31
N HIS K 80 43.64 50.96 -72.07
CA HIS K 80 43.15 50.07 -73.12
C HIS K 80 42.37 50.82 -74.18
N HIS K 81 41.78 51.94 -73.84
CA HIS K 81 40.99 52.70 -74.79
C HIS K 81 41.57 54.10 -74.91
N GLY K 82 42.89 54.16 -75.03
CA GLY K 82 43.54 55.37 -75.51
C GLY K 82 44.26 56.18 -74.46
N ALA K 83 43.85 57.44 -74.29
CA ALA K 83 44.45 58.34 -73.33
C ALA K 83 43.36 59.02 -72.52
N VAL K 84 43.35 58.77 -71.22
CA VAL K 84 42.46 59.48 -70.31
C VAL K 84 42.92 60.92 -70.17
N GLN K 85 41.98 61.85 -70.33
CA GLN K 85 42.25 63.25 -70.07
C GLN K 85 42.43 63.46 -68.57
N TYR K 86 43.65 63.86 -68.22
CA TYR K 86 43.98 64.33 -66.88
C TYR K 86 43.10 65.51 -66.48
N SER K 87 42.74 65.57 -65.19
CA SER K 87 42.17 66.82 -64.66
C SER K 87 42.51 66.91 -63.18
N GLY K 88 43.63 67.57 -62.87
CA GLY K 88 43.98 67.98 -61.52
C GLY K 88 44.04 66.88 -60.50
N GLY K 89 44.55 65.71 -60.88
CA GLY K 89 44.51 64.54 -60.04
C GLY K 89 43.25 63.72 -60.17
N ARG K 90 42.13 64.33 -60.53
CA ARG K 90 40.91 63.59 -60.81
C ARG K 90 40.90 63.33 -62.31
N PHE K 91 41.59 62.27 -62.71
CA PHE K 91 41.75 61.98 -64.14
C PHE K 91 40.48 61.32 -64.64
N THR K 92 39.67 62.06 -65.37
CA THR K 92 38.36 61.60 -65.80
C THR K 92 38.40 61.16 -67.26
N ILE K 93 37.71 60.07 -67.55
CA ILE K 93 37.46 59.64 -68.92
C ILE K 93 36.25 60.43 -69.38
N PRO K 94 35.98 60.53 -70.68
CA PRO K 94 34.75 61.19 -71.10
C PRO K 94 33.57 60.24 -70.93
N THR K 95 32.38 60.79 -71.16
CA THR K 95 31.18 59.97 -71.28
C THR K 95 31.33 59.02 -72.47
N GLY K 96 30.86 57.79 -72.30
CA GLY K 96 30.98 56.78 -73.31
C GLY K 96 32.25 55.99 -73.25
N ALA K 97 33.26 56.48 -72.52
CA ALA K 97 34.48 55.74 -72.31
C ALA K 97 34.36 54.70 -71.20
N GLY K 98 33.21 54.62 -70.54
CA GLY K 98 33.01 53.63 -69.51
C GLY K 98 32.48 52.33 -70.07
N LYS K 99 33.36 51.38 -70.29
CA LYS K 99 32.94 50.09 -70.79
C LYS K 99 32.83 49.11 -69.64
N PRO K 100 31.67 48.50 -69.42
CA PRO K 100 31.52 47.56 -68.32
C PRO K 100 32.29 46.27 -68.57
N GLY K 101 32.60 45.59 -67.47
CA GLY K 101 33.45 44.43 -67.52
C GLY K 101 34.92 44.72 -67.57
N ASP K 102 35.33 46.00 -67.51
CA ASP K 102 36.72 46.40 -67.66
C ASP K 102 37.37 46.82 -66.35
N SER K 103 37.08 46.12 -65.26
CA SER K 103 37.63 46.49 -63.96
C SER K 103 39.12 46.20 -63.88
N GLY K 104 39.75 46.76 -62.86
CA GLY K 104 41.14 46.47 -62.54
C GLY K 104 42.13 46.88 -63.60
N ARG K 105 41.80 47.88 -64.39
CA ARG K 105 42.69 48.31 -65.47
C ARG K 105 43.84 49.13 -64.89
N PRO K 106 45.08 48.79 -65.19
CA PRO K 106 46.19 49.62 -64.74
C PRO K 106 46.35 50.81 -65.66
N ILE K 107 45.90 51.96 -65.20
CA ILE K 107 46.11 53.19 -65.95
C ILE K 107 47.58 53.56 -65.81
N PHE K 108 48.18 54.02 -66.91
CA PHE K 108 49.61 54.27 -66.90
C PHE K 108 49.91 55.45 -67.80
N ASP K 109 51.15 55.90 -67.76
CA ASP K 109 51.54 57.14 -68.41
C ASP K 109 51.99 56.88 -69.85
N ASN K 110 52.66 57.86 -70.43
CA ASN K 110 53.18 57.74 -71.78
C ASN K 110 54.46 56.92 -71.87
N LYS K 111 55.09 56.59 -70.74
CA LYS K 111 56.35 55.84 -70.77
C LYS K 111 56.26 54.50 -70.05
N GLY K 112 55.05 53.94 -69.94
CA GLY K 112 54.90 52.59 -69.43
C GLY K 112 55.02 52.46 -67.93
N ARG K 113 54.67 53.50 -67.18
CA ARG K 113 54.75 53.51 -65.74
C ARG K 113 53.34 53.59 -65.19
N VAL K 114 52.96 52.59 -64.38
CA VAL K 114 51.61 52.51 -63.85
C VAL K 114 51.38 53.67 -62.89
N VAL K 115 50.34 54.46 -63.16
CA VAL K 115 50.05 55.63 -62.34
C VAL K 115 49.01 55.36 -61.27
N ALA K 116 48.09 54.43 -61.47
CA ALA K 116 47.00 54.12 -60.54
C ALA K 116 46.33 52.83 -61.03
N ILE K 117 45.23 52.45 -60.37
CA ILE K 117 44.52 51.22 -60.70
C ILE K 117 43.03 51.35 -60.38
N VAL K 118 42.18 51.07 -61.35
CA VAL K 118 40.81 51.60 -61.36
C VAL K 118 39.83 50.54 -60.88
N LEU K 119 38.67 51.00 -60.37
CA LEU K 119 37.53 50.15 -60.09
C LEU K 119 36.33 50.50 -60.95
N GLY K 120 35.83 51.73 -60.89
CA GLY K 120 34.59 52.08 -61.58
C GLY K 120 34.51 53.53 -62.01
N GLY K 121 33.31 54.06 -62.25
CA GLY K 121 33.19 55.45 -62.67
C GLY K 121 31.74 55.86 -62.76
N ALA K 122 31.53 57.16 -62.99
CA ALA K 122 30.19 57.72 -63.10
C ALA K 122 30.22 59.02 -63.89
N ASN K 123 29.05 59.37 -64.44
CA ASN K 123 28.94 60.50 -65.35
C ASN K 123 27.91 61.50 -64.86
N GLU K 124 28.19 62.80 -65.09
CA GLU K 124 27.25 63.89 -64.79
C GLU K 124 27.19 64.77 -66.05
N GLY K 125 27.23 64.12 -67.21
CA GLY K 125 27.23 64.87 -68.45
C GLY K 125 28.40 64.59 -69.36
N ALA K 126 29.28 65.56 -69.52
CA ALA K 126 30.30 65.52 -70.56
C ALA K 126 31.48 64.61 -70.22
N ARG K 127 31.85 64.49 -68.96
CA ARG K 127 33.00 63.67 -68.58
C ARG K 127 32.61 62.70 -67.48
N THR K 128 33.31 61.57 -67.45
CA THR K 128 33.02 60.49 -66.51
C THR K 128 34.19 60.34 -65.55
N ALA K 129 33.93 60.64 -64.28
CA ALA K 129 34.95 60.41 -63.26
C ALA K 129 35.06 58.93 -62.94
N LEU K 130 36.10 58.56 -62.20
CA LEU K 130 36.41 57.15 -62.00
C LEU K 130 36.83 56.91 -60.56
N SER K 131 36.28 55.85 -59.99
CA SER K 131 36.72 55.32 -58.70
C SER K 131 37.96 54.47 -58.93
N VAL K 132 39.10 54.93 -58.41
CA VAL K 132 40.42 54.41 -58.74
C VAL K 132 41.11 54.09 -57.41
N VAL K 133 42.13 53.23 -57.47
CA VAL K 133 43.03 52.98 -56.34
C VAL K 133 44.41 53.43 -56.76
N THR K 134 45.22 53.86 -55.80
CA THR K 134 46.60 54.27 -56.05
C THR K 134 47.41 53.97 -54.80
N TRP K 135 48.56 54.62 -54.67
CA TRP K 135 49.52 54.34 -53.60
C TRP K 135 50.09 55.65 -53.07
N ASN K 136 50.02 55.84 -51.75
CA ASN K 136 50.49 57.06 -51.11
C ASN K 136 51.12 56.71 -49.76
N LYS K 137 52.29 57.31 -49.50
CA LYS K 137 53.16 56.96 -48.36
C LYS K 137 53.45 55.46 -48.32
N ASP K 138 53.68 54.88 -49.50
CA ASP K 138 53.81 53.44 -49.73
C ASP K 138 52.60 52.67 -49.17
N ILE K 139 51.42 53.27 -49.29
CA ILE K 139 50.18 52.66 -48.85
C ILE K 139 49.16 52.85 -49.95
N VAL K 140 48.61 51.75 -50.44
CA VAL K 140 47.55 51.84 -51.44
C VAL K 140 46.29 52.43 -50.81
N THR K 141 45.56 53.18 -51.61
CA THR K 141 44.51 54.07 -51.15
C THR K 141 43.40 54.07 -52.20
N LYS K 142 42.17 53.81 -51.76
CA LYS K 142 41.04 53.68 -52.67
C LYS K 142 40.26 54.98 -52.66
N ILE K 143 40.35 55.73 -53.74
CA ILE K 143 39.68 57.02 -53.85
C ILE K 143 38.51 56.84 -54.81
N THR K 144 37.29 57.01 -54.29
CA THR K 144 36.10 56.72 -55.05
C THR K 144 35.23 57.96 -55.18
N PRO K 145 35.12 58.55 -56.37
CA PRO K 145 33.98 59.44 -56.65
C PRO K 145 32.67 58.70 -56.45
N GLU K 146 31.84 59.26 -55.57
CA GLU K 146 30.66 58.57 -55.05
C GLU K 146 29.62 58.34 -56.14
N GLY K 147 28.90 57.24 -56.01
CA GLY K 147 27.93 56.85 -57.01
C GLY K 147 28.52 56.30 -58.28
N ALA K 148 29.75 55.77 -58.22
CA ALA K 148 30.39 55.27 -59.43
C ALA K 148 29.77 53.94 -59.84
N GLU K 149 29.35 53.84 -61.11
CA GLU K 149 28.93 52.53 -61.57
C GLU K 149 30.15 51.66 -61.84
N GLU K 150 29.91 50.36 -61.91
CA GLU K 150 30.96 49.37 -61.89
C GLU K 150 31.19 48.81 -63.28
N TRP K 151 32.44 48.66 -63.64
CA TRP K 151 32.80 47.90 -64.82
C TRP K 151 33.38 46.56 -64.41
N ASN L 1 7.53 66.21 -88.50
CA ASN L 1 6.12 65.85 -88.59
C ASN L 1 5.81 65.19 -89.92
N ASP L 2 6.36 64.00 -90.13
CA ASP L 2 5.84 63.12 -91.17
C ASP L 2 4.36 62.88 -90.93
N CYS L 3 4.03 62.35 -89.74
CA CYS L 3 2.72 62.49 -89.13
C CYS L 3 2.87 62.74 -87.63
N ILE L 4 3.95 63.39 -87.24
CA ILE L 4 4.55 63.18 -85.92
C ILE L 4 4.01 64.20 -84.91
N PHE L 5 3.56 63.70 -83.77
CA PHE L 5 3.27 64.48 -82.58
C PHE L 5 3.96 63.81 -81.40
N GLU L 6 3.76 64.33 -80.19
CA GLU L 6 4.78 64.17 -79.17
C GLU L 6 4.17 63.95 -77.79
N VAL L 7 5.00 63.47 -76.86
CA VAL L 7 4.79 63.62 -75.42
C VAL L 7 6.15 64.02 -74.83
N LYS L 8 6.13 64.96 -73.86
CA LYS L 8 7.35 65.54 -73.29
C LYS L 8 7.18 65.80 -71.80
N HIS L 9 8.07 65.25 -70.97
CA HIS L 9 8.08 65.52 -69.52
C HIS L 9 9.51 65.74 -69.06
N GLU L 10 9.87 67.01 -68.81
CA GLU L 10 11.25 67.52 -68.61
C GLU L 10 12.26 66.87 -69.55
N GLY L 11 11.89 66.75 -70.82
CA GLY L 11 12.77 66.13 -71.78
C GLY L 11 12.59 64.62 -71.84
N LYS L 12 11.35 64.16 -71.84
CA LYS L 12 11.07 62.73 -71.96
C LYS L 12 10.41 62.47 -73.30
N VAL L 13 11.10 61.71 -74.14
CA VAL L 13 10.63 61.40 -75.48
C VAL L 13 10.28 59.91 -75.47
N THR L 14 9.98 59.40 -74.27
CA THR L 14 9.65 57.98 -74.11
C THR L 14 8.32 57.75 -74.76
N GLY L 15 8.37 57.40 -76.03
CA GLY L 15 7.19 57.41 -76.78
C GLY L 15 6.76 58.80 -77.23
N TYR L 16 5.69 58.78 -77.99
CA TYR L 16 5.06 59.97 -78.55
C TYR L 16 3.62 60.01 -78.07
N ALA L 17 2.85 60.96 -78.60
CA ALA L 17 1.40 60.93 -78.48
C ALA L 17 0.81 61.68 -79.66
N CYS L 18 0.07 60.98 -80.50
CA CYS L 18 -0.41 61.51 -81.77
C CYS L 18 -1.94 61.47 -81.81
N LEU L 19 -2.53 62.41 -82.54
CA LEU L 19 -3.98 62.45 -82.72
C LEU L 19 -4.32 61.65 -83.98
N VAL L 20 -4.49 60.35 -83.81
CA VAL L 20 -4.75 59.46 -84.94
C VAL L 20 -6.14 58.84 -84.77
N GLY L 21 -6.98 59.02 -85.78
CA GLY L 21 -8.35 58.53 -85.77
C GLY L 21 -9.19 59.10 -84.65
N ASP L 22 -9.50 58.25 -83.67
CA ASP L 22 -10.09 58.69 -82.41
C ASP L 22 -9.03 58.92 -81.35
N LYS L 23 -7.84 58.39 -81.57
CA LYS L 23 -6.90 58.08 -80.50
C LYS L 23 -5.85 59.17 -80.36
N VAL L 24 -5.80 59.74 -79.16
CA VAL L 24 -4.60 60.37 -78.63
C VAL L 24 -4.14 59.49 -77.48
N MET L 25 -2.96 58.92 -77.60
CA MET L 25 -2.55 57.87 -76.70
C MET L 25 -1.79 58.43 -75.51
N LYS L 26 -1.72 57.60 -74.47
CA LYS L 26 -0.82 57.88 -73.37
C LYS L 26 -0.26 56.58 -72.82
N PRO L 27 1.05 56.36 -72.92
CA PRO L 27 1.67 55.31 -72.13
C PRO L 27 1.55 55.68 -70.66
N ALA L 28 0.76 54.90 -69.92
CA ALA L 28 0.49 55.26 -68.54
C ALA L 28 1.71 55.06 -67.65
N HIS L 29 2.64 54.20 -68.06
CA HIS L 29 3.91 54.10 -67.37
C HIS L 29 4.76 55.35 -67.54
N VAL L 30 4.58 56.09 -68.63
CA VAL L 30 5.31 57.33 -68.81
C VAL L 30 4.72 58.37 -67.88
N LYS L 31 5.56 58.96 -67.04
CA LYS L 31 5.09 59.77 -65.92
C LYS L 31 5.28 61.25 -66.19
N GLY L 32 4.22 62.02 -65.98
CA GLY L 32 4.33 63.45 -65.99
C GLY L 32 3.51 64.20 -67.03
N THR L 33 4.19 64.82 -67.98
CA THR L 33 3.60 65.87 -68.80
C THR L 33 3.49 65.41 -70.25
N ILE L 34 2.43 65.86 -70.90
CA ILE L 34 2.24 65.72 -72.34
C ILE L 34 2.88 66.93 -73.02
N ASP L 35 3.30 66.76 -74.28
CA ASP L 35 3.82 67.87 -75.08
C ASP L 35 2.81 69.01 -75.22
N ASN L 36 1.51 68.69 -75.21
CA ASN L 36 0.45 69.68 -75.36
C ASN L 36 -0.34 69.66 -74.06
N ALA L 37 0.16 70.41 -73.07
CA ALA L 37 -0.49 70.51 -71.77
C ALA L 37 -1.83 71.22 -71.82
N ASP L 38 -2.11 71.96 -72.90
CA ASP L 38 -3.47 72.40 -73.17
C ASP L 38 -4.42 71.23 -73.31
N LEU L 39 -3.97 70.15 -73.92
CA LEU L 39 -4.80 68.96 -74.06
C LEU L 39 -4.71 68.02 -72.85
N ALA L 40 -4.04 68.47 -71.78
CA ALA L 40 -3.98 67.67 -70.57
C ALA L 40 -5.16 67.93 -69.66
N LYS L 41 -5.96 68.96 -69.94
CA LYS L 41 -6.99 69.43 -69.01
C LYS L 41 -8.28 68.61 -69.08
N LEU L 42 -8.21 67.40 -69.63
CA LEU L 42 -9.35 66.53 -69.82
C LEU L 42 -9.11 65.19 -69.13
N ALA L 43 -10.19 64.45 -68.91
CA ALA L 43 -10.14 63.20 -68.15
C ALA L 43 -9.48 62.08 -68.95
N PHE L 44 -9.18 60.99 -68.28
CA PHE L 44 -8.49 59.86 -68.87
C PHE L 44 -9.03 58.54 -68.32
N LYS L 45 -8.56 57.44 -68.91
CA LYS L 45 -9.09 56.11 -68.68
C LYS L 45 -7.94 55.21 -68.24
N ARG L 46 -8.03 54.69 -67.03
CA ARG L 46 -6.93 53.93 -66.45
C ARG L 46 -6.87 52.53 -67.04
N SER L 47 -5.79 52.22 -67.72
CA SER L 47 -5.50 50.85 -68.16
C SER L 47 -4.16 50.47 -67.56
N SER L 48 -4.19 49.97 -66.33
CA SER L 48 -2.98 49.40 -65.75
C SER L 48 -2.63 48.09 -66.44
N LYS L 49 -3.65 47.39 -66.94
CA LYS L 49 -3.41 46.18 -67.71
C LYS L 49 -2.78 46.48 -69.05
N TYR L 50 -3.05 47.66 -69.62
CA TYR L 50 -2.67 47.93 -70.98
C TYR L 50 -1.77 49.15 -71.15
N ASP L 51 -1.41 49.83 -70.06
CA ASP L 51 -0.41 50.91 -70.03
C ASP L 51 -0.81 52.07 -70.95
N LEU L 52 -2.01 52.59 -70.73
CA LEU L 52 -2.57 53.55 -71.66
C LEU L 52 -3.69 54.35 -71.03
N GLU L 53 -3.65 55.65 -71.25
CA GLU L 53 -4.76 56.56 -71.02
C GLU L 53 -5.13 57.16 -72.36
N CYS L 54 -6.37 57.63 -72.49
CA CYS L 54 -6.95 57.89 -73.79
C CYS L 54 -7.55 59.27 -73.89
N ALA L 55 -7.36 59.92 -75.03
CA ALA L 55 -7.82 61.29 -75.22
C ALA L 55 -8.39 61.50 -76.61
N GLN L 56 -9.51 62.19 -76.68
CA GLN L 56 -10.18 62.52 -77.92
C GLN L 56 -9.50 63.72 -78.59
N ILE L 57 -10.16 64.29 -79.58
CA ILE L 57 -9.54 65.22 -80.52
C ILE L 57 -10.41 66.48 -80.62
N PRO L 58 -9.84 67.69 -80.68
CA PRO L 58 -10.67 68.90 -80.81
C PRO L 58 -11.38 68.97 -82.15
N VAL L 59 -12.14 70.05 -82.32
CA VAL L 59 -13.29 70.01 -83.21
C VAL L 59 -12.87 70.04 -84.68
N HIS L 60 -12.21 71.09 -85.16
CA HIS L 60 -12.01 71.23 -86.60
C HIS L 60 -10.66 70.71 -87.06
N MET L 61 -10.40 69.43 -86.80
CA MET L 61 -9.26 68.72 -87.37
C MET L 61 -9.63 67.95 -88.63
N LYS L 62 -10.59 68.47 -89.43
CA LYS L 62 -11.17 67.76 -90.58
C LYS L 62 -10.14 67.42 -91.65
N SER L 63 -9.04 68.18 -91.69
CA SER L 63 -7.84 67.81 -92.43
C SER L 63 -6.61 67.79 -91.52
N ASP L 64 -6.80 67.57 -90.21
CA ASP L 64 -5.71 67.70 -89.24
C ASP L 64 -5.69 66.58 -88.21
N ALA L 65 -6.19 65.40 -88.55
CA ALA L 65 -6.01 64.21 -87.73
C ALA L 65 -4.81 63.43 -88.24
N SER L 66 -4.63 62.19 -87.79
CA SER L 66 -3.64 61.29 -88.36
C SER L 66 -4.28 59.96 -88.71
N LYS L 67 -3.55 59.16 -89.48
CA LYS L 67 -4.13 57.99 -90.15
C LYS L 67 -3.44 56.71 -89.73
N PHE L 68 -4.23 55.79 -89.19
CA PHE L 68 -3.79 54.46 -88.80
C PHE L 68 -4.17 53.48 -89.88
N THR L 69 -3.96 52.20 -89.58
CA THR L 69 -4.67 51.12 -90.23
C THR L 69 -4.87 50.04 -89.18
N HIS L 70 -5.56 48.98 -89.58
CA HIS L 70 -5.63 47.78 -88.76
C HIS L 70 -5.08 46.56 -89.47
N GLU L 71 -4.40 46.75 -90.60
CA GLU L 71 -3.78 45.66 -91.34
C GLU L 71 -2.31 45.55 -90.93
N LYS L 72 -1.90 44.34 -90.57
CA LYS L 72 -0.53 44.04 -90.18
C LYS L 72 0.06 42.91 -91.01
N PRO L 73 0.57 43.21 -92.20
CA PRO L 73 1.40 42.22 -92.90
C PRO L 73 2.81 42.22 -92.33
N GLU L 74 3.69 41.50 -93.00
CA GLU L 74 5.10 41.62 -92.65
C GLU L 74 5.79 42.62 -93.56
N GLY L 75 7.09 42.80 -93.32
CA GLY L 75 7.88 43.69 -94.16
C GLY L 75 8.57 44.80 -93.41
N TYR L 76 8.91 45.86 -94.12
CA TYR L 76 9.58 47.00 -93.51
C TYR L 76 8.55 48.04 -93.09
N TYR L 77 8.77 48.63 -91.93
CA TYR L 77 7.77 49.50 -91.33
C TYR L 77 8.45 50.79 -90.89
N ASN L 78 8.17 51.86 -91.62
CA ASN L 78 8.91 53.09 -91.42
C ASN L 78 8.39 53.81 -90.19
N TRP L 79 9.32 54.38 -89.44
CA TRP L 79 9.01 55.16 -88.25
C TRP L 79 10.19 56.08 -88.00
N HIS L 80 10.20 56.71 -86.82
CA HIS L 80 11.06 57.88 -86.59
C HIS L 80 12.53 57.53 -86.58
N HIS L 81 12.89 56.37 -86.05
CA HIS L 81 14.27 55.91 -86.15
C HIS L 81 14.43 54.84 -87.23
N GLY L 82 13.69 54.98 -88.33
CA GLY L 82 13.99 54.20 -89.51
C GLY L 82 13.08 53.03 -89.79
N ALA L 83 13.64 51.84 -89.90
CA ALA L 83 12.90 50.68 -90.39
C ALA L 83 12.67 49.68 -89.27
N VAL L 84 11.46 49.15 -89.23
CA VAL L 84 11.13 47.97 -88.43
C VAL L 84 11.03 46.83 -89.41
N GLN L 85 12.02 45.96 -89.43
CA GLN L 85 11.88 44.71 -90.16
C GLN L 85 10.98 43.83 -89.31
N TYR L 86 9.70 43.82 -89.63
CA TYR L 86 8.74 43.00 -88.90
C TYR L 86 8.54 41.74 -89.71
N SER L 87 9.01 40.63 -89.19
CA SER L 87 8.88 39.35 -89.88
C SER L 87 8.60 38.26 -88.86
N GLY L 88 7.74 37.32 -89.26
CA GLY L 88 7.46 36.15 -88.45
C GLY L 88 6.78 36.46 -87.14
N GLY L 89 5.97 37.51 -87.09
CA GLY L 89 5.41 37.92 -85.81
C GLY L 89 6.37 38.67 -84.94
N ARG L 90 7.55 39.04 -85.45
CA ARG L 90 8.59 39.67 -84.65
C ARG L 90 8.96 41.00 -85.25
N PHE L 91 8.62 42.07 -84.54
CA PHE L 91 9.01 43.41 -84.93
C PHE L 91 10.45 43.64 -84.51
N THR L 92 11.36 43.74 -85.48
CA THR L 92 12.78 43.80 -85.16
C THR L 92 13.36 45.08 -85.74
N ILE L 93 13.85 45.94 -84.86
CA ILE L 93 14.80 46.98 -85.28
C ILE L 93 16.16 46.35 -85.03
N PRO L 94 17.26 46.96 -85.46
CA PRO L 94 18.56 46.55 -84.93
C PRO L 94 18.70 46.94 -83.46
N THR L 95 19.66 46.32 -82.78
CA THR L 95 19.97 46.74 -81.42
C THR L 95 20.58 48.13 -81.45
N GLY L 96 19.95 49.08 -80.77
CA GLY L 96 20.44 50.43 -80.66
C GLY L 96 19.80 51.40 -81.62
N ALA L 97 18.97 50.92 -82.56
CA ALA L 97 18.22 51.82 -83.42
C ALA L 97 17.24 52.65 -82.62
N GLY L 98 16.56 52.03 -81.67
CA GLY L 98 15.86 52.74 -80.63
C GLY L 98 16.70 52.80 -79.36
N LYS L 99 16.04 53.21 -78.29
CA LYS L 99 16.71 53.33 -76.99
C LYS L 99 15.65 53.26 -75.90
N PRO L 100 16.02 52.84 -74.70
CA PRO L 100 15.10 52.96 -73.57
C PRO L 100 14.77 54.41 -73.28
N GLY L 101 13.50 54.73 -73.47
CA GLY L 101 13.10 56.10 -73.72
C GLY L 101 12.37 56.16 -75.04
N ASP L 102 11.64 55.09 -75.38
CA ASP L 102 10.90 55.07 -76.64
C ASP L 102 9.50 54.47 -76.58
N SER L 103 9.01 54.03 -75.41
CA SER L 103 7.75 53.28 -75.37
C SER L 103 6.55 54.21 -75.51
N GLY L 104 5.75 53.97 -76.53
CA GLY L 104 4.64 54.82 -76.89
C GLY L 104 4.79 55.52 -78.23
N ARG L 105 5.67 55.03 -79.11
CA ARG L 105 5.95 55.65 -80.39
C ARG L 105 5.14 54.97 -81.48
N PRO L 106 4.49 55.73 -82.35
CA PRO L 106 3.77 55.12 -83.46
C PRO L 106 4.73 54.56 -84.49
N ILE L 107 4.41 53.36 -84.95
CA ILE L 107 5.13 52.73 -86.05
C ILE L 107 4.16 52.66 -87.21
N PHE L 108 4.59 53.08 -88.37
CA PHE L 108 3.71 53.05 -89.54
C PHE L 108 4.36 52.24 -90.64
N ASP L 109 3.69 52.14 -91.78
CA ASP L 109 4.20 51.39 -92.91
C ASP L 109 5.19 52.27 -93.67
N ASN L 110 5.58 51.85 -94.87
CA ASN L 110 6.31 52.77 -95.73
C ASN L 110 5.40 53.82 -96.36
N LYS L 111 4.08 53.68 -96.19
CA LYS L 111 3.10 54.51 -96.87
C LYS L 111 2.20 55.29 -95.92
N GLY L 112 2.59 55.46 -94.66
CA GLY L 112 1.94 56.42 -93.80
C GLY L 112 0.96 55.85 -92.80
N ARG L 113 0.37 54.71 -93.13
CA ARG L 113 -0.67 54.13 -92.29
C ARG L 113 -0.05 53.52 -91.04
N VAL L 114 -0.51 53.98 -89.89
CA VAL L 114 0.09 53.54 -88.63
C VAL L 114 -0.34 52.12 -88.33
N VAL L 115 0.64 51.25 -88.15
CA VAL L 115 0.41 49.85 -87.89
C VAL L 115 0.64 49.49 -86.41
N ALA L 116 1.47 50.23 -85.70
CA ALA L 116 1.92 49.74 -84.40
C ALA L 116 2.26 50.90 -83.48
N ILE L 117 2.12 50.65 -82.18
CA ILE L 117 2.50 51.59 -81.14
C ILE L 117 3.32 50.80 -80.10
N VAL L 118 4.55 51.24 -79.87
CA VAL L 118 5.56 50.39 -79.24
C VAL L 118 5.54 50.58 -77.73
N LEU L 119 5.78 49.49 -76.99
CA LEU L 119 5.83 49.52 -75.54
C LEU L 119 7.15 49.10 -74.94
N GLY L 120 8.10 48.63 -75.73
CA GLY L 120 9.42 48.37 -75.19
C GLY L 120 10.23 47.46 -76.09
N GLY L 121 11.47 47.26 -75.69
CA GLY L 121 12.42 46.46 -76.44
C GLY L 121 12.51 45.02 -75.94
N ALA L 122 13.14 44.19 -76.78
CA ALA L 122 13.44 42.81 -76.45
C ALA L 122 14.68 42.44 -77.27
N ASN L 123 15.85 42.54 -76.65
CA ASN L 123 17.09 42.48 -77.42
C ASN L 123 17.44 41.04 -77.73
N GLU L 124 17.49 40.70 -79.02
CA GLU L 124 17.92 39.38 -79.47
C GLU L 124 19.40 39.32 -79.77
N GLY L 125 20.19 40.20 -79.14
CA GLY L 125 21.59 40.28 -79.45
C GLY L 125 21.88 41.33 -80.50
N ALA L 126 22.01 40.91 -81.76
CA ALA L 126 22.36 41.85 -82.82
C ALA L 126 21.21 42.79 -83.14
N ARG L 127 19.98 42.32 -83.05
CA ARG L 127 18.81 43.12 -83.33
C ARG L 127 17.98 43.21 -82.05
N THR L 128 16.79 43.75 -82.15
CA THR L 128 15.94 43.93 -80.99
C THR L 128 14.49 43.92 -81.45
N ALA L 129 13.73 42.92 -81.02
CA ALA L 129 12.30 42.89 -81.24
C ALA L 129 11.60 43.87 -80.30
N LEU L 130 10.32 44.06 -80.52
CA LEU L 130 9.59 45.12 -79.82
C LEU L 130 8.29 44.59 -79.25
N SER L 131 8.06 44.82 -77.97
CA SER L 131 6.74 44.68 -77.39
C SER L 131 5.93 45.91 -77.75
N VAL L 132 4.84 45.71 -78.48
CA VAL L 132 4.02 46.78 -79.02
C VAL L 132 2.57 46.56 -78.62
N VAL L 133 1.67 47.39 -79.15
CA VAL L 133 0.24 47.12 -79.09
C VAL L 133 -0.33 47.26 -80.49
N THR L 134 -1.12 46.27 -80.91
CA THR L 134 -1.84 46.36 -82.17
C THR L 134 -3.26 46.85 -81.95
N TRP L 135 -3.92 47.08 -83.08
CA TRP L 135 -5.35 47.28 -83.14
C TRP L 135 -5.82 46.69 -84.46
N ASN L 136 -6.70 45.69 -84.35
CA ASN L 136 -7.23 44.94 -85.49
C ASN L 136 -8.36 44.08 -84.98
N LYS L 137 -9.21 43.64 -85.91
CA LYS L 137 -10.46 42.92 -85.60
C LYS L 137 -11.32 43.73 -84.63
N ASP L 138 -11.31 45.06 -84.87
CA ASP L 138 -11.79 46.11 -83.97
C ASP L 138 -11.52 45.80 -82.49
N ILE L 139 -10.28 45.45 -82.19
CA ILE L 139 -9.85 45.35 -80.80
C ILE L 139 -8.37 45.71 -80.72
N VAL L 140 -8.02 46.49 -79.72
CA VAL L 140 -6.62 46.72 -79.41
C VAL L 140 -6.10 45.51 -78.64
N THR L 141 -4.84 45.17 -78.87
CA THR L 141 -4.27 44.01 -78.21
C THR L 141 -2.80 44.25 -77.87
N LYS L 142 -2.49 44.09 -76.58
CA LYS L 142 -1.17 44.32 -76.03
C LYS L 142 -0.19 43.20 -76.39
N ILE L 143 0.64 43.38 -77.41
CA ILE L 143 1.64 42.37 -77.75
C ILE L 143 2.85 42.66 -76.88
N THR L 144 2.83 42.06 -75.69
CA THR L 144 4.00 42.08 -74.81
C THR L 144 4.47 40.66 -74.56
N PRO L 145 5.32 40.11 -75.44
CA PRO L 145 5.92 38.81 -75.14
C PRO L 145 6.88 38.93 -73.95
N GLU L 146 6.82 37.93 -73.08
CA GLU L 146 7.63 37.93 -71.87
C GLU L 146 9.11 37.76 -72.20
N GLY L 147 9.96 38.26 -71.31
CA GLY L 147 11.35 38.39 -71.61
C GLY L 147 11.72 39.66 -72.36
N ALA L 148 10.75 40.54 -72.60
CA ALA L 148 11.04 41.83 -73.20
C ALA L 148 11.43 42.81 -72.09
N GLU L 149 11.75 44.04 -72.47
CA GLU L 149 12.16 45.04 -71.50
C GLU L 149 11.55 46.38 -71.87
N GLU L 150 11.02 47.06 -70.86
CA GLU L 150 10.30 48.31 -71.12
C GLU L 150 11.27 49.41 -71.48
N TRP L 151 11.10 49.96 -72.67
CA TRP L 151 12.04 50.93 -73.20
C TRP L 151 11.54 52.35 -73.05
N PRO M 1 -21.62 20.11 55.65
CA PRO M 1 -21.82 20.39 54.23
C PRO M 1 -20.79 21.36 53.66
N VAL M 2 -21.26 22.49 53.14
CA VAL M 2 -20.37 23.51 52.60
C VAL M 2 -19.68 24.22 53.76
N MET M 3 -18.37 24.44 53.63
CA MET M 3 -17.50 24.81 54.73
C MET M 3 -17.33 26.33 54.78
N CYS M 4 -17.95 26.96 55.79
CA CYS M 4 -17.77 28.37 56.08
C CYS M 4 -16.69 28.56 57.13
N LEU M 5 -15.90 29.62 56.97
CA LEU M 5 -14.73 29.88 57.81
C LEU M 5 -14.78 31.30 58.33
N LEU M 6 -14.98 31.47 59.64
CA LEU M 6 -14.78 32.76 60.29
C LEU M 6 -13.36 32.89 60.84
N ALA M 7 -12.38 32.54 60.01
CA ALA M 7 -10.93 32.62 60.27
C ALA M 7 -10.43 31.81 61.48
N ASN M 8 -11.30 31.03 62.11
CA ASN M 8 -10.89 30.27 63.28
C ASN M 8 -11.24 28.80 63.21
N THR M 9 -12.45 28.45 62.78
CA THR M 9 -12.91 27.07 62.68
C THR M 9 -13.58 26.88 61.34
N THR M 10 -13.44 25.68 60.78
CA THR M 10 -14.03 25.32 59.49
C THR M 10 -15.39 24.69 59.76
N PHE M 11 -16.37 25.54 60.01
CA PHE M 11 -17.70 25.06 60.40
C PHE M 11 -18.56 24.91 59.16
N PRO M 12 -19.68 24.18 59.23
CA PRO M 12 -20.60 24.18 58.10
C PRO M 12 -21.32 25.51 57.96
N CYS M 13 -21.70 25.85 56.73
CA CYS M 13 -22.52 27.04 56.56
C CYS M 13 -23.96 26.80 57.03
N SER M 14 -24.36 25.54 57.20
CA SER M 14 -25.61 25.20 57.86
C SER M 14 -25.49 25.19 59.37
N GLN M 15 -24.29 24.97 59.90
CA GLN M 15 -24.04 24.98 61.34
C GLN M 15 -23.03 26.07 61.66
N PRO M 16 -23.47 27.30 61.85
CA PRO M 16 -22.58 28.34 62.36
C PRO M 16 -22.32 28.12 63.84
N PRO M 17 -21.39 28.86 64.45
CA PRO M 17 -21.29 28.87 65.92
C PRO M 17 -22.46 29.53 66.63
N CYS M 18 -23.44 30.09 65.92
CA CYS M 18 -24.56 30.78 66.53
C CYS M 18 -25.88 30.40 65.85
N THR M 19 -26.09 29.11 65.65
CA THR M 19 -27.30 28.66 64.96
C THR M 19 -28.50 28.71 65.89
N PRO M 20 -29.63 29.29 65.45
CA PRO M 20 -29.94 30.30 64.44
C PRO M 20 -29.91 31.74 64.97
N CYS M 21 -30.37 32.69 64.16
CA CYS M 21 -30.66 34.09 64.52
C CYS M 21 -29.41 34.82 65.03
N CYS M 22 -28.49 35.03 64.08
CA CYS M 22 -27.23 35.69 64.37
C CYS M 22 -27.42 37.16 64.74
N TYR M 23 -28.17 37.91 63.91
CA TYR M 23 -28.38 39.33 64.21
C TYR M 23 -29.23 39.54 65.46
N GLU M 24 -30.15 38.61 65.73
CA GLU M 24 -30.96 38.68 66.93
C GLU M 24 -30.17 38.44 68.21
N LYS M 25 -28.94 37.96 68.10
CA LYS M 25 -28.02 37.89 69.23
C LYS M 25 -26.76 38.72 69.05
N GLU M 26 -26.31 38.99 67.81
CA GLU M 26 -25.16 39.85 67.60
C GLU M 26 -25.26 40.62 66.28
N PRO M 27 -25.35 41.93 66.32
CA PRO M 27 -25.37 42.71 65.07
C PRO M 27 -24.04 42.72 64.34
N GLU M 28 -22.97 43.07 65.04
CA GLU M 28 -21.72 43.35 64.35
C GLU M 28 -20.95 42.08 64.03
N GLU M 29 -21.14 41.00 64.77
CA GLU M 29 -20.57 39.74 64.31
C GLU M 29 -21.31 39.21 63.09
N THR M 30 -22.61 39.49 62.99
CA THR M 30 -23.32 39.22 61.76
C THR M 30 -22.81 40.10 60.63
N LEU M 31 -22.34 41.31 60.94
CA LEU M 31 -21.78 42.17 59.90
C LEU M 31 -20.39 41.68 59.47
N ARG M 32 -19.60 41.16 60.40
CA ARG M 32 -18.33 40.54 60.02
C ARG M 32 -18.55 39.24 59.25
N MET M 33 -19.62 38.52 59.59
CA MET M 33 -20.07 37.39 58.78
C MET M 33 -20.41 37.84 57.37
N LEU M 34 -21.12 38.96 57.24
CA LEU M 34 -21.41 39.56 55.94
C LEU M 34 -20.18 40.12 55.26
N GLU M 35 -19.08 40.32 55.98
CA GLU M 35 -17.83 40.68 55.32
C GLU M 35 -17.07 39.46 54.83
N ASP M 36 -17.10 38.37 55.59
CA ASP M 36 -16.18 37.25 55.35
C ASP M 36 -16.83 36.06 54.63
N ASN M 37 -17.97 35.57 55.14
CA ASN M 37 -18.54 34.33 54.65
C ASN M 37 -19.28 34.46 53.32
N VAL M 38 -19.21 35.61 52.67
CA VAL M 38 -19.93 35.87 51.43
C VAL M 38 -19.26 35.19 50.25
N MET M 39 -18.07 34.64 50.46
CA MET M 39 -17.39 33.80 49.49
C MET M 39 -17.96 32.40 49.40
N ARG M 40 -18.95 32.06 50.23
CA ARG M 40 -19.56 30.74 50.24
C ARG M 40 -21.01 30.85 49.76
N PRO M 41 -21.43 29.98 48.84
CA PRO M 41 -22.83 30.04 48.38
C PRO M 41 -23.80 29.48 49.40
N GLY M 42 -23.38 28.51 50.21
CA GLY M 42 -24.24 27.97 51.25
C GLY M 42 -24.47 28.91 52.42
N TYR M 43 -23.70 29.99 52.50
CA TYR M 43 -23.95 31.07 53.44
C TYR M 43 -25.32 31.69 53.24
N TYR M 44 -25.82 31.68 51.99
CA TYR M 44 -27.21 32.04 51.71
C TYR M 44 -28.20 31.17 52.47
N GLN M 45 -27.89 29.88 52.62
CA GLN M 45 -28.69 29.04 53.50
C GLN M 45 -28.57 29.50 54.94
N LEU M 46 -27.37 29.94 55.35
CA LEU M 46 -27.25 30.67 56.60
C LEU M 46 -28.03 31.97 56.57
N LEU M 47 -28.09 32.64 55.41
CA LEU M 47 -29.00 33.77 55.27
C LEU M 47 -30.45 33.32 55.23
N GLN M 48 -30.72 32.07 54.88
CA GLN M 48 -32.06 31.57 55.10
C GLN M 48 -32.22 31.15 56.56
N ALA M 49 -31.11 30.88 57.23
CA ALA M 49 -31.16 30.57 58.66
C ALA M 49 -31.19 31.84 59.50
N SER M 50 -30.19 32.70 59.33
CA SER M 50 -30.11 33.91 60.13
C SER M 50 -31.09 34.97 59.62
N LEU M 51 -30.97 35.35 58.35
CA LEU M 51 -31.75 36.48 57.85
C LEU M 51 -33.17 36.08 57.51
N THR M 52 -33.35 35.16 56.56
CA THR M 52 -34.63 35.04 55.86
C THR M 52 -35.58 34.13 56.64
N CYS M 53 -35.95 34.62 57.83
CA CYS M 53 -37.01 34.12 58.72
C CYS M 53 -36.92 32.62 59.00
N SER M 54 -35.80 32.23 59.61
CA SER M 54 -35.76 31.01 60.42
C SER M 54 -35.05 31.30 61.74
N PRO M 55 -35.58 32.21 62.57
CA PRO M 55 -34.91 32.52 63.84
C PRO M 55 -35.40 31.65 64.98
N HIS M 56 -34.91 31.94 66.19
CA HIS M 56 -35.64 31.53 67.38
C HIS M 56 -36.93 32.30 67.56
N ARG M 57 -37.05 33.47 66.93
CA ARG M 57 -38.18 34.36 67.11
C ARG M 57 -39.45 33.83 66.46
N GLN M 58 -39.33 33.04 65.41
CA GLN M 58 -40.47 32.33 64.87
C GLN M 58 -40.85 31.18 65.82
N ARG M 59 -42.14 30.90 65.89
CA ARG M 59 -42.66 29.88 66.79
C ARG M 59 -42.59 28.48 66.20
N ARG M 60 -41.78 28.28 65.16
CA ARG M 60 -41.55 26.96 64.57
C ARG M 60 -40.76 26.08 65.53
N PRO N 1 -43.84 10.31 43.22
CA PRO N 1 -43.07 10.40 41.98
C PRO N 1 -43.90 10.11 40.73
N VAL N 2 -43.24 9.55 39.71
CA VAL N 2 -43.85 9.43 38.39
C VAL N 2 -44.85 8.26 38.38
N MET N 3 -45.82 8.32 37.47
CA MET N 3 -46.96 7.43 37.44
C MET N 3 -46.87 6.49 36.23
N CYS N 4 -46.78 5.19 36.50
CA CYS N 4 -46.90 4.17 35.48
C CYS N 4 -48.37 3.78 35.31
N LEU N 5 -48.79 3.62 34.07
CA LEU N 5 -50.17 3.33 33.72
C LEU N 5 -50.28 1.95 33.12
N LEU N 6 -51.16 1.10 33.68
CA LEU N 6 -51.42 -0.24 33.15
C LEU N 6 -52.70 -0.28 32.33
N ALA N 7 -53.01 0.82 31.64
CA ALA N 7 -54.19 1.06 30.79
C ALA N 7 -55.52 1.02 31.55
N ASN N 8 -55.48 0.87 32.86
CA ASN N 8 -56.65 0.96 33.73
C ASN N 8 -56.43 1.88 34.91
N THR N 9 -55.23 1.84 35.52
CA THR N 9 -54.90 2.64 36.68
C THR N 9 -53.57 3.33 36.44
N THR N 10 -53.53 4.64 36.69
CA THR N 10 -52.30 5.42 36.56
C THR N 10 -51.64 5.49 37.94
N PHE N 11 -51.08 4.37 38.34
CA PHE N 11 -50.51 4.23 39.68
C PHE N 11 -49.13 4.90 39.70
N PRO N 12 -48.58 5.21 40.87
CA PRO N 12 -47.18 5.65 40.91
C PRO N 12 -46.27 4.50 40.50
N CYS N 13 -45.16 4.84 39.84
CA CYS N 13 -44.34 3.82 39.20
C CYS N 13 -43.67 2.90 40.22
N SER N 14 -43.19 3.44 41.34
CA SER N 14 -42.72 2.58 42.39
C SER N 14 -43.81 2.17 43.37
N GLN N 15 -45.09 2.46 43.07
CA GLN N 15 -46.22 2.02 43.87
C GLN N 15 -47.22 1.30 42.97
N PRO N 16 -46.96 0.04 42.63
CA PRO N 16 -47.87 -0.70 41.74
C PRO N 16 -49.15 -1.10 42.46
N PRO N 17 -50.07 -1.80 41.79
CA PRO N 17 -51.14 -2.49 42.52
C PRO N 17 -50.71 -3.73 43.30
N CYS N 18 -49.43 -4.01 43.43
CA CYS N 18 -48.93 -5.18 44.16
C CYS N 18 -47.85 -4.75 45.16
N THR N 19 -48.18 -3.75 45.98
CA THR N 19 -47.24 -3.35 47.02
C THR N 19 -47.37 -4.26 48.23
N PRO N 20 -46.26 -4.78 48.77
CA PRO N 20 -44.91 -4.86 48.22
C PRO N 20 -44.68 -6.22 47.59
N CYS N 21 -43.41 -6.61 47.38
CA CYS N 21 -42.95 -7.89 46.84
C CYS N 21 -43.70 -8.28 45.56
N CYS N 22 -43.42 -7.55 44.47
CA CYS N 22 -44.24 -7.60 43.27
C CYS N 22 -44.17 -8.95 42.57
N TYR N 23 -42.99 -9.32 42.08
CA TYR N 23 -42.82 -10.62 41.45
C TYR N 23 -42.93 -11.75 42.45
N GLU N 24 -42.50 -11.49 43.70
CA GLU N 24 -42.44 -12.50 44.74
C GLU N 24 -43.82 -13.02 45.13
N LYS N 25 -44.86 -12.22 44.95
CA LYS N 25 -46.21 -12.72 45.15
C LYS N 25 -46.64 -13.60 43.98
N GLU N 26 -46.58 -13.07 42.75
CA GLU N 26 -46.86 -13.90 41.58
C GLU N 26 -46.01 -13.40 40.42
N PRO N 27 -45.61 -14.29 39.51
CA PRO N 27 -44.74 -13.87 38.40
C PRO N 27 -45.48 -13.29 37.21
N GLU N 28 -46.76 -13.59 37.08
CA GLU N 28 -47.47 -13.30 35.83
C GLU N 28 -47.83 -11.82 35.70
N GLU N 29 -48.08 -11.13 36.81
CA GLU N 29 -48.30 -9.70 36.73
C GLU N 29 -47.03 -8.98 36.32
N THR N 30 -45.88 -9.45 36.78
CA THR N 30 -44.60 -8.91 36.35
C THR N 30 -44.33 -9.27 34.89
N LEU N 31 -44.81 -10.44 34.47
CA LEU N 31 -44.72 -10.83 33.06
C LEU N 31 -45.50 -9.86 32.17
N ARG N 32 -46.74 -9.58 32.53
CA ARG N 32 -47.55 -8.65 31.74
C ARG N 32 -47.00 -7.24 31.81
N MET N 33 -46.43 -6.86 32.97
CA MET N 33 -45.88 -5.52 33.13
C MET N 33 -44.62 -5.32 32.27
N LEU N 34 -43.77 -6.36 32.19
CA LEU N 34 -42.67 -6.32 31.23
C LEU N 34 -43.16 -6.43 29.80
N GLU N 35 -44.34 -7.01 29.58
CA GLU N 35 -44.85 -7.13 28.22
C GLU N 35 -45.32 -5.78 27.68
N ASP N 36 -46.02 -4.99 28.49
CA ASP N 36 -46.58 -3.74 27.96
C ASP N 36 -45.70 -2.53 28.25
N ASN N 37 -45.30 -2.34 29.51
CA ASN N 37 -44.74 -1.08 29.96
C ASN N 37 -43.22 -1.04 29.90
N VAL N 38 -42.60 -1.73 28.95
CA VAL N 38 -41.14 -1.81 28.89
C VAL N 38 -40.50 -0.49 28.45
N MET N 39 -41.30 0.48 27.97
CA MET N 39 -40.78 1.74 27.46
C MET N 39 -40.47 2.76 28.57
N ARG N 40 -40.64 2.43 29.85
CA ARG N 40 -40.60 3.47 30.87
C ARG N 40 -39.45 3.27 31.85
N PRO N 41 -38.69 4.33 32.15
CA PRO N 41 -37.73 4.24 33.24
C PRO N 41 -38.39 4.22 34.60
N GLY N 42 -39.59 4.82 34.72
CA GLY N 42 -40.39 4.61 35.90
C GLY N 42 -40.81 3.17 36.07
N TYR N 43 -41.09 2.49 34.95
CA TYR N 43 -41.23 1.04 35.04
C TYR N 43 -39.92 0.35 35.38
N TYR N 44 -38.77 0.98 35.14
CA TYR N 44 -37.56 0.34 35.64
C TYR N 44 -37.33 0.60 37.12
N GLN N 45 -37.91 1.66 37.67
CA GLN N 45 -38.04 1.75 39.12
C GLN N 45 -39.03 0.72 39.65
N LEU N 46 -40.06 0.39 38.86
CA LEU N 46 -40.93 -0.73 39.21
C LEU N 46 -40.21 -2.06 39.06
N LEU N 47 -39.26 -2.14 38.13
CA LEU N 47 -38.44 -3.33 37.98
C LEU N 47 -37.55 -3.51 39.19
N GLN N 48 -36.97 -2.41 39.67
CA GLN N 48 -36.36 -2.39 41.00
C GLN N 48 -37.33 -2.86 42.06
N ALA N 49 -38.57 -2.35 42.04
CA ALA N 49 -39.62 -2.81 42.96
C ALA N 49 -40.01 -4.27 42.75
N SER N 50 -39.56 -4.88 41.66
CA SER N 50 -39.56 -6.33 41.51
C SER N 50 -38.19 -6.94 41.79
N LEU N 51 -37.09 -6.21 41.52
CA LEU N 51 -35.74 -6.77 41.73
C LEU N 51 -35.16 -6.37 43.09
N THR N 52 -34.88 -5.08 43.28
CA THR N 52 -34.32 -4.59 44.54
C THR N 52 -35.46 -4.00 45.37
N CYS N 53 -36.46 -4.85 45.60
CA CYS N 53 -37.73 -4.44 46.20
C CYS N 53 -37.56 -4.02 47.65
N SER N 54 -36.58 -4.62 48.34
CA SER N 54 -36.50 -4.69 49.80
C SER N 54 -37.84 -5.16 50.39
N PRO N 55 -38.18 -6.45 50.23
CA PRO N 55 -39.45 -6.96 50.77
C PRO N 55 -39.33 -7.24 52.26
N HIS N 56 -40.34 -7.91 52.83
CA HIS N 56 -40.39 -8.18 54.26
C HIS N 56 -39.22 -9.03 54.74
N ARG N 57 -38.62 -9.84 53.86
CA ARG N 57 -37.43 -10.58 54.23
C ARG N 57 -36.20 -9.68 54.34
N GLN N 58 -36.12 -8.64 53.51
CA GLN N 58 -35.03 -7.69 53.59
C GLN N 58 -35.32 -6.65 54.67
N ARG N 59 -34.26 -6.10 55.25
CA ARG N 59 -34.41 -5.16 56.36
C ARG N 59 -34.81 -3.76 55.91
N ARG N 60 -34.56 -3.40 54.66
CA ARG N 60 -34.99 -2.10 54.15
C ARG N 60 -36.44 -2.16 53.70
N PRO O 1 -15.30 -77.35 10.38
CA PRO O 1 -14.82 -77.30 11.77
C PRO O 1 -13.31 -77.15 11.86
N VAL O 2 -12.84 -76.36 12.83
CA VAL O 2 -11.41 -76.11 12.98
C VAL O 2 -10.86 -76.88 14.18
N MET O 3 -9.75 -77.57 13.98
CA MET O 3 -9.16 -78.46 14.98
C MET O 3 -7.75 -77.98 15.31
N CYS O 4 -7.52 -77.70 16.59
CA CYS O 4 -6.21 -77.27 17.05
C CYS O 4 -5.29 -78.47 17.23
N LEU O 5 -4.05 -78.22 17.64
CA LEU O 5 -3.07 -79.30 17.75
C LEU O 5 -1.94 -78.89 18.69
N LEU O 6 -1.86 -79.54 19.85
CA LEU O 6 -0.66 -79.46 20.69
C LEU O 6 0.29 -80.63 20.44
N ALA O 7 0.58 -80.91 19.17
CA ALA O 7 1.63 -81.80 18.68
C ALA O 7 1.50 -83.28 19.08
N ASN O 8 0.50 -83.63 19.88
CA ASN O 8 0.23 -85.03 20.20
C ASN O 8 -1.26 -85.31 20.09
N THR O 9 -2.07 -84.31 20.40
CA THR O 9 -3.52 -84.44 20.43
C THR O 9 -4.17 -83.40 19.53
N THR O 10 -5.13 -83.85 18.73
CA THR O 10 -5.88 -82.95 17.86
C THR O 10 -7.23 -82.62 18.51
N PHE O 11 -7.16 -81.91 19.62
CA PHE O 11 -8.35 -81.33 20.20
C PHE O 11 -8.86 -80.23 19.27
N PRO O 12 -10.18 -80.01 19.23
CA PRO O 12 -10.70 -78.93 18.38
C PRO O 12 -10.28 -77.57 18.89
N CYS O 13 -10.44 -76.57 18.03
CA CYS O 13 -10.19 -75.19 18.41
C CYS O 13 -11.38 -74.56 19.11
N SER O 14 -12.37 -75.35 19.50
CA SER O 14 -13.39 -74.95 20.46
C SER O 14 -13.43 -75.88 21.67
N GLN O 15 -12.51 -76.84 21.76
CA GLN O 15 -12.38 -77.70 22.94
C GLN O 15 -10.92 -77.64 23.38
N PRO O 16 -10.59 -76.89 24.42
CA PRO O 16 -9.22 -76.83 24.89
C PRO O 16 -8.88 -78.02 25.75
N PRO O 17 -7.58 -78.33 25.94
CA PRO O 17 -7.21 -79.48 26.78
C PRO O 17 -7.30 -79.21 28.27
N CYS O 18 -7.58 -77.99 28.69
CA CYS O 18 -7.75 -77.63 30.09
C CYS O 18 -9.03 -76.79 30.24
N THR O 19 -10.12 -77.36 29.74
CA THR O 19 -11.37 -76.62 29.57
C THR O 19 -12.02 -76.31 30.92
N PRO O 20 -12.44 -75.05 31.16
CA PRO O 20 -11.99 -73.83 30.49
C PRO O 20 -11.13 -72.96 31.42
N CYS O 21 -10.72 -71.78 30.95
CA CYS O 21 -9.72 -70.93 31.62
C CYS O 21 -8.45 -71.73 31.92
N CYS O 22 -7.82 -72.13 30.83
CA CYS O 22 -6.70 -73.06 30.87
C CYS O 22 -5.47 -72.46 31.56
N TYR O 23 -5.32 -71.14 31.51
CA TYR O 23 -4.17 -70.49 32.13
C TYR O 23 -4.20 -70.62 33.64
N GLU O 24 -5.37 -70.41 34.23
CA GLU O 24 -5.47 -70.30 35.68
C GLU O 24 -5.40 -71.66 36.36
N LYS O 25 -5.38 -72.74 35.58
CA LYS O 25 -4.94 -74.02 36.11
C LYS O 25 -3.51 -74.35 35.70
N GLU O 26 -3.17 -74.21 34.40
CA GLU O 26 -1.78 -74.44 33.97
C GLU O 26 -1.33 -73.43 32.91
N PRO O 27 -0.31 -72.63 33.20
CA PRO O 27 0.10 -71.59 32.22
C PRO O 27 0.83 -72.12 30.99
N GLU O 28 1.75 -73.07 31.19
CA GLU O 28 2.71 -73.40 30.14
C GLU O 28 2.08 -74.15 28.98
N GLU O 29 1.02 -74.91 29.24
CA GLU O 29 0.29 -75.54 28.15
C GLU O 29 -0.45 -74.51 27.30
N THR O 30 -0.92 -73.42 27.90
CA THR O 30 -1.49 -72.34 27.11
C THR O 30 -0.42 -71.63 26.29
N LEU O 31 0.79 -71.50 26.86
CA LEU O 31 1.90 -70.91 26.11
C LEU O 31 2.26 -71.76 24.89
N ARG O 32 2.33 -73.08 25.08
CA ARG O 32 2.58 -73.98 23.95
C ARG O 32 1.41 -73.97 22.96
N MET O 33 0.18 -73.77 23.45
CA MET O 33 -0.97 -73.61 22.58
C MET O 33 -0.83 -72.36 21.71
N LEU O 34 -0.32 -71.27 22.30
CA LEU O 34 -0.05 -70.05 21.55
C LEU O 34 1.00 -70.29 20.47
N GLU O 35 2.14 -70.87 20.86
CA GLU O 35 3.23 -71.08 19.92
C GLU O 35 2.87 -72.09 18.84
N ASP O 36 1.94 -73.00 19.12
CA ASP O 36 1.51 -73.95 18.11
C ASP O 36 0.48 -73.34 17.16
N ASN O 37 -0.66 -72.89 17.69
CA ASN O 37 -1.77 -72.43 16.86
C ASN O 37 -1.82 -70.91 16.78
N VAL O 38 -0.66 -70.26 16.74
CA VAL O 38 -0.55 -68.88 16.26
C VAL O 38 -1.19 -68.68 14.88
N MET O 39 -1.13 -69.69 14.01
CA MET O 39 -1.72 -69.57 12.68
C MET O 39 -3.25 -69.62 12.66
N ARG O 40 -3.88 -69.92 13.80
CA ARG O 40 -5.32 -70.19 13.79
C ARG O 40 -6.11 -69.05 14.43
N PRO O 41 -7.08 -68.46 13.71
CA PRO O 41 -8.10 -67.66 14.40
C PRO O 41 -9.12 -68.52 15.12
N GLY O 42 -9.25 -69.79 14.72
CA GLY O 42 -9.96 -70.74 15.55
C GLY O 42 -9.30 -70.92 16.90
N TYR O 43 -7.98 -70.77 16.96
CA TYR O 43 -7.33 -70.66 18.25
C TYR O 43 -7.68 -69.35 18.96
N TYR O 44 -8.03 -68.30 18.23
CA TYR O 44 -8.49 -67.10 18.93
C TYR O 44 -9.89 -67.33 19.49
N GLN O 45 -10.67 -68.19 18.85
CA GLN O 45 -11.91 -68.65 19.49
C GLN O 45 -11.62 -69.62 20.63
N LEU O 46 -10.48 -70.32 20.58
CA LEU O 46 -10.11 -71.21 21.68
C LEU O 46 -9.65 -70.41 22.89
N LEU O 47 -8.98 -69.29 22.66
CA LEU O 47 -8.64 -68.39 23.75
C LEU O 47 -9.86 -67.62 24.22
N GLN O 48 -10.79 -67.34 23.30
CA GLN O 48 -12.14 -66.91 23.71
C GLN O 48 -12.78 -67.96 24.60
N ALA O 49 -12.58 -69.25 24.28
CA ALA O 49 -13.00 -70.34 25.14
C ALA O 49 -12.00 -70.62 26.26
N SER O 50 -10.92 -69.84 26.37
CA SER O 50 -9.98 -69.95 27.48
C SER O 50 -9.82 -68.66 28.27
N LEU O 51 -10.33 -67.53 27.78
CA LEU O 51 -10.27 -66.31 28.57
C LEU O 51 -11.63 -65.69 28.81
N THR O 52 -12.44 -65.50 27.76
CA THR O 52 -13.79 -64.98 27.90
C THR O 52 -14.80 -66.11 27.96
N CYS O 53 -14.60 -67.00 28.94
CA CYS O 53 -15.44 -68.16 29.13
C CYS O 53 -15.85 -68.25 30.59
N SER O 54 -16.61 -69.30 30.89
CA SER O 54 -17.14 -69.55 32.22
C SER O 54 -16.40 -70.71 32.87
N PRO O 55 -15.44 -70.45 33.75
CA PRO O 55 -14.70 -71.56 34.38
C PRO O 55 -15.48 -72.29 35.46
N HIS O 56 -14.79 -73.18 36.17
CA HIS O 56 -15.39 -73.93 37.27
C HIS O 56 -15.53 -73.09 38.53
N ARG O 57 -14.90 -71.91 38.59
CA ARG O 57 -15.00 -71.05 39.76
C ARG O 57 -15.78 -69.76 39.50
N GLN O 58 -16.01 -69.39 38.24
CA GLN O 58 -16.69 -68.15 37.90
C GLN O 58 -17.74 -68.43 36.83
N ARG O 59 -18.84 -67.69 36.88
CA ARG O 59 -19.94 -67.92 35.95
C ARG O 59 -20.07 -66.82 34.90
N ARG O 60 -19.00 -66.07 34.63
CA ARG O 60 -19.06 -65.02 33.62
C ARG O 60 -18.98 -65.61 32.21
N PRO P 1 49.23 -21.44 61.40
CA PRO P 1 48.49 -20.50 60.55
C PRO P 1 48.53 -19.06 61.05
N VAL P 2 47.44 -18.33 60.81
CA VAL P 2 47.31 -16.93 61.19
C VAL P 2 46.08 -16.82 62.08
N MET P 3 46.16 -16.00 63.12
CA MET P 3 45.09 -15.78 64.07
C MET P 3 44.17 -14.67 63.57
N CYS P 4 42.88 -14.77 63.90
CA CYS P 4 41.91 -13.74 63.57
C CYS P 4 41.73 -12.76 64.73
N LEU P 5 41.03 -11.66 64.45
CA LEU P 5 41.05 -10.52 65.37
C LEU P 5 39.71 -9.79 65.35
N LEU P 6 39.07 -9.69 66.51
CA LEU P 6 37.89 -8.84 66.71
C LEU P 6 38.31 -7.48 67.28
N ALA P 7 39.28 -6.86 66.62
CA ALA P 7 39.76 -5.49 66.81
C ALA P 7 40.44 -5.22 68.17
N ASN P 8 40.36 -6.16 69.11
CA ASN P 8 41.20 -6.16 70.30
C ASN P 8 41.69 -7.54 70.70
N THR P 9 41.01 -8.61 70.32
CA THR P 9 41.33 -9.97 70.77
C THR P 9 41.85 -10.78 69.60
N THR P 10 43.08 -11.27 69.72
CA THR P 10 43.73 -12.07 68.68
C THR P 10 43.49 -13.54 69.01
N PHE P 11 42.37 -14.04 68.55
CA PHE P 11 41.99 -15.41 68.84
C PHE P 11 42.36 -16.31 67.66
N PRO P 12 42.45 -17.63 67.87
CA PRO P 12 42.54 -18.53 66.72
C PRO P 12 41.29 -18.42 65.86
N CYS P 13 41.49 -18.50 64.55
CA CYS P 13 40.49 -18.04 63.57
C CYS P 13 39.18 -18.82 63.61
N SER P 14 39.19 -20.06 64.11
CA SER P 14 37.97 -20.78 64.38
C SER P 14 37.72 -20.95 65.87
N GLN P 15 38.54 -20.34 66.72
CA GLN P 15 38.41 -20.46 68.18
C GLN P 15 38.40 -19.07 68.78
N PRO P 16 37.22 -18.43 68.84
CA PRO P 16 37.13 -17.09 69.41
C PRO P 16 37.13 -17.13 70.93
N PRO P 17 36.98 -15.99 71.60
CA PRO P 17 36.63 -16.04 73.04
C PRO P 17 35.31 -16.73 73.33
N CYS P 18 34.39 -16.78 72.38
CA CYS P 18 33.13 -17.52 72.52
C CYS P 18 33.15 -18.83 71.73
N THR P 19 34.26 -19.55 71.78
CA THR P 19 34.35 -20.87 71.16
C THR P 19 33.42 -21.85 71.88
N PRO P 20 32.52 -22.53 71.17
CA PRO P 20 31.85 -22.34 69.89
C PRO P 20 30.46 -21.73 70.08
N CYS P 21 29.62 -21.83 69.03
CA CYS P 21 28.26 -21.29 68.98
C CYS P 21 28.25 -19.78 69.26
N CYS P 22 28.91 -19.07 68.34
CA CYS P 22 29.09 -17.64 68.46
C CYS P 22 27.77 -16.90 68.39
N TYR P 23 26.87 -17.32 67.50
CA TYR P 23 25.61 -16.61 67.36
C TYR P 23 24.67 -16.91 68.52
N GLU P 24 24.71 -18.13 69.07
CA GLU P 24 23.89 -18.44 70.23
C GLU P 24 24.38 -17.69 71.45
N LYS P 25 25.69 -17.57 71.60
CA LYS P 25 26.24 -16.83 72.73
C LYS P 25 26.09 -15.33 72.52
N GLU P 26 26.50 -14.83 71.36
CA GLU P 26 26.49 -13.39 71.09
C GLU P 26 26.05 -13.17 69.64
N PRO P 27 24.75 -12.98 69.41
CA PRO P 27 24.26 -12.77 68.04
C PRO P 27 24.80 -11.52 67.37
N GLU P 28 24.57 -10.36 67.98
CA GLU P 28 24.95 -9.10 67.34
C GLU P 28 26.45 -8.90 67.37
N GLU P 29 27.15 -9.50 68.35
CA GLU P 29 28.60 -9.47 68.31
C GLU P 29 29.15 -10.41 67.24
N THR P 30 28.45 -11.50 66.93
CA THR P 30 28.82 -12.28 65.75
C THR P 30 28.56 -11.48 64.47
N LEU P 31 27.58 -10.59 64.49
CA LEU P 31 27.38 -9.72 63.33
C LEU P 31 28.50 -8.71 63.22
N ARG P 32 29.00 -8.22 64.34
CA ARG P 32 30.18 -7.35 64.30
C ARG P 32 31.42 -8.13 63.90
N MET P 33 31.48 -9.43 64.24
CA MET P 33 32.51 -10.30 63.71
C MET P 33 32.41 -10.44 62.20
N LEU P 34 31.19 -10.49 61.68
CA LEU P 34 31.00 -10.50 60.23
C LEU P 34 31.41 -9.17 59.61
N GLU P 35 31.15 -8.06 60.32
CA GLU P 35 31.50 -6.75 59.80
C GLU P 35 33.01 -6.52 59.85
N ASP P 36 33.70 -7.17 60.77
CA ASP P 36 35.13 -6.92 60.93
C ASP P 36 35.97 -7.91 60.13
N ASN P 37 35.67 -9.20 60.24
CA ASN P 37 36.50 -10.25 59.67
C ASN P 37 35.96 -10.75 58.34
N VAL P 38 35.43 -9.84 57.52
CA VAL P 38 34.87 -10.24 56.23
C VAL P 38 35.99 -10.56 55.23
N MET P 39 37.22 -10.15 55.53
CA MET P 39 38.36 -10.57 54.73
C MET P 39 38.84 -11.97 55.07
N ARG P 40 38.43 -12.54 56.19
CA ARG P 40 39.15 -13.67 56.76
C ARG P 40 38.41 -14.97 56.54
N PRO P 41 39.03 -15.94 55.86
CA PRO P 41 38.38 -17.23 55.62
C PRO P 41 38.45 -18.18 56.80
N GLY P 42 39.41 -18.00 57.70
CA GLY P 42 39.38 -18.74 58.94
C GLY P 42 38.22 -18.33 59.82
N TYR P 43 37.87 -17.04 59.78
CA TYR P 43 36.61 -16.60 60.36
C TYR P 43 35.42 -17.24 59.66
N TYR P 44 35.54 -17.48 58.36
CA TYR P 44 34.48 -18.18 57.67
C TYR P 44 34.43 -19.65 58.06
N GLN P 45 35.56 -20.21 58.50
CA GLN P 45 35.54 -21.56 59.06
C GLN P 45 34.93 -21.58 60.45
N LEU P 46 35.10 -20.49 61.21
CA LEU P 46 34.37 -20.32 62.46
C LEU P 46 32.88 -20.20 62.20
N LEU P 47 32.51 -19.44 61.19
CA LEU P 47 31.12 -19.35 60.75
C LEU P 47 30.61 -20.72 60.31
N GLN P 48 31.47 -21.50 59.66
CA GLN P 48 31.14 -22.87 59.31
C GLN P 48 30.98 -23.74 60.54
N ALA P 49 31.71 -23.41 61.62
CA ALA P 49 31.47 -24.05 62.90
C ALA P 49 30.21 -23.53 63.58
N SER P 50 29.55 -22.52 63.01
CA SER P 50 28.19 -22.16 63.35
C SER P 50 27.22 -22.51 62.23
N LEU P 51 27.71 -22.82 61.03
CA LEU P 51 26.85 -23.31 59.95
C LEU P 51 26.67 -24.83 60.05
N THR P 52 27.76 -25.57 60.19
CA THR P 52 27.71 -26.91 60.77
C THR P 52 27.97 -26.75 62.28
N CYS P 53 26.94 -26.21 62.94
CA CYS P 53 27.06 -25.71 64.30
C CYS P 53 27.23 -26.85 65.29
N SER P 54 28.24 -26.73 66.16
CA SER P 54 28.47 -27.66 67.26
C SER P 54 28.52 -26.89 68.57
N PRO P 55 27.38 -26.55 69.17
CA PRO P 55 27.39 -25.80 70.44
C PRO P 55 27.85 -26.61 71.65
N HIS P 56 27.90 -25.97 72.82
CA HIS P 56 28.20 -26.68 74.07
C HIS P 56 27.00 -27.53 74.50
N ARG P 57 25.88 -26.88 74.81
CA ARG P 57 24.75 -27.59 75.39
C ARG P 57 24.00 -28.41 74.35
N GLN P 58 24.08 -28.06 73.07
CA GLN P 58 23.56 -28.88 72.00
C GLN P 58 24.62 -29.92 71.64
N ARG P 59 24.26 -31.20 71.72
CA ARG P 59 25.22 -32.26 71.50
C ARG P 59 25.62 -32.39 70.05
N ARG P 60 24.81 -31.88 69.12
CA ARG P 60 25.20 -31.84 67.73
C ARG P 60 26.16 -30.68 67.54
N SER Q 1 -34.11 -58.43 4.82
CA SER Q 1 -35.54 -58.48 5.09
C SER Q 1 -35.89 -57.64 6.30
N SER Q 2 -37.15 -57.68 6.71
CA SER Q 2 -37.60 -56.90 7.84
C SER Q 2 -38.86 -57.53 8.40
N SER Q 3 -39.22 -57.09 9.60
CA SER Q 3 -40.57 -57.18 10.12
C SER Q 3 -41.47 -56.18 9.39
N LEU Q 4 -42.55 -56.66 8.79
CA LEU Q 4 -43.46 -55.78 8.09
C LEU Q 4 -44.34 -55.07 9.11
N VAL Q 5 -44.86 -53.90 8.72
CA VAL Q 5 -45.86 -53.27 9.60
C VAL Q 5 -47.16 -52.99 8.85
N SER Q 6 -47.12 -52.29 7.73
CA SER Q 6 -48.36 -52.06 7.01
C SER Q 6 -48.17 -52.40 5.55
N GLU Q 7 -49.07 -53.22 5.02
CA GLU Q 7 -49.09 -53.63 3.63
C GLU Q 7 -50.31 -52.99 2.99
N SER Q 8 -50.12 -52.21 1.94
CA SER Q 8 -51.28 -51.55 1.36
C SER Q 8 -51.19 -51.59 -0.15
N VAL Q 9 -52.34 -51.36 -0.79
CA VAL Q 9 -52.45 -51.25 -2.23
C VAL Q 9 -52.72 -49.80 -2.60
N VAL Q 10 -51.95 -49.26 -3.54
CA VAL Q 10 -52.09 -47.89 -3.99
C VAL Q 10 -52.24 -47.87 -5.51
N SER Q 11 -53.36 -47.35 -5.99
CA SER Q 11 -53.64 -47.21 -7.42
C SER Q 11 -53.72 -45.73 -7.76
N LEU Q 12 -52.87 -45.26 -8.67
CA LEU Q 12 -52.83 -43.86 -9.02
C LEU Q 12 -52.69 -43.70 -10.52
N ALA Q 13 -52.97 -42.48 -10.98
CA ALA Q 13 -52.94 -42.10 -12.39
C ALA Q 13 -51.54 -41.75 -12.88
N ALA Q 14 -51.31 -42.08 -14.15
CA ALA Q 14 -50.10 -41.70 -14.86
C ALA Q 14 -49.97 -40.19 -14.96
N GLY Q 15 -48.77 -39.68 -14.65
CA GLY Q 15 -48.48 -38.27 -14.64
C GLY Q 15 -48.79 -37.55 -13.34
N THR Q 16 -49.10 -38.28 -12.28
CA THR Q 16 -49.40 -37.71 -10.98
C THR Q 16 -48.19 -37.94 -10.07
N GLN Q 17 -48.39 -37.72 -8.77
CA GLN Q 17 -47.33 -37.90 -7.79
C GLN Q 17 -47.76 -38.93 -6.77
N ALA Q 18 -46.96 -39.98 -6.62
CA ALA Q 18 -47.17 -40.99 -5.60
C ALA Q 18 -46.48 -40.56 -4.32
N VAL Q 19 -47.16 -40.80 -3.20
CA VAL Q 19 -46.59 -40.59 -1.87
C VAL Q 19 -46.75 -41.89 -1.11
N LEU Q 20 -45.64 -42.58 -0.90
CA LEU Q 20 -45.63 -43.83 -0.14
C LEU Q 20 -45.12 -43.44 1.23
N ARG Q 21 -46.04 -43.36 2.19
CA ARG Q 21 -45.72 -42.81 3.49
C ARG Q 21 -44.82 -43.75 4.27
N CYS Q 22 -43.72 -43.23 4.78
CA CYS Q 22 -42.82 -44.03 5.61
C CYS Q 22 -42.24 -43.01 6.58
N GLN Q 23 -42.77 -43.00 7.79
CA GLN Q 23 -42.40 -42.02 8.80
C GLN Q 23 -42.16 -42.77 10.10
N SER Q 24 -41.25 -42.25 10.90
CA SER Q 24 -40.99 -42.89 12.19
C SER Q 24 -40.39 -41.94 13.20
N PRO Q 25 -41.09 -41.68 14.31
CA PRO Q 25 -40.48 -40.91 15.39
C PRO Q 25 -39.35 -41.66 16.07
N ARG Q 26 -39.32 -42.98 15.98
CA ARG Q 26 -38.29 -43.78 16.61
C ARG Q 26 -37.07 -43.99 15.72
N MET Q 27 -37.08 -43.50 14.49
CA MET Q 27 -35.88 -43.47 13.66
C MET Q 27 -35.33 -42.08 13.50
N VAL Q 28 -35.88 -41.10 14.24
CA VAL Q 28 -35.43 -39.73 14.14
C VAL Q 28 -34.05 -39.62 14.78
N TRP Q 29 -33.14 -38.95 14.08
CA TRP Q 29 -31.78 -38.77 14.55
C TRP Q 29 -31.31 -37.51 13.84
N THR Q 30 -30.22 -36.93 14.31
CA THR Q 30 -29.76 -35.69 13.69
C THR Q 30 -28.28 -35.80 13.36
N GLN Q 31 -27.81 -34.86 12.54
CA GLN Q 31 -26.41 -34.87 12.13
C GLN Q 31 -25.49 -34.28 13.20
N ASP Q 32 -25.66 -34.78 14.42
CA ASP Q 32 -24.91 -34.43 15.62
C ASP Q 32 -25.19 -35.58 16.57
N ARG Q 33 -24.31 -35.76 17.54
CA ARG Q 33 -24.48 -36.86 18.46
C ARG Q 33 -24.87 -36.35 19.84
N LEU Q 34 -25.54 -35.19 19.85
CA LEU Q 34 -25.99 -34.46 21.03
C LEU Q 34 -26.75 -35.38 21.96
N HIS Q 35 -26.08 -35.74 23.06
CA HIS Q 35 -26.52 -36.72 24.06
C HIS Q 35 -27.26 -37.92 23.46
N ASP Q 36 -26.62 -38.58 22.49
CA ASP Q 36 -27.16 -39.80 21.89
C ASP Q 36 -26.72 -41.05 22.61
N ARG Q 37 -26.14 -40.92 23.80
CA ARG Q 37 -25.93 -42.03 24.71
C ARG Q 37 -26.40 -41.60 26.10
N GLN Q 38 -27.42 -40.74 26.11
CA GLN Q 38 -27.95 -40.19 27.35
C GLN Q 38 -29.02 -41.14 27.86
N ARG Q 39 -28.80 -41.71 29.02
CA ARG Q 39 -29.79 -42.52 29.68
C ARG Q 39 -30.05 -41.93 31.04
N VAL Q 40 -31.16 -42.35 31.64
CA VAL Q 40 -31.53 -41.92 32.98
C VAL Q 40 -32.19 -43.08 33.71
N VAL Q 41 -31.79 -43.26 34.96
CA VAL Q 41 -32.49 -44.14 35.88
C VAL Q 41 -33.12 -43.24 36.92
N HIS Q 42 -34.32 -43.58 37.35
CA HIS Q 42 -34.92 -42.87 38.47
C HIS Q 42 -35.91 -43.74 39.22
N TRP Q 43 -35.93 -43.58 40.53
CA TRP Q 43 -36.87 -44.29 41.39
C TRP Q 43 -37.97 -43.33 41.83
N ASP Q 44 -39.21 -43.78 41.69
CA ASP Q 44 -40.38 -43.01 42.11
C ASP Q 44 -41.13 -43.77 43.19
N LEU Q 45 -41.81 -43.03 44.07
CA LEU Q 45 -42.60 -43.61 45.15
C LEU Q 45 -44.05 -43.14 45.06
N SER Q 46 -44.97 -44.11 45.09
CA SER Q 46 -46.39 -43.82 45.07
C SER Q 46 -47.02 -44.52 46.27
N GLY Q 47 -48.26 -44.12 46.57
CA GLY Q 47 -48.94 -44.62 47.74
C GLY Q 47 -50.41 -44.94 47.53
N GLY Q 48 -50.71 -45.87 46.64
CA GLY Q 48 -52.08 -46.28 46.46
C GLY Q 48 -52.79 -45.52 45.37
N PRO Q 49 -54.07 -45.83 45.15
CA PRO Q 49 -54.84 -45.14 44.11
C PRO Q 49 -55.10 -43.68 44.37
N GLY Q 50 -55.06 -43.22 45.62
CA GLY Q 50 -55.38 -41.84 45.89
C GLY Q 50 -54.20 -41.01 46.32
N SER Q 51 -53.02 -41.34 45.82
CA SER Q 51 -51.82 -40.54 46.04
C SER Q 51 -51.04 -40.42 44.75
N GLN Q 52 -50.20 -39.40 44.69
CA GLN Q 52 -49.43 -39.06 43.50
C GLN Q 52 -48.01 -39.60 43.67
N ARG Q 53 -47.49 -40.24 42.62
CA ARG Q 53 -46.13 -40.75 42.71
C ARG Q 53 -45.12 -39.62 42.78
N ARG Q 54 -44.05 -39.85 43.55
CA ARG Q 54 -43.00 -38.85 43.78
C ARG Q 54 -41.62 -39.38 43.46
N ARG Q 55 -40.86 -38.57 42.70
CA ARG Q 55 -39.46 -38.84 42.36
C ARG Q 55 -38.54 -38.74 43.57
N LEU Q 56 -37.77 -39.81 43.82
CA LEU Q 56 -36.83 -39.81 44.95
C LEU Q 56 -35.39 -39.53 44.55
N VAL Q 57 -34.86 -40.24 43.55
CA VAL Q 57 -33.45 -40.24 43.19
C VAL Q 57 -33.33 -40.59 41.70
N ASP Q 58 -32.38 -39.93 41.01
CA ASP Q 58 -32.11 -40.19 39.60
C ASP Q 58 -30.62 -40.19 39.34
N MET Q 59 -30.25 -40.68 38.17
CA MET Q 59 -28.85 -40.75 37.75
C MET Q 59 -28.78 -40.78 36.23
N TYR Q 60 -27.96 -39.91 35.68
CA TYR Q 60 -27.67 -39.88 34.25
C TYR Q 60 -26.60 -40.90 33.91
N SER Q 61 -26.62 -41.34 32.65
CA SER Q 61 -25.57 -42.21 32.12
C SER Q 61 -24.21 -41.54 32.25
N ALA Q 62 -23.21 -42.35 32.60
CA ALA Q 62 -21.83 -41.95 32.91
C ALA Q 62 -21.73 -40.96 34.08
N GLY Q 63 -22.74 -40.91 34.95
CA GLY Q 63 -22.75 -39.98 36.06
C GLY Q 63 -23.06 -40.67 37.38
N GLU Q 64 -23.14 -39.85 38.42
CA GLU Q 64 -23.45 -40.26 39.78
C GLU Q 64 -24.88 -39.90 40.15
N GLN Q 65 -25.44 -40.69 41.07
CA GLN Q 65 -26.82 -40.55 41.52
C GLN Q 65 -27.07 -39.22 42.19
N ARG Q 66 -28.24 -38.65 41.93
CA ARG Q 66 -28.66 -37.37 42.50
C ARG Q 66 -29.85 -37.59 43.42
N VAL Q 67 -29.76 -37.07 44.63
CA VAL Q 67 -30.83 -37.16 45.62
C VAL Q 67 -31.59 -35.83 45.64
N TYR Q 68 -32.92 -35.91 45.77
CA TYR Q 68 -33.77 -34.74 45.65
C TYR Q 68 -34.09 -34.10 46.98
N GLU Q 69 -34.09 -34.89 48.05
CA GLU Q 69 -34.39 -34.39 49.38
C GLU Q 69 -33.13 -34.40 50.25
N PRO Q 70 -32.73 -33.27 50.82
CA PRO Q 70 -31.55 -33.24 51.70
C PRO Q 70 -31.64 -34.19 52.90
N ARG Q 71 -32.85 -34.46 53.36
CA ARG Q 71 -33.08 -35.45 54.41
C ARG Q 71 -32.61 -36.84 53.98
N ASP Q 72 -32.80 -37.18 52.71
CA ASP Q 72 -32.49 -38.50 52.17
C ASP Q 72 -31.01 -38.71 51.84
N ARG Q 73 -30.15 -37.70 51.97
CA ARG Q 73 -28.72 -37.91 51.73
C ARG Q 73 -28.13 -38.96 52.67
N ASP Q 74 -27.33 -39.85 52.09
CA ASP Q 74 -26.71 -41.03 52.71
C ASP Q 74 -27.74 -42.03 53.23
N ARG Q 75 -28.99 -41.89 52.82
CA ARG Q 75 -30.10 -42.74 53.24
C ARG Q 75 -30.65 -43.56 52.09
N LEU Q 76 -30.77 -42.94 50.92
CA LEU Q 76 -31.14 -43.63 49.70
C LEU Q 76 -29.86 -43.81 48.88
N LEU Q 77 -29.50 -45.05 48.57
CA LEU Q 77 -28.22 -45.30 47.92
C LEU Q 77 -28.44 -46.18 46.70
N LEU Q 78 -27.83 -45.81 45.60
CA LEU Q 78 -27.75 -46.68 44.43
C LEU Q 78 -26.31 -47.14 44.24
N SER Q 79 -26.15 -48.25 43.54
CA SER Q 79 -24.82 -48.70 43.14
C SER Q 79 -24.23 -47.73 42.13
N PRO Q 80 -23.06 -47.14 42.39
CA PRO Q 80 -22.46 -46.18 41.44
C PRO Q 80 -22.10 -46.77 40.09
N SER Q 81 -21.88 -48.09 40.01
CA SER Q 81 -21.56 -48.75 38.75
C SER Q 81 -22.76 -49.49 38.20
N ALA Q 82 -23.95 -48.91 38.39
CA ALA Q 82 -25.20 -49.51 37.95
C ALA Q 82 -25.19 -49.79 36.45
N PHE Q 83 -24.59 -48.89 35.67
CA PHE Q 83 -24.55 -49.01 34.22
C PHE Q 83 -23.53 -50.02 33.72
N HIS Q 84 -22.75 -50.66 34.59
CA HIS Q 84 -21.84 -51.67 34.05
C HIS Q 84 -22.53 -53.03 33.89
N ASP Q 85 -23.33 -53.46 34.87
CA ASP Q 85 -23.99 -54.75 34.80
C ASP Q 85 -25.50 -54.66 34.76
N GLY Q 86 -26.06 -53.45 34.77
CA GLY Q 86 -27.50 -53.31 34.79
C GLY Q 86 -28.12 -53.56 36.13
N ASN Q 87 -27.36 -53.41 37.22
CA ASN Q 87 -27.84 -53.61 38.59
C ASN Q 87 -28.20 -52.24 39.15
N PHE Q 88 -29.48 -51.88 39.02
CA PHE Q 88 -30.01 -50.59 39.44
C PHE Q 88 -30.68 -50.65 40.81
N SER Q 89 -30.34 -51.64 41.64
CA SER Q 89 -30.97 -51.82 42.95
C SER Q 89 -30.76 -50.61 43.85
N LEU Q 90 -31.75 -50.35 44.70
CA LEU Q 90 -31.75 -49.22 45.61
C LEU Q 90 -31.75 -49.70 47.05
N LEU Q 91 -30.80 -49.22 47.85
CA LEU Q 91 -30.69 -49.56 49.26
C LEU Q 91 -31.23 -48.42 50.13
N ILE Q 92 -32.26 -48.73 50.90
CA ILE Q 92 -32.76 -47.87 51.98
C ILE Q 92 -32.16 -48.35 53.30
N ARG Q 93 -31.36 -47.49 53.94
CA ARG Q 93 -30.60 -47.90 55.12
C ARG Q 93 -31.51 -48.29 56.30
N ALA Q 94 -32.56 -47.51 56.55
CA ALA Q 94 -33.48 -47.82 57.64
C ALA Q 94 -34.88 -47.35 57.27
N VAL Q 95 -35.82 -48.28 57.34
CA VAL Q 95 -37.18 -48.07 56.90
C VAL Q 95 -38.07 -47.69 58.09
N ASP Q 96 -39.20 -47.04 57.79
CA ASP Q 96 -40.20 -46.73 58.81
C ASP Q 96 -41.59 -46.98 58.22
N ARG Q 97 -42.61 -46.74 59.05
CA ARG Q 97 -44.00 -46.99 58.65
C ARG Q 97 -44.44 -46.09 57.51
N GLY Q 98 -43.87 -44.89 57.40
CA GLY Q 98 -44.13 -43.95 56.33
C GLY Q 98 -43.54 -44.33 54.99
N ASP Q 99 -42.70 -45.35 54.95
CA ASP Q 99 -42.02 -45.77 53.73
C ASP Q 99 -42.81 -46.77 52.89
N GLU Q 100 -44.00 -47.18 53.35
CA GLU Q 100 -44.79 -48.17 52.60
C GLU Q 100 -45.31 -47.59 51.30
N GLY Q 101 -45.34 -48.40 50.27
CA GLY Q 101 -45.80 -47.91 48.98
C GLY Q 101 -45.07 -48.61 47.84
N VAL Q 102 -45.40 -48.17 46.62
CA VAL Q 102 -44.84 -48.75 45.41
C VAL Q 102 -43.68 -47.89 44.91
N TYR Q 103 -42.51 -48.49 44.79
CA TYR Q 103 -41.32 -47.86 44.23
C TYR Q 103 -41.14 -48.36 42.81
N THR Q 104 -40.92 -47.45 41.87
CA THR Q 104 -40.69 -47.80 40.47
C THR Q 104 -39.28 -47.42 40.06
N CYS Q 105 -38.56 -48.40 39.51
CA CYS Q 105 -37.25 -48.22 38.90
C CYS Q 105 -37.44 -48.00 37.41
N ASN Q 106 -37.04 -46.83 36.92
CA ASN Q 106 -37.27 -46.41 35.54
C ASN Q 106 -35.96 -46.24 34.79
N LEU Q 107 -35.83 -46.95 33.68
CA LEU Q 107 -34.78 -46.82 32.69
C LEU Q 107 -35.30 -46.08 31.48
N HIS Q 108 -34.54 -45.09 30.99
CA HIS Q 108 -34.90 -44.44 29.75
C HIS Q 108 -33.65 -44.17 28.91
N HIS Q 109 -33.71 -44.61 27.66
CA HIS Q 109 -32.67 -44.42 26.66
C HIS Q 109 -33.20 -43.45 25.62
N HIS Q 110 -32.56 -42.28 25.53
CA HIS Q 110 -32.98 -41.22 24.61
C HIS Q 110 -32.71 -41.55 23.16
N TYR Q 111 -31.76 -42.44 22.88
CA TYR Q 111 -31.41 -42.69 21.48
C TYR Q 111 -32.41 -43.64 20.83
N CYS Q 112 -32.61 -44.81 21.40
CA CYS Q 112 -33.61 -45.71 20.84
C CYS Q 112 -35.03 -45.31 21.24
N HIS Q 113 -35.19 -44.32 22.14
CA HIS Q 113 -36.46 -43.93 22.76
C HIS Q 113 -37.07 -45.11 23.51
N LEU Q 114 -36.23 -45.82 24.26
CA LEU Q 114 -36.72 -46.94 25.06
C LEU Q 114 -36.98 -46.55 26.50
N ASP Q 115 -38.03 -47.12 27.07
CA ASP Q 115 -38.32 -46.97 28.49
C ASP Q 115 -38.72 -48.32 29.06
N GLU Q 116 -38.19 -48.65 30.22
CA GLU Q 116 -38.54 -49.87 30.95
C GLU Q 116 -38.52 -49.61 32.44
N SER Q 117 -39.48 -50.18 33.14
CA SER Q 117 -39.66 -49.88 34.55
C SER Q 117 -40.11 -51.13 35.28
N LEU Q 118 -39.78 -51.19 36.57
CA LEU Q 118 -40.26 -52.27 37.42
C LEU Q 118 -40.76 -51.70 38.75
N ALA Q 119 -41.77 -52.34 39.31
CA ALA Q 119 -42.38 -51.90 40.56
C ALA Q 119 -42.09 -52.89 41.68
N VAL Q 120 -41.96 -52.35 42.88
CA VAL Q 120 -41.76 -53.14 44.11
C VAL Q 120 -42.60 -52.50 45.20
N ARG Q 121 -43.33 -53.31 45.95
CA ARG Q 121 -44.12 -52.79 47.06
C ARG Q 121 -43.32 -52.95 48.34
N LEU Q 122 -43.13 -51.87 49.07
CA LEU Q 122 -42.44 -51.91 50.34
C LEU Q 122 -43.50 -51.90 51.44
N GLU Q 123 -43.42 -52.89 52.32
CA GLU Q 123 -44.28 -52.94 53.50
C GLU Q 123 -43.35 -53.11 54.70
N VAL Q 124 -43.48 -52.19 55.64
CA VAL Q 124 -42.61 -52.12 56.81
C VAL Q 124 -43.37 -52.60 58.04
N THR Q 125 -42.90 -53.67 58.62
CA THR Q 125 -43.46 -54.27 59.81
C THR Q 125 -42.59 -53.93 61.01
N GLU Q 126 -42.93 -54.52 62.17
CA GLU Q 126 -42.15 -54.38 63.39
C GLU Q 126 -41.51 -55.68 63.83
N ASP Q 127 -42.04 -56.82 63.43
CA ASP Q 127 -41.49 -58.12 63.81
C ASP Q 127 -40.59 -58.66 62.73
N PRO Q 128 -39.35 -59.05 63.08
CA PRO Q 128 -38.42 -59.58 62.07
C PRO Q 128 -38.80 -60.96 61.55
N LEU Q 129 -39.55 -61.76 62.32
CA LEU Q 129 -39.95 -63.06 61.81
C LEU Q 129 -41.06 -62.97 60.77
N LEU Q 130 -41.73 -61.83 60.63
CA LEU Q 130 -42.67 -61.61 59.53
C LEU Q 130 -41.97 -61.05 58.30
N SER Q 131 -40.67 -60.77 58.37
CA SER Q 131 -39.95 -60.14 57.28
C SER Q 131 -39.67 -61.15 56.19
N ARG Q 132 -40.16 -60.87 54.98
CA ARG Q 132 -40.01 -61.77 53.85
C ARG Q 132 -39.95 -60.97 52.56
N ALA Q 133 -39.52 -61.65 51.50
CA ALA Q 133 -39.54 -61.11 50.15
C ALA Q 133 -40.35 -62.10 49.31
N TYR Q 134 -41.44 -61.63 48.71
CA TYR Q 134 -42.29 -62.53 47.95
C TYR Q 134 -42.80 -61.84 46.69
N TRP Q 135 -43.39 -62.63 45.81
CA TRP Q 135 -43.88 -62.15 44.52
C TRP Q 135 -45.40 -62.22 44.59
N ASP Q 136 -46.07 -61.07 44.50
CA ASP Q 136 -47.51 -61.04 44.70
C ASP Q 136 -48.31 -61.46 43.47
N GLY Q 137 -47.64 -61.84 42.39
CA GLY Q 137 -48.28 -62.16 41.13
C GLY Q 137 -47.89 -61.23 40.00
N GLU Q 138 -47.47 -60.01 40.32
CA GLU Q 138 -47.04 -59.09 39.27
C GLU Q 138 -45.90 -58.18 39.70
N LYS Q 139 -45.51 -58.23 40.98
CA LYS Q 139 -44.41 -57.40 41.46
C LYS Q 139 -43.83 -58.02 42.72
N GLU Q 140 -42.57 -57.71 42.99
CA GLU Q 140 -41.97 -58.13 44.24
C GLU Q 140 -42.47 -57.22 45.36
N VAL Q 141 -42.81 -57.84 46.49
CA VAL Q 141 -43.20 -57.13 47.69
C VAL Q 141 -42.19 -57.51 48.76
N LEU Q 142 -41.58 -56.49 49.36
CA LEU Q 142 -40.57 -56.68 50.39
C LEU Q 142 -41.18 -56.30 51.73
N VAL Q 143 -41.17 -57.26 52.65
CA VAL Q 143 -41.59 -57.06 54.03
C VAL Q 143 -40.34 -56.90 54.88
N VAL Q 144 -40.15 -55.73 55.47
CA VAL Q 144 -38.94 -55.47 56.22
C VAL Q 144 -39.29 -54.95 57.60
N ALA Q 145 -38.56 -55.44 58.61
CA ALA Q 145 -38.70 -54.92 59.96
C ALA Q 145 -38.23 -53.47 60.00
N HIS Q 146 -38.83 -52.70 60.90
CA HIS Q 146 -38.49 -51.28 61.06
C HIS Q 146 -37.03 -51.12 61.47
N GLY Q 147 -36.35 -50.17 60.83
CA GLY Q 147 -34.95 -49.90 61.04
C GLY Q 147 -34.00 -50.83 60.31
N ALA Q 148 -34.49 -51.90 59.69
CA ALA Q 148 -33.65 -52.74 58.88
C ALA Q 148 -33.48 -52.12 57.50
N PRO Q 149 -32.44 -52.48 56.76
CA PRO Q 149 -32.32 -51.97 55.39
C PRO Q 149 -33.19 -52.77 54.44
N ALA Q 150 -33.54 -52.11 53.33
CA ALA Q 150 -34.30 -52.73 52.25
C ALA Q 150 -33.52 -52.54 50.97
N LEU Q 151 -33.10 -53.64 50.37
CA LEU Q 151 -32.41 -53.60 49.10
C LEU Q 151 -33.46 -53.99 48.06
N MET Q 152 -33.95 -53.00 47.32
CA MET Q 152 -34.95 -53.21 46.28
C MET Q 152 -34.25 -53.49 44.97
N THR Q 153 -34.38 -54.73 44.50
CA THR Q 153 -33.63 -55.21 43.36
C THR Q 153 -34.23 -54.65 42.07
N CYS Q 154 -33.36 -54.13 41.21
CA CYS Q 154 -33.73 -53.69 39.87
C CYS Q 154 -32.55 -54.10 38.99
N ILE Q 155 -32.67 -55.28 38.39
CA ILE Q 155 -31.60 -55.86 37.61
C ILE Q 155 -32.14 -56.11 36.21
N ASN Q 156 -31.47 -55.53 35.21
CA ASN Q 156 -31.81 -55.70 33.80
C ASN Q 156 -30.45 -55.76 33.12
N ARG Q 157 -30.03 -56.96 32.76
CA ARG Q 157 -28.69 -57.18 32.25
C ARG Q 157 -28.60 -57.11 30.73
N ALA Q 158 -29.65 -56.62 30.07
CA ALA Q 158 -29.62 -56.44 28.62
C ALA Q 158 -28.55 -55.42 28.22
N HIS Q 159 -27.93 -55.66 27.07
CA HIS Q 159 -26.81 -54.87 26.61
C HIS Q 159 -27.18 -53.42 26.30
N VAL Q 160 -28.45 -53.16 25.96
CA VAL Q 160 -28.87 -51.82 25.57
C VAL Q 160 -28.84 -50.83 26.74
N TRP Q 161 -28.93 -51.32 27.98
CA TRP Q 161 -28.93 -50.46 29.16
C TRP Q 161 -27.56 -50.27 29.76
N THR Q 162 -26.62 -51.15 29.47
CA THR Q 162 -25.29 -51.06 30.04
C THR Q 162 -24.40 -50.38 29.02
N ASP Q 163 -23.23 -49.95 29.46
CA ASP Q 163 -22.35 -49.19 28.56
C ASP Q 163 -21.58 -50.05 27.57
N ARG Q 164 -22.27 -50.98 26.91
CA ARG Q 164 -21.66 -51.81 25.88
C ARG Q 164 -21.39 -50.97 24.63
N HIS Q 165 -21.72 -51.46 23.44
CA HIS Q 165 -21.41 -50.59 22.30
C HIS Q 165 -22.21 -49.30 22.27
N LEU Q 166 -23.49 -49.36 21.85
CA LEU Q 166 -24.45 -48.26 21.66
C LEU Q 166 -23.81 -46.97 21.11
N GLU Q 167 -22.82 -47.11 20.25
CA GLU Q 167 -22.30 -46.04 19.41
C GLU Q 167 -22.51 -46.33 17.93
N GLU Q 168 -23.72 -46.77 17.56
CA GLU Q 168 -23.90 -47.52 16.33
C GLU Q 168 -23.74 -46.62 15.12
N ALA Q 169 -24.37 -45.45 15.17
CA ALA Q 169 -24.61 -44.52 14.06
C ALA Q 169 -24.89 -45.24 12.75
N GLN Q 170 -25.87 -46.15 12.82
CA GLN Q 170 -26.28 -46.92 11.65
C GLN Q 170 -27.78 -47.11 11.68
N GLN Q 171 -28.52 -46.05 12.01
CA GLN Q 171 -29.89 -46.00 11.55
C GLN Q 171 -29.82 -45.98 10.04
N VAL Q 172 -30.61 -46.80 9.38
CA VAL Q 172 -30.61 -46.71 7.92
C VAL Q 172 -32.01 -46.97 7.40
N VAL Q 173 -32.39 -46.22 6.38
CA VAL Q 173 -33.62 -46.47 5.63
C VAL Q 173 -33.24 -46.81 4.20
N HIS Q 174 -33.84 -47.87 3.69
CA HIS Q 174 -33.66 -48.34 2.33
C HIS Q 174 -34.98 -48.22 1.58
N TRP Q 175 -34.93 -47.72 0.36
CA TRP Q 175 -36.04 -47.87 -0.55
C TRP Q 175 -35.61 -48.90 -1.57
N ASP Q 176 -36.40 -49.96 -1.68
CA ASP Q 176 -36.10 -51.09 -2.53
C ASP Q 176 -37.13 -51.14 -3.64
N ARG Q 177 -36.76 -51.77 -4.74
CA ARG Q 177 -37.68 -51.92 -5.85
C ARG Q 177 -37.59 -53.34 -6.36
N GLN Q 178 -38.76 -53.97 -6.45
CA GLN Q 178 -38.94 -55.32 -6.95
C GLN Q 178 -39.80 -55.23 -8.19
N LEU Q 179 -39.18 -55.45 -9.34
CA LEU Q 179 -39.86 -55.33 -10.62
C LEU Q 179 -40.72 -56.58 -10.84
N PRO Q 180 -41.76 -56.48 -11.67
CA PRO Q 180 -42.65 -57.63 -11.91
C PRO Q 180 -41.96 -58.86 -12.51
N GLY Q 181 -42.37 -60.02 -12.00
CA GLY Q 181 -41.84 -61.31 -12.41
C GLY Q 181 -40.57 -61.78 -11.71
N VAL Q 182 -39.69 -60.84 -11.36
CA VAL Q 182 -38.48 -61.20 -10.63
C VAL Q 182 -38.85 -61.51 -9.17
N SER Q 183 -38.43 -62.69 -8.71
CA SER Q 183 -38.66 -63.09 -7.33
C SER Q 183 -37.82 -62.26 -6.37
N HIS Q 184 -38.18 -62.34 -5.08
CA HIS Q 184 -37.44 -61.66 -4.03
C HIS Q 184 -36.06 -62.29 -3.81
N ASP Q 185 -35.32 -61.66 -2.88
CA ASP Q 185 -33.91 -61.80 -2.48
C ASP Q 185 -32.95 -61.26 -3.54
N ARG Q 186 -33.33 -61.31 -4.82
CA ARG Q 186 -32.58 -60.65 -5.89
C ARG Q 186 -33.21 -59.30 -6.21
N ALA Q 187 -33.88 -58.69 -5.23
CA ALA Q 187 -34.52 -57.40 -5.43
C ALA Q 187 -33.46 -56.31 -5.59
N ASP Q 188 -33.77 -55.37 -6.48
CA ASP Q 188 -32.83 -54.30 -6.79
C ASP Q 188 -32.93 -53.18 -5.76
N ARG Q 189 -31.77 -52.77 -5.26
CA ARG Q 189 -31.71 -51.62 -4.37
C ARG Q 189 -31.97 -50.33 -5.15
N LEU Q 190 -32.87 -49.49 -4.64
CA LEU Q 190 -33.13 -48.20 -5.28
C LEU Q 190 -32.42 -47.05 -4.57
N LEU Q 191 -32.54 -46.97 -3.24
CA LEU Q 191 -32.03 -45.84 -2.50
C LEU Q 191 -31.55 -46.31 -1.13
N ASP Q 192 -30.39 -45.81 -0.73
CA ASP Q 192 -29.89 -45.92 0.63
C ASP Q 192 -29.75 -44.55 1.26
N LEU Q 193 -30.38 -44.38 2.43
CA LEU Q 193 -30.30 -43.15 3.20
C LEU Q 193 -29.78 -43.50 4.58
N TYR Q 194 -28.57 -43.03 4.88
CA TYR Q 194 -27.86 -43.30 6.11
C TYR Q 194 -28.03 -42.15 7.09
N ALA Q 195 -28.09 -42.51 8.38
CA ALA Q 195 -28.26 -41.54 9.45
C ALA Q 195 -27.14 -40.51 9.48
N SER Q 196 -25.93 -40.91 9.11
CA SER Q 196 -24.79 -39.99 9.08
C SER Q 196 -24.90 -38.92 8.00
N GLY Q 197 -25.80 -39.08 7.03
CA GLY Q 197 -25.98 -38.11 5.96
C GLY Q 197 -25.63 -38.62 4.59
N GLU Q 198 -24.78 -39.66 4.54
CA GLU Q 198 -24.34 -40.24 3.29
C GLU Q 198 -25.52 -40.88 2.56
N ARG Q 199 -25.60 -40.65 1.24
CA ARG Q 199 -26.70 -41.17 0.44
C ARG Q 199 -26.18 -41.97 -0.75
N ARG Q 200 -26.94 -43.01 -1.12
CA ARG Q 200 -26.64 -43.81 -2.30
C ARG Q 200 -27.86 -43.91 -3.21
N ALA Q 201 -27.72 -43.34 -4.41
CA ALA Q 201 -28.74 -43.45 -5.44
C ALA Q 201 -28.26 -44.48 -6.45
N TYR Q 202 -29.20 -45.25 -6.98
CA TYR Q 202 -28.90 -46.34 -7.90
C TYR Q 202 -29.72 -46.19 -9.16
N GLY Q 203 -29.20 -46.78 -10.24
CA GLY Q 203 -29.93 -46.79 -11.48
C GLY Q 203 -29.39 -45.85 -12.52
N PRO Q 204 -29.91 -45.98 -13.74
CA PRO Q 204 -29.54 -45.07 -14.83
C PRO Q 204 -30.04 -43.66 -14.54
N PRO Q 205 -29.54 -42.64 -15.27
CA PRO Q 205 -30.02 -41.26 -15.05
C PRO Q 205 -31.52 -41.07 -15.21
N PHE Q 206 -32.15 -41.92 -16.03
CA PHE Q 206 -33.59 -41.88 -16.29
C PHE Q 206 -34.41 -42.01 -15.01
N LEU Q 207 -33.91 -42.79 -14.05
CA LEU Q 207 -34.65 -43.01 -12.82
C LEU Q 207 -34.30 -42.01 -11.73
N ARG Q 208 -33.01 -41.65 -11.59
CA ARG Q 208 -32.56 -40.82 -10.47
C ARG Q 208 -33.19 -39.43 -10.47
N ASP Q 209 -33.50 -38.87 -11.65
CA ASP Q 209 -34.10 -37.55 -11.67
C ASP Q 209 -35.55 -37.53 -11.16
N ARG Q 210 -36.26 -38.66 -11.17
CA ARG Q 210 -37.67 -38.66 -10.78
C ARG Q 210 -37.92 -39.22 -9.40
N VAL Q 211 -36.93 -39.83 -8.77
CA VAL Q 211 -37.10 -40.47 -7.46
C VAL Q 211 -36.26 -39.71 -6.44
N SER Q 212 -36.91 -39.26 -5.37
CA SER Q 212 -36.21 -38.47 -4.38
C SER Q 212 -36.86 -38.67 -3.01
N VAL Q 213 -36.06 -38.40 -1.99
CA VAL Q 213 -36.52 -38.28 -0.61
C VAL Q 213 -36.11 -36.90 -0.14
N ASN Q 214 -36.97 -36.26 0.66
CA ASN Q 214 -36.71 -34.90 1.15
C ASN Q 214 -35.38 -34.81 1.89
N THR Q 215 -34.73 -33.66 1.74
CA THR Q 215 -33.35 -33.52 2.17
C THR Q 215 -33.20 -33.46 3.68
N ASN Q 216 -34.25 -33.07 4.40
CA ASN Q 216 -34.24 -33.01 5.85
C ASN Q 216 -34.93 -34.21 6.49
N ALA Q 217 -34.76 -35.39 5.88
CA ALA Q 217 -35.50 -36.60 6.22
C ALA Q 217 -35.35 -36.98 7.69
N PHE Q 218 -34.12 -37.09 8.17
CA PHE Q 218 -33.91 -37.50 9.56
C PHE Q 218 -34.26 -36.40 10.54
N ALA Q 219 -34.21 -35.13 10.09
CA ALA Q 219 -34.60 -34.03 10.94
C ALA Q 219 -36.10 -34.05 11.22
N ARG Q 220 -36.91 -34.40 10.23
CA ARG Q 220 -38.35 -34.39 10.39
C ARG Q 220 -38.97 -35.77 10.51
N GLY Q 221 -38.17 -36.83 10.40
CA GLY Q 221 -38.71 -38.18 10.44
C GLY Q 221 -39.59 -38.54 9.26
N ASP Q 222 -39.29 -38.03 8.08
CA ASP Q 222 -40.08 -38.28 6.88
C ASP Q 222 -39.23 -38.97 5.83
N PHE Q 223 -39.51 -40.24 5.58
CA PHE Q 223 -38.74 -41.01 4.62
C PHE Q 223 -39.65 -41.49 3.49
N SER Q 224 -40.77 -40.78 3.31
CA SER Q 224 -41.78 -41.11 2.31
C SER Q 224 -41.22 -41.08 0.91
N LEU Q 225 -41.57 -42.08 0.10
CA LEU Q 225 -41.13 -42.08 -1.28
C LEU Q 225 -42.06 -41.20 -2.09
N ARG Q 226 -41.48 -40.24 -2.80
CA ARG Q 226 -42.21 -39.36 -3.68
C ARG Q 226 -41.88 -39.75 -5.11
N ILE Q 227 -42.90 -40.10 -5.88
CA ILE Q 227 -42.72 -40.44 -7.28
C ILE Q 227 -43.44 -39.40 -8.11
N ASP Q 228 -42.68 -38.52 -8.73
CA ASP Q 228 -43.25 -37.52 -9.60
C ASP Q 228 -43.41 -38.12 -10.99
N GLU Q 229 -44.45 -37.66 -11.70
CA GLU Q 229 -44.78 -37.98 -13.11
C GLU Q 229 -44.85 -39.49 -13.33
N LEU Q 230 -45.89 -40.08 -12.75
CA LEU Q 230 -46.07 -41.53 -12.79
C LEU Q 230 -46.17 -42.04 -14.23
N GLU Q 231 -45.39 -43.06 -14.54
CA GLU Q 231 -45.44 -43.76 -15.81
C GLU Q 231 -45.93 -45.18 -15.53
N ARG Q 232 -46.47 -45.83 -16.57
CA ARG Q 232 -46.87 -47.23 -16.44
C ARG Q 232 -45.69 -48.14 -16.15
N ALA Q 233 -44.52 -47.79 -16.69
CA ALA Q 233 -43.30 -48.54 -16.42
C ALA Q 233 -42.78 -48.35 -15.00
N ASP Q 234 -43.35 -47.44 -14.23
CA ASP Q 234 -42.93 -47.21 -12.86
C ASP Q 234 -43.61 -48.16 -11.87
N GLU Q 235 -44.62 -48.91 -12.30
CA GLU Q 235 -45.35 -49.78 -11.39
C GLU Q 235 -44.46 -50.92 -10.89
N GLY Q 236 -44.77 -51.44 -9.71
CA GLY Q 236 -43.96 -52.48 -9.13
C GLY Q 236 -44.07 -52.48 -7.62
N ILE Q 237 -43.22 -53.28 -6.98
CA ILE Q 237 -43.28 -53.44 -5.54
C ILE Q 237 -42.15 -52.64 -4.92
N TYR Q 238 -42.50 -51.54 -4.25
CA TYR Q 238 -41.52 -50.71 -3.57
C TYR Q 238 -41.56 -51.01 -2.08
N SER Q 239 -40.41 -50.91 -1.43
CA SER Q 239 -40.36 -51.24 -0.01
C SER Q 239 -39.47 -50.29 0.77
N CYS Q 240 -39.98 -49.78 1.89
CA CYS Q 240 -39.22 -48.96 2.82
C CYS Q 240 -38.72 -49.87 3.95
N HIS Q 241 -37.41 -49.85 4.20
CA HIS Q 241 -36.78 -50.68 5.21
C HIS Q 241 -36.07 -49.79 6.23
N LEU Q 242 -36.57 -49.82 7.46
CA LEU Q 242 -35.99 -49.11 8.59
C LEU Q 242 -35.20 -50.13 9.41
N HIS Q 243 -33.92 -49.84 9.65
CA HIS Q 243 -33.04 -50.76 10.37
C HIS Q 243 -32.28 -50.03 11.46
N HIS Q 244 -32.48 -50.48 12.69
CA HIS Q 244 -31.72 -50.18 13.91
C HIS Q 244 -31.27 -51.53 14.46
N HIS Q 245 -30.09 -51.99 14.04
CA HIS Q 245 -29.67 -53.35 14.37
C HIS Q 245 -29.34 -53.52 15.86
N TYR Q 246 -28.79 -52.49 16.51
CA TYR Q 246 -28.42 -52.62 17.91
C TYR Q 246 -29.66 -52.74 18.80
N CYS Q 247 -30.66 -51.89 18.60
CA CYS Q 247 -31.88 -52.01 19.38
C CYS Q 247 -32.87 -52.99 18.76
N GLY Q 248 -32.49 -53.65 17.65
CA GLY Q 248 -33.30 -54.68 17.03
C GLY Q 248 -34.55 -54.27 16.29
N LEU Q 249 -34.60 -53.05 15.79
CA LEU Q 249 -35.75 -52.60 15.00
C LEU Q 249 -35.51 -52.93 13.54
N HIS Q 250 -36.40 -53.70 12.94
CA HIS Q 250 -36.34 -54.12 11.53
C HIS Q 250 -37.77 -54.01 11.04
N GLU Q 251 -38.08 -52.91 10.38
CA GLU Q 251 -39.44 -52.70 9.91
C GLU Q 251 -39.42 -52.39 8.43
N ARG Q 252 -40.49 -52.80 7.76
CA ARG Q 252 -40.66 -52.46 6.36
C ARG Q 252 -42.12 -52.13 6.11
N ARG Q 253 -42.30 -51.27 5.13
CA ARG Q 253 -43.60 -50.98 4.56
C ARG Q 253 -43.51 -51.31 3.09
N VAL Q 254 -44.53 -51.95 2.55
CA VAL Q 254 -44.50 -52.42 1.18
C VAL Q 254 -45.66 -51.75 0.46
N PHE Q 255 -45.37 -51.25 -0.74
CA PHE Q 255 -46.35 -50.55 -1.56
C PHE Q 255 -46.37 -51.21 -2.92
N HIS Q 256 -47.54 -51.70 -3.30
CA HIS Q 256 -47.76 -52.22 -4.65
C HIS Q 256 -48.25 -51.05 -5.49
N LEU Q 257 -47.37 -50.51 -6.34
CA LEU Q 257 -47.72 -49.35 -7.14
C LEU Q 257 -48.30 -49.85 -8.44
N GLN Q 258 -49.55 -49.44 -8.69
CA GLN Q 258 -50.33 -49.73 -9.88
C GLN Q 258 -50.64 -48.43 -10.61
N VAL Q 259 -50.64 -48.46 -11.93
CA VAL Q 259 -50.91 -47.26 -12.70
C VAL Q 259 -52.29 -47.43 -13.31
N THR Q 260 -53.24 -46.66 -12.80
CA THR Q 260 -54.66 -46.64 -13.15
C THR Q 260 -55.18 -45.24 -12.85
N GLU Q 261 -56.49 -45.10 -12.68
CA GLU Q 261 -57.10 -43.91 -12.13
C GLU Q 261 -56.55 -43.57 -10.73
C1 NAG R . 49.16 -52.08 4.64
C2 NAG R . 48.10 -53.19 4.53
C3 NAG R . 47.27 -53.01 3.26
C4 NAG R . 46.72 -51.59 3.16
C5 NAG R . 47.87 -50.60 3.27
C6 NAG R . 47.41 -49.15 3.23
C7 NAG R . 49.01 -55.18 5.67
C8 NAG R . 49.65 -56.51 5.48
N2 NAG R . 48.72 -54.50 4.55
O3 NAG R . 46.19 -53.93 3.28
O4 NAG R . 46.07 -51.43 1.90
O5 NAG R . 48.54 -50.79 4.52
O6 NAG R . 48.51 -48.27 3.17
O7 NAG R . 48.76 -54.72 6.78
C1 NAG S . -39.92 -26.70 -18.87
C2 NAG S . -40.79 -25.82 -17.94
C3 NAG S . -40.29 -24.37 -17.92
C4 NAG S . -38.79 -24.31 -17.67
C5 NAG S . -38.09 -25.17 -18.70
C6 NAG S . -36.59 -25.22 -18.56
C7 NAG S . -43.02 -26.88 -18.08
C8 NAG S . -44.42 -26.74 -18.59
N2 NAG S . -42.19 -25.87 -18.35
O3 NAG S . -40.97 -23.63 -16.92
O4 NAG S . -38.34 -22.97 -17.78
O5 NAG S . -38.55 -26.52 -18.55
O6 NAG S . -36.04 -26.21 -19.41
O7 NAG S . -42.66 -27.86 -17.44
C1 NAG T . 15.49 33.74 33.00
C2 NAG T . 15.99 32.51 33.77
C3 NAG T . 17.32 32.02 33.19
C4 NAG T . 17.19 31.80 31.69
C5 NAG T . 16.67 33.06 31.01
C6 NAG T . 16.42 32.87 29.53
C7 NAG T . 15.18 32.55 36.09
C8 NAG T . 15.50 32.91 37.50
N2 NAG T . 16.14 32.80 35.19
O3 NAG T . 17.70 30.81 33.83
O4 NAG T . 18.47 31.47 31.14
O5 NAG T . 15.41 33.42 31.60
O6 NAG T . 15.02 32.83 29.24
O7 NAG T . 14.11 32.03 35.78
C1 NAG U . -49.12 14.70 -4.34
C2 NAG U . -50.35 15.44 -3.77
C3 NAG U . -50.91 16.43 -4.81
C4 NAG U . -49.81 17.33 -5.36
C5 NAG U . -48.66 16.47 -5.88
C6 NAG U . -47.47 17.25 -6.35
C7 NAG U . -51.45 13.95 -2.16
C8 NAG U . -52.58 13.00 -1.91
N2 NAG U . -51.39 14.50 -3.37
O3 NAG U . -51.93 17.23 -4.22
O4 NAG U . -50.31 18.15 -6.41
O5 NAG U . -48.18 15.64 -4.82
O6 NAG U . -46.28 16.61 -5.92
O7 NAG U . -50.62 14.21 -1.28
C1 NAG V . -26.54 -55.22 43.04
C2 NAG V . -25.52 -56.27 43.51
C3 NAG V . -25.65 -56.49 45.01
C4 NAG V . -25.51 -55.17 45.76
C5 NAG V . -26.55 -54.19 45.24
C6 NAG V . -26.42 -52.82 45.87
C7 NAG V . -24.67 -58.13 42.15
C8 NAG V . -25.03 -59.41 41.46
N2 NAG V . -25.67 -57.52 42.79
O3 NAG V . -24.65 -57.40 45.45
O4 NAG V . -25.69 -55.37 47.16
O5 NAG V . -26.40 -54.01 43.83
O6 NAG V . -26.39 -52.89 47.28
O7 NAG V . -23.54 -57.66 42.13
#